data_6BFZ
#
_entry.id   6BFZ
#
_cell.length_a   111.262
_cell.length_b   143.293
_cell.length_c   207.040
_cell.angle_alpha   90.00
_cell.angle_beta   90.00
_cell.angle_gamma   90.00
#
_symmetry.space_group_name_H-M   'P 21 21 21'
#
loop_
_entity.id
_entity.type
_entity.pdbx_description
1 polymer Enolase
2 non-polymer 'MAGNESIUM ION'
3 non-polymer 'SULFATE ION'
4 non-polymer GLYCEROL
5 non-polymer PHOSPHOENOLPYRUVATE
6 non-polymer '2-PHOSPHOGLYCERIC ACID'
7 non-polymer '2-(N-MORPHOLINO)-ETHANESULFONIC ACID'
8 water water
#
_entity_poly.entity_id   1
_entity_poly.type   'polypeptide(L)'
_entity_poly.pdbx_seq_one_letter_code
;GSHMASMTGGQQMGRGSMSKIVKIIGREIIDSRGNPTVEAEVHLEGGFVGMAAAPSGASTGSREALELRDGDKSRFLGKG
VTKAVAAVNGPIAQALIGKDAKDQAGIDKIMIDLDGTENKSKFGANAILAVSLANAKAAAAAKGMPLYEHIAELNGTPGK
YSMPVPMMNIINGGEHADNNVDIQEFMIQPVGAKTVKEAIRMGSEVFHHLAKVLKAKGMNTAVGDEGGYAPNLGSNAEAL
AVIAEAVKAAGYELGKDITLAMDCAASEFYKDGKYVLAGEGNKAFTSEEFTHFLEELTKQYPIVSIEDGLDESDWDGFAY
QTKVLGDKIQLVGDDLFVTNTKILKEGIEKGIANSILIKFNQIGSLTETLAAIKMAKDAGYTAVISHRSGETEDATIADL
AVGTAAGQIKTGSMSRSDRVAKYNQLIRIEEALGEKAPYNGRKEIKGQA
;
_entity_poly.pdbx_strand_id   A,B,E,F,D,C
#
loop_
_chem_comp.id
_chem_comp.type
_chem_comp.name
_chem_comp.formula
2PG non-polymer '2-PHOSPHOGLYCERIC ACID' 'C3 H7 O7 P'
GOL non-polymer GLYCEROL 'C3 H8 O3'
MES non-polymer '2-(N-MORPHOLINO)-ETHANESULFONIC ACID' 'C6 H13 N O4 S'
MG non-polymer 'MAGNESIUM ION' 'Mg 2'
PEP non-polymer PHOSPHOENOLPYRUVATE 'C3 H5 O6 P'
SO4 non-polymer 'SULFATE ION' 'O4 S -2'
#
# COMPACT_ATOMS: atom_id res chain seq x y z
N GLN A 11 -8.09 -11.91 -4.67
CA GLN A 11 -6.86 -12.30 -5.40
C GLN A 11 -5.65 -11.51 -4.90
N GLN A 12 -5.78 -10.26 -4.49
CA GLN A 12 -4.74 -9.66 -3.59
C GLN A 12 -5.05 -9.72 -2.06
N MET A 13 -4.02 -10.08 -1.29
CA MET A 13 -4.05 -10.07 0.20
C MET A 13 -3.58 -8.69 0.75
N GLY A 14 -4.49 -7.95 1.40
CA GLY A 14 -4.10 -6.75 2.14
C GLY A 14 -3.03 -7.02 3.21
N ARG A 15 -2.32 -5.97 3.60
CA ARG A 15 -1.34 -6.09 4.66
C ARG A 15 -1.95 -6.38 6.00
N GLY A 16 -3.18 -5.93 6.22
CA GLY A 16 -3.99 -6.23 7.39
C GLY A 16 -3.97 -7.71 7.67
N SER A 17 -3.84 -8.55 6.63
CA SER A 17 -3.88 -10.02 6.83
C SER A 17 -2.55 -10.57 7.23
N MET A 18 -1.45 -9.77 7.26
CA MET A 18 -0.15 -10.30 7.68
C MET A 18 0.06 -9.89 9.11
N SER A 19 -0.71 -10.56 9.97
CA SER A 19 -0.70 -10.27 11.40
C SER A 19 0.19 -11.18 12.24
N LYS A 20 1.10 -11.94 11.62
CA LYS A 20 2.09 -12.66 12.40
C LYS A 20 3.07 -11.66 13.07
N ILE A 21 3.47 -12.00 14.26
CA ILE A 21 4.46 -11.25 15.02
C ILE A 21 5.85 -11.48 14.45
N VAL A 22 6.61 -10.42 14.18
CA VAL A 22 7.98 -10.60 13.72
C VAL A 22 9.03 -9.99 14.65
N LYS A 23 8.63 -9.17 15.59
CA LYS A 23 9.62 -8.57 16.49
C LYS A 23 8.90 -8.08 17.72
N ILE A 24 9.40 -8.41 18.90
CA ILE A 24 8.97 -7.78 20.16
C ILE A 24 10.17 -7.13 20.89
N ILE A 25 10.01 -5.85 21.31
CA ILE A 25 11.00 -5.07 22.04
C ILE A 25 10.43 -4.70 23.42
N GLY A 26 11.25 -4.90 24.45
CA GLY A 26 10.94 -4.41 25.75
C GLY A 26 11.96 -3.42 26.21
N ARG A 27 11.54 -2.54 27.11
CA ARG A 27 12.42 -1.47 27.59
C ARG A 27 11.97 -1.03 28.99
N GLU A 28 12.91 -0.56 29.75
CA GLU A 28 12.68 -0.02 31.07
C GLU A 28 12.37 1.48 30.88
N ILE A 29 11.15 1.87 31.24
CA ILE A 29 10.75 3.31 31.26
C ILE A 29 10.41 3.68 32.67
N ILE A 30 9.93 4.91 32.91
CA ILE A 30 9.64 5.38 34.21
C ILE A 30 8.15 5.62 34.41
N ASP A 31 7.67 5.24 35.61
CA ASP A 31 6.31 5.43 36.01
C ASP A 31 6.10 6.78 36.72
N SER A 32 4.86 7.09 37.08
CA SER A 32 4.53 8.42 37.64
C SER A 32 4.96 8.68 39.04
N ARG A 33 5.44 7.66 39.74
CA ARG A 33 6.16 7.88 40.98
C ARG A 33 7.66 7.88 40.84
N GLY A 34 8.19 7.76 39.61
CA GLY A 34 9.65 7.75 39.38
C GLY A 34 10.29 6.39 39.50
N ASN A 35 9.48 5.33 39.60
CA ASN A 35 10.00 3.95 39.62
C ASN A 35 9.94 3.28 38.24
N PRO A 36 10.88 2.37 37.99
CA PRO A 36 10.84 1.74 36.70
C PRO A 36 9.62 0.91 36.43
N THR A 37 9.22 0.84 35.16
CA THR A 37 8.27 -0.18 34.75
C THR A 37 8.61 -0.66 33.33
N VAL A 38 7.84 -1.61 32.81
CA VAL A 38 8.14 -2.21 31.54
C VAL A 38 7.24 -1.62 30.47
N GLU A 39 7.80 -1.38 29.30
CA GLU A 39 7.06 -1.05 28.08
C GLU A 39 7.47 -2.06 27.02
N ALA A 40 6.50 -2.55 26.27
CA ALA A 40 6.73 -3.42 25.14
C ALA A 40 6.19 -2.86 23.82
N GLU A 41 6.84 -3.25 22.72
CA GLU A 41 6.40 -3.03 21.38
C GLU A 41 6.22 -4.38 20.70
N VAL A 42 5.07 -4.64 20.09
CA VAL A 42 4.86 -5.83 19.25
C VAL A 42 4.76 -5.31 17.82
N HIS A 43 5.56 -5.85 16.89
CA HIS A 43 5.62 -5.49 15.48
C HIS A 43 5.14 -6.68 14.65
N LEU A 44 4.17 -6.46 13.74
CA LEU A 44 3.62 -7.51 12.88
C LEU A 44 4.25 -7.41 11.45
N GLU A 45 4.21 -8.52 10.72
CA GLU A 45 4.77 -8.68 9.35
C GLU A 45 4.27 -7.61 8.42
N GLY A 46 2.96 -7.37 8.44
CA GLY A 46 2.36 -6.29 7.66
C GLY A 46 2.82 -4.87 7.96
N GLY A 47 3.63 -4.67 9.00
CA GLY A 47 4.16 -3.31 9.35
C GLY A 47 3.48 -2.69 10.58
N PHE A 48 2.47 -3.35 11.13
CA PHE A 48 1.71 -2.79 12.26
C PHE A 48 2.53 -2.90 13.55
N VAL A 49 2.38 -1.91 14.40
CA VAL A 49 3.07 -1.82 15.68
C VAL A 49 2.08 -1.46 16.76
N GLY A 50 2.17 -2.11 17.90
CA GLY A 50 1.41 -1.68 19.13
C GLY A 50 2.44 -1.48 20.25
N MET A 51 2.20 -0.51 21.13
CA MET A 51 3.10 -0.19 22.21
C MET A 51 2.27 0.12 23.44
N ALA A 52 2.63 -0.52 24.54
CA ALA A 52 1.93 -0.46 25.80
C ALA A 52 2.93 -0.59 26.93
N ALA A 53 2.54 -0.08 28.11
CA ALA A 53 3.32 -0.15 29.36
C ALA A 53 2.45 -0.61 30.50
N ALA A 54 3.06 -1.30 31.43
CA ALA A 54 2.39 -1.81 32.57
C ALA A 54 2.53 -0.78 33.65
N PRO A 55 1.45 -0.51 34.36
CA PRO A 55 1.62 0.25 35.58
C PRO A 55 2.30 -0.62 36.68
N SER A 56 2.59 -0.01 37.82
CA SER A 56 3.25 -0.62 38.99
C SER A 56 2.32 -1.58 39.70
N GLY A 57 2.87 -2.63 40.28
CA GLY A 57 2.11 -3.72 40.92
C GLY A 57 2.78 -4.18 42.21
N ALA A 58 2.54 -5.39 42.61
CA ALA A 58 3.20 -5.92 43.78
C ALA A 58 4.25 -6.96 43.38
N SER A 59 5.40 -6.94 44.05
CA SER A 59 6.44 -7.89 43.83
C SER A 59 6.31 -9.07 44.79
N THR A 60 5.62 -8.89 45.92
CA THR A 60 5.28 -9.96 46.88
C THR A 60 3.78 -10.05 47.20
N GLY A 61 3.33 -11.24 47.54
CA GLY A 61 1.93 -11.50 47.87
C GLY A 61 1.55 -12.93 47.50
N SER A 62 0.64 -13.55 48.26
CA SER A 62 0.28 -14.92 48.06
C SER A 62 -0.89 -15.13 47.17
N ARG A 63 -1.60 -14.07 46.79
CA ARG A 63 -2.91 -14.26 46.06
C ARG A 63 -3.02 -13.67 44.68
N GLU A 64 -2.07 -12.82 44.28
CA GLU A 64 -2.15 -12.11 43.00
C GLU A 64 -0.91 -12.39 42.17
N ALA A 65 -0.98 -11.95 40.92
CA ALA A 65 0.15 -12.03 40.04
C ALA A 65 1.20 -10.99 40.47
N LEU A 66 2.45 -11.32 40.32
CA LEU A 66 3.55 -10.57 40.85
C LEU A 66 4.38 -10.02 39.72
N GLU A 67 4.71 -8.74 39.86
CA GLU A 67 5.63 -8.12 38.95
C GLU A 67 7.05 -8.48 39.40
N LEU A 68 7.98 -8.56 38.47
CA LEU A 68 9.36 -8.93 38.79
C LEU A 68 10.23 -7.67 38.90
N ARG A 69 10.89 -7.50 40.03
CA ARG A 69 11.83 -6.38 40.28
C ARG A 69 13.22 -6.98 40.41
N ASP A 70 14.25 -6.22 40.09
CA ASP A 70 15.63 -6.69 40.14
C ASP A 70 16.20 -6.85 41.58
N GLY A 71 15.85 -5.99 42.52
CA GLY A 71 16.49 -6.02 43.83
C GLY A 71 17.95 -5.61 43.83
N ASP A 72 18.44 -4.99 42.75
CA ASP A 72 19.80 -4.46 42.75
C ASP A 72 19.79 -3.11 43.42
N LYS A 73 20.41 -3.05 44.59
CA LYS A 73 20.44 -1.85 45.45
C LYS A 73 21.16 -0.66 44.77
N SER A 74 22.01 -0.91 43.80
CA SER A 74 22.71 0.17 43.16
C SER A 74 21.90 0.82 41.97
N ARG A 75 20.72 0.30 41.62
CA ARG A 75 19.85 0.90 40.64
C ARG A 75 18.45 1.07 41.18
N PHE A 76 17.98 2.32 41.17
CA PHE A 76 16.54 2.64 41.44
C PHE A 76 16.05 2.12 42.82
N LEU A 77 16.97 2.13 43.80
CA LEU A 77 16.71 1.57 45.15
C LEU A 77 16.14 0.13 45.15
N GLY A 78 16.64 -0.68 44.22
CA GLY A 78 16.25 -2.09 44.13
C GLY A 78 15.05 -2.36 43.24
N LYS A 79 14.48 -1.30 42.62
CA LYS A 79 13.27 -1.41 41.85
C LYS A 79 13.45 -1.46 40.33
N GLY A 80 14.67 -1.71 39.85
CA GLY A 80 14.92 -1.91 38.40
C GLY A 80 14.00 -3.01 37.87
N VAL A 81 13.69 -2.96 36.57
CA VAL A 81 12.96 -4.05 35.94
C VAL A 81 13.67 -4.59 34.71
N THR A 82 15.00 -4.52 34.72
CA THR A 82 15.87 -5.16 33.66
C THR A 82 15.61 -6.68 33.45
N LYS A 83 15.29 -7.42 34.51
CA LYS A 83 15.02 -8.85 34.34
C LYS A 83 13.74 -9.08 33.59
N ALA A 84 12.66 -8.37 33.99
CA ALA A 84 11.37 -8.43 33.28
C ALA A 84 11.53 -8.03 31.84
N VAL A 85 12.27 -6.95 31.63
CA VAL A 85 12.58 -6.50 30.25
C VAL A 85 13.35 -7.57 29.45
N ALA A 86 14.39 -8.17 30.04
CA ALA A 86 15.12 -9.28 29.37
C ALA A 86 14.16 -10.44 29.08
N ALA A 87 13.20 -10.72 29.95
CA ALA A 87 12.20 -11.72 29.57
C ALA A 87 11.38 -11.38 28.31
N VAL A 88 10.95 -10.12 28.19
CA VAL A 88 10.25 -9.67 27.01
C VAL A 88 11.18 -9.84 25.77
N ASN A 89 12.41 -9.37 25.87
CA ASN A 89 13.31 -9.36 24.71
C ASN A 89 13.77 -10.75 24.29
N GLY A 90 13.82 -11.67 25.23
CA GLY A 90 14.40 -12.99 24.97
C GLY A 90 13.29 -14.03 24.79
N PRO A 91 12.90 -14.75 25.85
CA PRO A 91 12.01 -15.92 25.69
C PRO A 91 10.56 -15.61 25.30
N ILE A 92 10.02 -14.45 25.74
CA ILE A 92 8.68 -14.09 25.35
C ILE A 92 8.69 -13.85 23.87
N ALA A 93 9.59 -13.00 23.42
CA ALA A 93 9.66 -12.68 21.98
C ALA A 93 9.82 -13.94 21.17
N GLN A 94 10.70 -14.82 21.62
CA GLN A 94 11.08 -15.93 20.83
C GLN A 94 9.89 -16.91 20.63
N ALA A 95 9.04 -17.06 21.67
CA ALA A 95 7.86 -17.91 21.67
C ALA A 95 6.70 -17.28 20.92
N LEU A 96 6.66 -15.96 20.79
CA LEU A 96 5.57 -15.27 20.01
C LEU A 96 5.88 -14.99 18.51
N ILE A 97 7.14 -15.00 18.11
CA ILE A 97 7.47 -14.73 16.71
C ILE A 97 6.70 -15.71 15.86
N GLY A 98 6.06 -15.24 14.80
CA GLY A 98 5.25 -16.11 13.93
C GLY A 98 3.86 -16.49 14.38
N LYS A 99 3.41 -16.05 15.57
CA LYS A 99 2.01 -16.25 15.97
C LYS A 99 1.16 -15.10 15.49
N ASP A 100 -0.11 -15.38 15.36
CA ASP A 100 -1.13 -14.43 14.85
C ASP A 100 -1.58 -13.51 16.01
N ALA A 101 -1.26 -12.23 15.92
CA ALA A 101 -1.61 -11.24 16.98
C ALA A 101 -3.10 -11.12 17.22
N LYS A 102 -3.94 -11.50 16.23
CA LYS A 102 -5.35 -11.39 16.36
C LYS A 102 -5.95 -12.41 17.31
N ASP A 103 -5.20 -13.45 17.61
CA ASP A 103 -5.66 -14.52 18.48
C ASP A 103 -5.16 -14.16 19.88
N GLN A 104 -5.79 -13.16 20.47
CA GLN A 104 -5.34 -12.65 21.80
C GLN A 104 -5.22 -13.74 22.86
N ALA A 105 -6.24 -14.57 22.96
CA ALA A 105 -6.24 -15.67 23.91
C ALA A 105 -5.09 -16.67 23.68
N GLY A 106 -4.76 -16.95 22.41
CA GLY A 106 -3.61 -17.83 22.12
C GLY A 106 -2.31 -17.17 22.51
N ILE A 107 -2.21 -15.88 22.22
CA ILE A 107 -0.99 -15.16 22.56
C ILE A 107 -0.79 -15.20 24.09
N ASP A 108 -1.82 -14.87 24.86
CA ASP A 108 -1.68 -14.80 26.30
C ASP A 108 -1.40 -16.19 26.91
N LYS A 109 -2.06 -17.22 26.36
CA LYS A 109 -1.83 -18.60 26.79
C LYS A 109 -0.36 -18.99 26.63
N ILE A 110 0.21 -18.69 25.47
CA ILE A 110 1.61 -19.05 25.26
C ILE A 110 2.46 -18.40 26.34
N MET A 111 2.21 -17.12 26.64
CA MET A 111 3.05 -16.46 27.68
C MET A 111 2.80 -17.10 29.06
N ILE A 112 1.55 -17.45 29.31
CA ILE A 112 1.16 -17.92 30.64
C ILE A 112 1.83 -19.29 30.85
N ASP A 113 1.80 -20.13 29.81
CA ASP A 113 2.33 -21.49 29.87
C ASP A 113 3.86 -21.47 29.92
N LEU A 114 4.48 -20.56 29.20
CA LEU A 114 5.92 -20.45 29.21
C LEU A 114 6.47 -19.88 30.52
N ASP A 115 5.84 -18.88 31.11
CA ASP A 115 6.28 -18.46 32.47
C ASP A 115 6.16 -19.69 33.46
N GLY A 116 5.09 -20.47 33.32
CA GLY A 116 4.98 -21.69 34.03
C GLY A 116 4.58 -21.64 35.50
N THR A 117 4.50 -20.46 36.12
CA THR A 117 4.02 -20.35 37.50
C THR A 117 2.59 -19.81 37.58
N GLU A 118 1.96 -20.03 38.72
CA GLU A 118 0.60 -19.60 38.92
C GLU A 118 0.47 -18.03 39.02
N ASN A 119 1.51 -17.35 39.47
CA ASN A 119 1.45 -15.95 39.80
C ASN A 119 2.35 -15.07 38.88
N LYS A 120 2.80 -15.65 37.76
CA LYS A 120 3.60 -14.97 36.75
C LYS A 120 4.95 -14.42 37.29
N SER A 121 5.52 -15.12 38.28
CA SER A 121 6.74 -14.61 38.95
C SER A 121 8.05 -14.93 38.24
N LYS A 122 8.03 -15.81 37.25
CA LYS A 122 9.25 -16.13 36.50
C LYS A 122 9.64 -14.96 35.59
N PHE A 123 8.75 -14.58 34.67
CA PHE A 123 8.94 -13.38 33.84
C PHE A 123 8.46 -12.06 34.47
N GLY A 124 7.49 -12.14 35.36
CA GLY A 124 6.84 -10.94 35.92
C GLY A 124 5.51 -10.61 35.23
N ALA A 125 4.50 -10.34 36.03
CA ALA A 125 3.25 -9.83 35.51
C ALA A 125 3.42 -8.54 34.70
N ASN A 126 4.44 -7.76 35.05
CA ASN A 126 4.77 -6.58 34.35
C ASN A 126 5.24 -6.86 32.90
N ALA A 127 6.16 -7.80 32.71
CA ALA A 127 6.56 -8.25 31.36
C ALA A 127 5.37 -8.74 30.54
N ILE A 128 4.57 -9.56 31.18
CA ILE A 128 3.54 -10.28 30.47
C ILE A 128 2.39 -9.36 30.13
N LEU A 129 1.91 -8.55 31.08
CA LEU A 129 0.88 -7.59 30.74
C LEU A 129 1.30 -6.65 29.64
N ALA A 130 2.49 -6.10 29.74
CA ALA A 130 2.92 -5.13 28.74
C ALA A 130 2.85 -5.71 27.33
N VAL A 131 3.26 -6.96 27.18
CA VAL A 131 3.26 -7.58 25.86
C VAL A 131 1.84 -7.92 25.47
N SER A 132 1.02 -8.33 26.44
CA SER A 132 -0.40 -8.68 26.17
C SER A 132 -1.16 -7.50 25.53
N LEU A 133 -0.95 -6.32 26.10
CA LEU A 133 -1.66 -5.15 25.63
C LEU A 133 -1.05 -4.58 24.33
N ALA A 134 0.27 -4.62 24.23
CA ALA A 134 0.92 -4.16 23.00
C ALA A 134 0.53 -5.05 21.82
N ASN A 135 0.46 -6.35 22.07
CA ASN A 135 -0.13 -7.29 21.10
C ASN A 135 -1.51 -6.83 20.65
N ALA A 136 -2.36 -6.54 21.62
CA ALA A 136 -3.72 -6.16 21.32
C ALA A 136 -3.83 -4.91 20.48
N LYS A 137 -3.00 -3.90 20.77
CA LYS A 137 -2.97 -2.71 19.96
C LYS A 137 -2.49 -2.95 18.53
N ALA A 138 -1.45 -3.75 18.40
CA ALA A 138 -0.90 -4.14 17.10
C ALA A 138 -1.98 -4.88 16.24
N ALA A 139 -2.73 -5.76 16.90
CA ALA A 139 -3.85 -6.49 16.25
C ALA A 139 -4.98 -5.58 15.82
N ALA A 140 -5.37 -4.66 16.73
CA ALA A 140 -6.31 -3.58 16.44
C ALA A 140 -5.90 -2.86 15.14
N ALA A 141 -4.68 -2.41 15.11
CA ALA A 141 -4.14 -1.75 13.93
C ALA A 141 -4.27 -2.59 12.64
N ALA A 142 -3.87 -3.85 12.73
CA ALA A 142 -3.97 -4.82 11.60
C ALA A 142 -5.40 -5.07 11.16
N LYS A 143 -6.34 -4.96 12.11
CA LYS A 143 -7.78 -5.06 11.82
C LYS A 143 -8.38 -3.79 11.34
N GLY A 144 -7.60 -2.70 11.36
CA GLY A 144 -8.12 -1.41 10.91
C GLY A 144 -9.09 -0.73 11.83
N MET A 145 -8.91 -0.90 13.13
CA MET A 145 -9.86 -0.39 14.07
C MET A 145 -9.22 0.15 15.38
N PRO A 146 -9.89 1.11 16.02
CA PRO A 146 -9.39 1.57 17.33
C PRO A 146 -9.38 0.44 18.34
N LEU A 147 -8.61 0.59 19.40
CA LEU A 147 -8.51 -0.49 20.40
C LEU A 147 -9.81 -0.91 21.10
N TYR A 148 -10.64 0.09 21.42
CA TYR A 148 -11.92 -0.15 22.15
C TYR A 148 -12.83 -1.07 21.27
N GLU A 149 -12.82 -0.88 19.96
CA GLU A 149 -13.57 -1.76 19.04
C GLU A 149 -13.00 -3.19 19.00
N HIS A 150 -11.67 -3.34 18.96
CA HIS A 150 -11.02 -4.65 18.97
C HIS A 150 -11.35 -5.34 20.28
N ILE A 151 -11.28 -4.57 21.37
CA ILE A 151 -11.56 -5.13 22.68
C ILE A 151 -12.96 -5.64 22.76
N ALA A 152 -13.91 -4.87 22.29
CA ALA A 152 -15.29 -5.36 22.27
C ALA A 152 -15.45 -6.65 21.47
N GLU A 153 -14.75 -6.75 20.33
CA GLU A 153 -14.73 -8.01 19.58
C GLU A 153 -14.16 -9.21 20.34
N LEU A 154 -13.01 -8.98 20.98
CA LEU A 154 -12.35 -10.01 21.79
C LEU A 154 -13.19 -10.37 22.99
N ASN A 155 -14.02 -9.42 23.44
CA ASN A 155 -14.86 -9.61 24.66
C ASN A 155 -16.16 -10.41 24.35
N GLY A 156 -16.38 -10.74 23.09
CA GLY A 156 -17.66 -11.39 22.74
C GLY A 156 -18.84 -10.45 22.76
N THR A 157 -18.60 -9.11 22.65
CA THR A 157 -19.69 -8.11 22.68
C THR A 157 -19.49 -7.05 21.60
N PRO A 158 -19.41 -7.47 20.31
CA PRO A 158 -19.10 -6.55 19.19
C PRO A 158 -20.04 -5.35 19.13
N GLY A 159 -19.52 -4.14 18.99
CA GLY A 159 -20.37 -2.95 18.87
C GLY A 159 -21.09 -2.50 20.15
N LYS A 160 -20.87 -3.16 21.28
CA LYS A 160 -21.53 -2.84 22.57
C LYS A 160 -20.61 -2.00 23.45
N TYR A 161 -20.96 -0.75 23.70
CA TYR A 161 -20.06 0.17 24.39
C TYR A 161 -20.81 0.99 25.44
N SER A 162 -20.07 1.53 26.40
CA SER A 162 -20.63 2.52 27.33
C SER A 162 -19.47 3.42 27.72
N MET A 163 -19.71 4.69 28.03
CA MET A 163 -18.71 5.50 28.65
C MET A 163 -18.88 5.31 30.15
N PRO A 164 -17.80 5.04 30.88
CA PRO A 164 -17.92 4.71 32.29
C PRO A 164 -18.11 5.91 33.22
N VAL A 165 -18.83 5.69 34.30
CA VAL A 165 -18.97 6.67 35.34
C VAL A 165 -17.69 6.71 36.21
N PRO A 166 -17.01 7.83 36.26
CA PRO A 166 -15.75 7.87 37.01
C PRO A 166 -15.95 8.17 38.47
N MET A 167 -15.19 7.50 39.31
CA MET A 167 -15.03 7.84 40.72
C MET A 167 -13.63 8.45 40.88
N MET A 168 -13.60 9.71 41.29
CA MET A 168 -12.40 10.55 41.15
C MET A 168 -11.89 10.81 42.51
N ASN A 169 -10.71 10.30 42.81
CA ASN A 169 -10.05 10.65 44.05
C ASN A 169 -10.01 12.19 44.29
N ILE A 170 -10.26 12.66 45.52
CA ILE A 170 -10.31 14.11 45.79
C ILE A 170 -9.65 14.42 47.12
N ILE A 171 -9.88 13.60 48.15
CA ILE A 171 -9.24 13.70 49.47
C ILE A 171 -8.70 12.36 49.94
N ASN A 172 -7.46 12.36 50.43
CA ASN A 172 -6.80 11.17 50.94
C ASN A 172 -6.60 11.27 52.44
N GLY A 173 -6.58 10.10 53.07
CA GLY A 173 -6.38 9.91 54.51
C GLY A 173 -5.65 8.56 54.72
N GLY A 174 -5.76 8.04 55.94
CA GLY A 174 -5.18 6.72 56.27
C GLY A 174 -3.67 6.81 56.15
N GLU A 175 -3.09 5.75 55.60
CA GLU A 175 -1.68 5.64 55.27
C GLU A 175 -1.27 6.49 54.09
N HIS A 176 -2.24 6.99 53.31
CA HIS A 176 -1.87 7.89 52.20
C HIS A 176 -1.84 9.42 52.57
N ALA A 177 -1.72 9.76 53.87
CA ALA A 177 -1.74 11.17 54.32
C ALA A 177 -1.26 11.41 55.74
N ASP A 178 -0.72 12.59 55.99
CA ASP A 178 -0.43 13.07 57.37
C ASP A 178 -1.64 13.82 57.86
N ASN A 179 -2.63 13.10 58.33
CA ASN A 179 -3.80 13.81 58.79
C ASN A 179 -4.54 12.94 59.80
N ASN A 180 -5.69 13.37 60.27
CA ASN A 180 -6.43 12.56 61.20
C ASN A 180 -7.70 11.98 60.56
N VAL A 181 -7.56 11.69 59.27
CA VAL A 181 -8.61 11.04 58.52
C VAL A 181 -8.27 9.56 58.44
N ASP A 182 -9.20 8.71 58.84
CA ASP A 182 -8.92 7.27 58.85
C ASP A 182 -9.12 6.63 57.48
N ILE A 183 -10.16 7.06 56.78
CA ILE A 183 -10.54 6.51 55.50
C ILE A 183 -9.43 6.84 54.50
N GLN A 184 -9.07 5.88 53.69
CA GLN A 184 -7.93 6.06 52.83
C GLN A 184 -8.22 7.09 51.70
N GLU A 185 -9.36 6.95 51.03
CA GLU A 185 -9.82 7.97 50.06
C GLU A 185 -11.29 8.16 49.98
N PHE A 186 -11.63 9.42 49.73
CA PHE A 186 -12.96 9.87 49.37
C PHE A 186 -12.92 10.26 47.91
N MET A 187 -13.99 9.96 47.19
CA MET A 187 -14.02 10.18 45.77
C MET A 187 -15.36 10.79 45.43
N ILE A 188 -15.38 11.61 44.39
CA ILE A 188 -16.64 12.06 43.82
C ILE A 188 -16.96 11.31 42.55
N GLN A 189 -18.24 11.15 42.31
CA GLN A 189 -18.78 10.57 41.08
C GLN A 189 -19.81 11.54 40.47
N PRO A 190 -19.54 12.09 39.28
CA PRO A 190 -20.51 13.00 38.62
C PRO A 190 -21.66 12.29 37.89
N VAL A 191 -22.57 11.69 38.67
CA VAL A 191 -23.64 10.89 38.10
C VAL A 191 -24.72 11.66 37.37
N GLY A 192 -24.81 12.96 37.58
CA GLY A 192 -25.84 13.72 36.87
C GLY A 192 -25.40 14.18 35.49
N ALA A 193 -24.11 14.06 35.16
CA ALA A 193 -23.66 14.34 33.79
C ALA A 193 -24.43 13.49 32.81
N LYS A 194 -24.57 13.96 31.57
CA LYS A 194 -25.19 13.21 30.43
C LYS A 194 -24.17 12.66 29.41
N THR A 195 -22.92 13.12 29.51
CA THR A 195 -21.80 12.58 28.76
C THR A 195 -20.59 12.43 29.67
N VAL A 196 -19.61 11.62 29.24
CA VAL A 196 -18.36 11.55 30.03
C VAL A 196 -17.62 12.88 29.93
N LYS A 197 -17.71 13.56 28.80
CA LYS A 197 -17.07 14.91 28.67
C LYS A 197 -17.63 15.87 29.73
N GLU A 198 -18.95 15.87 29.89
CA GLU A 198 -19.57 16.63 30.98
C GLU A 198 -19.07 16.19 32.39
N ALA A 199 -19.07 14.89 32.60
CA ALA A 199 -18.55 14.31 33.86
C ALA A 199 -17.17 14.78 34.22
N ILE A 200 -16.30 14.76 33.25
CA ILE A 200 -14.92 15.18 33.43
C ILE A 200 -14.84 16.66 33.81
N ARG A 201 -15.63 17.50 33.12
CA ARG A 201 -15.70 18.93 33.42
C ARG A 201 -16.25 19.18 34.82
N MET A 202 -17.33 18.53 35.20
CA MET A 202 -17.85 18.69 36.59
C MET A 202 -16.78 18.32 37.63
N GLY A 203 -16.06 17.23 37.37
CA GLY A 203 -14.99 16.78 38.25
C GLY A 203 -13.91 17.83 38.40
N SER A 204 -13.45 18.36 37.26
CA SER A 204 -12.47 19.43 37.25
C SER A 204 -12.91 20.64 38.05
N GLU A 205 -14.15 21.06 37.84
CA GLU A 205 -14.72 22.25 38.53
C GLU A 205 -14.75 22.08 40.06
N VAL A 206 -15.22 20.91 40.48
CA VAL A 206 -15.22 20.59 41.92
C VAL A 206 -13.81 20.58 42.48
N PHE A 207 -12.88 20.02 41.72
CA PHE A 207 -11.50 19.86 42.18
C PHE A 207 -10.88 21.28 42.39
N HIS A 208 -11.10 22.16 41.43
CA HIS A 208 -10.59 23.56 41.55
C HIS A 208 -11.28 24.33 42.67
N HIS A 209 -12.57 24.10 42.89
CA HIS A 209 -13.26 24.72 44.02
C HIS A 209 -12.79 24.16 45.35
N LEU A 210 -12.44 22.89 45.39
CA LEU A 210 -11.90 22.36 46.62
C LEU A 210 -10.54 22.99 46.97
N ALA A 211 -9.71 23.28 45.99
CA ALA A 211 -8.42 23.90 46.26
C ALA A 211 -8.62 25.23 46.95
N LYS A 212 -9.61 26.00 46.47
CA LYS A 212 -9.98 27.28 47.10
C LYS A 212 -10.50 27.09 48.52
N VAL A 213 -11.38 26.13 48.75
CA VAL A 213 -11.85 25.86 50.08
C VAL A 213 -10.65 25.58 50.99
N LEU A 214 -9.75 24.69 50.55
CA LEU A 214 -8.62 24.30 51.41
C LEU A 214 -7.64 25.44 51.68
N LYS A 215 -7.37 26.27 50.68
CA LYS A 215 -6.50 27.47 50.82
C LYS A 215 -7.08 28.49 51.84
N ALA A 216 -8.41 28.63 51.86
CA ALA A 216 -9.10 29.53 52.77
C ALA A 216 -9.01 28.97 54.19
N LYS A 217 -8.90 27.65 54.37
CA LYS A 217 -8.69 27.08 55.69
C LYS A 217 -7.19 27.00 56.11
N GLY A 218 -6.29 27.67 55.39
CA GLY A 218 -4.85 27.57 55.68
C GLY A 218 -4.19 26.22 55.39
N MET A 219 -4.83 25.35 54.61
CA MET A 219 -4.34 23.99 54.40
C MET A 219 -3.63 23.81 53.03
N ASN A 220 -2.76 22.82 52.98
CA ASN A 220 -1.96 22.48 51.81
C ASN A 220 -2.74 21.81 50.65
N THR A 221 -2.51 22.32 49.44
CA THR A 221 -3.11 21.89 48.21
C THR A 221 -2.13 21.16 47.27
N ALA A 222 -0.94 20.80 47.75
CA ALA A 222 -0.10 19.87 47.03
C ALA A 222 -0.78 18.46 46.90
N VAL A 223 -0.36 17.66 45.91
CA VAL A 223 -1.11 16.42 45.59
C VAL A 223 -0.32 15.12 45.83
N GLY A 224 -1.05 14.01 46.01
CA GLY A 224 -0.48 12.71 46.24
C GLY A 224 -0.37 12.01 44.87
N ASP A 225 -0.04 10.72 44.93
CA ASP A 225 0.09 9.82 43.77
C ASP A 225 -1.03 9.84 42.73
N GLU A 226 -2.27 9.98 43.21
CA GLU A 226 -3.50 9.91 42.38
C GLU A 226 -3.98 11.30 41.95
N GLY A 227 -3.28 12.35 42.35
CA GLY A 227 -3.60 13.71 41.97
C GLY A 227 -4.58 14.50 42.87
N GLY A 228 -5.00 13.89 43.98
CA GLY A 228 -5.95 14.51 44.93
C GLY A 228 -5.18 15.12 46.07
N TYR A 229 -5.89 15.67 47.02
CA TYR A 229 -5.33 16.48 48.10
C TYR A 229 -5.20 15.63 49.34
N ALA A 230 -4.16 15.88 50.13
CA ALA A 230 -3.98 15.19 51.43
C ALA A 230 -3.71 16.24 52.53
N PRO A 231 -4.69 17.12 52.75
CA PRO A 231 -4.47 18.20 53.70
C PRO A 231 -4.68 17.71 55.12
N ASN A 232 -4.22 18.51 56.06
CA ASN A 232 -4.22 18.16 57.47
C ASN A 232 -5.63 18.35 58.06
N LEU A 233 -6.54 17.48 57.65
CA LEU A 233 -7.93 17.57 58.13
C LEU A 233 -8.01 16.86 59.46
N GLY A 234 -8.87 17.39 60.34
CA GLY A 234 -8.98 16.86 61.73
C GLY A 234 -9.82 15.61 61.94
N SER A 235 -10.70 15.28 61.01
CA SER A 235 -11.51 14.02 61.14
C SER A 235 -12.05 13.55 59.82
N ASN A 236 -12.66 12.36 59.85
CA ASN A 236 -13.46 11.90 58.73
C ASN A 236 -14.58 12.92 58.35
N ALA A 237 -15.20 13.52 59.35
CA ALA A 237 -16.30 14.46 59.12
C ALA A 237 -15.84 15.75 58.39
N GLU A 238 -14.64 16.23 58.71
CA GLU A 238 -14.15 17.44 58.13
C GLU A 238 -13.80 17.17 56.66
N ALA A 239 -13.36 15.95 56.35
CA ALA A 239 -13.09 15.53 54.99
C ALA A 239 -14.35 15.61 54.13
N LEU A 240 -15.41 14.98 54.59
CA LEU A 240 -16.68 15.05 53.90
C LEU A 240 -17.26 16.49 53.84
N ALA A 241 -17.01 17.32 54.85
CA ALA A 241 -17.56 18.69 54.86
C ALA A 241 -16.90 19.54 53.81
N VAL A 242 -15.58 19.43 53.68
CA VAL A 242 -14.90 20.22 52.63
C VAL A 242 -15.33 19.75 51.24
N ILE A 243 -15.56 18.47 51.07
CA ILE A 243 -16.04 18.00 49.78
C ILE A 243 -17.44 18.61 49.47
N ALA A 244 -18.38 18.45 50.40
CA ALA A 244 -19.72 19.08 50.27
C ALA A 244 -19.64 20.60 49.97
N GLU A 245 -18.74 21.28 50.67
CA GLU A 245 -18.57 22.70 50.47
C GLU A 245 -18.06 22.97 49.02
N ALA A 246 -17.09 22.21 48.53
CA ALA A 246 -16.56 22.41 47.19
C ALA A 246 -17.60 22.12 46.13
N VAL A 247 -18.40 21.06 46.34
CA VAL A 247 -19.46 20.69 45.38
C VAL A 247 -20.50 21.81 45.25
N LYS A 248 -20.95 22.34 46.40
CA LYS A 248 -21.86 23.50 46.43
C LYS A 248 -21.24 24.78 45.77
N ALA A 249 -20.00 25.15 46.12
CA ALA A 249 -19.33 26.26 45.49
C ALA A 249 -19.19 26.08 43.95
N ALA A 250 -19.08 24.86 43.47
CA ALA A 250 -19.09 24.63 42.02
C ALA A 250 -20.48 24.71 41.41
N GLY A 251 -21.51 24.89 42.21
CA GLY A 251 -22.85 25.07 41.63
C GLY A 251 -23.55 23.74 41.50
N TYR A 252 -23.06 22.67 42.14
CA TYR A 252 -23.73 21.39 42.00
C TYR A 252 -24.37 20.97 43.31
N GLU A 253 -25.25 20.01 43.21
CA GLU A 253 -26.07 19.53 44.29
C GLU A 253 -25.60 18.12 44.67
N LEU A 254 -25.07 17.98 45.87
CA LEU A 254 -24.75 16.67 46.42
C LEU A 254 -25.99 15.76 46.34
N GLY A 255 -25.89 14.56 45.77
CA GLY A 255 -27.03 13.63 45.72
C GLY A 255 -27.46 13.51 44.30
N LYS A 256 -27.93 14.58 43.72
CA LYS A 256 -28.49 14.53 42.41
C LYS A 256 -27.43 14.63 41.31
N ASP A 257 -26.45 15.51 41.47
CA ASP A 257 -25.42 15.73 40.43
C ASP A 257 -24.14 14.92 40.76
N ILE A 258 -23.80 14.82 42.03
CA ILE A 258 -22.56 14.25 42.45
C ILE A 258 -22.82 13.35 43.65
N THR A 259 -22.41 12.08 43.55
CA THR A 259 -22.39 11.17 44.71
C THR A 259 -20.97 10.94 45.16
N LEU A 260 -20.83 10.35 46.35
CA LEU A 260 -19.53 10.06 46.94
C LEU A 260 -19.26 8.58 46.91
N ALA A 261 -17.96 8.26 46.88
CA ALA A 261 -17.51 6.89 46.99
C ALA A 261 -16.34 6.94 47.93
N MET A 262 -16.10 5.85 48.63
CA MET A 262 -14.89 5.76 49.48
C MET A 262 -14.18 4.42 49.37
N ASP A 263 -12.94 4.45 49.80
CA ASP A 263 -12.10 3.26 49.96
C ASP A 263 -11.60 3.33 51.39
N CYS A 264 -12.09 2.47 52.26
CA CYS A 264 -11.68 2.50 53.63
C CYS A 264 -10.33 1.92 53.87
N ALA A 265 -9.85 1.05 52.96
CA ALA A 265 -8.68 0.20 53.16
C ALA A 265 -8.66 -0.38 54.59
N ALA A 266 -9.71 -1.10 54.97
CA ALA A 266 -9.88 -1.33 56.39
C ALA A 266 -8.82 -2.29 56.97
N SER A 267 -8.06 -3.04 56.13
CA SER A 267 -6.93 -3.81 56.64
C SER A 267 -5.95 -2.94 57.44
N GLU A 268 -5.77 -1.69 57.06
CA GLU A 268 -4.77 -0.83 57.72
C GLU A 268 -5.08 -0.52 59.17
N PHE A 269 -6.34 -0.67 59.60
CA PHE A 269 -6.69 -0.44 61.01
C PHE A 269 -7.27 -1.66 61.70
N TYR A 270 -6.98 -2.83 61.17
CA TYR A 270 -7.41 -4.08 61.73
C TYR A 270 -6.25 -4.72 62.50
N LYS A 271 -6.56 -5.22 63.69
CA LYS A 271 -5.57 -5.44 64.74
C LYS A 271 -6.31 -6.19 65.82
N ASP A 272 -6.02 -7.49 65.96
CA ASP A 272 -6.63 -8.35 67.02
C ASP A 272 -8.14 -8.51 66.86
N GLY A 273 -8.60 -8.69 65.63
CA GLY A 273 -10.03 -8.85 65.36
C GLY A 273 -10.94 -7.64 65.54
N LYS A 274 -10.36 -6.48 65.88
CA LYS A 274 -11.10 -5.23 66.00
C LYS A 274 -10.62 -4.23 64.93
N TYR A 275 -11.49 -3.31 64.54
CA TYR A 275 -11.11 -2.19 63.71
C TYR A 275 -10.91 -0.98 64.62
N VAL A 276 -9.69 -0.41 64.59
CA VAL A 276 -9.25 0.67 65.49
C VAL A 276 -9.04 1.98 64.71
N LEU A 277 -9.77 3.03 65.03
CA LEU A 277 -9.71 4.29 64.29
C LEU A 277 -9.03 5.37 65.10
N ALA A 278 -7.76 5.69 64.79
CA ALA A 278 -7.05 6.79 65.47
C ALA A 278 -7.92 8.06 65.58
N GLY A 279 -8.38 8.54 64.42
CA GLY A 279 -9.13 9.79 64.33
C GLY A 279 -10.60 9.78 64.71
N GLU A 280 -11.02 8.77 65.50
CA GLU A 280 -12.25 8.83 66.28
C GLU A 280 -11.92 8.41 67.72
N GLY A 281 -10.93 9.08 68.33
CA GLY A 281 -10.53 8.83 69.74
C GLY A 281 -9.82 7.51 70.00
N ASN A 282 -9.25 6.95 68.94
CA ASN A 282 -8.73 5.59 68.98
C ASN A 282 -9.80 4.52 69.37
N LYS A 283 -11.07 4.74 69.02
CA LYS A 283 -12.10 3.74 69.33
C LYS A 283 -11.83 2.39 68.59
N ALA A 284 -12.08 1.29 69.28
CA ALA A 284 -12.12 -0.05 68.69
C ALA A 284 -13.57 -0.42 68.31
N PHE A 285 -13.71 -1.13 67.19
CA PHE A 285 -15.01 -1.60 66.68
C PHE A 285 -14.87 -3.07 66.30
N THR A 286 -15.89 -3.87 66.61
CA THR A 286 -16.08 -5.17 65.93
C THR A 286 -16.41 -4.97 64.45
N SER A 287 -16.30 -6.01 63.63
CA SER A 287 -16.75 -5.99 62.22
C SER A 287 -18.05 -5.27 62.09
N GLU A 288 -18.98 -5.70 62.92
CA GLU A 288 -20.37 -5.28 62.83
C GLU A 288 -20.50 -3.81 63.18
N GLU A 289 -19.84 -3.44 64.29
CA GLU A 289 -19.84 -2.03 64.73
C GLU A 289 -19.18 -1.13 63.67
N PHE A 290 -18.16 -1.63 63.02
CA PHE A 290 -17.55 -0.88 61.93
C PHE A 290 -18.52 -0.71 60.80
N THR A 291 -19.23 -1.77 60.43
CA THR A 291 -20.29 -1.67 59.47
C THR A 291 -21.34 -0.63 59.82
N HIS A 292 -21.78 -0.60 61.09
CA HIS A 292 -22.73 0.42 61.55
C HIS A 292 -22.14 1.82 61.47
N PHE A 293 -20.85 1.92 61.75
CA PHE A 293 -20.16 3.23 61.60
C PHE A 293 -20.27 3.72 60.16
N LEU A 294 -19.98 2.84 59.22
CA LEU A 294 -20.04 3.18 57.78
C LEU A 294 -21.48 3.51 57.36
N GLU A 295 -22.41 2.77 57.95
CA GLU A 295 -23.81 2.95 57.62
C GLU A 295 -24.21 4.36 58.06
N GLU A 296 -23.77 4.77 59.25
CA GLU A 296 -24.08 6.12 59.72
C GLU A 296 -23.51 7.20 58.73
N LEU A 297 -22.32 7.00 58.19
CA LEU A 297 -21.83 7.94 57.18
C LEU A 297 -22.74 7.95 55.96
N THR A 298 -23.28 6.80 55.54
CA THR A 298 -24.14 6.77 54.36
C THR A 298 -25.46 7.47 54.54
N LYS A 299 -25.91 7.70 55.80
CA LYS A 299 -27.11 8.46 56.07
C LYS A 299 -26.87 9.97 56.05
N GLN A 300 -25.69 10.42 56.48
CA GLN A 300 -25.40 11.84 56.53
C GLN A 300 -25.00 12.38 55.17
N TYR A 301 -24.45 11.54 54.29
CA TYR A 301 -23.80 11.97 53.05
C TYR A 301 -24.15 10.91 52.01
N PRO A 302 -24.28 11.31 50.73
CA PRO A 302 -24.73 10.35 49.71
C PRO A 302 -23.57 9.51 49.17
N ILE A 303 -22.93 8.78 50.08
CA ILE A 303 -21.94 7.74 49.83
C ILE A 303 -22.68 6.52 49.36
N VAL A 304 -22.43 6.16 48.12
CA VAL A 304 -23.10 5.09 47.41
C VAL A 304 -22.19 3.90 47.09
N SER A 305 -20.90 4.01 47.39
CA SER A 305 -19.95 2.99 47.08
C SER A 305 -18.86 3.04 48.13
N ILE A 306 -18.56 1.84 48.64
CA ILE A 306 -17.61 1.67 49.69
C ILE A 306 -16.70 0.50 49.38
N GLU A 307 -15.41 0.79 49.26
CA GLU A 307 -14.43 -0.21 48.87
C GLU A 307 -13.64 -0.69 50.08
N ASP A 308 -13.38 -1.99 50.12
CA ASP A 308 -12.65 -2.60 51.19
C ASP A 308 -13.06 -2.07 52.57
N GLY A 309 -14.34 -2.18 52.83
CA GLY A 309 -14.87 -1.71 54.08
C GLY A 309 -14.59 -2.61 55.28
N LEU A 310 -13.97 -3.77 55.05
CA LEU A 310 -13.43 -4.60 56.12
C LEU A 310 -12.17 -5.26 55.57
N ASP A 311 -11.43 -5.97 56.45
CA ASP A 311 -10.21 -6.70 56.08
C ASP A 311 -10.47 -7.83 55.11
N GLU A 312 -9.53 -8.09 54.20
CA GLU A 312 -9.69 -9.16 53.21
C GLU A 312 -9.95 -10.55 53.82
N SER A 313 -9.42 -10.80 55.02
CA SER A 313 -9.75 -12.06 55.73
C SER A 313 -11.15 -12.11 56.43
N ASP A 314 -11.86 -11.01 56.54
CA ASP A 314 -13.05 -10.97 57.37
C ASP A 314 -14.30 -11.31 56.55
N TRP A 315 -14.34 -12.55 56.09
CA TRP A 315 -15.45 -12.99 55.25
C TRP A 315 -16.80 -13.06 56.01
N ASP A 316 -16.79 -13.52 57.25
CA ASP A 316 -17.99 -13.43 58.09
C ASP A 316 -18.46 -11.96 58.15
N GLY A 317 -17.52 -11.03 58.36
CA GLY A 317 -17.88 -9.65 58.44
C GLY A 317 -18.34 -9.10 57.11
N PHE A 318 -17.67 -9.49 56.00
CA PHE A 318 -18.18 -9.06 54.69
C PHE A 318 -19.55 -9.65 54.39
N ALA A 319 -19.81 -10.90 54.79
CA ALA A 319 -21.21 -11.43 54.64
C ALA A 319 -22.24 -10.60 55.40
N TYR A 320 -21.86 -10.18 56.61
CA TYR A 320 -22.70 -9.26 57.38
C TYR A 320 -22.89 -7.88 56.72
N GLN A 321 -21.79 -7.22 56.41
CA GLN A 321 -21.87 -5.94 55.70
C GLN A 321 -22.67 -5.98 54.41
N THR A 322 -22.53 -7.06 53.65
CA THR A 322 -23.25 -7.21 52.40
C THR A 322 -24.76 -7.39 52.69
N LYS A 323 -25.06 -8.15 53.70
CA LYS A 323 -26.46 -8.20 54.21
C LYS A 323 -27.09 -6.85 54.66
N VAL A 324 -26.34 -6.05 55.37
CA VAL A 324 -26.89 -4.83 55.94
C VAL A 324 -27.04 -3.71 54.89
N LEU A 325 -25.99 -3.54 54.11
CA LEU A 325 -25.73 -2.38 53.24
C LEU A 325 -25.87 -2.70 51.73
N GLY A 326 -25.82 -3.98 51.36
CA GLY A 326 -25.65 -4.42 49.97
C GLY A 326 -26.78 -4.07 49.03
N ASP A 327 -28.01 -3.92 49.56
CA ASP A 327 -29.19 -3.57 48.73
C ASP A 327 -29.17 -2.11 48.22
N LYS A 328 -28.46 -1.24 48.95
CA LYS A 328 -28.47 0.21 48.71
C LYS A 328 -27.11 0.78 48.39
N ILE A 329 -26.04 0.02 48.62
CA ILE A 329 -24.66 0.52 48.56
C ILE A 329 -23.83 -0.47 47.76
N GLN A 330 -23.01 0.07 46.85
CA GLN A 330 -22.08 -0.74 46.11
C GLN A 330 -20.92 -1.02 47.09
N LEU A 331 -20.54 -2.28 47.19
CA LEU A 331 -19.53 -2.74 48.16
C LEU A 331 -18.40 -3.39 47.30
N VAL A 332 -17.25 -2.72 47.17
CA VAL A 332 -16.24 -3.03 46.17
C VAL A 332 -15.11 -3.76 46.84
N GLY A 333 -14.86 -4.97 46.38
CA GLY A 333 -13.68 -5.73 46.82
C GLY A 333 -12.46 -5.32 46.02
N ASP A 334 -11.45 -4.76 46.68
CA ASP A 334 -10.17 -4.46 46.04
C ASP A 334 -9.18 -5.55 46.53
N ASP A 335 -8.59 -5.31 47.71
CA ASP A 335 -7.74 -6.24 48.41
C ASP A 335 -8.55 -7.52 48.77
N LEU A 336 -9.87 -7.46 48.75
CA LEU A 336 -10.66 -8.62 49.02
C LEU A 336 -10.43 -9.68 47.95
N PHE A 337 -10.49 -9.29 46.68
CA PHE A 337 -10.45 -10.21 45.61
C PHE A 337 -9.15 -10.21 44.81
N VAL A 338 -8.35 -9.17 44.94
CA VAL A 338 -7.16 -8.93 44.10
C VAL A 338 -7.22 -9.44 42.65
N THR A 339 -8.30 -9.08 41.98
CA THR A 339 -8.53 -9.40 40.57
C THR A 339 -8.33 -10.91 40.28
N ASN A 340 -8.70 -11.72 41.24
CA ASN A 340 -8.48 -13.17 41.21
C ASN A 340 -9.83 -13.86 41.10
N THR A 341 -10.06 -14.48 39.96
CA THR A 341 -11.36 -15.06 39.71
C THR A 341 -11.68 -16.27 40.57
N LYS A 342 -10.68 -16.98 41.12
CA LYS A 342 -10.95 -18.09 42.02
C LYS A 342 -11.52 -17.49 43.34
N ILE A 343 -11.08 -16.30 43.72
CA ILE A 343 -11.57 -15.68 44.94
C ILE A 343 -12.93 -15.04 44.68
N LEU A 344 -13.07 -14.33 43.55
CA LEU A 344 -14.34 -13.74 43.19
C LEU A 344 -15.46 -14.81 43.13
N LYS A 345 -15.19 -15.93 42.44
CA LYS A 345 -16.14 -17.04 42.33
C LYS A 345 -16.72 -17.45 43.66
N GLU A 346 -15.83 -17.68 44.61
CA GLU A 346 -16.22 -18.11 45.94
C GLU A 346 -16.93 -16.96 46.71
N GLY A 347 -16.48 -15.73 46.50
CA GLY A 347 -17.16 -14.57 47.07
C GLY A 347 -18.59 -14.49 46.58
N ILE A 348 -18.77 -14.68 45.30
CA ILE A 348 -20.12 -14.70 44.74
C ILE A 348 -21.02 -15.75 45.40
N GLU A 349 -20.47 -16.96 45.57
CA GLU A 349 -21.25 -18.09 46.08
C GLU A 349 -21.62 -17.83 47.53
N LYS A 350 -20.77 -17.10 48.26
CA LYS A 350 -21.01 -16.84 49.66
C LYS A 350 -21.68 -15.52 49.95
N GLY A 351 -22.15 -14.79 48.92
CA GLY A 351 -22.83 -13.46 49.16
C GLY A 351 -21.85 -12.41 49.73
N ILE A 352 -20.64 -12.37 49.18
CA ILE A 352 -19.58 -11.46 49.67
C ILE A 352 -19.40 -10.35 48.66
N ALA A 353 -19.74 -9.15 49.12
CA ALA A 353 -19.70 -7.89 48.35
C ALA A 353 -20.61 -7.90 47.12
N ASN A 354 -20.57 -6.85 46.32
CA ASN A 354 -21.30 -6.86 45.08
C ASN A 354 -20.61 -6.15 43.97
N SER A 355 -19.29 -6.04 44.08
CA SER A 355 -18.53 -5.27 43.14
C SER A 355 -17.07 -5.59 43.35
N ILE A 356 -16.34 -5.45 42.25
CA ILE A 356 -14.90 -5.77 42.23
C ILE A 356 -14.10 -4.72 41.46
N LEU A 357 -12.97 -4.31 42.04
CA LEU A 357 -12.04 -3.43 41.38
C LEU A 357 -11.16 -4.26 40.43
N ILE A 358 -11.10 -3.89 39.17
CA ILE A 358 -10.34 -4.63 38.17
C ILE A 358 -9.03 -3.91 37.87
N LYS A 359 -7.94 -4.55 38.28
CA LYS A 359 -6.59 -4.14 38.10
C LYS A 359 -5.84 -5.12 37.19
N PHE A 360 -5.75 -4.72 35.92
CA PHE A 360 -5.31 -5.68 34.92
C PHE A 360 -3.89 -6.24 35.15
N ASN A 361 -3.02 -5.49 35.82
CA ASN A 361 -1.70 -6.00 36.14
C ASN A 361 -1.63 -6.86 37.40
N GLN A 362 -2.73 -6.95 38.14
CA GLN A 362 -2.89 -7.85 39.27
C GLN A 362 -3.25 -9.25 38.83
N ILE A 363 -3.78 -9.36 37.63
CA ILE A 363 -4.02 -10.66 37.02
C ILE A 363 -3.05 -10.91 35.86
N GLY A 364 -2.76 -9.91 35.05
CA GLY A 364 -1.52 -9.92 34.24
C GLY A 364 -1.63 -10.17 32.75
N SER A 365 -2.84 -10.36 32.23
CA SER A 365 -3.03 -10.50 30.79
C SER A 365 -4.37 -9.94 30.39
N LEU A 366 -4.51 -9.53 29.11
CA LEU A 366 -5.78 -8.98 28.66
C LEU A 366 -6.89 -10.03 28.71
N THR A 367 -6.59 -11.22 28.20
CA THR A 367 -7.60 -12.30 28.14
C THR A 367 -8.18 -12.62 29.53
N GLU A 368 -7.32 -12.68 30.53
CA GLU A 368 -7.77 -13.02 31.93
C GLU A 368 -8.57 -11.87 32.55
N THR A 369 -8.14 -10.64 32.26
CA THR A 369 -8.88 -9.48 32.65
C THR A 369 -10.33 -9.54 32.10
N LEU A 370 -10.51 -9.82 30.81
CA LEU A 370 -11.88 -9.95 30.26
C LEU A 370 -12.68 -11.01 30.99
N ALA A 371 -12.03 -12.13 31.32
CA ALA A 371 -12.65 -13.21 32.06
C ALA A 371 -13.09 -12.78 33.44
N ALA A 372 -12.29 -11.98 34.14
CA ALA A 372 -12.69 -11.47 35.46
C ALA A 372 -13.92 -10.53 35.37
N ILE A 373 -13.90 -9.63 34.39
CA ILE A 373 -15.02 -8.70 34.14
C ILE A 373 -16.31 -9.45 33.80
N LYS A 374 -16.20 -10.46 32.95
CA LYS A 374 -17.36 -11.31 32.64
C LYS A 374 -17.93 -12.08 33.88
N MET A 375 -17.07 -12.65 34.71
CA MET A 375 -17.55 -13.39 35.87
C MET A 375 -18.33 -12.42 36.75
N ALA A 376 -17.79 -11.22 36.93
CA ALA A 376 -18.49 -10.21 37.71
C ALA A 376 -19.87 -9.96 37.13
N LYS A 377 -19.92 -9.66 35.84
CA LYS A 377 -21.13 -9.24 35.21
C LYS A 377 -22.20 -10.34 35.20
N ASP A 378 -21.80 -11.61 35.00
CA ASP A 378 -22.72 -12.76 34.99
C ASP A 378 -23.35 -12.98 36.40
N ALA A 379 -22.69 -12.52 37.43
CA ALA A 379 -23.18 -12.71 38.76
C ALA A 379 -23.96 -11.49 39.25
N GLY A 380 -24.10 -10.47 38.42
CA GLY A 380 -24.78 -9.24 38.85
C GLY A 380 -23.85 -8.27 39.59
N TYR A 381 -22.59 -8.62 39.78
CA TYR A 381 -21.63 -7.68 40.34
C TYR A 381 -21.27 -6.59 39.32
N THR A 382 -20.84 -5.43 39.80
CA THR A 382 -20.26 -4.42 38.91
C THR A 382 -18.75 -4.57 38.90
N ALA A 383 -18.14 -4.19 37.78
CA ALA A 383 -16.72 -4.17 37.60
C ALA A 383 -16.26 -2.73 37.45
N VAL A 384 -15.29 -2.28 38.26
CA VAL A 384 -14.80 -0.90 38.24
C VAL A 384 -13.39 -1.00 37.71
N ILE A 385 -13.11 -0.45 36.52
CA ILE A 385 -11.77 -0.56 35.99
C ILE A 385 -10.84 0.43 36.69
N SER A 386 -9.69 -0.02 37.15
CA SER A 386 -8.84 0.74 38.04
C SER A 386 -7.44 1.00 37.56
N HIS A 387 -6.93 2.15 38.00
CA HIS A 387 -5.54 2.52 37.90
C HIS A 387 -4.72 1.82 38.96
N ARG A 388 -3.44 2.14 38.98
CA ARG A 388 -2.57 1.81 40.09
C ARG A 388 -1.89 3.10 40.60
N SER A 389 -1.21 3.01 41.72
CA SER A 389 -0.42 4.13 42.24
C SER A 389 0.62 4.67 41.29
N GLY A 390 1.41 3.78 40.76
CA GLY A 390 2.36 4.13 39.71
C GLY A 390 1.68 3.85 38.39
N GLU A 391 1.41 4.91 37.65
CA GLU A 391 0.83 4.79 36.30
C GLU A 391 1.84 5.33 35.31
N THR A 392 1.46 5.33 34.04
CA THR A 392 2.17 5.96 32.97
C THR A 392 1.16 6.79 32.13
N GLU A 393 1.75 7.45 31.11
CA GLU A 393 1.15 8.02 29.90
C GLU A 393 0.08 7.14 29.29
N ASP A 394 0.28 5.83 29.34
CA ASP A 394 -0.62 4.82 28.70
C ASP A 394 -2.07 4.92 29.27
N ALA A 395 -3.03 4.88 28.35
CA ALA A 395 -4.41 5.16 28.63
C ALA A 395 -5.28 3.95 28.25
N THR A 396 -4.67 2.77 28.24
CA THR A 396 -5.32 1.56 27.82
C THR A 396 -6.54 1.28 28.67
N ILE A 397 -6.48 1.56 30.01
CA ILE A 397 -7.70 1.31 30.83
C ILE A 397 -8.96 2.07 30.38
N ALA A 398 -8.82 3.18 29.64
CA ALA A 398 -9.98 3.86 29.09
C ALA A 398 -10.61 3.02 27.99
N ASP A 399 -9.78 2.54 27.05
CA ASP A 399 -10.29 1.67 25.98
C ASP A 399 -10.92 0.38 26.55
N LEU A 400 -10.25 -0.21 27.54
CA LEU A 400 -10.75 -1.38 28.24
C LEU A 400 -12.13 -1.15 28.79
N ALA A 401 -12.31 -0.03 29.44
CA ALA A 401 -13.62 0.25 30.11
C ALA A 401 -14.76 0.45 29.11
N VAL A 402 -14.44 1.10 28.01
CA VAL A 402 -15.42 1.32 26.94
C VAL A 402 -15.74 0.01 26.20
N GLY A 403 -14.68 -0.74 25.85
CA GLY A 403 -14.80 -1.93 25.04
C GLY A 403 -15.48 -3.07 25.74
N THR A 404 -15.48 -3.05 27.07
CA THR A 404 -16.18 -4.06 27.89
C THR A 404 -17.48 -3.53 28.49
N ALA A 405 -17.86 -2.29 28.19
CA ALA A 405 -19.01 -1.64 28.86
C ALA A 405 -19.01 -1.84 30.37
N ALA A 406 -17.83 -1.76 30.97
CA ALA A 406 -17.66 -2.00 32.42
C ALA A 406 -18.63 -1.08 33.23
N GLY A 407 -18.80 0.16 32.79
CA GLY A 407 -19.74 1.07 33.38
C GLY A 407 -19.16 2.03 34.41
N GLN A 408 -18.00 1.71 34.98
CA GLN A 408 -17.33 2.54 35.97
C GLN A 408 -15.81 2.46 35.82
N ILE A 409 -15.13 3.49 36.28
CA ILE A 409 -13.68 3.53 36.21
C ILE A 409 -13.19 4.33 37.41
N LYS A 410 -12.01 4.01 37.89
CA LYS A 410 -11.41 4.69 38.97
C LYS A 410 -9.99 4.99 38.55
N THR A 411 -9.73 6.18 38.04
CA THR A 411 -8.43 6.46 37.43
C THR A 411 -7.87 7.80 37.87
N GLY A 412 -8.30 8.25 39.05
CA GLY A 412 -7.65 9.41 39.70
C GLY A 412 -8.45 10.70 39.82
N SER A 413 -7.81 11.67 40.47
CA SER A 413 -8.29 12.99 40.54
C SER A 413 -8.09 13.62 39.19
N MET A 414 -8.50 14.88 39.06
CA MET A 414 -8.43 15.54 37.81
C MET A 414 -7.19 16.37 37.79
N SER A 415 -6.07 15.76 38.19
CA SER A 415 -4.73 16.37 38.02
C SER A 415 -3.72 15.26 37.87
N ARG A 416 -2.57 15.62 37.27
CA ARG A 416 -1.47 14.72 36.87
C ARG A 416 -1.88 13.96 35.61
N SER A 417 -1.05 14.03 34.58
CA SER A 417 -1.37 13.41 33.30
C SER A 417 -1.37 11.86 33.36
N ASP A 418 -0.74 11.27 34.39
CA ASP A 418 -0.89 9.84 34.70
C ASP A 418 -2.33 9.46 34.93
N ARG A 419 -3.11 10.43 35.40
CA ARG A 419 -4.50 10.22 35.56
C ARG A 419 -5.27 10.77 34.37
N VAL A 420 -4.91 12.00 34.03
CA VAL A 420 -5.71 12.79 33.09
C VAL A 420 -5.59 12.29 31.65
N ALA A 421 -4.50 11.63 31.33
CA ALA A 421 -4.43 11.02 30.01
C ALA A 421 -5.57 10.02 29.81
N LYS A 422 -6.04 9.40 30.88
CA LYS A 422 -7.17 8.48 30.74
C LYS A 422 -8.49 9.25 30.45
N TYR A 423 -8.71 10.39 31.13
CA TYR A 423 -9.92 11.18 30.96
C TYR A 423 -9.88 11.70 29.52
N ASN A 424 -8.72 12.16 29.06
CA ASN A 424 -8.59 12.63 27.67
C ASN A 424 -8.91 11.54 26.66
N GLN A 425 -8.48 10.29 26.90
CA GLN A 425 -8.78 9.24 26.01
C GLN A 425 -10.26 8.90 25.99
N LEU A 426 -10.92 8.94 27.14
CA LEU A 426 -12.36 8.79 27.23
C LEU A 426 -13.07 9.93 26.46
N ILE A 427 -12.50 11.12 26.46
CA ILE A 427 -12.98 12.21 25.62
C ILE A 427 -12.90 11.91 24.13
N ARG A 428 -11.74 11.46 23.68
CA ARG A 428 -11.57 11.14 22.28
C ARG A 428 -12.50 9.97 21.91
N ILE A 429 -12.68 9.00 22.80
CA ILE A 429 -13.54 7.89 22.47
C ILE A 429 -15.01 8.33 22.29
N GLU A 430 -15.50 9.10 23.24
CA GLU A 430 -16.88 9.54 23.15
C GLU A 430 -17.16 10.43 21.97
N GLU A 431 -16.20 11.26 21.59
CA GLU A 431 -16.29 12.03 20.37
C GLU A 431 -16.56 11.17 19.15
N ALA A 432 -15.89 10.04 19.05
CA ALA A 432 -16.08 9.20 17.87
C ALA A 432 -17.37 8.42 18.01
N LEU A 433 -17.72 7.96 19.21
CA LEU A 433 -18.85 7.05 19.37
C LEU A 433 -20.22 7.73 19.61
N GLY A 434 -20.21 8.91 20.22
CA GLY A 434 -21.42 9.64 20.60
C GLY A 434 -22.33 8.69 21.38
N GLU A 435 -23.58 8.59 20.92
CA GLU A 435 -24.59 7.85 21.68
C GLU A 435 -24.54 6.33 21.45
N LYS A 436 -23.64 5.83 20.62
CA LYS A 436 -23.32 4.40 20.62
C LYS A 436 -22.50 3.97 21.89
N ALA A 437 -21.96 4.93 22.62
CA ALA A 437 -21.40 4.70 23.92
C ALA A 437 -22.14 5.55 24.98
N PRO A 438 -23.33 5.13 25.38
CA PRO A 438 -24.12 6.00 26.31
C PRO A 438 -23.40 6.14 27.66
N TYR A 439 -23.56 7.30 28.27
CA TYR A 439 -23.06 7.53 29.63
C TYR A 439 -24.28 7.33 30.52
N ASN A 440 -24.33 6.27 31.32
CA ASN A 440 -25.58 5.86 31.99
C ASN A 440 -25.83 6.45 33.38
N GLY A 441 -24.83 7.11 33.98
CA GLY A 441 -25.03 7.81 35.22
C GLY A 441 -25.24 6.84 36.39
N ARG A 442 -26.07 7.23 37.36
CA ARG A 442 -26.14 6.47 38.63
C ARG A 442 -26.61 5.05 38.48
N LYS A 443 -27.32 4.73 37.39
CA LYS A 443 -27.79 3.36 37.22
C LYS A 443 -26.66 2.31 37.01
N GLU A 444 -25.43 2.75 36.65
CA GLU A 444 -24.24 1.85 36.67
C GLU A 444 -23.86 1.37 38.06
N ILE A 445 -24.23 2.10 39.08
CA ILE A 445 -23.70 1.84 40.41
C ILE A 445 -24.55 0.81 41.10
N LYS A 446 -23.97 -0.29 41.54
CA LYS A 446 -24.73 -1.28 42.24
C LYS A 446 -25.47 -0.65 43.47
N GLY A 447 -26.74 -1.01 43.65
CA GLY A 447 -27.59 -0.48 44.76
C GLY A 447 -28.54 0.69 44.44
N GLN A 448 -28.33 1.35 43.30
CA GLN A 448 -29.25 2.43 42.83
C GLN A 448 -30.49 1.87 42.04
N ALA A 449 -31.39 2.74 41.55
CA ALA A 449 -32.29 2.28 40.45
C ALA A 449 -32.50 3.37 39.40
N GLN B 11 8.20 5.64 -11.81
CA GLN B 11 6.87 5.54 -12.45
C GLN B 11 5.79 5.16 -11.40
N GLN B 12 6.10 4.66 -10.19
CA GLN B 12 5.08 4.79 -9.10
C GLN B 12 5.35 5.80 -7.95
N MET B 13 4.38 6.67 -7.68
CA MET B 13 4.38 7.63 -6.55
C MET B 13 3.86 6.93 -5.27
N GLY B 14 4.74 6.78 -4.30
CA GLY B 14 4.37 6.32 -2.95
C GLY B 14 3.38 7.22 -2.23
N ARG B 15 2.71 6.64 -1.24
CA ARG B 15 1.80 7.36 -0.35
C ARG B 15 2.47 8.53 0.35
N GLY B 16 3.74 8.40 0.65
CA GLY B 16 4.48 9.43 1.33
C GLY B 16 4.52 10.74 0.58
N SER B 17 4.41 10.67 -0.76
CA SER B 17 4.32 11.89 -1.58
C SER B 17 2.97 12.60 -1.47
N MET B 18 1.96 11.96 -0.90
CA MET B 18 0.64 12.53 -0.81
C MET B 18 0.53 13.20 0.51
N SER B 19 1.28 14.29 0.65
CA SER B 19 1.41 14.96 1.95
C SER B 19 0.51 16.23 2.05
N LYS B 20 -0.50 16.34 1.17
CA LYS B 20 -1.47 17.42 1.30
C LYS B 20 -2.39 17.20 2.50
N ILE B 21 -2.74 18.30 3.17
CA ILE B 21 -3.66 18.20 4.32
C ILE B 21 -5.10 18.00 3.79
N VAL B 22 -5.76 16.95 4.23
CA VAL B 22 -7.14 16.74 3.82
C VAL B 22 -8.17 17.06 4.96
N LYS B 23 -7.72 17.01 6.23
CA LYS B 23 -8.59 17.25 7.38
C LYS B 23 -7.79 17.67 8.62
N ILE B 24 -8.36 18.61 9.37
CA ILE B 24 -7.86 19.04 10.67
C ILE B 24 -8.99 19.02 11.66
N ILE B 25 -8.76 18.40 12.81
CA ILE B 25 -9.70 18.25 13.89
C ILE B 25 -9.05 18.84 15.15
N GLY B 26 -9.84 19.66 15.86
CA GLY B 26 -9.48 20.27 17.15
C GLY B 26 -10.43 19.74 18.19
N ARG B 27 -9.97 19.56 19.43
CA ARG B 27 -10.83 19.25 20.53
C ARG B 27 -10.22 19.85 21.78
N GLU B 28 -11.09 19.97 22.75
CA GLU B 28 -10.79 20.43 24.08
C GLU B 28 -10.52 19.20 24.92
N ILE B 29 -9.29 19.10 25.46
CA ILE B 29 -8.91 18.02 26.37
C ILE B 29 -8.42 18.72 27.65
N ILE B 30 -7.90 17.94 28.60
CA ILE B 30 -7.50 18.40 29.96
C ILE B 30 -5.99 18.26 30.19
N ASP B 31 -5.39 19.29 30.74
CA ASP B 31 -3.95 19.37 31.07
C ASP B 31 -3.76 18.89 32.49
N SER B 32 -2.53 18.90 32.94
CA SER B 32 -2.14 18.24 34.14
C SER B 32 -2.57 18.93 35.44
N ARG B 33 -3.11 20.13 35.33
CA ARG B 33 -3.70 20.78 36.48
C ARG B 33 -5.19 20.78 36.40
N GLY B 34 -5.76 20.09 35.41
CA GLY B 34 -7.23 20.06 35.39
C GLY B 34 -7.91 21.13 34.59
N ASN B 35 -7.11 21.98 33.93
CA ASN B 35 -7.60 23.01 33.07
C ASN B 35 -7.66 22.57 31.62
N PRO B 36 -8.64 23.10 30.88
CA PRO B 36 -8.68 22.76 29.44
C PRO B 36 -7.48 23.17 28.59
N THR B 37 -7.20 22.40 27.55
CA THR B 37 -6.26 22.84 26.52
C THR B 37 -6.66 22.28 25.20
N VAL B 38 -5.99 22.72 24.15
CA VAL B 38 -6.30 22.33 22.77
C VAL B 38 -5.42 21.15 22.28
N GLU B 39 -6.07 20.18 21.64
CA GLU B 39 -5.43 19.10 20.95
C GLU B 39 -5.93 19.16 19.47
N ALA B 40 -4.97 18.98 18.56
CA ALA B 40 -5.24 18.93 17.11
C ALA B 40 -4.70 17.68 16.47
N GLU B 41 -5.40 17.23 15.44
CA GLU B 41 -5.02 16.15 14.57
C GLU B 41 -4.98 16.67 13.16
N VAL B 42 -3.86 16.48 12.46
CA VAL B 42 -3.72 16.86 11.07
C VAL B 42 -3.61 15.54 10.29
N HIS B 43 -4.57 15.36 9.35
CA HIS B 43 -4.70 14.22 8.49
C HIS B 43 -4.27 14.61 7.05
N LEU B 44 -3.47 13.76 6.42
CA LEU B 44 -2.94 13.98 5.06
C LEU B 44 -3.56 13.04 4.04
N GLU B 45 -3.46 13.40 2.76
CA GLU B 45 -4.11 12.59 1.71
C GLU B 45 -3.66 11.17 1.69
N GLY B 46 -2.36 10.96 1.83
CA GLY B 46 -1.83 9.59 1.87
C GLY B 46 -2.15 8.76 3.08
N GLY B 47 -2.90 9.29 4.03
CA GLY B 47 -3.31 8.52 5.18
C GLY B 47 -2.53 8.82 6.46
N PHE B 48 -1.63 9.79 6.44
CA PHE B 48 -0.78 10.09 7.57
C PHE B 48 -1.52 10.99 8.57
N VAL B 49 -1.33 10.75 9.87
CA VAL B 49 -1.97 11.56 10.92
C VAL B 49 -0.93 11.97 11.95
N GLY B 50 -0.93 13.22 12.36
CA GLY B 50 -0.17 13.70 13.49
C GLY B 50 -1.18 14.28 14.51
N MET B 51 -0.95 14.05 15.80
CA MET B 51 -1.79 14.52 16.85
C MET B 51 -0.89 15.16 17.93
N ALA B 52 -1.26 16.36 18.35
CA ALA B 52 -0.49 17.08 19.34
C ALA B 52 -1.35 18.03 20.17
N ALA B 53 -0.90 18.29 21.41
CA ALA B 53 -1.59 19.15 22.35
C ALA B 53 -0.64 20.28 22.73
N ALA B 54 -1.21 21.44 23.04
CA ALA B 54 -0.44 22.59 23.51
C ALA B 54 -0.48 22.54 25.02
N PRO B 55 0.64 22.77 25.68
CA PRO B 55 0.58 23.04 27.10
C PRO B 55 -0.19 24.38 27.44
N SER B 56 -0.45 24.61 28.74
CA SER B 56 -1.11 25.80 29.29
C SER B 56 -0.13 26.94 29.05
N GLY B 57 -0.66 28.12 28.85
CA GLY B 57 0.12 29.36 28.61
C GLY B 57 -0.55 30.55 29.30
N ALA B 58 -0.21 31.78 28.91
CA ALA B 58 -0.91 32.96 29.45
C ALA B 58 -2.08 33.42 28.55
N SER B 59 -3.19 33.80 29.17
CA SER B 59 -4.32 34.38 28.47
C SER B 59 -4.19 35.91 28.40
N THR B 60 -3.24 36.49 29.15
CA THR B 60 -3.07 37.91 29.19
C THR B 60 -1.57 38.21 29.33
N GLY B 61 -1.17 39.40 28.88
CA GLY B 61 0.23 39.84 28.89
C GLY B 61 0.42 40.65 27.60
N SER B 62 1.45 41.47 27.58
CA SER B 62 1.69 42.42 26.48
C SER B 62 2.92 42.03 25.68
N ARG B 63 3.63 40.95 26.02
CA ARG B 63 4.93 40.69 25.41
C ARG B 63 5.05 39.33 24.70
N GLU B 64 4.03 38.51 24.89
CA GLU B 64 4.09 37.12 24.46
C GLU B 64 2.85 36.71 23.69
N ALA B 65 2.90 35.54 23.06
CA ALA B 65 1.73 35.03 22.37
C ALA B 65 0.75 34.61 23.46
N LEU B 66 -0.54 34.81 23.20
CA LEU B 66 -1.58 34.55 24.17
C LEU B 66 -2.49 33.44 23.70
N GLU B 67 -2.76 32.51 24.60
CA GLU B 67 -3.76 31.49 24.34
C GLU B 67 -5.14 32.11 24.58
N LEU B 68 -6.15 31.45 24.05
CA LEU B 68 -7.45 31.98 24.00
C LEU B 68 -8.31 31.08 24.85
N ARG B 69 -8.86 31.68 25.90
CA ARG B 69 -9.76 31.08 26.85
C ARG B 69 -11.16 31.68 26.65
N ASP B 70 -12.19 30.92 26.96
CA ASP B 70 -13.54 31.31 26.70
C ASP B 70 -14.13 32.40 27.65
N GLY B 71 -13.77 32.35 28.93
CA GLY B 71 -14.29 33.30 29.97
C GLY B 71 -15.74 33.02 30.24
N ASP B 72 -16.22 31.82 29.96
CA ASP B 72 -17.60 31.50 30.30
C ASP B 72 -17.55 30.87 31.71
N LYS B 73 -18.05 31.58 32.72
CA LYS B 73 -17.88 31.19 34.15
C LYS B 73 -18.59 29.90 34.53
N SER B 74 -19.57 29.49 33.72
CA SER B 74 -20.25 28.22 33.94
C SER B 74 -19.48 26.99 33.41
N ARG B 75 -18.31 27.15 32.73
CA ARG B 75 -17.45 26.04 32.23
C ARG B 75 -16.03 26.27 32.73
N PHE B 76 -15.53 25.33 33.55
CA PHE B 76 -14.14 25.29 33.93
C PHE B 76 -13.65 26.61 34.55
N LEU B 77 -14.47 27.25 35.37
CA LEU B 77 -14.15 28.54 35.99
C LEU B 77 -13.66 29.63 35.02
N GLY B 78 -14.18 29.59 33.79
CA GLY B 78 -13.81 30.52 32.77
C GLY B 78 -12.70 30.11 31.81
N LYS B 79 -12.08 28.94 32.00
CA LYS B 79 -10.90 28.54 31.28
C LYS B 79 -11.17 27.51 30.18
N GLY B 80 -12.40 27.36 29.77
CA GLY B 80 -12.71 26.60 28.57
C GLY B 80 -11.93 27.08 27.35
N VAL B 81 -11.68 26.20 26.38
CA VAL B 81 -10.97 26.64 25.15
C VAL B 81 -11.77 26.28 23.89
N THR B 82 -13.10 26.30 24.03
CA THR B 82 -14.04 25.99 22.89
C THR B 82 -13.84 26.94 21.69
N LYS B 83 -13.37 28.16 21.93
CA LYS B 83 -13.24 29.11 20.84
C LYS B 83 -11.97 28.82 20.10
N ALA B 84 -10.89 28.55 20.83
CA ALA B 84 -9.67 28.10 20.23
C ALA B 84 -9.92 26.82 19.41
N VAL B 85 -10.69 25.90 19.95
CA VAL B 85 -11.06 24.69 19.25
C VAL B 85 -11.86 24.99 17.99
N ALA B 86 -12.83 25.90 18.05
CA ALA B 86 -13.57 26.31 16.82
C ALA B 86 -12.68 26.88 15.73
N ALA B 87 -11.71 27.71 16.10
CA ALA B 87 -10.73 28.23 15.21
C ALA B 87 -9.95 27.13 14.47
N VAL B 88 -9.55 26.06 15.19
CA VAL B 88 -8.94 24.93 14.53
C VAL B 88 -9.88 24.27 13.52
N ASN B 89 -11.08 24.00 13.94
CA ASN B 89 -12.08 23.23 13.14
C ASN B 89 -12.65 23.98 11.94
N GLY B 90 -12.65 25.31 12.00
CA GLY B 90 -13.23 26.16 10.98
C GLY B 90 -12.14 26.90 10.20
N PRO B 91 -11.80 28.14 10.62
CA PRO B 91 -10.91 28.94 9.73
C PRO B 91 -9.54 28.35 9.50
N ILE B 92 -8.90 27.73 10.53
CA ILE B 92 -7.52 27.18 10.34
C ILE B 92 -7.57 25.95 9.42
N ALA B 93 -8.48 25.05 9.72
CA ALA B 93 -8.68 23.91 8.87
C ALA B 93 -8.88 24.33 7.39
N GLN B 94 -9.77 25.29 7.15
CA GLN B 94 -10.11 25.69 5.78
C GLN B 94 -8.97 26.36 5.08
N ALA B 95 -8.12 27.08 5.81
CA ALA B 95 -6.99 27.71 5.13
C ALA B 95 -5.87 26.70 4.83
N LEU B 96 -5.92 25.51 5.47
CA LEU B 96 -4.82 24.53 5.29
C LEU B 96 -5.15 23.33 4.43
N ILE B 97 -6.43 23.02 4.18
CA ILE B 97 -6.79 21.89 3.37
C ILE B 97 -6.05 22.10 2.02
N GLY B 98 -5.43 21.05 1.50
CA GLY B 98 -4.72 21.12 0.23
C GLY B 98 -3.30 21.72 0.30
N LYS B 99 -2.83 22.13 1.48
CA LYS B 99 -1.38 22.49 1.60
C LYS B 99 -0.50 21.29 1.99
N ASP B 100 0.76 21.44 1.66
CA ASP B 100 1.77 20.43 1.83
C ASP B 100 2.29 20.52 3.23
N ALA B 101 2.00 19.51 4.05
CA ALA B 101 2.42 19.51 5.45
C ALA B 101 3.93 19.53 5.62
N LYS B 102 4.69 19.11 4.60
CA LYS B 102 6.12 19.07 4.72
C LYS B 102 6.72 20.47 4.67
N ASP B 103 5.93 21.47 4.22
CA ASP B 103 6.41 22.87 4.16
C ASP B 103 6.06 23.54 5.49
N GLN B 104 6.76 23.15 6.56
CA GLN B 104 6.37 23.61 7.91
C GLN B 104 6.27 25.16 8.00
N ALA B 105 7.24 25.84 7.40
CA ALA B 105 7.32 27.32 7.49
C ALA B 105 6.11 27.93 6.80
N GLY B 106 5.67 27.33 5.69
CA GLY B 106 4.53 27.81 4.94
C GLY B 106 3.26 27.52 5.69
N ILE B 107 3.18 26.36 6.32
CA ILE B 107 2.00 26.03 7.09
C ILE B 107 1.88 27.03 8.23
N ASP B 108 2.97 27.25 8.96
CA ASP B 108 2.97 28.23 10.08
C ASP B 108 2.63 29.68 9.63
N LYS B 109 3.20 30.08 8.49
CA LYS B 109 3.03 31.41 7.96
C LYS B 109 1.54 31.66 7.64
N ILE B 110 0.88 30.72 7.02
CA ILE B 110 -0.56 30.84 6.77
C ILE B 110 -1.37 31.01 8.06
N MET B 111 -1.10 30.23 9.12
CA MET B 111 -1.85 30.41 10.37
C MET B 111 -1.60 31.81 11.02
N ILE B 112 -0.32 32.24 11.03
CA ILE B 112 0.09 33.56 11.56
C ILE B 112 -0.58 34.74 10.82
N ASP B 113 -0.47 34.75 9.49
CA ASP B 113 -1.11 35.76 8.66
C ASP B 113 -2.62 35.73 8.78
N LEU B 114 -3.25 34.55 8.78
CA LEU B 114 -4.71 34.52 8.90
C LEU B 114 -5.10 35.00 10.32
N ASP B 115 -4.31 34.69 11.34
CA ASP B 115 -4.75 35.10 12.69
C ASP B 115 -4.70 36.65 12.67
N GLY B 116 -3.61 37.18 12.14
CA GLY B 116 -3.54 38.58 11.78
C GLY B 116 -3.12 39.49 12.88
N THR B 117 -3.07 39.03 14.12
CA THR B 117 -2.52 39.82 15.24
C THR B 117 -1.04 39.47 15.52
N GLU B 118 -0.33 40.39 16.14
CA GLU B 118 1.07 40.24 16.59
C GLU B 118 1.26 39.11 17.67
N ASN B 119 0.21 38.80 18.42
CA ASN B 119 0.30 37.98 19.62
C ASN B 119 -0.62 36.74 19.56
N LYS B 120 -1.08 36.38 18.37
CA LYS B 120 -1.94 35.18 18.16
C LYS B 120 -3.22 35.17 18.96
N SER B 121 -3.73 36.36 19.31
CA SER B 121 -4.93 36.47 20.17
C SER B 121 -6.27 36.23 19.49
N LYS B 122 -6.32 36.11 18.17
CA LYS B 122 -7.64 35.96 17.54
C LYS B 122 -8.09 34.49 17.65
N PHE B 123 -7.22 33.59 17.19
CA PHE B 123 -7.34 32.15 17.29
C PHE B 123 -6.79 31.55 18.60
N GLY B 124 -5.74 32.18 19.13
CA GLY B 124 -5.03 31.70 20.31
C GLY B 124 -3.74 30.96 19.97
N ALA B 125 -2.63 31.32 20.63
CA ALA B 125 -1.41 30.54 20.52
C ALA B 125 -1.65 29.03 20.81
N ASN B 126 -2.62 28.69 21.63
CA ASN B 126 -2.97 27.32 21.89
C ASN B 126 -3.48 26.61 20.61
N ALA B 127 -4.34 27.27 19.84
CA ALA B 127 -4.86 26.64 18.63
C ALA B 127 -3.74 26.56 17.59
N ILE B 128 -2.92 27.60 17.53
CA ILE B 128 -1.91 27.62 16.48
C ILE B 128 -0.81 26.60 16.72
N LEU B 129 -0.35 26.51 17.97
CA LEU B 129 0.77 25.62 18.26
C LEU B 129 0.31 24.16 18.10
N ALA B 130 -0.87 23.90 18.59
CA ALA B 130 -1.40 22.56 18.55
C ALA B 130 -1.42 22.05 17.10
N VAL B 131 -1.96 22.88 16.22
CA VAL B 131 -1.93 22.55 14.79
C VAL B 131 -0.53 22.48 14.21
N SER B 132 0.32 23.44 14.55
CA SER B 132 1.69 23.46 14.09
C SER B 132 2.44 22.15 14.37
N LEU B 133 2.30 21.66 15.61
CA LEU B 133 2.99 20.44 16.03
C LEU B 133 2.32 19.19 15.43
N ALA B 134 0.98 19.18 15.38
CA ALA B 134 0.28 18.07 14.76
C ALA B 134 0.75 17.95 13.29
N ASN B 135 0.82 19.08 12.60
CA ASN B 135 1.35 19.14 11.26
C ASN B 135 2.75 18.57 11.13
N ALA B 136 3.67 19.00 11.98
CA ALA B 136 5.01 18.46 11.96
C ALA B 136 5.05 16.91 12.15
N LYS B 137 4.22 16.40 13.03
CA LYS B 137 4.15 14.97 13.22
C LYS B 137 3.57 14.23 12.02
N ALA B 138 2.58 14.82 11.37
CA ALA B 138 1.98 14.21 10.18
C ALA B 138 3.03 14.17 9.04
N ALA B 139 3.81 15.22 8.93
CA ALA B 139 4.80 15.33 7.88
C ALA B 139 5.98 14.37 8.14
N ALA B 140 6.40 14.27 9.37
CA ALA B 140 7.40 13.29 9.77
C ALA B 140 6.95 11.88 9.28
N ALA B 141 5.71 11.49 9.59
CA ALA B 141 5.19 10.17 9.13
C ALA B 141 5.19 10.03 7.60
N ALA B 142 4.80 11.08 6.87
CA ALA B 142 4.84 11.06 5.38
C ALA B 142 6.24 10.91 4.83
N LYS B 143 7.24 11.49 5.54
CA LYS B 143 8.62 11.42 5.20
C LYS B 143 9.25 10.12 5.70
N GLY B 144 8.48 9.31 6.42
CA GLY B 144 9.02 8.02 6.84
C GLY B 144 10.03 8.11 7.99
N MET B 145 9.89 9.09 8.90
CA MET B 145 10.90 9.30 9.93
C MET B 145 10.35 9.69 11.27
N PRO B 146 11.11 9.46 12.30
CA PRO B 146 10.64 9.94 13.60
C PRO B 146 10.71 11.48 13.66
N LEU B 147 10.02 12.04 14.64
CA LEU B 147 9.81 13.46 14.72
C LEU B 147 11.13 14.19 14.91
N TYR B 148 12.03 13.62 15.72
CA TYR B 148 13.37 14.23 15.99
C TYR B 148 14.20 14.39 14.68
N GLU B 149 14.09 13.42 13.79
CA GLU B 149 14.81 13.46 12.49
C GLU B 149 14.24 14.58 11.61
N HIS B 150 12.92 14.65 11.56
CA HIS B 150 12.23 15.70 10.80
C HIS B 150 12.51 17.08 11.32
N ILE B 151 12.47 17.23 12.63
CA ILE B 151 12.76 18.51 13.24
C ILE B 151 14.18 18.98 12.90
N ALA B 152 15.14 18.10 13.02
CA ALA B 152 16.49 18.41 12.60
C ALA B 152 16.56 18.87 11.10
N GLU B 153 15.74 18.30 10.23
CA GLU B 153 15.76 18.74 8.84
C GLU B 153 15.15 20.12 8.75
N LEU B 154 14.08 20.36 9.52
CA LEU B 154 13.44 21.68 9.49
C LEU B 154 14.33 22.77 10.09
N ASN B 155 15.26 22.38 10.93
CA ASN B 155 16.07 23.29 11.73
C ASN B 155 17.31 23.69 10.96
N GLY B 156 17.54 23.03 9.81
CA GLY B 156 18.76 23.27 9.04
C GLY B 156 19.95 22.51 9.53
N THR B 157 19.74 21.44 10.30
CA THR B 157 20.85 20.70 10.86
C THR B 157 20.60 19.20 10.70
N PRO B 158 20.50 18.71 9.44
CA PRO B 158 20.16 17.30 9.21
C PRO B 158 21.08 16.28 9.94
N GLY B 159 20.49 15.26 10.60
CA GLY B 159 21.31 14.26 11.34
C GLY B 159 22.23 14.74 12.46
N LYS B 160 22.04 15.97 12.97
CA LYS B 160 22.84 16.44 14.09
C LYS B 160 21.96 16.41 15.35
N TYR B 161 22.34 15.58 16.32
CA TYR B 161 21.49 15.36 17.52
C TYR B 161 22.33 15.39 18.79
N SER B 162 21.70 15.62 19.93
CA SER B 162 22.30 15.38 21.23
C SER B 162 21.17 15.04 22.19
N MET B 163 21.47 14.37 23.28
CA MET B 163 20.49 14.19 24.33
C MET B 163 20.73 15.26 25.33
N PRO B 164 19.67 15.94 25.76
CA PRO B 164 19.89 17.10 26.60
C PRO B 164 20.16 16.75 28.05
N VAL B 165 20.89 17.66 28.69
CA VAL B 165 21.13 17.60 30.09
C VAL B 165 19.94 18.18 30.81
N PRO B 166 19.29 17.36 31.61
CA PRO B 166 18.07 17.85 32.23
C PRO B 166 18.32 18.64 33.49
N MET B 167 17.56 19.71 33.71
CA MET B 167 17.52 20.37 35.01
C MET B 167 16.19 19.99 35.63
N MET B 168 16.24 19.26 36.75
CA MET B 168 15.07 18.64 37.35
C MET B 168 14.63 19.31 38.60
N ASN B 169 13.46 19.88 38.54
CA ASN B 169 12.82 20.39 39.73
C ASN B 169 12.91 19.41 40.92
N ILE B 170 13.40 19.91 42.05
CA ILE B 170 13.49 19.11 43.25
C ILE B 170 12.80 19.80 44.47
N ILE B 171 13.10 21.07 44.75
CA ILE B 171 12.48 21.83 45.84
C ILE B 171 11.88 23.16 45.32
N ASN B 172 10.66 23.47 45.74
CA ASN B 172 9.97 24.71 45.37
C ASN B 172 9.88 25.66 46.54
N GLY B 173 9.92 26.94 46.22
CA GLY B 173 9.76 28.04 47.19
C GLY B 173 9.02 29.19 46.56
N GLY B 174 9.17 30.37 47.20
CA GLY B 174 8.61 31.65 46.78
C GLY B 174 7.13 31.55 46.70
N GLU B 175 6.58 32.02 45.57
CA GLU B 175 5.17 31.84 45.23
C GLU B 175 4.70 30.43 44.93
N HIS B 176 5.61 29.46 44.75
CA HIS B 176 5.17 28.05 44.48
C HIS B 176 5.14 27.10 45.75
N ALA B 177 5.13 27.68 46.97
CA ALA B 177 5.14 26.94 48.23
C ALA B 177 4.68 27.82 49.42
N ASP B 178 4.13 27.22 50.46
CA ASP B 178 4.03 27.88 51.79
C ASP B 178 5.27 27.47 52.57
N ASN B 179 6.33 28.26 52.43
CA ASN B 179 7.54 28.03 53.21
C ASN B 179 8.34 29.31 53.33
N ASN B 180 9.49 29.26 53.97
CA ASN B 180 10.39 30.43 53.96
C ASN B 180 11.56 30.31 53.03
N VAL B 181 11.29 29.79 51.82
CA VAL B 181 12.29 29.72 50.75
C VAL B 181 11.82 30.77 49.77
N ASP B 182 12.71 31.72 49.45
CA ASP B 182 12.36 32.84 48.56
C ASP B 182 12.53 32.47 47.08
N ILE B 183 13.51 31.59 46.84
CA ILE B 183 13.86 31.09 45.51
C ILE B 183 12.71 30.19 45.07
N GLN B 184 12.27 30.38 43.84
CA GLN B 184 11.05 29.74 43.35
C GLN B 184 11.30 28.25 43.13
N GLU B 185 12.46 27.88 42.58
CA GLU B 185 12.88 26.48 42.53
C GLU B 185 14.39 26.19 42.49
N PHE B 186 14.71 25.05 43.08
CA PHE B 186 15.99 24.43 43.02
C PHE B 186 15.89 23.22 42.19
N MET B 187 16.87 23.03 41.32
CA MET B 187 16.90 21.91 40.42
C MET B 187 18.21 21.17 40.55
N ILE B 188 18.18 19.88 40.25
CA ILE B 188 19.43 19.11 40.10
C ILE B 188 19.71 18.80 38.62
N GLN B 189 20.99 18.71 38.28
CA GLN B 189 21.44 18.41 36.92
C GLN B 189 22.44 17.24 36.94
N PRO B 190 22.09 16.06 36.44
CA PRO B 190 23.05 14.93 36.51
C PRO B 190 24.11 14.98 35.41
N VAL B 191 25.01 15.95 35.56
CA VAL B 191 26.06 16.21 34.57
C VAL B 191 27.08 15.06 34.45
N GLY B 192 27.24 14.31 35.54
CA GLY B 192 28.19 13.14 35.58
C GLY B 192 27.76 11.88 34.80
N ALA B 193 26.47 11.73 34.49
CA ALA B 193 25.98 10.59 33.70
C ALA B 193 26.60 10.58 32.30
N LYS B 194 26.62 9.42 31.65
CA LYS B 194 27.16 9.30 30.29
C LYS B 194 26.10 9.19 29.24
N THR B 195 24.86 8.92 29.68
CA THR B 195 23.71 8.75 28.80
C THR B 195 22.56 9.46 29.45
N VAL B 196 21.52 9.84 28.69
CA VAL B 196 20.38 10.44 29.34
C VAL B 196 19.58 9.41 30.11
N LYS B 197 19.72 8.13 29.74
CA LYS B 197 19.13 7.04 30.53
C LYS B 197 19.71 7.00 31.96
N GLU B 198 21.04 7.12 32.06
CA GLU B 198 21.68 7.15 33.38
C GLU B 198 21.31 8.41 34.16
N ALA B 199 21.26 9.54 33.46
CA ALA B 199 20.89 10.81 34.07
C ALA B 199 19.54 10.72 34.71
N ILE B 200 18.63 10.15 33.97
CA ILE B 200 17.26 9.95 34.43
C ILE B 200 17.20 9.09 35.69
N ARG B 201 17.90 7.97 35.64
CA ARG B 201 17.99 7.12 36.84
C ARG B 201 18.60 7.81 38.09
N MET B 202 19.67 8.56 37.88
CA MET B 202 20.26 9.36 38.97
C MET B 202 19.22 10.31 39.54
N GLY B 203 18.52 10.99 38.65
CA GLY B 203 17.40 11.85 39.09
C GLY B 203 16.39 11.15 39.98
N SER B 204 15.99 9.97 39.53
CA SER B 204 15.02 9.21 40.28
C SER B 204 15.53 8.93 41.66
N GLU B 205 16.72 8.39 41.72
CA GLU B 205 17.31 7.96 43.00
C GLU B 205 17.45 9.15 43.96
N VAL B 206 17.94 10.27 43.47
CA VAL B 206 18.03 11.43 44.33
C VAL B 206 16.64 11.85 44.80
N PHE B 207 15.68 11.80 43.89
CA PHE B 207 14.32 12.20 44.23
C PHE B 207 13.76 11.29 45.30
N HIS B 208 13.97 9.97 45.23
CA HIS B 208 13.47 9.06 46.23
C HIS B 208 14.19 9.19 47.59
N HIS B 209 15.50 9.41 47.54
CA HIS B 209 16.24 9.70 48.76
C HIS B 209 15.75 10.99 49.38
N LEU B 210 15.38 12.00 48.57
CA LEU B 210 14.90 13.24 49.17
C LEU B 210 13.59 13.04 49.94
N ALA B 211 12.70 12.19 49.44
CA ALA B 211 11.49 11.87 50.14
C ALA B 211 11.78 11.31 51.53
N LYS B 212 12.72 10.36 51.63
CA LYS B 212 13.10 9.74 52.94
C LYS B 212 13.71 10.79 53.90
N VAL B 213 14.55 11.70 53.38
CA VAL B 213 15.04 12.80 54.20
C VAL B 213 13.91 13.70 54.69
N LEU B 214 12.95 14.02 53.81
CA LEU B 214 11.84 14.86 54.24
C LEU B 214 10.95 14.16 55.26
N LYS B 215 10.71 12.85 55.11
CA LYS B 215 9.90 12.04 56.06
C LYS B 215 10.60 12.04 57.43
N ALA B 216 11.89 11.76 57.45
CA ALA B 216 12.64 11.75 58.72
C ALA B 216 12.63 13.10 59.39
N LYS B 217 12.51 14.19 58.62
CA LYS B 217 12.36 15.53 59.23
C LYS B 217 10.91 15.91 59.55
N GLY B 218 9.97 14.99 59.37
CA GLY B 218 8.56 15.33 59.57
C GLY B 218 7.94 16.31 58.58
N MET B 219 8.54 16.46 57.40
CA MET B 219 8.02 17.39 56.42
C MET B 219 7.14 16.66 55.39
N ASN B 220 6.38 17.45 54.66
CA ASN B 220 5.42 16.91 53.68
C ASN B 220 6.11 16.56 52.34
N THR B 221 5.79 15.41 51.77
CA THR B 221 6.31 14.88 50.52
C THR B 221 5.27 14.82 49.37
N ALA B 222 4.08 15.41 49.56
CA ALA B 222 3.17 15.70 48.43
C ALA B 222 3.85 16.63 47.43
N VAL B 223 3.42 16.56 46.16
CA VAL B 223 4.16 17.25 45.06
C VAL B 223 3.39 18.46 44.46
N GLY B 224 4.12 19.44 43.94
CA GLY B 224 3.51 20.53 43.17
C GLY B 224 3.27 20.18 41.68
N ASP B 225 3.04 21.21 40.88
CA ASP B 225 2.70 21.12 39.44
C ASP B 225 3.75 20.37 38.62
N GLU B 226 5.03 20.54 39.00
CA GLU B 226 6.20 20.04 38.29
C GLU B 226 6.66 18.73 38.89
N GLY B 227 6.00 18.25 39.94
CA GLY B 227 6.29 16.94 40.52
C GLY B 227 7.36 16.85 41.59
N GLY B 228 7.89 18.01 42.00
CA GLY B 228 8.82 18.10 43.08
C GLY B 228 8.12 18.46 44.40
N TYR B 229 8.91 18.67 45.44
CA TYR B 229 8.40 18.90 46.76
C TYR B 229 8.38 20.37 47.14
N ALA B 230 7.49 20.72 48.04
CA ALA B 230 7.32 22.06 48.58
C ALA B 230 7.18 21.96 50.12
N PRO B 231 8.14 21.33 50.78
CA PRO B 231 8.10 21.18 52.27
C PRO B 231 8.31 22.51 52.96
N ASN B 232 7.91 22.57 54.24
CA ASN B 232 7.94 23.80 55.02
C ASN B 232 9.38 24.08 55.57
N LEU B 233 10.31 24.32 54.65
CA LEU B 233 11.69 24.58 55.00
C LEU B 233 11.81 26.04 55.49
N GLY B 234 12.71 26.29 56.42
CA GLY B 234 12.85 27.64 57.06
C GLY B 234 13.76 28.66 56.40
N SER B 235 14.56 28.26 55.41
CA SER B 235 15.47 29.19 54.72
C SER B 235 15.94 28.57 53.42
N ASN B 236 16.58 29.39 52.59
CA ASN B 236 17.21 28.88 51.37
C ASN B 236 18.34 27.95 51.72
N ALA B 237 19.07 28.22 52.81
CA ALA B 237 20.16 27.33 53.24
C ALA B 237 19.66 25.88 53.51
N GLU B 238 18.50 25.75 54.13
CA GLU B 238 17.92 24.48 54.51
C GLU B 238 17.48 23.72 53.26
N ALA B 239 16.91 24.41 52.29
CA ALA B 239 16.55 23.80 51.01
C ALA B 239 17.77 23.19 50.36
N LEU B 240 18.86 23.96 50.31
CA LEU B 240 20.16 23.47 49.78
C LEU B 240 20.79 22.34 50.62
N ALA B 241 20.55 22.37 51.94
CA ALA B 241 21.08 21.31 52.80
C ALA B 241 20.32 19.98 52.58
N VAL B 242 19.00 20.03 52.44
CA VAL B 242 18.30 18.74 52.21
C VAL B 242 18.59 18.18 50.81
N ILE B 243 18.79 19.05 49.81
CA ILE B 243 19.24 18.55 48.51
C ILE B 243 20.60 17.85 48.66
N ALA B 244 21.60 18.54 49.25
CA ALA B 244 22.95 17.96 49.51
C ALA B 244 22.87 16.59 50.21
N GLU B 245 22.00 16.49 51.21
CA GLU B 245 21.90 15.28 51.98
C GLU B 245 21.29 14.11 51.19
N ALA B 246 20.29 14.43 50.38
CA ALA B 246 19.68 13.45 49.49
C ALA B 246 20.67 13.00 48.45
N VAL B 247 21.45 13.93 47.91
CA VAL B 247 22.40 13.58 46.85
C VAL B 247 23.44 12.60 47.43
N LYS B 248 23.94 12.92 48.62
CA LYS B 248 24.90 12.06 49.32
C LYS B 248 24.27 10.68 49.66
N ALA B 249 23.06 10.64 50.21
CA ALA B 249 22.41 9.36 50.50
C ALA B 249 22.18 8.49 49.26
N ALA B 250 22.02 9.12 48.12
CA ALA B 250 21.91 8.39 46.84
C ALA B 250 23.26 7.87 46.34
N GLY B 251 24.36 8.37 46.89
CA GLY B 251 25.69 7.86 46.58
C GLY B 251 26.39 8.66 45.52
N TYR B 252 25.93 9.89 45.30
CA TYR B 252 26.53 10.76 44.34
C TYR B 252 27.21 11.91 45.09
N GLU B 253 28.02 12.62 44.33
CA GLU B 253 28.85 13.72 44.81
C GLU B 253 28.38 15.06 44.22
N LEU B 254 27.89 15.95 45.06
CA LEU B 254 27.65 17.33 44.66
C LEU B 254 28.92 17.86 43.98
N GLY B 255 28.80 18.51 42.82
CA GLY B 255 29.94 19.08 42.12
C GLY B 255 30.37 18.26 40.93
N LYS B 256 30.67 16.99 41.16
CA LYS B 256 31.12 16.12 40.08
C LYS B 256 29.94 15.44 39.36
N ASP B 257 29.04 14.88 40.13
CA ASP B 257 28.00 14.03 39.52
C ASP B 257 26.73 14.85 39.23
N ILE B 258 26.42 15.77 40.13
CA ILE B 258 25.17 16.44 40.16
C ILE B 258 25.53 17.90 40.40
N THR B 259 25.09 18.78 39.51
CA THR B 259 25.13 20.24 39.80
C THR B 259 23.76 20.76 40.01
N LEU B 260 23.70 22.01 40.47
CA LEU B 260 22.46 22.66 40.85
C LEU B 260 22.12 23.86 39.96
N ALA B 261 20.83 24.03 39.67
CA ALA B 261 20.35 25.20 38.91
C ALA B 261 19.23 25.76 39.71
N MET B 262 18.98 27.06 39.59
CA MET B 262 17.93 27.67 40.33
C MET B 262 17.19 28.62 39.46
N ASP B 263 15.96 28.91 39.90
CA ASP B 263 15.13 29.97 39.34
C ASP B 263 14.71 30.90 40.47
N CYS B 264 15.32 32.08 40.56
CA CYS B 264 14.87 33.06 41.54
C CYS B 264 13.46 33.61 41.35
N ALA B 265 13.00 33.66 40.10
CA ALA B 265 11.83 34.47 39.70
C ALA B 265 11.87 35.80 40.49
N ALA B 266 12.98 36.54 40.36
CA ALA B 266 13.23 37.67 41.23
C ALA B 266 12.19 38.75 41.07
N SER B 267 11.47 38.78 39.97
CA SER B 267 10.36 39.71 39.89
C SER B 267 9.31 39.52 41.01
N GLU B 268 9.25 38.39 41.68
CA GLU B 268 8.21 38.20 42.72
C GLU B 268 8.53 38.90 44.03
N PHE B 269 9.74 39.40 44.18
CA PHE B 269 10.11 40.13 45.37
C PHE B 269 10.77 41.47 45.07
N TYR B 270 10.39 42.06 43.93
CA TYR B 270 10.98 43.33 43.44
C TYR B 270 10.00 44.42 43.80
N LYS B 271 10.37 45.27 44.77
CA LYS B 271 9.51 46.33 45.31
C LYS B 271 10.29 47.65 45.45
N ASP B 272 9.85 48.66 44.68
CA ASP B 272 10.42 50.02 44.70
C ASP B 272 11.94 49.97 44.51
N GLY B 273 12.36 49.40 43.36
CA GLY B 273 13.77 49.27 42.93
C GLY B 273 14.67 48.40 43.79
N LYS B 274 14.09 47.57 44.65
CA LYS B 274 14.84 46.75 45.60
C LYS B 274 14.28 45.31 45.64
N TYR B 275 15.14 44.35 45.96
CA TYR B 275 14.79 42.95 46.08
C TYR B 275 14.71 42.67 47.59
N VAL B 276 13.52 42.22 48.00
CA VAL B 276 13.14 42.04 49.41
C VAL B 276 12.89 40.54 49.66
N LEU B 277 13.83 39.89 50.34
CA LEU B 277 13.76 38.46 50.60
C LEU B 277 13.18 38.11 51.97
N ALA B 278 11.90 37.72 52.03
CA ALA B 278 11.29 37.12 53.26
C ALA B 278 12.26 36.26 54.14
N GLY B 279 12.55 35.04 53.72
CA GLY B 279 13.52 34.21 54.44
C GLY B 279 15.00 34.62 54.36
N GLU B 280 15.28 35.92 54.56
CA GLU B 280 16.62 36.45 54.89
C GLU B 280 16.41 37.72 55.77
N GLY B 281 15.67 37.56 56.86
CA GLY B 281 15.34 38.67 57.75
C GLY B 281 14.40 39.72 57.18
N ASN B 282 13.87 39.49 55.98
CA ASN B 282 13.24 40.56 55.16
C ASN B 282 14.24 41.65 54.65
N LYS B 283 15.53 41.29 54.47
CA LYS B 283 16.58 42.20 53.94
C LYS B 283 16.24 42.75 52.52
N ALA B 284 16.43 44.05 52.38
CA ALA B 284 16.33 44.76 51.12
C ALA B 284 17.69 44.71 50.46
N PHE B 285 17.69 44.65 49.12
CA PHE B 285 18.93 44.62 48.32
C PHE B 285 18.77 45.50 47.07
N THR B 286 19.79 46.26 46.74
CA THR B 286 19.89 46.88 45.43
C THR B 286 20.17 45.72 44.40
N SER B 287 19.97 46.01 43.10
CA SER B 287 20.31 45.07 42.02
C SER B 287 21.70 44.51 42.25
N GLU B 288 22.65 45.43 42.37
CA GLU B 288 24.03 45.12 42.57
C GLU B 288 24.28 44.23 43.79
N GLU B 289 23.66 44.56 44.92
CA GLU B 289 23.79 43.76 46.12
C GLU B 289 23.14 42.38 45.95
N PHE B 290 21.98 42.31 45.26
CA PHE B 290 21.35 41.00 45.03
C PHE B 290 22.21 40.07 44.15
N THR B 291 22.88 40.64 43.15
CA THR B 291 23.82 39.96 42.31
C THR B 291 25.00 39.42 43.13
N HIS B 292 25.52 40.21 44.09
CA HIS B 292 26.60 39.73 45.01
C HIS B 292 26.09 38.69 46.00
N PHE B 293 24.85 38.80 46.45
CA PHE B 293 24.21 37.72 47.22
C PHE B 293 24.17 36.40 46.42
N LEU B 294 23.80 36.46 45.13
CA LEU B 294 23.79 35.23 44.28
C LEU B 294 25.20 34.70 44.09
N GLU B 295 26.14 35.60 43.82
CA GLU B 295 27.55 35.22 43.69
C GLU B 295 27.98 34.33 44.88
N GLU B 296 27.63 34.76 46.09
CA GLU B 296 28.03 34.07 47.30
C GLU B 296 27.44 32.66 47.32
N LEU B 297 26.13 32.52 47.04
CA LEU B 297 25.55 31.19 46.90
C LEU B 297 26.36 30.29 45.91
N THR B 298 26.78 30.86 44.78
CA THR B 298 27.59 30.10 43.81
C THR B 298 29.01 29.73 44.30
N LYS B 299 29.54 30.43 45.31
CA LYS B 299 30.81 30.02 45.99
C LYS B 299 30.55 28.94 47.06
N GLN B 300 29.49 29.10 47.85
CA GLN B 300 29.10 28.09 48.84
C GLN B 300 28.58 26.78 48.26
N TYR B 301 27.95 26.77 47.09
CA TYR B 301 27.26 25.54 46.55
C TYR B 301 27.47 25.48 45.03
N PRO B 302 27.51 24.30 44.45
CA PRO B 302 27.77 24.23 43.00
C PRO B 302 26.53 24.58 42.13
N ILE B 303 26.01 25.78 42.32
CA ILE B 303 24.92 26.34 41.48
C ILE B 303 25.60 26.91 40.22
N VAL B 304 25.29 26.31 39.07
CA VAL B 304 25.91 26.65 37.77
C VAL B 304 24.96 27.36 36.80
N SER B 305 23.74 27.60 37.24
CA SER B 305 22.73 28.19 36.41
C SER B 305 21.72 28.91 37.27
N ILE B 306 21.37 30.13 36.87
CA ILE B 306 20.42 30.92 37.63
C ILE B 306 19.49 31.56 36.62
N GLU B 307 18.20 31.38 36.86
CA GLU B 307 17.16 31.84 35.97
C GLU B 307 16.47 33.05 36.59
N ASP B 308 16.28 34.09 35.80
CA ASP B 308 15.59 35.29 36.22
C ASP B 308 16.13 35.77 37.60
N GLY B 309 17.46 35.90 37.67
CA GLY B 309 18.13 36.47 38.83
C GLY B 309 17.84 37.91 39.19
N LEU B 310 17.19 38.66 38.28
CA LEU B 310 16.65 39.99 38.55
C LEU B 310 15.36 40.17 37.80
N ASP B 311 14.64 41.25 38.14
CA ASP B 311 13.35 41.57 37.49
C ASP B 311 13.57 41.68 35.97
N GLU B 312 12.54 41.34 35.19
CA GLU B 312 12.53 41.49 33.73
C GLU B 312 12.75 42.93 33.23
N SER B 313 12.32 43.94 33.98
CA SER B 313 12.56 45.38 33.63
C SER B 313 13.96 45.88 34.00
N ASP B 314 14.68 45.16 34.83
CA ASP B 314 15.99 45.62 35.34
C ASP B 314 17.17 45.26 34.43
N TRP B 315 17.21 45.87 33.27
CA TRP B 315 18.25 45.55 32.29
C TRP B 315 19.64 46.08 32.63
N ASP B 316 19.72 47.25 33.27
CA ASP B 316 21.01 47.74 33.83
C ASP B 316 21.58 46.74 34.82
N GLY B 317 20.72 46.26 35.72
CA GLY B 317 21.02 45.19 36.65
C GLY B 317 21.52 43.94 35.95
N PHE B 318 20.75 43.44 34.99
CA PHE B 318 21.17 42.22 34.27
C PHE B 318 22.48 42.43 33.53
N ALA B 319 22.72 43.63 33.00
CA ALA B 319 24.03 43.93 32.38
C ALA B 319 25.14 43.80 33.43
N TYR B 320 24.89 44.31 34.64
CA TYR B 320 25.88 44.14 35.72
C TYR B 320 26.04 42.64 36.18
N GLN B 321 24.92 41.94 36.45
CA GLN B 321 24.98 40.50 36.79
C GLN B 321 25.69 39.68 35.74
N THR B 322 25.44 39.98 34.49
CA THR B 322 26.15 39.25 33.44
C THR B 322 27.66 39.50 33.46
N LYS B 323 28.07 40.74 33.70
CA LYS B 323 29.51 41.07 33.75
C LYS B 323 30.18 40.26 34.83
N VAL B 324 29.55 40.29 36.00
CA VAL B 324 30.06 39.65 37.18
C VAL B 324 30.01 38.10 37.16
N LEU B 325 28.85 37.54 36.82
CA LEU B 325 28.62 36.07 36.94
C LEU B 325 28.77 35.32 35.63
N GLY B 326 28.45 36.00 34.52
CA GLY B 326 28.30 35.40 33.20
C GLY B 326 29.43 34.55 32.67
N ASP B 327 30.68 34.85 33.00
CA ASP B 327 31.80 33.97 32.59
C ASP B 327 31.72 32.57 33.20
N LYS B 328 31.21 32.48 34.41
CA LYS B 328 31.21 31.25 35.19
C LYS B 328 29.84 30.60 35.40
N ILE B 329 28.76 31.35 35.22
CA ILE B 329 27.39 30.92 35.53
C ILE B 329 26.47 31.11 34.33
N GLN B 330 25.58 30.14 34.11
CA GLN B 330 24.56 30.26 33.06
C GLN B 330 23.49 31.18 33.65
N LEU B 331 23.16 32.24 32.93
CA LEU B 331 22.15 33.17 33.38
C LEU B 331 20.97 33.07 32.42
N VAL B 332 19.83 32.51 32.89
CA VAL B 332 18.79 32.07 31.96
C VAL B 332 17.72 33.09 32.04
N GLY B 333 17.43 33.75 30.92
CA GLY B 333 16.22 34.60 30.89
C GLY B 333 14.95 33.80 30.62
N ASP B 334 13.92 33.98 31.46
CA ASP B 334 12.62 33.30 31.29
C ASP B 334 11.60 34.42 31.09
N ASP B 335 11.06 34.99 32.18
CA ASP B 335 10.31 36.24 32.16
C ASP B 335 11.04 37.39 31.40
N LEU B 336 12.38 37.39 31.45
CA LEU B 336 13.20 38.43 30.81
C LEU B 336 12.96 38.49 29.26
N PHE B 337 12.84 37.33 28.65
CA PHE B 337 12.72 37.23 27.17
C PHE B 337 11.35 36.71 26.66
N VAL B 338 10.61 35.98 27.50
CA VAL B 338 9.37 35.30 27.11
C VAL B 338 9.39 34.77 25.66
N THR B 339 10.46 34.05 25.30
CA THR B 339 10.58 33.40 23.97
C THR B 339 10.23 34.35 22.82
N ASN B 340 10.64 35.60 22.95
CA ASN B 340 10.31 36.64 21.98
C ASN B 340 11.66 37.08 21.37
N THR B 341 11.85 36.78 20.10
CA THR B 341 13.10 37.12 19.43
C THR B 341 13.42 38.64 19.34
N LYS B 342 12.40 39.50 19.37
CA LYS B 342 12.63 40.96 19.35
C LYS B 342 13.33 41.34 20.62
N ILE B 343 12.92 40.75 21.75
CA ILE B 343 13.53 41.04 23.04
C ILE B 343 14.90 40.35 23.16
N LEU B 344 14.99 39.12 22.71
CA LEU B 344 16.29 38.45 22.78
C LEU B 344 17.33 39.18 21.96
N LYS B 345 16.99 39.65 20.78
CA LYS B 345 18.01 40.26 19.94
C LYS B 345 18.59 41.49 20.66
N GLU B 346 17.68 42.25 21.27
CA GLU B 346 18.09 43.46 21.97
C GLU B 346 18.96 43.11 23.19
N GLY B 347 18.62 42.04 23.89
CA GLY B 347 19.40 41.56 25.03
C GLY B 347 20.79 41.12 24.64
N ILE B 348 20.87 40.38 23.54
CA ILE B 348 22.16 39.98 23.01
C ILE B 348 23.03 41.21 22.70
N GLU B 349 22.44 42.24 22.07
CA GLU B 349 23.21 43.47 21.72
C GLU B 349 23.71 44.17 22.98
N LYS B 350 22.89 44.15 24.05
CA LYS B 350 23.28 44.80 25.29
C LYS B 350 23.99 43.93 26.34
N GLY B 351 24.41 42.71 25.99
CA GLY B 351 25.11 41.81 26.96
C GLY B 351 24.25 41.38 28.16
N ILE B 352 23.00 41.02 27.90
CA ILE B 352 22.01 40.69 28.90
C ILE B 352 21.79 39.17 28.92
N ALA B 353 22.22 38.53 30.04
CA ALA B 353 22.08 37.11 30.29
C ALA B 353 22.89 36.36 29.26
N ASN B 354 22.95 35.04 29.37
CA ASN B 354 23.68 34.29 28.36
C ASN B 354 22.91 33.03 27.98
N SER B 355 21.62 33.01 28.30
CA SER B 355 20.83 31.79 28.06
C SER B 355 19.37 32.15 28.02
N ILE B 356 18.55 31.30 27.42
CA ILE B 356 17.14 31.57 27.29
C ILE B 356 16.35 30.28 27.43
N LEU B 357 15.24 30.37 28.16
CA LEU B 357 14.28 29.32 28.32
C LEU B 357 13.30 29.37 27.16
N ILE B 358 13.20 28.30 26.43
CA ILE B 358 12.35 28.25 25.26
C ILE B 358 11.02 27.59 25.58
N LYS B 359 9.97 28.40 25.53
CA LYS B 359 8.62 27.88 25.71
C LYS B 359 7.88 27.98 24.41
N PHE B 360 7.71 26.84 23.76
CA PHE B 360 7.22 26.93 22.40
C PHE B 360 5.81 27.50 22.34
N ASN B 361 5.01 27.39 23.40
CA ASN B 361 3.64 27.97 23.31
C ASN B 361 3.57 29.49 23.63
N GLN B 362 4.69 30.00 24.15
CA GLN B 362 4.92 31.43 24.37
C GLN B 362 5.22 32.25 23.09
N ILE B 363 5.80 31.59 22.08
CA ILE B 363 5.95 32.14 20.75
C ILE B 363 4.80 31.63 19.85
N GLY B 364 4.44 30.35 19.96
CA GLY B 364 3.22 29.82 19.32
C GLY B 364 3.32 29.01 18.06
N SER B 365 4.52 28.85 17.51
CA SER B 365 4.66 27.94 16.39
C SER B 365 6.00 27.26 16.35
N LEU B 366 6.04 26.11 15.66
CA LEU B 366 7.32 25.38 15.58
C LEU B 366 8.34 26.17 14.79
N THR B 367 7.93 26.76 13.65
CA THR B 367 8.89 27.55 12.81
C THR B 367 9.52 28.69 13.63
N GLU B 368 8.71 29.43 14.40
CA GLU B 368 9.28 30.56 15.16
C GLU B 368 10.09 30.01 16.33
N THR B 369 9.71 28.85 16.87
CA THR B 369 10.51 28.25 17.97
C THR B 369 11.92 27.90 17.47
N LEU B 370 11.98 27.34 16.28
CA LEU B 370 13.31 27.08 15.68
C LEU B 370 14.16 28.35 15.44
N ALA B 371 13.50 29.42 15.05
CA ALA B 371 14.17 30.72 14.87
C ALA B 371 14.66 31.31 16.19
N ALA B 372 13.90 31.10 17.27
CA ALA B 372 14.33 31.56 18.59
C ALA B 372 15.61 30.85 19.00
N ILE B 373 15.61 29.52 18.86
CA ILE B 373 16.76 28.71 19.24
C ILE B 373 17.97 29.04 18.39
N LYS B 374 17.75 29.28 17.10
CA LYS B 374 18.86 29.66 16.23
C LYS B 374 19.48 31.01 16.66
N MET B 375 18.65 31.99 17.02
CA MET B 375 19.16 33.31 17.39
C MET B 375 20.03 33.18 18.65
N ALA B 376 19.62 32.32 19.58
CA ALA B 376 20.35 32.09 20.80
C ALA B 376 21.67 31.45 20.49
N LYS B 377 21.63 30.34 19.77
CA LYS B 377 22.89 29.65 19.45
C LYS B 377 23.89 30.45 18.63
N ASP B 378 23.44 31.26 17.68
CA ASP B 378 24.39 32.05 16.87
C ASP B 378 25.08 33.12 17.74
N ALA B 379 24.46 33.53 18.85
CA ALA B 379 25.09 34.51 19.76
C ALA B 379 25.90 33.81 20.84
N GLY B 380 26.09 32.50 20.75
CA GLY B 380 26.67 31.73 21.86
C GLY B 380 25.79 31.63 23.14
N TYR B 381 24.51 32.01 23.10
CA TYR B 381 23.64 31.77 24.27
C TYR B 381 23.22 30.31 24.27
N THR B 382 22.83 29.77 25.43
CA THR B 382 22.25 28.41 25.44
C THR B 382 20.74 28.48 25.42
N ALA B 383 20.10 27.52 24.78
CA ALA B 383 18.67 27.43 24.79
C ALA B 383 18.27 26.21 25.65
N VAL B 384 17.40 26.41 26.61
CA VAL B 384 16.95 25.34 27.47
C VAL B 384 15.50 25.16 27.07
N ILE B 385 15.15 23.99 26.60
CA ILE B 385 13.79 23.71 26.17
C ILE B 385 12.94 23.46 27.40
N SER B 386 11.73 24.04 27.48
CA SER B 386 10.99 24.06 28.73
C SER B 386 9.59 23.56 28.61
N HIS B 387 9.16 23.01 29.72
CA HIS B 387 7.78 22.72 29.99
C HIS B 387 6.99 23.96 30.45
N ARG B 388 5.70 23.74 30.63
CA ARG B 388 4.89 24.71 31.29
C ARG B 388 4.32 24.07 32.58
N SER B 389 3.68 24.89 33.38
CA SER B 389 3.15 24.39 34.63
C SER B 389 1.95 23.44 34.36
N GLY B 390 1.16 23.69 33.31
CA GLY B 390 0.09 22.79 32.88
C GLY B 390 0.59 22.03 31.64
N GLU B 391 0.89 20.73 31.77
CA GLU B 391 1.42 19.94 30.70
C GLU B 391 0.37 18.95 30.27
N THR B 392 0.73 18.17 29.25
CA THR B 392 -0.06 17.00 28.89
C THR B 392 0.87 15.82 28.77
N GLU B 393 0.26 14.68 28.45
CA GLU B 393 0.90 13.45 27.98
C GLU B 393 1.83 13.66 26.78
N ASP B 394 1.53 14.62 25.91
CA ASP B 394 2.38 14.95 24.72
C ASP B 394 3.82 15.17 25.17
N ALA B 395 4.76 14.58 24.44
CA ALA B 395 6.19 14.63 24.76
C ALA B 395 7.06 15.28 23.67
N THR B 396 6.44 16.02 22.79
CA THR B 396 7.12 16.72 21.72
C THR B 396 8.36 17.52 22.18
N ILE B 397 8.36 18.10 23.37
CA ILE B 397 9.58 18.89 23.76
C ILE B 397 10.82 18.04 23.87
N ALA B 398 10.65 16.72 24.09
CA ALA B 398 11.78 15.79 24.05
C ALA B 398 12.34 15.68 22.61
N ASP B 399 11.49 15.42 21.65
CA ASP B 399 11.97 15.38 20.24
C ASP B 399 12.53 16.74 19.82
N LEU B 400 11.95 17.82 20.29
CA LEU B 400 12.41 19.15 19.94
C LEU B 400 13.81 19.37 20.43
N ALA B 401 14.04 19.03 21.69
CA ALA B 401 15.38 19.20 22.28
C ALA B 401 16.48 18.42 21.52
N VAL B 402 16.15 17.19 21.16
CA VAL B 402 17.08 16.30 20.46
C VAL B 402 17.32 16.77 19.01
N GLY B 403 16.27 17.13 18.32
CA GLY B 403 16.33 17.53 16.92
C GLY B 403 16.98 18.86 16.67
N THR B 404 17.02 19.73 17.68
CA THR B 404 17.72 21.03 17.59
C THR B 404 19.06 20.99 18.24
N ALA B 405 19.43 19.82 18.74
CA ALA B 405 20.61 19.66 19.63
C ALA B 405 20.67 20.76 20.70
N ALA B 406 19.55 21.06 21.34
CA ALA B 406 19.48 22.22 22.26
C ALA B 406 20.47 22.10 23.39
N GLY B 407 20.66 20.88 23.86
CA GLY B 407 21.66 20.56 24.84
C GLY B 407 21.11 20.53 26.28
N GLN B 408 19.99 21.19 26.56
CA GLN B 408 19.39 21.18 27.91
C GLN B 408 17.86 21.23 27.80
N ILE B 409 17.23 20.74 28.84
CA ILE B 409 15.81 20.68 28.95
C ILE B 409 15.39 20.85 30.42
N LYS B 410 14.26 21.50 30.64
CA LYS B 410 13.68 21.73 31.94
C LYS B 410 12.26 21.19 31.84
N THR B 411 12.07 19.93 32.17
CA THR B 411 10.77 19.29 32.00
C THR B 411 10.24 18.58 33.24
N GLY B 412 10.77 18.95 34.39
CA GLY B 412 10.16 18.63 35.69
C GLY B 412 10.98 17.69 36.57
N SER B 413 10.41 17.39 37.71
CA SER B 413 10.89 16.39 38.63
C SER B 413 10.68 15.04 38.05
N MET B 414 11.15 14.02 38.78
CA MET B 414 10.96 12.64 38.40
C MET B 414 9.67 12.00 38.97
N SER B 415 8.58 12.75 38.97
CA SER B 415 7.25 12.23 39.21
C SER B 415 6.22 13.02 38.41
N ARG B 416 5.06 12.40 38.22
CA ARG B 416 3.94 12.88 37.38
C ARG B 416 4.29 12.58 35.93
N SER B 417 3.45 11.81 35.25
CA SER B 417 3.63 11.47 33.86
C SER B 417 3.61 12.70 32.93
N ASP B 418 2.95 13.79 33.33
CA ASP B 418 3.11 15.09 32.61
C ASP B 418 4.54 15.51 32.43
N ARG B 419 5.38 15.09 33.38
CA ARG B 419 6.83 15.27 33.33
C ARG B 419 7.52 14.04 32.80
N VAL B 420 7.22 12.91 33.39
CA VAL B 420 7.99 11.70 33.14
C VAL B 420 7.76 11.17 31.75
N ALA B 421 6.65 11.50 31.08
CA ALA B 421 6.47 11.16 29.66
C ALA B 421 7.59 11.69 28.78
N LYS B 422 8.05 12.88 29.11
CA LYS B 422 9.16 13.46 28.42
C LYS B 422 10.40 12.67 28.66
N TYR B 423 10.67 12.29 29.90
CA TYR B 423 11.84 11.47 30.21
C TYR B 423 11.84 10.11 29.43
N ASN B 424 10.68 9.47 29.41
CA ASN B 424 10.50 8.23 28.72
C ASN B 424 10.79 8.38 27.23
N GLN B 425 10.29 9.44 26.62
CA GLN B 425 10.55 9.68 25.23
C GLN B 425 12.03 9.92 24.99
N LEU B 426 12.74 10.62 25.91
CA LEU B 426 14.22 10.79 25.73
C LEU B 426 14.92 9.42 25.73
N ILE B 427 14.43 8.53 26.61
CA ILE B 427 14.94 7.14 26.68
C ILE B 427 14.75 6.37 25.34
N ARG B 428 13.54 6.42 24.77
CA ARG B 428 13.27 5.79 23.46
C ARG B 428 14.12 6.40 22.37
N ILE B 429 14.29 7.71 22.38
CA ILE B 429 15.12 8.36 21.35
C ILE B 429 16.59 7.93 21.45
N GLU B 430 17.13 7.87 22.66
CA GLU B 430 18.52 7.51 22.85
C GLU B 430 18.74 6.01 22.60
N GLU B 431 17.75 5.18 22.90
CA GLU B 431 17.82 3.78 22.46
C GLU B 431 18.08 3.65 20.96
N ALA B 432 17.34 4.39 20.15
CA ALA B 432 17.43 4.29 18.69
C ALA B 432 18.69 4.96 18.16
N LEU B 433 19.10 6.06 18.78
CA LEU B 433 20.22 6.85 18.25
C LEU B 433 21.58 6.47 18.84
N GLY B 434 21.64 5.98 20.07
CA GLY B 434 22.91 5.72 20.72
C GLY B 434 23.90 6.90 20.65
N GLU B 435 25.12 6.65 20.18
CA GLU B 435 26.17 7.69 20.22
C GLU B 435 25.98 8.77 19.10
N LYS B 436 25.03 8.57 18.21
CA LYS B 436 24.63 9.59 17.30
C LYS B 436 23.95 10.74 18.02
N ALA B 437 23.48 10.52 19.25
CA ALA B 437 22.96 11.57 20.11
C ALA B 437 23.78 11.60 21.41
N PRO B 438 25.01 12.19 21.36
CA PRO B 438 25.85 12.18 22.55
C PRO B 438 25.14 12.90 23.70
N TYR B 439 25.38 12.43 24.91
CA TYR B 439 25.00 13.13 26.15
C TYR B 439 26.27 13.84 26.61
N ASN B 440 26.31 15.16 26.40
CA ASN B 440 27.56 15.93 26.60
C ASN B 440 27.81 16.40 28.04
N GLY B 441 26.82 16.30 28.93
CA GLY B 441 27.05 16.62 30.31
C GLY B 441 27.32 18.11 30.56
N ARG B 442 28.27 18.34 31.46
CA ARG B 442 28.53 19.68 31.97
C ARG B 442 28.87 20.70 30.89
N LYS B 443 29.51 20.26 29.81
CA LYS B 443 29.90 21.21 28.76
C LYS B 443 28.75 21.88 27.94
N GLU B 444 27.52 21.36 28.09
CA GLU B 444 26.35 22.07 27.52
C GLU B 444 26.04 23.33 28.26
N ILE B 445 26.55 23.45 29.49
CA ILE B 445 26.12 24.52 30.36
C ILE B 445 27.05 25.70 30.15
N LYS B 446 26.45 26.84 29.83
CA LYS B 446 27.13 28.10 29.67
C LYS B 446 27.91 28.42 30.96
N GLY B 447 29.17 28.79 30.75
CA GLY B 447 30.07 29.06 31.84
C GLY B 447 30.94 27.89 32.26
N GLN B 448 30.66 26.67 31.81
CA GLN B 448 31.61 25.51 32.08
C GLN B 448 32.77 25.37 31.03
N ALA B 449 33.93 24.84 31.44
CA ALA B 449 35.17 24.80 30.58
C ALA B 449 35.01 24.01 29.28
N GLN C 11 11.15 5.24 -9.55
CA GLN C 11 11.67 5.55 -8.19
C GLN C 11 11.00 4.70 -7.03
N GLN C 12 9.70 4.39 -7.02
CA GLN C 12 9.19 3.27 -6.19
C GLN C 12 8.72 2.06 -7.05
N MET C 13 9.09 0.84 -6.61
CA MET C 13 8.57 -0.47 -7.12
C MET C 13 7.28 -0.96 -6.40
N GLY C 14 6.17 -0.83 -7.12
CA GLY C 14 4.89 -1.40 -6.73
C GLY C 14 4.85 -2.89 -6.46
N ARG C 15 3.91 -3.28 -5.61
CA ARG C 15 3.67 -4.70 -5.29
C ARG C 15 3.47 -5.54 -6.54
N GLY C 16 2.88 -4.92 -7.58
CA GLY C 16 2.52 -5.60 -8.80
C GLY C 16 3.74 -6.09 -9.53
N SER C 17 4.85 -5.41 -9.32
CA SER C 17 6.13 -5.92 -9.84
C SER C 17 6.68 -7.15 -9.11
N MET C 18 6.19 -7.48 -7.92
CA MET C 18 6.70 -8.63 -7.20
C MET C 18 5.88 -9.88 -7.57
N SER C 19 6.09 -10.38 -8.79
CA SER C 19 5.29 -11.46 -9.37
C SER C 19 6.01 -12.81 -9.26
N LYS C 20 7.08 -12.89 -8.50
CA LYS C 20 7.68 -14.23 -8.22
C LYS C 20 6.79 -15.14 -7.34
N ILE C 21 6.76 -16.44 -7.69
CA ILE C 21 5.96 -17.38 -6.94
C ILE C 21 6.73 -17.57 -5.59
N VAL C 22 6.04 -17.47 -4.45
CA VAL C 22 6.59 -17.79 -3.13
C VAL C 22 6.04 -19.06 -2.48
N LYS C 23 4.84 -19.51 -2.90
CA LYS C 23 4.26 -20.72 -2.41
C LYS C 23 3.26 -21.28 -3.41
N ILE C 24 3.20 -22.61 -3.47
CA ILE C 24 2.16 -23.32 -4.22
C ILE C 24 1.61 -24.38 -3.29
N ILE C 25 0.29 -24.42 -3.17
CA ILE C 25 -0.45 -25.38 -2.35
C ILE C 25 -1.37 -26.16 -3.28
N GLY C 26 -1.38 -27.48 -3.11
CA GLY C 26 -2.35 -28.37 -3.74
C GLY C 26 -3.24 -29.08 -2.73
N ARG C 27 -4.48 -29.42 -3.11
CA ARG C 27 -5.31 -30.17 -2.26
C ARG C 27 -6.32 -30.95 -3.09
N GLU C 28 -6.88 -31.97 -2.46
CA GLU C 28 -7.95 -32.79 -3.02
C GLU C 28 -9.32 -32.22 -2.59
N ILE C 29 -10.06 -31.71 -3.56
CA ILE C 29 -11.44 -31.28 -3.44
C ILE C 29 -12.30 -32.28 -4.20
N ILE C 30 -13.59 -31.98 -4.33
CA ILE C 30 -14.61 -32.89 -4.91
C ILE C 30 -15.24 -32.21 -6.10
N ASP C 31 -15.44 -32.99 -7.17
CA ASP C 31 -16.06 -32.48 -8.39
C ASP C 31 -17.58 -32.68 -8.34
N SER C 32 -18.26 -32.32 -9.42
CA SER C 32 -19.70 -32.32 -9.50
C SER C 32 -20.37 -33.68 -9.55
N ARG C 33 -19.59 -34.73 -9.72
CA ARG C 33 -20.07 -36.10 -9.66
C ARG C 33 -19.70 -36.71 -8.34
N GLY C 34 -19.02 -35.98 -7.46
CA GLY C 34 -18.64 -36.53 -6.16
C GLY C 34 -17.33 -37.23 -6.13
N ASN C 35 -16.57 -37.11 -7.24
CA ASN C 35 -15.22 -37.66 -7.23
C ASN C 35 -14.13 -36.64 -6.93
N PRO C 36 -13.01 -37.09 -6.42
CA PRO C 36 -11.95 -36.12 -6.13
C PRO C 36 -11.34 -35.48 -7.35
N THR C 37 -10.83 -34.26 -7.20
CA THR C 37 -9.99 -33.66 -8.23
C THR C 37 -8.99 -32.74 -7.53
N VAL C 38 -8.08 -32.20 -8.31
CA VAL C 38 -6.96 -31.43 -7.81
C VAL C 38 -7.30 -29.93 -7.86
N GLU C 39 -7.02 -29.23 -6.77
CA GLU C 39 -7.03 -27.73 -6.72
C GLU C 39 -5.68 -27.24 -6.35
N ALA C 40 -5.27 -26.17 -6.97
CA ALA C 40 -4.00 -25.54 -6.64
C ALA C 40 -4.19 -24.09 -6.37
N GLU C 41 -3.33 -23.54 -5.52
CA GLU C 41 -3.25 -22.11 -5.22
C GLU C 41 -1.84 -21.72 -5.49
N VAL C 42 -1.63 -20.61 -6.18
CA VAL C 42 -0.30 -20.08 -6.38
C VAL C 42 -0.26 -18.72 -5.73
N HIS C 43 0.74 -18.46 -4.89
CA HIS C 43 0.86 -17.24 -4.14
C HIS C 43 2.10 -16.56 -4.63
N LEU C 44 2.01 -15.25 -4.85
CA LEU C 44 3.15 -14.50 -5.34
C LEU C 44 3.71 -13.61 -4.23
N GLU C 45 4.93 -13.16 -4.42
CA GLU C 45 5.60 -12.32 -3.39
C GLU C 45 4.79 -11.07 -3.00
N GLY C 46 4.20 -10.38 -3.98
CA GLY C 46 3.47 -9.13 -3.67
C GLY C 46 2.14 -9.33 -2.99
N GLY C 47 1.76 -10.59 -2.69
CA GLY C 47 0.51 -10.89 -1.98
C GLY C 47 -0.59 -11.45 -2.88
N PHE C 48 -0.32 -11.70 -4.17
CA PHE C 48 -1.39 -12.06 -5.11
C PHE C 48 -1.56 -13.58 -5.03
N VAL C 49 -2.81 -14.06 -5.11
CA VAL C 49 -3.13 -15.48 -5.11
C VAL C 49 -4.05 -15.83 -6.26
N GLY C 50 -3.80 -16.95 -6.94
CA GLY C 50 -4.77 -17.51 -7.86
C GLY C 50 -5.06 -18.95 -7.44
N MET C 51 -6.30 -19.39 -7.68
CA MET C 51 -6.75 -20.72 -7.28
C MET C 51 -7.51 -21.27 -8.45
N ALA C 52 -7.27 -22.53 -8.78
CA ALA C 52 -8.05 -23.17 -9.83
C ALA C 52 -8.12 -24.63 -9.59
N ALA C 53 -9.05 -25.28 -10.30
CA ALA C 53 -9.20 -26.73 -10.19
C ALA C 53 -9.31 -27.40 -11.54
N ALA C 54 -8.98 -28.69 -11.58
CA ALA C 54 -9.01 -29.46 -12.81
C ALA C 54 -10.33 -30.13 -12.93
N PRO C 55 -10.95 -30.06 -14.10
CA PRO C 55 -12.14 -30.87 -14.36
C PRO C 55 -11.74 -32.25 -14.73
N SER C 56 -12.72 -33.11 -14.94
CA SER C 56 -12.49 -34.52 -15.24
C SER C 56 -13.61 -35.09 -16.14
N GLY C 57 -13.25 -35.75 -17.24
CA GLY C 57 -14.20 -36.41 -18.08
C GLY C 57 -14.70 -37.76 -17.60
N ALA C 58 -15.95 -38.08 -17.97
CA ALA C 58 -16.57 -39.32 -17.60
C ALA C 58 -16.02 -40.39 -18.50
N SER C 59 -15.95 -40.08 -19.78
CA SER C 59 -15.17 -40.89 -20.68
C SER C 59 -14.10 -39.97 -21.29
N THR C 60 -12.91 -40.50 -21.53
CA THR C 60 -11.81 -39.70 -22.04
C THR C 60 -11.38 -40.24 -23.40
N GLY C 61 -10.95 -39.38 -24.32
CA GLY C 61 -10.31 -39.86 -25.52
C GLY C 61 -9.06 -40.63 -25.14
N SER C 62 -8.75 -41.67 -25.91
CA SER C 62 -7.57 -42.50 -25.64
C SER C 62 -6.26 -41.69 -25.70
N ARG C 63 -6.17 -40.59 -26.43
CA ARG C 63 -4.92 -39.77 -26.45
C ARG C 63 -4.89 -38.57 -25.50
N GLU C 64 -5.84 -38.50 -24.58
CA GLU C 64 -5.82 -37.45 -23.56
C GLU C 64 -4.48 -37.56 -22.80
N ALA C 65 -3.93 -36.42 -22.44
CA ALA C 65 -2.93 -36.36 -21.38
C ALA C 65 -3.55 -37.03 -20.14
N LEU C 66 -2.70 -37.62 -19.30
CA LEU C 66 -3.18 -38.55 -18.33
C LEU C 66 -3.67 -37.85 -17.10
N GLU C 67 -4.87 -38.19 -16.71
CA GLU C 67 -5.41 -37.77 -15.43
C GLU C 67 -4.92 -38.81 -14.46
N LEU C 68 -4.00 -38.45 -13.58
CA LEU C 68 -3.48 -39.33 -12.53
C LEU C 68 -4.46 -39.55 -11.33
N ARG C 69 -4.91 -40.81 -11.18
CA ARG C 69 -5.66 -41.30 -10.01
C ARG C 69 -4.90 -42.35 -9.17
N ASP C 70 -5.31 -42.54 -7.92
CA ASP C 70 -4.57 -43.38 -6.97
C ASP C 70 -4.79 -44.91 -7.15
N GLY C 71 -5.99 -45.33 -7.52
CA GLY C 71 -6.35 -46.76 -7.58
C GLY C 71 -6.46 -47.47 -6.21
N ASP C 72 -6.62 -46.73 -5.12
CA ASP C 72 -6.71 -47.31 -3.77
C ASP C 72 -8.19 -47.52 -3.50
N LYS C 73 -8.64 -48.76 -3.60
CA LYS C 73 -10.06 -49.02 -3.50
C LYS C 73 -10.59 -48.69 -2.09
N SER C 74 -9.70 -48.52 -1.10
CA SER C 74 -10.20 -48.15 0.20
C SER C 74 -10.54 -46.63 0.33
N ARG C 75 -10.22 -45.78 -0.70
CA ARG C 75 -10.70 -44.38 -0.72
C ARG C 75 -11.42 -44.00 -2.03
N PHE C 76 -12.63 -43.52 -1.94
CA PHE C 76 -13.35 -43.01 -3.14
C PHE C 76 -13.46 -44.04 -4.29
N LEU C 77 -13.56 -45.32 -3.93
CA LEU C 77 -13.63 -46.40 -4.89
C LEU C 77 -12.46 -46.36 -5.87
N GLY C 78 -11.27 -45.99 -5.41
CA GLY C 78 -10.10 -45.87 -6.29
C GLY C 78 -9.84 -44.56 -6.99
N LYS C 79 -10.65 -43.55 -6.74
CA LYS C 79 -10.55 -42.33 -7.51
C LYS C 79 -9.86 -41.14 -6.78
N GLY C 80 -9.11 -41.43 -5.72
CA GLY C 80 -8.34 -40.40 -5.01
C GLY C 80 -7.34 -39.77 -5.95
N VAL C 81 -6.92 -38.54 -5.63
CA VAL C 81 -5.87 -37.89 -6.38
C VAL C 81 -4.77 -37.39 -5.44
N THR C 82 -4.46 -38.16 -4.40
CA THR C 82 -3.35 -37.84 -3.53
C THR C 82 -2.01 -37.80 -4.22
N LYS C 83 -1.82 -38.67 -5.21
CA LYS C 83 -0.55 -38.61 -5.95
C LYS C 83 -0.34 -37.33 -6.76
N ALA C 84 -1.34 -36.92 -7.51
CA ALA C 84 -1.31 -35.64 -8.23
C ALA C 84 -1.16 -34.49 -7.27
N VAL C 85 -1.90 -34.50 -6.17
CA VAL C 85 -1.80 -33.44 -5.18
C VAL C 85 -0.38 -33.33 -4.60
N ALA C 86 0.21 -34.47 -4.31
CA ALA C 86 1.61 -34.56 -3.84
C ALA C 86 2.60 -33.96 -4.82
N ALA C 87 2.41 -34.24 -6.10
CA ALA C 87 3.20 -33.59 -7.14
C ALA C 87 3.10 -32.07 -7.14
N VAL C 88 1.91 -31.54 -6.86
CA VAL C 88 1.75 -30.11 -6.75
C VAL C 88 2.53 -29.58 -5.53
N ASN C 89 2.31 -30.19 -4.36
CA ASN C 89 2.90 -29.70 -3.12
C ASN C 89 4.38 -29.94 -3.05
N GLY C 90 4.91 -30.97 -3.72
CA GLY C 90 6.32 -31.28 -3.71
C GLY C 90 7.12 -30.73 -4.88
N PRO C 91 7.38 -31.55 -5.89
CA PRO C 91 8.31 -31.15 -6.93
C PRO C 91 7.84 -30.01 -7.87
N ILE C 92 6.56 -29.92 -8.18
CA ILE C 92 6.09 -28.80 -8.96
C ILE C 92 6.33 -27.48 -8.21
N ALA C 93 5.82 -27.37 -6.98
CA ALA C 93 6.04 -26.21 -6.10
C ALA C 93 7.49 -25.78 -6.06
N GLN C 94 8.34 -26.72 -5.74
CA GLN C 94 9.77 -26.48 -5.64
C GLN C 94 10.45 -25.97 -6.91
N ALA C 95 10.06 -26.52 -8.07
CA ALA C 95 10.59 -26.06 -9.33
C ALA C 95 10.14 -24.66 -9.69
N LEU C 96 9.03 -24.20 -9.13
CA LEU C 96 8.48 -22.87 -9.52
C LEU C 96 8.71 -21.73 -8.50
N ILE C 97 9.09 -22.05 -7.27
CA ILE C 97 9.39 -21.01 -6.29
C ILE C 97 10.41 -20.10 -6.95
N GLY C 98 10.12 -18.79 -7.00
CA GLY C 98 11.06 -17.81 -7.52
C GLY C 98 10.98 -17.54 -9.02
N LYS C 99 9.99 -18.12 -9.70
CA LYS C 99 9.81 -17.89 -11.14
C LYS C 99 8.71 -16.88 -11.28
N ASP C 100 8.83 -16.08 -12.32
CA ASP C 100 7.88 -15.01 -12.61
C ASP C 100 6.52 -15.58 -13.17
N ALA C 101 5.46 -15.52 -12.37
CA ALA C 101 4.10 -15.98 -12.80
C ALA C 101 3.61 -15.29 -14.12
N LYS C 102 4.07 -14.08 -14.39
CA LYS C 102 3.63 -13.39 -15.59
C LYS C 102 4.11 -14.08 -16.85
N ASP C 103 5.17 -14.86 -16.75
CA ASP C 103 5.70 -15.56 -17.91
C ASP C 103 5.02 -16.97 -18.03
N GLN C 104 3.80 -16.99 -18.50
CA GLN C 104 3.02 -18.26 -18.52
C GLN C 104 3.67 -19.38 -19.23
N ALA C 105 4.20 -19.07 -20.42
CA ALA C 105 4.89 -20.06 -21.27
C ALA C 105 6.10 -20.65 -20.54
N GLY C 106 6.90 -19.80 -19.89
CA GLY C 106 8.01 -20.32 -19.08
C GLY C 106 7.55 -21.22 -17.91
N ILE C 107 6.52 -20.81 -17.20
CA ILE C 107 6.02 -21.59 -16.08
C ILE C 107 5.54 -22.95 -16.58
N ASP C 108 4.67 -22.93 -17.61
CA ASP C 108 4.22 -24.19 -18.24
C ASP C 108 5.35 -25.08 -18.72
N LYS C 109 6.36 -24.48 -19.33
CA LYS C 109 7.49 -25.26 -19.81
C LYS C 109 8.29 -25.91 -18.67
N ILE C 110 8.49 -25.21 -17.57
CA ILE C 110 9.17 -25.81 -16.42
C ILE C 110 8.42 -27.06 -15.97
N MET C 111 7.09 -27.00 -15.87
CA MET C 111 6.35 -28.19 -15.41
C MET C 111 6.44 -29.33 -16.42
N ILE C 112 6.24 -28.98 -17.68
CA ILE C 112 6.28 -29.94 -18.78
C ILE C 112 7.62 -30.66 -18.84
N ASP C 113 8.75 -29.91 -18.80
CA ASP C 113 10.05 -30.51 -18.94
C ASP C 113 10.32 -31.35 -17.69
N LEU C 114 9.90 -30.88 -16.52
CA LEU C 114 10.15 -31.62 -15.31
C LEU C 114 9.39 -32.93 -15.22
N ASP C 115 8.15 -32.96 -15.72
CA ASP C 115 7.38 -34.18 -15.73
C ASP C 115 8.11 -35.09 -16.70
N GLY C 116 8.52 -34.54 -17.84
CA GLY C 116 9.37 -35.27 -18.77
C GLY C 116 8.72 -36.27 -19.69
N THR C 117 7.42 -36.51 -19.61
CA THR C 117 6.78 -37.55 -20.48
C THR C 117 5.87 -36.89 -21.48
N GLU C 118 5.54 -37.61 -22.57
CA GLU C 118 4.68 -37.07 -23.60
C GLU C 118 3.28 -36.70 -23.09
N ASN C 119 2.71 -37.52 -22.21
CA ASN C 119 1.32 -37.36 -21.75
C ASN C 119 1.16 -36.93 -20.31
N LYS C 120 2.20 -36.33 -19.75
CA LYS C 120 2.17 -35.85 -18.42
C LYS C 120 1.81 -36.88 -17.40
N SER C 121 2.29 -38.09 -17.62
CA SER C 121 1.94 -39.21 -16.77
C SER C 121 2.76 -39.41 -15.51
N LYS C 122 3.78 -38.60 -15.26
CA LYS C 122 4.52 -38.64 -14.01
C LYS C 122 3.78 -37.88 -12.87
N PHE C 123 3.49 -36.60 -13.09
CA PHE C 123 2.75 -35.80 -12.13
C PHE C 123 1.22 -35.87 -12.32
N GLY C 124 0.78 -36.22 -13.54
CA GLY C 124 -0.65 -36.06 -13.96
C GLY C 124 -0.94 -34.70 -14.60
N ALA C 125 -1.66 -34.72 -15.72
CA ALA C 125 -2.20 -33.55 -16.35
C ALA C 125 -3.10 -32.75 -15.40
N ASN C 126 -3.75 -33.45 -14.46
CA ASN C 126 -4.52 -32.78 -13.45
C ASN C 126 -3.69 -31.92 -12.49
N ALA C 127 -2.53 -32.40 -12.04
CA ALA C 127 -1.60 -31.62 -11.22
C ALA C 127 -1.14 -30.37 -12.00
N ILE C 128 -0.59 -30.62 -13.19
CA ILE C 128 0.03 -29.57 -13.98
C ILE C 128 -1.00 -28.52 -14.40
N LEU C 129 -2.15 -28.97 -14.89
CA LEU C 129 -3.17 -28.02 -15.29
C LEU C 129 -3.68 -27.10 -14.17
N ALA C 130 -3.90 -27.67 -13.01
CA ALA C 130 -4.37 -26.88 -11.86
C ALA C 130 -3.37 -25.73 -11.50
N VAL C 131 -2.11 -26.09 -11.43
CA VAL C 131 -1.09 -25.09 -11.23
C VAL C 131 -1.04 -24.10 -12.40
N SER C 132 -1.19 -24.58 -13.64
CA SER C 132 -1.03 -23.72 -14.83
C SER C 132 -2.09 -22.63 -14.81
N LEU C 133 -3.32 -23.01 -14.49
CA LEU C 133 -4.44 -22.04 -14.38
C LEU C 133 -4.38 -21.16 -13.12
N ALA C 134 -4.10 -21.72 -11.95
CA ALA C 134 -3.92 -20.89 -10.75
C ALA C 134 -2.81 -19.85 -10.93
N ASN C 135 -1.77 -20.24 -11.65
CA ASN C 135 -0.68 -19.33 -11.95
C ASN C 135 -1.14 -18.12 -12.79
N ALA C 136 -1.91 -18.41 -13.83
CA ALA C 136 -2.44 -17.41 -14.78
C ALA C 136 -3.35 -16.45 -13.99
N LYS C 137 -4.15 -16.98 -13.06
CA LYS C 137 -4.99 -16.11 -12.25
C LYS C 137 -4.19 -15.18 -11.31
N ALA C 138 -3.17 -15.76 -10.71
CA ALA C 138 -2.30 -15.00 -9.84
C ALA C 138 -1.60 -13.88 -10.62
N ALA C 139 -1.18 -14.17 -11.85
CA ALA C 139 -0.48 -13.19 -12.65
C ALA C 139 -1.42 -12.09 -13.09
N ALA C 140 -2.65 -12.47 -13.41
CA ALA C 140 -3.67 -11.48 -13.73
C ALA C 140 -3.85 -10.48 -12.58
N ALA C 141 -3.95 -10.98 -11.36
CA ALA C 141 -4.09 -10.12 -10.19
C ALA C 141 -2.84 -9.18 -10.04
N ALA C 142 -1.65 -9.72 -10.26
CA ALA C 142 -0.41 -8.94 -10.15
C ALA C 142 -0.34 -7.87 -11.24
N LYS C 143 -0.93 -8.14 -12.42
CA LYS C 143 -0.93 -7.18 -13.53
C LYS C 143 -2.09 -6.19 -13.39
N GLY C 144 -2.89 -6.37 -12.35
CA GLY C 144 -4.00 -5.51 -12.05
C GLY C 144 -5.18 -5.64 -12.98
N MET C 145 -5.55 -6.86 -13.33
CA MET C 145 -6.49 -7.02 -14.38
C MET C 145 -7.31 -8.32 -14.26
N PRO C 146 -8.49 -8.35 -14.88
CA PRO C 146 -9.25 -9.60 -14.88
C PRO C 146 -8.59 -10.70 -15.70
N LEU C 147 -8.97 -11.94 -15.44
CA LEU C 147 -8.38 -13.02 -16.15
C LEU C 147 -8.53 -12.90 -17.68
N TYR C 148 -9.71 -12.53 -18.13
CA TYR C 148 -9.98 -12.44 -19.60
C TYR C 148 -9.01 -11.49 -20.28
N GLU C 149 -8.71 -10.38 -19.61
CA GLU C 149 -7.76 -9.41 -20.17
C GLU C 149 -6.35 -9.98 -20.22
N HIS C 150 -5.93 -10.64 -19.12
CA HIS C 150 -4.64 -11.33 -19.09
C HIS C 150 -4.53 -12.44 -20.14
N ILE C 151 -5.54 -13.28 -20.24
CA ILE C 151 -5.56 -14.30 -21.28
C ILE C 151 -5.36 -13.75 -22.68
N ALA C 152 -6.03 -12.66 -22.99
CA ALA C 152 -5.92 -12.04 -24.32
C ALA C 152 -4.50 -11.56 -24.56
N GLU C 153 -3.83 -11.13 -23.52
CA GLU C 153 -2.38 -10.74 -23.66
C GLU C 153 -1.49 -11.96 -23.78
N LEU C 154 -1.74 -13.01 -23.01
CA LEU C 154 -1.05 -14.29 -23.20
C LEU C 154 -1.27 -14.90 -24.61
N ASN C 155 -2.42 -14.63 -25.16
CA ASN C 155 -2.87 -15.19 -26.43
C ASN C 155 -2.33 -14.46 -27.64
N GLY C 156 -1.68 -13.34 -27.41
CA GLY C 156 -1.09 -12.57 -28.48
C GLY C 156 -2.14 -11.74 -29.22
N THR C 157 -3.29 -11.50 -28.58
CA THR C 157 -4.42 -10.74 -29.17
C THR C 157 -4.98 -9.73 -28.15
N PRO C 158 -4.19 -8.73 -27.76
CA PRO C 158 -4.57 -7.82 -26.66
C PRO C 158 -5.78 -6.98 -26.95
N GLY C 159 -6.64 -6.85 -25.95
CA GLY C 159 -7.88 -6.11 -26.12
C GLY C 159 -8.90 -6.68 -27.10
N LYS C 160 -8.77 -7.93 -27.54
CA LYS C 160 -9.67 -8.49 -28.54
C LYS C 160 -10.54 -9.47 -27.87
N TYR C 161 -11.85 -9.22 -27.86
CA TYR C 161 -12.75 -10.05 -27.08
C TYR C 161 -14.04 -10.35 -27.82
N SER C 162 -14.73 -11.41 -27.41
CA SER C 162 -16.09 -11.69 -27.87
C SER C 162 -16.84 -12.47 -26.79
N MET C 163 -18.16 -12.36 -26.78
CA MET C 163 -18.95 -13.19 -25.90
C MET C 163 -19.37 -14.41 -26.72
N PRO C 164 -19.14 -15.63 -26.19
CA PRO C 164 -19.28 -16.79 -27.05
C PRO C 164 -20.73 -17.28 -27.11
N VAL C 165 -21.05 -17.86 -28.26
CA VAL C 165 -22.36 -18.44 -28.49
C VAL C 165 -22.34 -19.81 -27.86
N PRO C 166 -23.19 -20.05 -26.84
CA PRO C 166 -23.21 -21.30 -26.19
C PRO C 166 -24.03 -22.35 -26.88
N MET C 167 -23.64 -23.61 -26.74
CA MET C 167 -24.48 -24.74 -27.10
C MET C 167 -24.75 -25.49 -25.78
N MET C 168 -26.06 -25.63 -25.50
CA MET C 168 -26.57 -26.09 -24.21
C MET C 168 -27.18 -27.47 -24.28
N ASN C 169 -26.50 -28.45 -23.67
CA ASN C 169 -26.91 -29.88 -23.66
C ASN C 169 -28.15 -30.11 -22.78
N ILE C 170 -29.34 -29.96 -23.37
CA ILE C 170 -30.60 -30.07 -22.59
C ILE C 170 -31.26 -31.46 -22.63
N ILE C 171 -30.82 -32.32 -23.57
CA ILE C 171 -31.26 -33.75 -23.63
C ILE C 171 -29.99 -34.64 -23.71
N ASN C 172 -29.80 -35.50 -22.70
CA ASN C 172 -28.62 -36.37 -22.51
C ASN C 172 -28.89 -37.80 -23.04
N GLY C 173 -27.86 -38.40 -23.63
CA GLY C 173 -27.91 -39.79 -24.05
C GLY C 173 -26.58 -40.50 -23.89
N GLY C 174 -26.43 -41.61 -24.57
CA GLY C 174 -25.16 -42.28 -24.66
C GLY C 174 -24.74 -42.87 -23.35
N GLU C 175 -23.46 -43.14 -23.30
CA GLU C 175 -22.93 -44.06 -22.31
C GLU C 175 -23.04 -43.50 -20.86
N HIS C 176 -23.02 -42.15 -20.65
CA HIS C 176 -23.15 -41.56 -19.27
C HIS C 176 -24.42 -40.70 -19.09
N ALA C 177 -25.52 -41.46 -18.94
CA ALA C 177 -26.89 -40.99 -18.78
C ALA C 177 -27.78 -42.22 -18.92
N ASP C 178 -28.75 -42.33 -18.02
CA ASP C 178 -29.42 -43.58 -17.67
C ASP C 178 -30.61 -43.96 -18.61
N ASN C 179 -30.39 -44.12 -19.91
CA ASN C 179 -31.53 -44.21 -20.86
C ASN C 179 -31.22 -44.98 -22.15
N ASN C 180 -32.14 -44.93 -23.13
CA ASN C 180 -32.06 -45.68 -24.42
C ASN C 180 -31.76 -44.80 -25.69
N VAL C 181 -30.99 -43.73 -25.47
CA VAL C 181 -30.62 -42.79 -26.55
C VAL C 181 -29.10 -42.87 -26.71
N ASP C 182 -28.65 -42.93 -27.96
CA ASP C 182 -27.25 -43.27 -28.22
C ASP C 182 -26.36 -42.02 -28.29
N ILE C 183 -26.87 -41.00 -28.99
CA ILE C 183 -26.17 -39.77 -29.20
C ILE C 183 -26.06 -39.12 -27.83
N GLN C 184 -24.85 -38.67 -27.50
CA GLN C 184 -24.57 -38.22 -26.13
C GLN C 184 -25.24 -36.91 -25.77
N GLU C 185 -25.18 -35.93 -26.67
CA GLU C 185 -25.66 -34.57 -26.36
C GLU C 185 -26.48 -33.97 -27.45
N PHE C 186 -27.67 -33.49 -27.11
CA PHE C 186 -28.49 -32.65 -28.00
C PHE C 186 -28.58 -31.25 -27.40
N MET C 187 -28.19 -30.27 -28.18
CA MET C 187 -27.98 -28.93 -27.66
C MET C 187 -28.70 -27.86 -28.48
N ILE C 188 -29.08 -26.81 -27.79
CA ILE C 188 -29.60 -25.59 -28.41
C ILE C 188 -28.54 -24.52 -28.38
N GLN C 189 -28.55 -23.67 -29.39
CA GLN C 189 -27.68 -22.49 -29.50
C GLN C 189 -28.56 -21.28 -29.77
N PRO C 190 -28.66 -20.32 -28.80
CA PRO C 190 -29.43 -19.06 -28.97
C PRO C 190 -28.76 -18.07 -29.89
N VAL C 191 -28.64 -18.46 -31.15
CA VAL C 191 -28.04 -17.61 -32.13
C VAL C 191 -28.76 -16.27 -32.37
N GLY C 192 -30.05 -16.19 -32.12
CA GLY C 192 -30.75 -14.93 -32.33
C GLY C 192 -30.60 -13.88 -31.26
N ALA C 193 -30.04 -14.26 -30.10
CA ALA C 193 -29.74 -13.32 -29.00
C ALA C 193 -28.85 -12.21 -29.49
N LYS C 194 -29.00 -11.04 -28.86
CA LYS C 194 -28.11 -9.87 -29.05
C LYS C 194 -26.93 -9.75 -28.09
N THR C 195 -27.02 -10.42 -26.94
CA THR C 195 -26.02 -10.43 -25.88
C THR C 195 -25.97 -11.85 -25.32
N VAL C 196 -24.89 -12.19 -24.63
CA VAL C 196 -24.86 -13.49 -24.00
C VAL C 196 -25.84 -13.47 -22.81
N LYS C 197 -26.04 -12.32 -22.16
CA LYS C 197 -27.07 -12.25 -21.09
C LYS C 197 -28.42 -12.76 -21.64
N GLU C 198 -28.79 -12.29 -22.84
CA GLU C 198 -30.03 -12.67 -23.46
C GLU C 198 -30.04 -14.15 -23.88
N ALA C 199 -28.95 -14.61 -24.47
CA ALA C 199 -28.84 -16.02 -24.83
C ALA C 199 -29.01 -16.93 -23.63
N ILE C 200 -28.51 -16.51 -22.50
CA ILE C 200 -28.67 -17.29 -21.26
C ILE C 200 -30.13 -17.41 -20.83
N ARG C 201 -30.83 -16.28 -20.85
CA ARG C 201 -32.28 -16.25 -20.58
C ARG C 201 -33.10 -17.15 -21.53
N MET C 202 -32.83 -17.02 -22.81
CA MET C 202 -33.39 -17.89 -23.85
C MET C 202 -33.21 -19.34 -23.56
N GLY C 203 -31.99 -19.72 -23.22
CA GLY C 203 -31.72 -21.12 -22.77
C GLY C 203 -32.52 -21.58 -21.56
N SER C 204 -32.55 -20.72 -20.54
CA SER C 204 -33.34 -21.02 -19.32
C SER C 204 -34.79 -21.29 -19.68
N GLU C 205 -35.38 -20.40 -20.47
CA GLU C 205 -36.85 -20.49 -20.78
C GLU C 205 -37.12 -21.81 -21.57
N VAL C 206 -36.28 -22.16 -22.54
CA VAL C 206 -36.48 -23.36 -23.35
C VAL C 206 -36.34 -24.55 -22.48
N PHE C 207 -35.35 -24.48 -21.64
CA PHE C 207 -35.07 -25.58 -20.77
C PHE C 207 -36.24 -25.82 -19.85
N HIS C 208 -36.82 -24.75 -19.35
CA HIS C 208 -37.96 -24.91 -18.40
C HIS C 208 -39.22 -25.43 -19.14
N HIS C 209 -39.43 -24.95 -20.38
CA HIS C 209 -40.54 -25.39 -21.24
C HIS C 209 -40.38 -26.81 -21.62
N LEU C 210 -39.12 -27.26 -21.77
CA LEU C 210 -38.84 -28.67 -22.03
C LEU C 210 -39.23 -29.53 -20.85
N ALA C 211 -38.97 -29.10 -19.64
CA ALA C 211 -39.45 -29.89 -18.51
C ALA C 211 -40.98 -30.15 -18.64
N LYS C 212 -41.74 -29.14 -19.06
CA LYS C 212 -43.21 -29.30 -19.21
C LYS C 212 -43.59 -30.22 -20.32
N VAL C 213 -42.90 -30.07 -21.45
CA VAL C 213 -43.09 -30.98 -22.56
C VAL C 213 -42.88 -32.43 -22.08
N LEU C 214 -41.84 -32.68 -21.31
CA LEU C 214 -41.56 -34.06 -20.93
C LEU C 214 -42.56 -34.58 -19.91
N LYS C 215 -42.89 -33.76 -18.91
CA LYS C 215 -43.88 -34.12 -17.87
C LYS C 215 -45.24 -34.53 -18.52
N ALA C 216 -45.67 -33.79 -19.54
CA ALA C 216 -46.94 -34.05 -20.27
C ALA C 216 -46.96 -35.40 -20.95
N LYS C 217 -45.81 -35.84 -21.45
CA LYS C 217 -45.66 -37.19 -22.01
C LYS C 217 -45.30 -38.29 -20.98
N GLY C 218 -45.41 -37.98 -19.69
CA GLY C 218 -45.00 -38.90 -18.60
C GLY C 218 -43.51 -39.21 -18.47
N MET C 219 -42.67 -38.37 -19.04
CA MET C 219 -41.23 -38.65 -19.01
C MET C 219 -40.55 -37.97 -17.84
N ASN C 220 -39.35 -38.46 -17.53
CA ASN C 220 -38.69 -38.16 -16.28
C ASN C 220 -37.89 -36.86 -16.46
N THR C 221 -37.96 -35.99 -15.48
CA THR C 221 -37.29 -34.70 -15.51
C THR C 221 -36.19 -34.51 -14.46
N ALA C 222 -35.69 -35.59 -13.86
CA ALA C 222 -34.40 -35.54 -13.18
C ALA C 222 -33.25 -35.30 -14.22
N VAL C 223 -32.07 -34.89 -13.77
CA VAL C 223 -31.02 -34.42 -14.69
C VAL C 223 -29.77 -35.30 -14.64
N GLY C 224 -29.04 -35.36 -15.76
CA GLY C 224 -27.76 -36.06 -15.80
C GLY C 224 -26.61 -35.16 -15.34
N ASP C 225 -25.39 -35.59 -15.68
CA ASP C 225 -24.16 -34.97 -15.21
C ASP C 225 -24.06 -33.48 -15.57
N GLU C 226 -24.61 -33.15 -16.74
CA GLU C 226 -24.56 -31.81 -17.37
C GLU C 226 -25.82 -30.94 -17.28
N GLY C 227 -26.76 -31.35 -16.44
CA GLY C 227 -27.89 -30.51 -16.06
C GLY C 227 -29.03 -30.62 -17.03
N GLY C 228 -28.95 -31.62 -17.89
CA GLY C 228 -29.91 -31.87 -18.99
C GLY C 228 -30.76 -33.05 -18.58
N TYR C 229 -31.91 -33.20 -19.22
CA TYR C 229 -32.81 -34.33 -18.91
C TYR C 229 -32.38 -35.57 -19.65
N ALA C 230 -32.76 -36.69 -19.06
CA ALA C 230 -32.40 -37.98 -19.62
C ALA C 230 -33.63 -38.89 -19.70
N PRO C 231 -34.67 -38.46 -20.39
CA PRO C 231 -35.87 -39.29 -20.48
C PRO C 231 -35.61 -40.51 -21.39
N ASN C 232 -36.43 -41.56 -21.25
CA ASN C 232 -36.38 -42.70 -22.18
C ASN C 232 -37.17 -42.35 -23.39
N LEU C 233 -36.48 -42.13 -24.51
CA LEU C 233 -37.12 -41.74 -25.75
C LEU C 233 -37.16 -42.92 -26.70
N GLY C 234 -38.12 -42.88 -27.61
CA GLY C 234 -38.31 -43.93 -28.65
C GLY C 234 -37.15 -44.13 -29.63
N SER C 235 -36.40 -43.06 -29.94
CA SER C 235 -35.30 -43.07 -30.89
C SER C 235 -34.40 -41.85 -30.61
N ASN C 236 -33.27 -41.79 -31.32
CA ASN C 236 -32.34 -40.64 -31.24
C ASN C 236 -33.03 -39.35 -31.80
N ALA C 237 -33.81 -39.49 -32.87
CA ALA C 237 -34.58 -38.36 -33.44
C ALA C 237 -35.65 -37.78 -32.52
N GLU C 238 -36.22 -38.60 -31.65
CA GLU C 238 -37.21 -38.08 -30.74
C GLU C 238 -36.60 -37.02 -29.79
N ALA C 239 -35.34 -37.14 -29.40
CA ALA C 239 -34.65 -36.03 -28.71
C ALA C 239 -34.75 -34.71 -29.44
N LEU C 240 -34.54 -34.75 -30.75
CA LEU C 240 -34.69 -33.54 -31.54
C LEU C 240 -36.12 -33.01 -31.56
N ALA C 241 -37.11 -33.91 -31.67
CA ALA C 241 -38.53 -33.51 -31.67
C ALA C 241 -38.99 -32.86 -30.34
N VAL C 242 -38.63 -33.41 -29.18
CA VAL C 242 -39.10 -32.76 -27.92
C VAL C 242 -38.46 -31.37 -27.75
N ILE C 243 -37.21 -31.24 -28.22
CA ILE C 243 -36.54 -29.96 -28.14
C ILE C 243 -37.28 -28.96 -29.02
N ALA C 244 -37.65 -29.37 -30.23
CA ALA C 244 -38.40 -28.49 -31.13
C ALA C 244 -39.74 -28.09 -30.52
N GLU C 245 -40.45 -29.00 -29.88
CA GLU C 245 -41.64 -28.59 -29.12
C GLU C 245 -41.35 -27.55 -28.01
N ALA C 246 -40.29 -27.77 -27.24
CA ALA C 246 -39.96 -26.81 -26.16
C ALA C 246 -39.63 -25.42 -26.67
N VAL C 247 -38.88 -25.36 -27.76
CA VAL C 247 -38.47 -24.12 -28.38
C VAL C 247 -39.70 -23.32 -28.82
N LYS C 248 -40.61 -24.00 -29.53
CA LYS C 248 -41.88 -23.45 -30.01
C LYS C 248 -42.73 -23.03 -28.81
N ALA C 249 -42.86 -23.89 -27.80
CA ALA C 249 -43.63 -23.56 -26.56
C ALA C 249 -43.04 -22.36 -25.80
N ALA C 250 -41.72 -22.10 -25.93
CA ALA C 250 -41.13 -20.95 -25.27
C ALA C 250 -41.32 -19.70 -26.08
N GLY C 251 -42.01 -19.77 -27.21
CA GLY C 251 -42.20 -18.57 -28.04
C GLY C 251 -41.07 -18.28 -29.03
N TYR C 252 -40.15 -19.22 -29.28
CA TYR C 252 -39.03 -18.95 -30.20
C TYR C 252 -39.17 -19.74 -31.48
N GLU C 253 -38.45 -19.31 -32.48
CA GLU C 253 -38.55 -19.92 -33.78
C GLU C 253 -37.27 -20.74 -34.07
N LEU C 254 -37.49 -22.03 -34.26
CA LEU C 254 -36.46 -22.97 -34.54
C LEU C 254 -35.90 -22.63 -35.92
N GLY C 255 -34.59 -22.40 -36.02
CA GLY C 255 -33.92 -22.05 -37.26
C GLY C 255 -33.47 -20.63 -37.31
N LYS C 256 -34.18 -19.73 -36.65
CA LYS C 256 -33.84 -18.32 -36.67
C LYS C 256 -33.33 -17.83 -35.31
N ASP C 257 -34.08 -18.13 -34.25
CA ASP C 257 -33.67 -17.76 -32.89
C ASP C 257 -32.72 -18.80 -32.28
N ILE C 258 -32.95 -20.06 -32.58
CA ILE C 258 -32.27 -21.16 -31.97
C ILE C 258 -31.91 -22.22 -33.01
N THR C 259 -30.63 -22.61 -33.06
CA THR C 259 -30.20 -23.73 -33.91
C THR C 259 -29.80 -24.84 -32.99
N LEU C 260 -29.51 -25.98 -33.58
CA LEU C 260 -29.24 -27.20 -32.85
C LEU C 260 -27.83 -27.73 -33.06
N ALA C 261 -27.34 -28.45 -32.06
CA ALA C 261 -26.01 -29.03 -32.19
C ALA C 261 -26.01 -30.37 -31.55
N MET C 262 -25.11 -31.21 -31.98
CA MET C 262 -25.00 -32.51 -31.35
C MET C 262 -23.57 -32.90 -31.09
N ASP C 263 -23.40 -33.70 -30.04
CA ASP C 263 -22.22 -34.51 -29.81
C ASP C 263 -22.66 -35.99 -29.83
N CYS C 264 -22.20 -36.72 -30.84
CA CYS C 264 -22.55 -38.14 -30.99
C CYS C 264 -21.76 -38.99 -30.06
N ALA C 265 -20.52 -38.57 -29.74
CA ALA C 265 -19.51 -39.40 -28.99
C ALA C 265 -19.46 -40.81 -29.58
N ALA C 266 -19.26 -40.87 -30.91
CA ALA C 266 -19.51 -42.08 -31.68
C ALA C 266 -18.51 -43.20 -31.32
N SER C 267 -17.35 -42.83 -30.80
CA SER C 267 -16.45 -43.81 -30.19
C SER C 267 -17.15 -44.71 -29.18
N GLU C 268 -18.17 -44.19 -28.46
CA GLU C 268 -18.84 -44.97 -27.44
C GLU C 268 -19.73 -46.01 -28.01
N PHE C 269 -20.13 -45.91 -29.27
CA PHE C 269 -20.95 -47.00 -29.82
C PHE C 269 -20.35 -47.71 -31.03
N TYR C 270 -19.00 -47.62 -31.14
CA TYR C 270 -18.22 -48.23 -32.24
C TYR C 270 -17.70 -49.63 -31.87
N LYS C 271 -18.17 -50.66 -32.54
CA LYS C 271 -17.89 -52.06 -32.14
C LYS C 271 -17.61 -52.82 -33.43
N ASP C 272 -16.41 -53.40 -33.51
CA ASP C 272 -16.04 -54.27 -34.63
C ASP C 272 -16.17 -53.60 -35.99
N GLY C 273 -15.58 -52.42 -36.13
CA GLY C 273 -15.63 -51.67 -37.40
C GLY C 273 -16.98 -51.08 -37.77
N LYS C 274 -17.91 -51.10 -36.82
CA LYS C 274 -19.28 -50.67 -37.04
C LYS C 274 -19.85 -49.82 -35.89
N TYR C 275 -20.77 -48.91 -36.23
CA TYR C 275 -21.44 -48.04 -35.30
C TYR C 275 -22.82 -48.68 -35.03
N VAL C 276 -23.06 -49.02 -33.75
CA VAL C 276 -24.26 -49.75 -33.37
C VAL C 276 -25.18 -48.88 -32.50
N LEU C 277 -26.37 -48.57 -33.02
CA LEU C 277 -27.34 -47.78 -32.25
C LEU C 277 -28.39 -48.66 -31.53
N ALA C 278 -28.22 -48.88 -30.23
CA ALA C 278 -29.27 -49.42 -29.31
C ALA C 278 -30.75 -49.00 -29.54
N GLY C 279 -30.99 -47.78 -30.00
CA GLY C 279 -32.34 -47.29 -30.29
C GLY C 279 -32.56 -46.86 -31.73
N GLU C 280 -32.10 -47.65 -32.68
CA GLU C 280 -32.72 -47.73 -34.01
C GLU C 280 -32.74 -49.25 -34.32
N GLY C 281 -33.58 -49.98 -33.57
CA GLY C 281 -33.56 -51.45 -33.55
C GLY C 281 -32.37 -51.82 -32.69
N ASN C 282 -31.44 -52.57 -33.25
CA ASN C 282 -30.05 -52.53 -32.76
C ASN C 282 -29.13 -52.42 -33.99
N LYS C 283 -29.50 -51.51 -34.90
CA LYS C 283 -29.00 -51.46 -36.29
C LYS C 283 -27.54 -50.99 -36.35
N ALA C 284 -26.82 -51.60 -37.28
CA ALA C 284 -25.39 -51.38 -37.45
C ALA C 284 -25.13 -50.59 -38.70
N PHE C 285 -24.21 -49.65 -38.60
CA PHE C 285 -23.86 -48.82 -39.72
C PHE C 285 -22.38 -48.86 -39.95
N THR C 286 -22.00 -48.76 -41.21
CA THR C 286 -20.65 -48.40 -41.60
C THR C 286 -20.51 -46.86 -41.32
N SER C 287 -19.29 -46.36 -41.39
CA SER C 287 -19.05 -44.91 -41.37
C SER C 287 -19.88 -44.18 -42.36
N GLU C 288 -19.86 -44.63 -43.62
CA GLU C 288 -20.55 -43.92 -44.69
C GLU C 288 -22.04 -43.87 -44.35
N GLU C 289 -22.58 -45.01 -43.91
CA GLU C 289 -24.02 -45.10 -43.55
C GLU C 289 -24.35 -44.25 -42.30
N PHE C 290 -23.47 -44.23 -41.31
CA PHE C 290 -23.77 -43.46 -40.10
C PHE C 290 -23.73 -41.97 -40.47
N THR C 291 -22.81 -41.62 -41.37
CA THR C 291 -22.73 -40.25 -41.93
C THR C 291 -24.04 -39.90 -42.62
N HIS C 292 -24.61 -40.84 -43.37
CA HIS C 292 -25.87 -40.58 -44.07
C HIS C 292 -27.03 -40.50 -43.09
N PHE C 293 -27.01 -41.35 -42.08
CA PHE C 293 -27.98 -41.19 -40.94
C PHE C 293 -27.93 -39.75 -40.38
N LEU C 294 -26.75 -39.20 -40.17
CA LEU C 294 -26.65 -37.85 -39.58
C LEU C 294 -27.14 -36.76 -40.54
N GLU C 295 -26.78 -36.98 -41.79
CA GLU C 295 -27.20 -36.13 -42.89
C GLU C 295 -28.71 -35.96 -42.94
N GLU C 296 -29.41 -37.08 -42.82
CA GLU C 296 -30.88 -37.09 -42.84
C GLU C 296 -31.44 -36.29 -41.62
N LEU C 297 -30.83 -36.40 -40.45
CA LEU C 297 -31.26 -35.58 -39.28
C LEU C 297 -31.06 -34.11 -39.56
N THR C 298 -30.00 -33.73 -40.31
CA THR C 298 -29.77 -32.32 -40.67
C THR C 298 -30.76 -31.77 -41.72
N LYS C 299 -31.43 -32.64 -42.47
CA LYS C 299 -32.55 -32.21 -43.36
C LYS C 299 -33.83 -31.99 -42.57
N GLN C 300 -34.08 -32.83 -41.56
CA GLN C 300 -35.31 -32.71 -40.74
C GLN C 300 -35.23 -31.59 -39.72
N TYR C 301 -34.04 -31.25 -39.20
CA TYR C 301 -33.92 -30.26 -38.11
C TYR C 301 -32.75 -29.35 -38.44
N PRO C 302 -32.76 -28.09 -37.97
CA PRO C 302 -31.65 -27.17 -38.21
C PRO C 302 -30.41 -27.45 -37.30
N ILE C 303 -29.79 -28.59 -37.52
CA ILE C 303 -28.57 -28.99 -36.84
C ILE C 303 -27.43 -28.36 -37.63
N VAL C 304 -26.69 -27.47 -36.99
CA VAL C 304 -25.60 -26.77 -37.65
C VAL C 304 -24.18 -27.21 -37.17
N SER C 305 -24.09 -28.13 -36.22
CA SER C 305 -22.81 -28.53 -35.66
C SER C 305 -22.93 -29.93 -35.17
N ILE C 306 -22.00 -30.79 -35.53
CA ILE C 306 -22.04 -32.18 -35.07
C ILE C 306 -20.64 -32.54 -34.61
N GLU C 307 -20.55 -32.96 -33.35
CA GLU C 307 -19.30 -33.26 -32.70
C GLU C 307 -19.06 -34.77 -32.66
N ASP C 308 -17.80 -35.17 -32.95
CA ASP C 308 -17.39 -36.59 -32.90
C ASP C 308 -18.44 -37.53 -33.51
N GLY C 309 -18.82 -37.20 -34.74
CA GLY C 309 -19.73 -38.05 -35.50
C GLY C 309 -19.26 -39.42 -35.92
N LEU C 310 -17.97 -39.70 -35.72
CA LEU C 310 -17.35 -41.00 -35.96
C LEU C 310 -16.33 -41.27 -34.85
N ASP C 311 -15.76 -42.48 -34.85
CA ASP C 311 -14.82 -42.96 -33.85
C ASP C 311 -13.51 -42.18 -33.96
N GLU C 312 -12.85 -42.00 -32.83
CA GLU C 312 -11.58 -41.24 -32.76
C GLU C 312 -10.43 -41.80 -33.65
N SER C 313 -10.47 -43.10 -33.92
CA SER C 313 -9.51 -43.78 -34.80
C SER C 313 -9.94 -43.83 -36.29
N ASP C 314 -11.18 -43.40 -36.58
CA ASP C 314 -11.77 -43.56 -37.94
C ASP C 314 -11.52 -42.35 -38.82
N TRP C 315 -10.25 -42.16 -39.15
CA TRP C 315 -9.79 -40.96 -39.87
C TRP C 315 -10.27 -40.98 -41.31
N ASP C 316 -10.24 -42.17 -41.91
CA ASP C 316 -10.88 -42.37 -43.25
C ASP C 316 -12.34 -41.93 -43.23
N GLY C 317 -13.09 -42.35 -42.19
CA GLY C 317 -14.53 -42.02 -42.12
C GLY C 317 -14.69 -40.50 -41.99
N PHE C 318 -13.85 -39.89 -41.16
CA PHE C 318 -13.96 -38.46 -40.92
C PHE C 318 -13.63 -37.67 -42.17
N ALA C 319 -12.65 -38.15 -42.94
CA ALA C 319 -12.31 -37.50 -44.24
C ALA C 319 -13.53 -37.46 -45.13
N TYR C 320 -14.21 -38.59 -45.21
CA TYR C 320 -15.46 -38.69 -45.93
C TYR C 320 -16.58 -37.83 -45.39
N GLN C 321 -16.85 -37.94 -44.08
CA GLN C 321 -17.83 -37.07 -43.44
C GLN C 321 -17.52 -35.61 -43.67
N THR C 322 -16.25 -35.22 -43.65
CA THR C 322 -15.91 -33.80 -43.91
C THR C 322 -16.17 -33.29 -45.36
N LYS C 323 -15.87 -34.16 -46.33
CA LYS C 323 -16.07 -33.96 -47.81
C LYS C 323 -17.58 -33.72 -48.07
N VAL C 324 -18.40 -34.55 -47.40
CA VAL C 324 -19.82 -34.63 -47.64
C VAL C 324 -20.64 -33.62 -46.84
N LEU C 325 -20.40 -33.45 -45.52
CA LEU C 325 -21.13 -32.50 -44.65
C LEU C 325 -20.40 -31.17 -44.41
N GLY C 326 -19.08 -31.15 -44.61
CA GLY C 326 -18.26 -30.05 -44.11
C GLY C 326 -18.50 -28.71 -44.73
N ASP C 327 -19.03 -28.64 -45.96
CA ASP C 327 -19.32 -27.32 -46.56
C ASP C 327 -20.48 -26.64 -45.82
N LYS C 328 -21.37 -27.43 -45.26
CA LYS C 328 -22.66 -26.96 -44.73
C LYS C 328 -22.67 -26.88 -43.20
N ILE C 329 -22.01 -27.84 -42.53
CA ILE C 329 -22.14 -28.17 -41.13
C ILE C 329 -20.74 -27.98 -40.43
N GLN C 330 -20.77 -27.40 -39.24
CA GLN C 330 -19.62 -27.42 -38.31
C GLN C 330 -19.40 -28.84 -37.85
N LEU C 331 -18.19 -29.37 -38.04
CA LEU C 331 -17.85 -30.74 -37.63
C LEU C 331 -16.74 -30.69 -36.61
N VAL C 332 -17.08 -31.01 -35.35
CA VAL C 332 -16.18 -30.72 -34.23
C VAL C 332 -15.45 -31.97 -33.80
N GLY C 333 -14.12 -31.92 -33.88
CA GLY C 333 -13.24 -32.97 -33.34
C GLY C 333 -13.09 -32.70 -31.85
N ASP C 334 -13.41 -33.68 -31.02
CA ASP C 334 -13.20 -33.67 -29.56
C ASP C 334 -12.21 -34.79 -29.18
N ASP C 335 -12.70 -36.04 -29.01
CA ASP C 335 -11.83 -37.24 -28.89
C ASP C 335 -10.87 -37.34 -30.11
N LEU C 336 -11.33 -36.88 -31.26
CA LEU C 336 -10.53 -36.92 -32.47
C LEU C 336 -9.18 -36.17 -32.32
N PHE C 337 -9.19 -34.95 -31.74
CA PHE C 337 -8.00 -34.11 -31.58
C PHE C 337 -7.37 -33.95 -30.19
N VAL C 338 -8.11 -34.36 -29.16
CA VAL C 338 -7.84 -34.03 -27.74
C VAL C 338 -7.01 -32.81 -27.46
N THR C 339 -7.47 -31.68 -28.02
CA THR C 339 -6.91 -30.39 -27.77
C THR C 339 -5.39 -30.43 -27.95
N ASN C 340 -4.93 -31.17 -28.96
CA ASN C 340 -3.47 -31.45 -29.09
C ASN C 340 -2.99 -31.05 -30.46
N THR C 341 -2.11 -30.03 -30.54
CA THR C 341 -1.56 -29.49 -31.77
C THR C 341 -0.92 -30.52 -32.71
N LYS C 342 -0.34 -31.57 -32.16
CA LYS C 342 0.28 -32.62 -32.99
C LYS C 342 -0.77 -33.36 -33.78
N ILE C 343 -1.95 -33.53 -33.18
CA ILE C 343 -2.95 -34.35 -33.81
C ILE C 343 -3.77 -33.43 -34.70
N LEU C 344 -4.13 -32.27 -34.18
CA LEU C 344 -4.85 -31.29 -34.98
C LEU C 344 -4.14 -30.97 -36.33
N LYS C 345 -2.83 -30.72 -36.26
CA LYS C 345 -2.03 -30.41 -37.44
C LYS C 345 -2.20 -31.47 -38.57
N GLU C 346 -2.18 -32.74 -38.22
CA GLU C 346 -2.37 -33.86 -39.15
C GLU C 346 -3.79 -33.81 -39.70
N GLY C 347 -4.75 -33.63 -38.80
CA GLY C 347 -6.14 -33.41 -39.22
C GLY C 347 -6.34 -32.34 -40.27
N ILE C 348 -5.74 -31.18 -40.02
CA ILE C 348 -5.84 -30.08 -40.92
C ILE C 348 -5.25 -30.49 -42.29
N GLU C 349 -4.04 -31.08 -42.26
CA GLU C 349 -3.30 -31.53 -43.46
C GLU C 349 -4.15 -32.48 -44.30
N LYS C 350 -4.96 -33.32 -43.66
CA LYS C 350 -5.76 -34.33 -44.34
C LYS C 350 -7.26 -33.99 -44.54
N GLY C 351 -7.68 -32.76 -44.30
CA GLY C 351 -9.08 -32.32 -44.46
C GLY C 351 -10.04 -33.06 -43.51
N ILE C 352 -9.62 -33.19 -42.24
CA ILE C 352 -10.41 -33.91 -41.25
C ILE C 352 -11.06 -32.83 -40.37
N ALA C 353 -12.38 -32.83 -40.39
CA ALA C 353 -13.19 -31.95 -39.59
C ALA C 353 -12.97 -30.47 -39.96
N ASN C 354 -13.66 -29.57 -39.28
CA ASN C 354 -13.41 -28.13 -39.48
C ASN C 354 -13.56 -27.32 -38.19
N SER C 355 -13.52 -28.01 -37.06
CA SER C 355 -13.68 -27.37 -35.77
C SER C 355 -13.08 -28.29 -34.66
N ILE C 356 -12.67 -27.67 -33.57
CA ILE C 356 -12.09 -28.39 -32.48
C ILE C 356 -12.75 -28.00 -31.17
N LEU C 357 -13.05 -29.01 -30.36
CA LEU C 357 -13.49 -28.81 -28.97
C LEU C 357 -12.27 -28.67 -28.04
N ILE C 358 -12.15 -27.51 -27.39
CA ILE C 358 -10.94 -27.09 -26.63
C ILE C 358 -11.19 -27.37 -25.14
N LYS C 359 -10.52 -28.39 -24.60
CA LYS C 359 -10.58 -28.83 -23.21
C LYS C 359 -9.17 -28.74 -22.62
N PHE C 360 -8.90 -27.72 -21.81
CA PHE C 360 -7.52 -27.56 -21.35
C PHE C 360 -7.01 -28.80 -20.61
N ASN C 361 -7.87 -29.62 -19.98
CA ASN C 361 -7.35 -30.80 -19.30
C ASN C 361 -7.04 -32.00 -20.26
N GLN C 362 -7.44 -31.95 -21.53
CA GLN C 362 -7.03 -33.00 -22.48
C GLN C 362 -5.55 -32.94 -22.81
N ILE C 363 -4.99 -31.73 -22.70
CA ILE C 363 -3.55 -31.46 -23.04
C ILE C 363 -2.75 -31.09 -21.77
N GLY C 364 -3.37 -30.39 -20.82
CA GLY C 364 -2.83 -30.22 -19.47
C GLY C 364 -2.14 -28.90 -19.13
N SER C 365 -2.06 -27.95 -20.04
CA SER C 365 -1.59 -26.60 -19.70
C SER C 365 -2.30 -25.50 -20.45
N LEU C 366 -2.29 -24.30 -19.87
CA LEU C 366 -2.91 -23.16 -20.56
C LEU C 366 -2.12 -22.82 -21.84
N THR C 367 -0.80 -22.87 -21.79
CA THR C 367 -0.01 -22.53 -22.94
C THR C 367 -0.31 -23.43 -24.12
N GLU C 368 -0.39 -24.73 -23.90
CA GLU C 368 -0.64 -25.66 -25.02
C GLU C 368 -2.06 -25.54 -25.51
N THR C 369 -2.97 -25.18 -24.60
CA THR C 369 -4.34 -24.83 -24.94
C THR C 369 -4.42 -23.64 -25.86
N LEU C 370 -3.67 -22.57 -25.60
CA LEU C 370 -3.71 -21.42 -26.46
C LEU C 370 -3.09 -21.76 -27.79
N ALA C 371 -2.11 -22.63 -27.82
CA ALA C 371 -1.52 -23.03 -29.14
C ALA C 371 -2.53 -23.79 -30.01
N ALA C 372 -3.32 -24.65 -29.39
CA ALA C 372 -4.41 -25.34 -30.11
C ALA C 372 -5.45 -24.37 -30.73
N ILE C 373 -5.84 -23.32 -29.98
CA ILE C 373 -6.80 -22.36 -30.46
C ILE C 373 -6.25 -21.62 -31.66
N LYS C 374 -5.01 -21.13 -31.54
CA LYS C 374 -4.28 -20.47 -32.61
C LYS C 374 -4.10 -21.39 -33.85
N MET C 375 -3.67 -22.63 -33.69
CA MET C 375 -3.55 -23.49 -34.86
C MET C 375 -4.91 -23.64 -35.58
N ALA C 376 -5.98 -23.78 -34.83
CA ALA C 376 -7.31 -23.89 -35.43
C ALA C 376 -7.68 -22.66 -36.20
N LYS C 377 -7.52 -21.51 -35.59
CA LYS C 377 -7.98 -20.27 -36.20
C LYS C 377 -7.18 -19.93 -37.46
N ASP C 378 -5.88 -20.25 -37.47
CA ASP C 378 -5.01 -20.07 -38.60
C ASP C 378 -5.42 -20.93 -39.81
N ALA C 379 -5.94 -22.13 -39.56
CA ALA C 379 -6.48 -23.02 -40.61
C ALA C 379 -7.91 -22.75 -41.03
N GLY C 380 -8.54 -21.73 -40.45
CA GLY C 380 -9.94 -21.46 -40.65
C GLY C 380 -10.87 -22.38 -39.86
N TYR C 381 -10.34 -23.21 -38.95
CA TYR C 381 -11.23 -24.05 -38.13
C TYR C 381 -11.80 -23.19 -37.01
N THR C 382 -13.02 -23.48 -36.52
CA THR C 382 -13.50 -22.80 -35.29
C THR C 382 -13.05 -23.55 -34.05
N ALA C 383 -13.04 -22.86 -32.92
CA ALA C 383 -12.67 -23.41 -31.63
C ALA C 383 -13.84 -23.21 -30.65
N VAL C 384 -14.33 -24.31 -30.07
CA VAL C 384 -15.42 -24.30 -29.12
C VAL C 384 -14.81 -24.61 -27.74
N ILE C 385 -14.81 -23.64 -26.84
CA ILE C 385 -14.19 -23.87 -25.52
C ILE C 385 -15.14 -24.71 -24.73
N SER C 386 -14.65 -25.75 -24.05
CA SER C 386 -15.51 -26.70 -23.41
C SER C 386 -15.30 -27.06 -21.92
N HIS C 387 -16.41 -27.35 -21.24
CA HIS C 387 -16.41 -28.07 -19.94
C HIS C 387 -16.05 -29.53 -20.04
N ARG C 388 -15.90 -30.20 -18.88
CA ARG C 388 -15.99 -31.65 -18.86
C ARG C 388 -17.25 -32.01 -18.09
N SER C 389 -17.61 -33.29 -18.22
CA SER C 389 -18.68 -33.91 -17.46
C SER C 389 -18.59 -33.73 -15.97
N GLY C 390 -17.37 -33.95 -15.43
CA GLY C 390 -16.99 -33.69 -14.03
C GLY C 390 -16.44 -32.27 -13.90
N GLU C 391 -17.24 -31.36 -13.40
CA GLU C 391 -16.80 -29.96 -13.21
C GLU C 391 -16.72 -29.55 -11.77
N THR C 392 -16.30 -28.29 -11.55
CA THR C 392 -16.34 -27.63 -10.27
C THR C 392 -16.99 -26.24 -10.42
N GLU C 393 -17.09 -25.56 -9.28
CA GLU C 393 -17.31 -24.12 -9.11
C GLU C 393 -16.50 -23.22 -10.04
N ASP C 394 -15.29 -23.69 -10.38
CA ASP C 394 -14.33 -22.99 -11.28
C ASP C 394 -15.05 -22.54 -12.54
N ALA C 395 -14.78 -21.30 -12.95
CA ALA C 395 -15.36 -20.69 -14.15
C ALA C 395 -14.37 -20.19 -15.17
N THR C 396 -13.16 -20.74 -15.10
CA THR C 396 -12.06 -20.31 -15.97
C THR C 396 -12.41 -20.42 -17.46
N ILE C 397 -13.23 -21.39 -17.85
CA ILE C 397 -13.57 -21.47 -19.29
C ILE C 397 -14.32 -20.23 -19.82
N ALA C 398 -15.00 -19.52 -18.93
CA ALA C 398 -15.70 -18.34 -19.36
C ALA C 398 -14.70 -17.30 -19.76
N ASP C 399 -13.72 -17.04 -18.88
CA ASP C 399 -12.68 -16.06 -19.22
C ASP C 399 -11.84 -16.49 -20.43
N LEU C 400 -11.55 -17.77 -20.54
CA LEU C 400 -10.76 -18.24 -21.66
C LEU C 400 -11.50 -18.01 -23.00
N ALA C 401 -12.81 -18.26 -23.05
CA ALA C 401 -13.63 -18.06 -24.27
C ALA C 401 -13.64 -16.60 -24.72
N VAL C 402 -13.82 -15.72 -23.75
CA VAL C 402 -13.84 -14.34 -23.99
C VAL C 402 -12.46 -13.82 -24.35
N GLY C 403 -11.46 -14.21 -23.58
CA GLY C 403 -10.05 -13.72 -23.74
C GLY C 403 -9.39 -14.11 -25.05
N THR C 404 -9.87 -15.21 -25.66
CA THR C 404 -9.38 -15.76 -26.92
C THR C 404 -10.30 -15.47 -28.08
N ALA C 405 -11.44 -14.83 -27.82
CA ALA C 405 -12.45 -14.57 -28.86
C ALA C 405 -12.83 -15.83 -29.61
N ALA C 406 -12.93 -16.94 -28.92
CA ALA C 406 -13.15 -18.19 -29.59
C ALA C 406 -14.45 -18.15 -30.36
N GLY C 407 -15.48 -17.63 -29.73
CA GLY C 407 -16.77 -17.42 -30.39
C GLY C 407 -17.85 -18.38 -30.03
N GLN C 408 -17.46 -19.50 -29.42
CA GLN C 408 -18.39 -20.54 -28.97
C GLN C 408 -17.88 -21.16 -27.67
N ILE C 409 -18.82 -21.68 -26.90
CA ILE C 409 -18.60 -22.42 -25.69
C ILE C 409 -19.65 -23.51 -25.52
N LYS C 410 -19.24 -24.59 -24.87
CA LYS C 410 -20.08 -25.67 -24.47
C LYS C 410 -19.82 -25.90 -22.96
N THR C 411 -20.77 -25.47 -22.13
CA THR C 411 -20.63 -25.57 -20.68
C THR C 411 -21.89 -25.93 -19.93
N GLY C 412 -22.83 -26.55 -20.67
CA GLY C 412 -23.88 -27.39 -20.13
C GLY C 412 -25.29 -26.86 -20.33
N SER C 413 -26.23 -27.61 -19.76
CA SER C 413 -27.60 -27.19 -19.63
C SER C 413 -27.64 -26.02 -18.70
N MET C 414 -28.85 -25.49 -18.53
CA MET C 414 -29.10 -24.36 -17.64
C MET C 414 -29.62 -24.84 -16.30
N SER C 415 -28.88 -25.81 -15.74
CA SER C 415 -29.07 -26.21 -14.39
C SER C 415 -27.77 -26.83 -13.89
N ARG C 416 -27.67 -26.87 -12.57
CA ARG C 416 -26.47 -27.26 -11.80
C ARG C 416 -25.43 -26.17 -11.91
N SER C 417 -24.93 -25.71 -10.76
CA SER C 417 -23.96 -24.60 -10.71
C SER C 417 -22.61 -24.96 -11.26
N ASP C 418 -22.31 -26.26 -11.36
CA ASP C 418 -21.15 -26.75 -12.17
C ASP C 418 -21.18 -26.27 -13.61
N ARG C 419 -22.38 -25.99 -14.12
CA ARG C 419 -22.61 -25.36 -15.42
C ARG C 419 -22.85 -23.89 -15.25
N VAL C 420 -23.82 -23.56 -14.37
CA VAL C 420 -24.38 -22.22 -14.36
C VAL C 420 -23.35 -21.19 -13.83
N ALA C 421 -22.35 -21.62 -13.07
CA ALA C 421 -21.29 -20.65 -12.63
C ALA C 421 -20.55 -20.13 -13.84
N LYS C 422 -20.45 -20.92 -14.92
CA LYS C 422 -19.82 -20.41 -16.16
C LYS C 422 -20.71 -19.36 -16.83
N TYR C 423 -22.00 -19.65 -16.94
CA TYR C 423 -22.94 -18.69 -17.49
C TYR C 423 -22.94 -17.42 -16.67
N ASN C 424 -22.92 -17.52 -15.34
CA ASN C 424 -22.90 -16.33 -14.51
C ASN C 424 -21.63 -15.53 -14.68
N GLN C 425 -20.51 -16.23 -14.82
CA GLN C 425 -19.26 -15.50 -15.08
C GLN C 425 -19.31 -14.75 -16.44
N LEU C 426 -19.93 -15.37 -17.46
CA LEU C 426 -20.09 -14.70 -18.76
C LEU C 426 -20.97 -13.39 -18.66
N ILE C 427 -21.98 -13.44 -17.80
CA ILE C 427 -22.84 -12.28 -17.46
C ILE C 427 -21.98 -11.16 -16.86
N ARG C 428 -21.10 -11.50 -15.92
CA ARG C 428 -20.32 -10.48 -15.24
C ARG C 428 -19.35 -9.87 -16.22
N ILE C 429 -18.70 -10.70 -17.01
CA ILE C 429 -17.74 -10.22 -18.00
C ILE C 429 -18.40 -9.29 -19.01
N GLU C 430 -19.56 -9.69 -19.53
CA GLU C 430 -20.30 -8.86 -20.49
C GLU C 430 -20.76 -7.55 -19.89
N GLU C 431 -21.13 -7.56 -18.64
CA GLU C 431 -21.51 -6.32 -17.96
C GLU C 431 -20.34 -5.36 -17.90
N ALA C 432 -19.14 -5.86 -17.61
CA ALA C 432 -17.99 -4.98 -17.64
C ALA C 432 -17.62 -4.53 -19.08
N LEU C 433 -17.70 -5.39 -20.05
CA LEU C 433 -17.20 -5.07 -21.42
C LEU C 433 -18.23 -4.48 -22.42
N GLY C 434 -19.48 -4.86 -22.29
CA GLY C 434 -20.53 -4.41 -23.20
C GLY C 434 -20.11 -4.67 -24.63
N GLU C 435 -20.23 -3.67 -25.48
CA GLU C 435 -19.92 -3.90 -26.90
C GLU C 435 -18.42 -4.08 -27.28
N LYS C 436 -17.48 -3.88 -26.33
CA LYS C 436 -16.09 -4.27 -26.53
C LYS C 436 -15.99 -5.79 -26.64
N ALA C 437 -17.03 -6.53 -26.25
CA ALA C 437 -17.12 -7.99 -26.43
C ALA C 437 -18.43 -8.32 -27.10
N PRO C 438 -18.45 -8.22 -28.44
CA PRO C 438 -19.71 -8.46 -29.12
C PRO C 438 -20.16 -9.91 -29.05
N TYR C 439 -21.47 -10.13 -29.01
CA TYR C 439 -22.07 -11.44 -29.23
C TYR C 439 -22.41 -11.57 -30.72
N ASN C 440 -21.65 -12.37 -31.47
CA ASN C 440 -21.72 -12.34 -32.94
C ASN C 440 -22.78 -13.29 -33.52
N GLY C 441 -23.40 -14.11 -32.67
CA GLY C 441 -24.41 -15.00 -33.15
C GLY C 441 -23.94 -16.03 -34.17
N ARG C 442 -24.82 -16.32 -35.12
CA ARG C 442 -24.69 -17.52 -35.93
C ARG C 442 -23.45 -17.50 -36.79
N LYS C 443 -22.92 -16.31 -37.05
CA LYS C 443 -21.71 -16.19 -37.89
C LYS C 443 -20.45 -16.78 -37.24
N GLU C 444 -20.51 -17.19 -35.96
CA GLU C 444 -19.36 -17.89 -35.33
C GLU C 444 -19.31 -19.34 -35.76
N ILE C 445 -20.45 -19.89 -36.20
CA ILE C 445 -20.53 -21.32 -36.51
C ILE C 445 -19.95 -21.57 -37.91
N LYS C 446 -19.04 -22.53 -37.99
CA LYS C 446 -18.35 -22.88 -39.23
C LYS C 446 -19.40 -23.43 -40.20
N GLY C 447 -19.41 -22.90 -41.42
CA GLY C 447 -20.47 -23.22 -42.40
C GLY C 447 -21.60 -22.22 -42.51
N GLN C 448 -21.73 -21.23 -41.61
CA GLN C 448 -22.79 -20.19 -41.75
C GLN C 448 -22.34 -18.97 -42.65
N ALA C 449 -22.73 -17.73 -42.28
CA ALA C 449 -22.47 -16.51 -43.11
C ALA C 449 -20.99 -16.10 -43.18
N GLN D 11 0.43 7.14 13.43
CA GLN D 11 1.03 8.09 12.45
C GLN D 11 0.64 7.63 10.97
N GLN D 12 0.87 6.42 10.49
CA GLN D 12 0.15 5.99 9.20
C GLN D 12 -1.12 5.09 9.40
N MET D 13 -2.27 5.47 8.85
CA MET D 13 -3.48 4.61 8.81
C MET D 13 -3.40 3.54 7.66
N GLY D 14 -3.55 2.26 7.99
CA GLY D 14 -3.75 1.22 6.94
C GLY D 14 -5.00 1.39 6.08
N ARG D 15 -4.99 0.79 4.90
CA ARG D 15 -6.20 0.77 4.08
C ARG D 15 -7.36 -0.01 4.73
N GLY D 16 -7.06 -0.99 5.61
CA GLY D 16 -8.03 -1.70 6.41
C GLY D 16 -8.97 -0.78 7.20
N SER D 17 -8.46 0.40 7.62
CA SER D 17 -9.24 1.37 8.38
C SER D 17 -10.28 2.10 7.54
N MET D 18 -10.18 2.00 6.21
CA MET D 18 -11.08 2.69 5.32
C MET D 18 -12.17 1.71 4.83
N SER D 19 -13.03 1.40 5.76
CA SER D 19 -14.08 0.41 5.60
C SER D 19 -15.44 1.02 5.30
N LYS D 20 -15.47 2.29 4.94
CA LYS D 20 -16.69 2.90 4.44
C LYS D 20 -17.12 2.37 3.06
N ILE D 21 -18.42 2.13 2.90
CA ILE D 21 -18.94 1.62 1.63
C ILE D 21 -18.87 2.80 0.66
N VAL D 22 -18.30 2.57 -0.52
CA VAL D 22 -18.29 3.56 -1.62
C VAL D 22 -19.11 3.19 -2.83
N LYS D 23 -19.48 1.91 -3.00
CA LYS D 23 -20.23 1.46 -4.15
C LYS D 23 -20.86 0.13 -3.87
N ILE D 24 -22.09 -0.04 -4.35
CA ILE D 24 -22.76 -1.31 -4.19
C ILE D 24 -23.41 -1.65 -5.50
N ILE D 25 -23.13 -2.85 -6.03
CA ILE D 25 -23.61 -3.25 -7.35
C ILE D 25 -24.44 -4.49 -7.23
N GLY D 26 -25.60 -4.47 -7.86
CA GLY D 26 -26.53 -5.62 -7.84
C GLY D 26 -26.62 -6.12 -9.25
N ARG D 27 -26.80 -7.42 -9.43
CA ARG D 27 -27.04 -7.89 -10.77
C ARG D 27 -27.88 -9.14 -10.68
N GLU D 28 -28.52 -9.46 -11.78
CA GLU D 28 -29.28 -10.72 -11.99
C GLU D 28 -28.41 -11.84 -12.57
N ILE D 29 -28.23 -12.92 -11.77
CA ILE D 29 -27.48 -14.12 -12.16
C ILE D 29 -28.44 -15.30 -12.08
N ILE D 30 -27.94 -16.52 -12.24
CA ILE D 30 -28.80 -17.70 -12.46
C ILE D 30 -28.49 -18.73 -11.38
N ASP D 31 -29.54 -19.34 -10.83
CA ASP D 31 -29.39 -20.32 -9.77
C ASP D 31 -29.27 -21.69 -10.36
N SER D 32 -29.11 -22.67 -9.50
CA SER D 32 -28.86 -24.03 -9.93
C SER D 32 -30.07 -24.75 -10.56
N ARG D 33 -31.25 -24.10 -10.54
CA ARG D 33 -32.43 -24.61 -11.32
C ARG D 33 -32.64 -23.83 -12.60
N GLY D 34 -31.72 -22.89 -12.87
CA GLY D 34 -31.89 -22.03 -13.98
C GLY D 34 -32.74 -20.81 -13.82
N ASN D 35 -33.07 -20.43 -12.59
CA ASN D 35 -33.93 -19.28 -12.36
C ASN D 35 -33.09 -18.10 -11.85
N PRO D 36 -33.55 -16.90 -12.14
CA PRO D 36 -32.84 -15.74 -11.67
C PRO D 36 -32.74 -15.61 -10.16
N THR D 37 -31.63 -15.01 -9.72
CA THR D 37 -31.52 -14.60 -8.34
C THR D 37 -30.57 -13.37 -8.30
N VAL D 38 -30.51 -12.79 -7.10
CA VAL D 38 -29.82 -11.57 -6.91
C VAL D 38 -28.36 -11.84 -6.46
N GLU D 39 -27.41 -11.16 -7.09
CA GLU D 39 -26.05 -11.00 -6.59
C GLU D 39 -25.69 -9.53 -6.31
N ALA D 40 -24.89 -9.32 -5.27
CA ALA D 40 -24.44 -8.00 -4.89
C ALA D 40 -22.95 -8.00 -4.65
N GLU D 41 -22.30 -6.90 -5.00
CA GLU D 41 -20.93 -6.62 -4.67
C GLU D 41 -20.91 -5.35 -3.84
N VAL D 42 -20.20 -5.36 -2.71
CA VAL D 42 -20.06 -4.22 -1.89
C VAL D 42 -18.59 -3.87 -1.96
N HIS D 43 -18.33 -2.64 -2.34
CA HIS D 43 -16.97 -2.08 -2.43
C HIS D 43 -16.73 -1.08 -1.33
N LEU D 44 -15.52 -1.08 -0.75
CA LEU D 44 -15.19 -0.16 0.32
C LEU D 44 -14.13 0.86 -0.12
N GLU D 45 -14.01 1.97 0.59
CA GLU D 45 -12.97 2.99 0.27
C GLU D 45 -11.56 2.43 0.16
N GLY D 46 -11.18 1.54 1.08
CA GLY D 46 -9.85 0.95 1.03
C GLY D 46 -9.56 0.01 -0.16
N GLY D 47 -10.52 -0.25 -1.04
CA GLY D 47 -10.30 -1.20 -2.13
C GLY D 47 -10.95 -2.57 -1.94
N PHE D 48 -11.56 -2.83 -0.80
CA PHE D 48 -12.04 -4.14 -0.47
C PHE D 48 -13.38 -4.38 -1.14
N VAL D 49 -13.61 -5.61 -1.59
CA VAL D 49 -14.85 -6.02 -2.26
C VAL D 49 -15.32 -7.29 -1.64
N GLY D 50 -16.63 -7.41 -1.49
CA GLY D 50 -17.29 -8.67 -1.14
C GLY D 50 -18.42 -8.91 -2.15
N MET D 51 -18.70 -10.16 -2.43
CA MET D 51 -19.73 -10.46 -3.43
C MET D 51 -20.49 -11.67 -2.93
N ALA D 52 -21.82 -11.63 -2.97
CA ALA D 52 -22.63 -12.77 -2.54
C ALA D 52 -23.94 -12.79 -3.32
N ALA D 53 -24.56 -13.96 -3.30
CA ALA D 53 -25.78 -14.21 -4.03
C ALA D 53 -26.85 -14.80 -3.09
N ALA D 54 -28.12 -14.48 -3.30
CA ALA D 54 -29.18 -15.11 -2.54
C ALA D 54 -29.60 -16.47 -3.11
N PRO D 55 -29.82 -17.45 -2.25
CA PRO D 55 -30.43 -18.68 -2.67
C PRO D 55 -31.97 -18.56 -2.72
N SER D 56 -32.62 -19.67 -3.04
CA SER D 56 -34.06 -19.68 -3.31
C SER D 56 -34.68 -21.07 -3.11
N GLY D 57 -35.78 -21.12 -2.33
CA GLY D 57 -36.45 -22.35 -2.02
C GLY D 57 -37.42 -22.73 -3.12
N ALA D 58 -37.56 -24.03 -3.35
CA ALA D 58 -38.51 -24.51 -4.37
C ALA D 58 -39.93 -24.43 -3.79
N SER D 59 -40.03 -24.72 -2.51
CA SER D 59 -41.24 -24.50 -1.75
C SER D 59 -40.84 -23.72 -0.50
N THR D 60 -41.51 -22.60 -0.29
CA THR D 60 -41.24 -21.73 0.84
C THR D 60 -42.32 -21.87 1.95
N GLY D 61 -41.87 -21.77 3.19
CA GLY D 61 -42.74 -21.65 4.33
C GLY D 61 -43.53 -20.35 4.20
N SER D 62 -44.78 -20.39 4.65
CA SER D 62 -45.68 -19.21 4.73
C SER D 62 -45.15 -17.94 5.31
N ARG D 63 -44.41 -17.98 6.40
CA ARG D 63 -43.97 -16.73 7.05
C ARG D 63 -42.51 -16.35 6.73
N GLU D 64 -41.95 -16.97 5.69
CA GLU D 64 -40.65 -16.54 5.15
C GLU D 64 -40.75 -15.10 4.71
N ALA D 65 -39.76 -14.30 5.02
CA ALA D 65 -39.58 -13.07 4.36
C ALA D 65 -39.67 -13.23 2.82
N LEU D 66 -40.10 -12.18 2.14
CA LEU D 66 -40.58 -12.28 0.79
C LEU D 66 -39.42 -12.18 -0.20
N GLU D 67 -39.36 -13.20 -1.02
CA GLU D 67 -38.55 -13.20 -2.23
C GLU D 67 -39.35 -12.41 -3.28
N LEU D 68 -38.81 -11.25 -3.63
CA LEU D 68 -39.33 -10.41 -4.63
C LEU D 68 -38.92 -10.87 -6.05
N ARG D 69 -39.94 -11.26 -6.84
CA ARG D 69 -39.82 -11.56 -8.23
C ARG D 69 -40.67 -10.64 -9.04
N ASP D 70 -40.38 -10.56 -10.32
CA ASP D 70 -40.98 -9.53 -11.16
C ASP D 70 -42.44 -9.83 -11.63
N GLY D 71 -42.83 -11.09 -11.77
CA GLY D 71 -44.07 -11.44 -12.49
C GLY D 71 -44.16 -11.07 -13.98
N ASP D 72 -43.07 -10.68 -14.65
CA ASP D 72 -43.15 -10.41 -16.09
C ASP D 72 -43.03 -11.76 -16.88
N LYS D 73 -44.14 -12.21 -17.48
CA LYS D 73 -44.18 -13.52 -18.15
C LYS D 73 -43.32 -13.58 -19.42
N SER D 74 -42.95 -12.46 -19.99
CA SER D 74 -42.04 -12.47 -21.13
C SER D 74 -40.54 -12.70 -20.76
N ARG D 75 -40.18 -12.80 -19.47
CA ARG D 75 -38.80 -13.08 -19.06
C ARG D 75 -38.72 -14.19 -18.02
N PHE D 76 -37.99 -15.25 -18.33
CA PHE D 76 -37.82 -16.29 -17.34
C PHE D 76 -39.13 -16.78 -16.75
N LEU D 77 -40.20 -16.82 -17.56
CA LEU D 77 -41.50 -17.30 -17.14
C LEU D 77 -42.01 -16.57 -15.87
N GLY D 78 -41.70 -15.27 -15.77
CA GLY D 78 -42.11 -14.44 -14.62
C GLY D 78 -41.26 -14.50 -13.37
N LYS D 79 -40.11 -15.19 -13.41
CA LYS D 79 -39.24 -15.34 -12.28
C LYS D 79 -38.05 -14.38 -12.25
N GLY D 80 -38.07 -13.34 -13.07
CA GLY D 80 -37.01 -12.33 -13.07
C GLY D 80 -36.80 -11.69 -11.70
N VAL D 81 -35.67 -11.03 -11.49
CA VAL D 81 -35.47 -10.28 -10.24
C VAL D 81 -34.93 -8.88 -10.47
N THR D 82 -35.31 -8.25 -11.60
CA THR D 82 -34.91 -6.85 -11.89
C THR D 82 -35.35 -5.86 -10.81
N LYS D 83 -36.47 -6.09 -10.17
CA LYS D 83 -36.95 -5.10 -9.18
C LYS D 83 -36.08 -5.16 -7.94
N ALA D 84 -35.79 -6.37 -7.48
CA ALA D 84 -34.87 -6.61 -6.38
C ALA D 84 -33.49 -6.06 -6.69
N VAL D 85 -33.02 -6.28 -7.93
CA VAL D 85 -31.71 -5.79 -8.37
C VAL D 85 -31.70 -4.25 -8.34
N ALA D 86 -32.75 -3.62 -8.87
CA ALA D 86 -32.90 -2.15 -8.85
C ALA D 86 -32.98 -1.57 -7.43
N ALA D 87 -33.56 -2.32 -6.50
CA ALA D 87 -33.43 -1.92 -5.10
C ALA D 87 -31.97 -1.91 -4.59
N VAL D 88 -31.20 -2.95 -4.95
CA VAL D 88 -29.81 -2.95 -4.54
C VAL D 88 -29.11 -1.76 -5.09
N ASN D 89 -29.23 -1.57 -6.41
CA ASN D 89 -28.53 -0.51 -7.09
C ASN D 89 -28.96 0.92 -6.75
N GLY D 90 -30.19 1.08 -6.30
CA GLY D 90 -30.77 2.42 -6.07
C GLY D 90 -30.86 2.77 -4.61
N PRO D 91 -32.02 2.52 -3.95
CA PRO D 91 -32.19 3.00 -2.58
C PRO D 91 -31.27 2.34 -1.53
N ILE D 92 -31.04 1.04 -1.66
CA ILE D 92 -30.08 0.36 -0.78
C ILE D 92 -28.68 0.95 -0.91
N ALA D 93 -28.15 1.09 -2.12
CA ALA D 93 -26.81 1.64 -2.33
C ALA D 93 -26.76 2.99 -1.74
N GLN D 94 -27.71 3.81 -2.17
CA GLN D 94 -27.74 5.18 -1.70
C GLN D 94 -27.81 5.26 -0.14
N ALA D 95 -28.52 4.38 0.54
CA ALA D 95 -28.59 4.45 1.99
C ALA D 95 -27.30 4.01 2.73
N LEU D 96 -26.46 3.21 2.08
CA LEU D 96 -25.32 2.58 2.76
C LEU D 96 -24.01 3.22 2.42
N ILE D 97 -23.98 4.06 1.38
CA ILE D 97 -22.76 4.72 0.96
C ILE D 97 -22.24 5.57 2.15
N GLY D 98 -20.97 5.49 2.47
CA GLY D 98 -20.40 6.20 3.62
C GLY D 98 -20.62 5.51 4.97
N LYS D 99 -21.34 4.36 5.04
CA LYS D 99 -21.42 3.59 6.30
C LYS D 99 -20.30 2.59 6.44
N ASP D 100 -20.01 2.21 7.67
CA ASP D 100 -18.89 1.36 8.00
C ASP D 100 -19.32 -0.10 7.85
N ALA D 101 -18.76 -0.79 6.88
CA ALA D 101 -19.11 -2.17 6.61
C ALA D 101 -18.85 -3.10 7.82
N LYS D 102 -17.89 -2.76 8.69
CA LYS D 102 -17.60 -3.53 9.88
C LYS D 102 -18.70 -3.62 10.92
N ASP D 103 -19.60 -2.64 10.92
CA ASP D 103 -20.73 -2.63 11.82
C ASP D 103 -21.87 -3.43 11.16
N GLN D 104 -21.76 -4.76 11.11
CA GLN D 104 -22.80 -5.54 10.38
C GLN D 104 -24.23 -5.18 10.86
N ALA D 105 -24.42 -5.17 12.19
CA ALA D 105 -25.75 -4.86 12.77
C ALA D 105 -26.31 -3.52 12.33
N GLY D 106 -25.48 -2.47 12.34
CA GLY D 106 -25.83 -1.14 11.80
C GLY D 106 -26.20 -1.20 10.30
N ILE D 107 -25.42 -1.92 9.50
CA ILE D 107 -25.72 -2.03 8.07
C ILE D 107 -27.06 -2.74 7.85
N ASP D 108 -27.24 -3.89 8.50
CA ASP D 108 -28.46 -4.59 8.31
C ASP D 108 -29.66 -3.78 8.84
N LYS D 109 -29.51 -3.08 9.95
CA LYS D 109 -30.64 -2.28 10.47
C LYS D 109 -31.04 -1.14 9.49
N ILE D 110 -30.10 -0.45 8.87
CA ILE D 110 -30.40 0.58 7.86
C ILE D 110 -31.28 0.01 6.75
N MET D 111 -30.99 -1.19 6.31
CA MET D 111 -31.79 -1.82 5.25
C MET D 111 -33.14 -2.20 5.75
N ILE D 112 -33.17 -2.81 6.92
CA ILE D 112 -34.43 -3.25 7.51
C ILE D 112 -35.36 -2.05 7.72
N ASP D 113 -34.84 -0.95 8.29
CA ASP D 113 -35.64 0.28 8.53
C ASP D 113 -36.08 0.97 7.24
N LEU D 114 -35.17 1.06 6.27
CA LEU D 114 -35.52 1.69 4.98
C LEU D 114 -36.63 0.95 4.27
N ASP D 115 -36.60 -0.38 4.27
CA ASP D 115 -37.61 -1.23 3.64
C ASP D 115 -38.95 -1.03 4.31
N GLY D 116 -38.93 -0.95 5.65
CA GLY D 116 -40.05 -0.57 6.46
C GLY D 116 -41.09 -1.63 6.76
N THR D 117 -41.02 -2.81 6.12
CA THR D 117 -42.06 -3.85 6.26
C THR D 117 -41.60 -5.00 7.19
N GLU D 118 -42.54 -5.80 7.67
CA GLU D 118 -42.25 -6.94 8.50
C GLU D 118 -41.51 -8.06 7.75
N ASN D 119 -41.86 -8.28 6.48
CA ASN D 119 -41.33 -9.45 5.75
CA ASN D 119 -41.42 -9.42 5.67
C ASN D 119 -40.49 -8.97 4.54
N LYS D 120 -39.98 -7.76 4.61
CA LYS D 120 -39.04 -7.22 3.59
C LYS D 120 -39.63 -7.17 2.19
N SER D 121 -40.91 -6.89 2.10
CA SER D 121 -41.70 -6.87 0.86
C SER D 121 -41.52 -5.68 -0.05
N LYS D 122 -40.86 -4.62 0.39
CA LYS D 122 -40.53 -3.51 -0.51
C LYS D 122 -39.34 -3.82 -1.47
N PHE D 123 -38.17 -4.11 -0.89
CA PHE D 123 -36.93 -4.39 -1.64
C PHE D 123 -36.78 -5.92 -1.97
N GLY D 124 -37.35 -6.75 -1.10
CA GLY D 124 -37.21 -8.18 -1.19
C GLY D 124 -36.09 -8.63 -0.31
N ALA D 125 -36.34 -9.72 0.38
CA ALA D 125 -35.36 -10.32 1.28
C ALA D 125 -34.15 -10.83 0.47
N ASN D 126 -34.37 -11.08 -0.82
CA ASN D 126 -33.30 -11.44 -1.73
C ASN D 126 -32.31 -10.30 -1.95
N ALA D 127 -32.81 -9.07 -2.07
CA ALA D 127 -31.91 -7.91 -2.28
C ALA D 127 -31.14 -7.60 -1.02
N ILE D 128 -31.87 -7.54 0.08
CA ILE D 128 -31.33 -7.23 1.37
C ILE D 128 -30.26 -8.26 1.80
N LEU D 129 -30.60 -9.55 1.69
CA LEU D 129 -29.69 -10.59 2.11
C LEU D 129 -28.41 -10.60 1.30
N ALA D 130 -28.53 -10.43 -0.01
CA ALA D 130 -27.35 -10.45 -0.88
C ALA D 130 -26.38 -9.34 -0.47
N VAL D 131 -26.93 -8.16 -0.21
CA VAL D 131 -26.09 -7.03 0.22
C VAL D 131 -25.58 -7.29 1.64
N SER D 132 -26.42 -7.81 2.53
CA SER D 132 -25.98 -8.15 3.90
C SER D 132 -24.71 -9.07 3.92
N LEU D 133 -24.70 -10.10 3.07
CA LEU D 133 -23.64 -11.09 3.02
C LEU D 133 -22.40 -10.54 2.30
N ALA D 134 -22.59 -9.82 1.20
CA ALA D 134 -21.50 -9.15 0.52
C ALA D 134 -20.82 -8.13 1.41
N ASN D 135 -21.60 -7.48 2.26
CA ASN D 135 -21.04 -6.54 3.22
C ASN D 135 -20.11 -7.23 4.18
N ALA D 136 -20.60 -8.34 4.73
CA ALA D 136 -19.82 -9.19 5.61
C ALA D 136 -18.51 -9.60 4.98
N LYS D 137 -18.56 -9.99 3.71
CA LYS D 137 -17.34 -10.42 3.06
C LYS D 137 -16.36 -9.28 2.90
N ALA D 138 -16.87 -8.11 2.58
CA ALA D 138 -16.03 -6.97 2.34
C ALA D 138 -15.43 -6.51 3.68
N ALA D 139 -16.23 -6.60 4.74
CA ALA D 139 -15.72 -6.24 6.07
C ALA D 139 -14.60 -7.20 6.53
N ALA D 140 -14.83 -8.48 6.36
CA ALA D 140 -13.77 -9.51 6.59
C ALA D 140 -12.46 -9.20 5.88
N ALA D 141 -12.55 -8.86 4.61
CA ALA D 141 -11.33 -8.51 3.85
C ALA D 141 -10.70 -7.23 4.42
N ALA D 142 -11.50 -6.24 4.81
CA ALA D 142 -10.94 -5.04 5.40
C ALA D 142 -10.31 -5.28 6.78
N LYS D 143 -10.86 -6.21 7.53
CA LYS D 143 -10.21 -6.66 8.78
C LYS D 143 -9.00 -7.59 8.58
N GLY D 144 -8.71 -7.95 7.33
CA GLY D 144 -7.60 -8.87 7.02
C GLY D 144 -7.79 -10.33 7.43
N MET D 145 -9.02 -10.84 7.38
CA MET D 145 -9.30 -12.17 7.90
C MET D 145 -10.28 -12.93 7.02
N PRO D 146 -10.26 -14.28 7.05
CA PRO D 146 -11.29 -15.04 6.35
C PRO D 146 -12.69 -14.83 6.95
N LEU D 147 -13.69 -15.16 6.14
CA LEU D 147 -15.04 -14.91 6.54
C LEU D 147 -15.47 -15.59 7.87
N TYR D 148 -15.05 -16.82 8.12
CA TYR D 148 -15.42 -17.62 9.30
C TYR D 148 -14.91 -16.91 10.57
N GLU D 149 -13.72 -16.35 10.49
CA GLU D 149 -13.14 -15.59 11.60
C GLU D 149 -13.92 -14.31 11.92
N HIS D 150 -14.26 -13.53 10.90
CA HIS D 150 -15.14 -12.37 11.06
C HIS D 150 -16.49 -12.73 11.65
N ILE D 151 -17.11 -13.73 11.05
CA ILE D 151 -18.37 -14.22 11.57
C ILE D 151 -18.31 -14.60 13.06
N ALA D 152 -17.29 -15.32 13.47
CA ALA D 152 -17.14 -15.61 14.88
C ALA D 152 -17.03 -14.32 15.72
N GLU D 153 -16.44 -13.28 15.16
CA GLU D 153 -16.37 -12.02 15.88
C GLU D 153 -17.73 -11.32 15.89
N LEU D 154 -18.41 -11.33 14.76
CA LEU D 154 -19.74 -10.73 14.72
C LEU D 154 -20.74 -11.43 15.66
N ASN D 155 -20.52 -12.73 15.90
CA ASN D 155 -21.42 -13.61 16.66
C ASN D 155 -21.13 -13.48 18.16
N GLY D 156 -20.09 -12.70 18.54
CA GLY D 156 -19.59 -12.68 19.89
C GLY D 156 -19.06 -14.00 20.43
N THR D 157 -18.41 -14.80 19.57
CA THR D 157 -17.77 -16.04 20.00
C THR D 157 -16.40 -16.15 19.32
N PRO D 158 -15.54 -15.14 19.53
CA PRO D 158 -14.30 -15.05 18.75
C PRO D 158 -13.37 -16.23 18.99
N GLY D 159 -12.72 -16.71 17.92
CA GLY D 159 -11.79 -17.84 17.98
C GLY D 159 -12.45 -19.20 18.23
N LYS D 160 -13.77 -19.28 18.20
CA LYS D 160 -14.48 -20.46 18.62
C LYS D 160 -15.09 -21.10 17.42
N TYR D 161 -14.51 -22.23 16.98
CA TYR D 161 -14.91 -22.86 15.72
C TYR D 161 -15.24 -24.36 15.93
N SER D 162 -16.12 -24.89 15.08
CA SER D 162 -16.17 -26.33 14.84
C SER D 162 -16.47 -26.61 13.34
N MET D 163 -16.18 -27.85 12.89
CA MET D 163 -16.59 -28.33 11.60
C MET D 163 -17.92 -29.08 11.76
N PRO D 164 -18.93 -28.70 10.97
CA PRO D 164 -20.24 -29.28 11.19
C PRO D 164 -20.40 -30.70 10.65
N VAL D 165 -21.26 -31.46 11.32
CA VAL D 165 -21.68 -32.79 10.93
C VAL D 165 -22.74 -32.65 9.86
N PRO D 166 -22.43 -33.10 8.63
CA PRO D 166 -23.31 -32.79 7.58
C PRO D 166 -24.40 -33.85 7.50
N MET D 167 -25.59 -33.48 7.06
CA MET D 167 -26.62 -34.47 6.76
C MET D 167 -26.93 -34.36 5.26
N MET D 168 -26.74 -35.47 4.56
CA MET D 168 -26.61 -35.48 3.08
C MET D 168 -27.80 -36.18 2.41
N ASN D 169 -28.56 -35.42 1.64
CA ASN D 169 -29.82 -35.86 1.08
C ASN D 169 -29.57 -36.67 -0.24
N ILE D 170 -29.34 -37.96 -0.10
CA ILE D 170 -29.01 -38.88 -1.19
C ILE D 170 -30.24 -39.62 -1.79
N ILE D 171 -31.43 -39.56 -1.15
CA ILE D 171 -32.69 -40.08 -1.75
C ILE D 171 -33.75 -39.01 -1.52
N ASN D 172 -34.30 -38.55 -2.64
CA ASN D 172 -35.07 -37.30 -2.80
C ASN D 172 -36.51 -37.74 -2.94
N GLY D 173 -37.41 -36.86 -2.55
CA GLY D 173 -38.79 -37.21 -2.63
C GLY D 173 -39.63 -35.97 -2.59
N GLY D 174 -40.89 -36.24 -2.29
CA GLY D 174 -41.88 -35.20 -2.12
C GLY D 174 -42.13 -34.39 -3.37
N GLU D 175 -42.67 -33.21 -3.13
CA GLU D 175 -43.36 -32.45 -4.14
C GLU D 175 -42.39 -32.00 -5.27
N HIS D 176 -41.15 -31.63 -4.92
CA HIS D 176 -40.12 -31.11 -5.86
C HIS D 176 -38.93 -32.04 -6.03
N ALA D 177 -39.27 -33.21 -6.61
CA ALA D 177 -38.40 -34.12 -7.37
C ALA D 177 -39.35 -35.26 -7.79
N ASP D 178 -39.13 -35.75 -9.02
CA ASP D 178 -40.13 -36.46 -9.89
C ASP D 178 -40.29 -37.98 -9.61
N ASN D 179 -41.13 -38.38 -8.64
CA ASN D 179 -41.30 -39.80 -8.23
C ASN D 179 -42.49 -39.97 -7.28
N ASN D 180 -42.68 -41.14 -6.64
CA ASN D 180 -43.88 -41.39 -5.80
C ASN D 180 -43.63 -41.45 -4.25
N VAL D 181 -42.57 -40.78 -3.81
CA VAL D 181 -42.14 -40.83 -2.40
C VAL D 181 -42.65 -39.58 -1.69
N ASP D 182 -43.16 -39.76 -0.47
CA ASP D 182 -43.81 -38.63 0.21
C ASP D 182 -42.81 -37.74 0.91
N ILE D 183 -41.94 -38.39 1.69
CA ILE D 183 -40.96 -37.74 2.52
C ILE D 183 -40.01 -37.04 1.58
N GLN D 184 -39.70 -35.79 1.83
CA GLN D 184 -38.86 -35.03 0.92
C GLN D 184 -37.38 -35.41 0.95
N GLU D 185 -36.80 -35.77 2.09
CA GLU D 185 -35.33 -35.92 2.14
C GLU D 185 -34.94 -37.05 3.07
N PHE D 186 -34.19 -38.04 2.54
CA PHE D 186 -33.54 -39.03 3.35
C PHE D 186 -32.08 -38.83 3.28
N MET D 187 -31.48 -38.75 4.46
CA MET D 187 -30.14 -38.24 4.63
C MET D 187 -29.25 -39.17 5.46
N ILE D 188 -27.95 -39.20 5.12
CA ILE D 188 -26.96 -39.85 5.89
C ILE D 188 -26.16 -38.80 6.60
N GLN D 189 -25.65 -39.14 7.77
CA GLN D 189 -24.79 -38.27 8.56
C GLN D 189 -23.57 -39.06 8.94
N PRO D 190 -22.37 -38.68 8.43
CA PRO D 190 -21.15 -39.45 8.75
C PRO D 190 -20.62 -39.19 10.16
N VAL D 191 -21.40 -39.49 11.19
CA VAL D 191 -20.99 -39.19 12.57
C VAL D 191 -19.73 -39.88 13.02
N GLY D 192 -19.40 -41.00 12.39
CA GLY D 192 -18.16 -41.77 12.74
C GLY D 192 -16.86 -41.15 12.29
N ALA D 193 -16.91 -40.26 11.32
CA ALA D 193 -15.69 -39.60 10.85
C ALA D 193 -14.96 -38.81 12.00
N LYS D 194 -13.65 -38.63 11.83
CA LYS D 194 -12.80 -37.86 12.74
C LYS D 194 -12.57 -36.39 12.29
N THR D 195 -12.77 -36.13 10.99
CA THR D 195 -12.62 -34.81 10.36
C THR D 195 -13.80 -34.58 9.38
N VAL D 196 -14.03 -33.34 8.99
CA VAL D 196 -15.08 -33.16 8.02
C VAL D 196 -14.59 -33.68 6.63
N LYS D 197 -13.29 -33.68 6.42
CA LYS D 197 -12.77 -34.22 5.17
C LYS D 197 -13.11 -35.72 5.04
N GLU D 198 -13.05 -36.42 6.17
CA GLU D 198 -13.35 -37.85 6.17
C GLU D 198 -14.83 -38.05 6.01
N ALA D 199 -15.63 -37.16 6.61
CA ALA D 199 -17.06 -37.28 6.51
C ALA D 199 -17.53 -37.11 5.04
N ILE D 200 -16.91 -36.20 4.38
CA ILE D 200 -17.21 -35.92 2.98
C ILE D 200 -16.84 -37.15 2.10
N ARG D 201 -15.70 -37.75 2.36
CA ARG D 201 -15.31 -38.94 1.63
C ARG D 201 -16.31 -40.09 1.84
N MET D 202 -16.66 -40.34 3.08
CA MET D 202 -17.62 -41.37 3.43
C MET D 202 -18.93 -41.14 2.69
N GLY D 203 -19.38 -39.88 2.67
CA GLY D 203 -20.54 -39.47 1.89
C GLY D 203 -20.44 -39.77 0.43
N SER D 204 -19.29 -39.43 -0.15
CA SER D 204 -19.08 -39.72 -1.58
C SER D 204 -19.21 -41.23 -1.85
N GLU D 205 -18.56 -42.02 -1.02
CA GLU D 205 -18.53 -43.45 -1.20
C GLU D 205 -19.93 -44.08 -1.08
N VAL D 206 -20.71 -43.64 -0.10
CA VAL D 206 -22.03 -44.20 0.05
C VAL D 206 -22.93 -43.84 -1.12
N PHE D 207 -22.93 -42.55 -1.50
CA PHE D 207 -23.63 -42.08 -2.68
C PHE D 207 -23.28 -42.87 -3.95
N HIS D 208 -22.00 -43.16 -4.15
CA HIS D 208 -21.61 -44.01 -5.28
C HIS D 208 -22.11 -45.49 -5.19
N HIS D 209 -22.11 -46.06 -4.00
CA HIS D 209 -22.61 -47.40 -3.85
C HIS D 209 -24.11 -47.40 -3.96
N LEU D 210 -24.74 -46.33 -3.46
CA LEU D 210 -26.15 -46.17 -3.69
C LEU D 210 -26.53 -46.26 -5.18
N ALA D 211 -25.72 -45.69 -6.07
CA ALA D 211 -26.05 -45.78 -7.50
C ALA D 211 -25.95 -47.22 -8.00
N LYS D 212 -24.98 -47.99 -7.55
CA LYS D 212 -24.92 -49.43 -7.91
C LYS D 212 -26.15 -50.20 -7.41
N VAL D 213 -26.45 -50.07 -6.10
CA VAL D 213 -27.66 -50.63 -5.52
C VAL D 213 -28.86 -50.24 -6.37
N LEU D 214 -29.00 -48.96 -6.74
CA LEU D 214 -30.20 -48.60 -7.48
C LEU D 214 -30.20 -49.19 -8.88
N LYS D 215 -29.06 -49.18 -9.55
CA LYS D 215 -28.97 -49.69 -10.92
C LYS D 215 -29.23 -51.23 -10.97
N ALA D 216 -28.69 -52.00 -10.03
CA ALA D 216 -29.07 -53.41 -9.86
C ALA D 216 -30.57 -53.69 -9.64
N LYS D 217 -31.34 -52.72 -9.17
CA LYS D 217 -32.79 -52.89 -9.08
C LYS D 217 -33.53 -52.33 -10.33
N GLY D 218 -32.78 -51.91 -11.35
CA GLY D 218 -33.35 -51.21 -12.48
C GLY D 218 -34.03 -49.89 -12.14
N MET D 219 -33.56 -49.18 -11.10
CA MET D 219 -34.12 -47.85 -10.77
C MET D 219 -33.24 -46.74 -11.32
N ASN D 220 -33.89 -45.61 -11.57
CA ASN D 220 -33.25 -44.46 -12.21
C ASN D 220 -32.23 -43.77 -11.26
N THR D 221 -31.05 -43.49 -11.82
CA THR D 221 -29.95 -42.78 -11.13
C THR D 221 -29.66 -41.35 -11.61
N ALA D 222 -30.57 -40.72 -12.33
CA ALA D 222 -30.52 -39.27 -12.51
C ALA D 222 -30.84 -38.53 -11.18
N VAL D 223 -30.50 -37.25 -11.10
CA VAL D 223 -30.58 -36.59 -9.81
C VAL D 223 -31.56 -35.47 -9.81
N GLY D 224 -32.07 -35.16 -8.61
CA GLY D 224 -32.92 -33.99 -8.42
C GLY D 224 -32.10 -32.76 -8.03
N ASP D 225 -32.81 -31.78 -7.50
CA ASP D 225 -32.33 -30.41 -7.30
C ASP D 225 -31.12 -30.34 -6.38
N GLU D 226 -31.06 -31.27 -5.43
CA GLU D 226 -30.03 -31.38 -4.40
C GLU D 226 -29.01 -32.49 -4.62
N GLY D 227 -28.98 -33.09 -5.82
CA GLY D 227 -27.93 -34.04 -6.17
C GLY D 227 -28.16 -35.48 -5.75
N GLY D 228 -29.31 -35.75 -5.17
CA GLY D 228 -29.69 -37.06 -4.69
C GLY D 228 -30.54 -37.78 -5.72
N TYR D 229 -30.69 -39.07 -5.56
CA TYR D 229 -31.41 -39.84 -6.57
C TYR D 229 -32.87 -39.76 -6.28
N ALA D 230 -33.70 -39.86 -7.32
CA ALA D 230 -35.17 -39.85 -7.16
C ALA D 230 -35.83 -41.05 -7.86
N PRO D 231 -35.51 -42.27 -7.42
CA PRO D 231 -36.05 -43.47 -7.97
C PRO D 231 -37.50 -43.64 -7.62
N ASN D 232 -38.19 -44.46 -8.41
CA ASN D 232 -39.55 -44.90 -8.12
C ASN D 232 -39.49 -46.07 -7.13
N LEU D 233 -39.91 -45.79 -5.90
CA LEU D 233 -39.90 -46.74 -4.79
C LEU D 233 -41.31 -47.05 -4.30
N GLY D 234 -41.50 -48.25 -3.79
CA GLY D 234 -42.84 -48.71 -3.41
C GLY D 234 -43.38 -48.14 -2.09
N SER D 235 -42.52 -47.55 -1.25
CA SER D 235 -42.95 -47.00 0.02
C SER D 235 -41.87 -46.08 0.57
N ASN D 236 -42.27 -45.21 1.50
CA ASN D 236 -41.30 -44.32 2.15
C ASN D 236 -40.20 -45.11 2.88
N ALA D 237 -40.54 -46.19 3.55
CA ALA D 237 -39.56 -47.05 4.23
C ALA D 237 -38.47 -47.64 3.32
N GLU D 238 -38.79 -47.88 2.05
CA GLU D 238 -37.83 -48.53 1.14
C GLU D 238 -36.64 -47.58 0.82
N ALA D 239 -36.86 -46.28 0.85
CA ALA D 239 -35.77 -45.30 0.77
C ALA D 239 -34.74 -45.55 1.79
N LEU D 240 -35.20 -45.75 3.03
CA LEU D 240 -34.34 -46.13 4.15
C LEU D 240 -33.62 -47.41 3.92
N ALA D 241 -34.31 -48.44 3.41
CA ALA D 241 -33.68 -49.77 3.14
C ALA D 241 -32.59 -49.71 2.05
N VAL D 242 -32.84 -48.99 0.96
CA VAL D 242 -31.76 -48.88 -0.10
C VAL D 242 -30.54 -48.10 0.43
N ILE D 243 -30.77 -47.16 1.33
CA ILE D 243 -29.65 -46.42 1.93
C ILE D 243 -28.86 -47.36 2.78
N ALA D 244 -29.57 -48.16 3.59
CA ALA D 244 -28.97 -49.21 4.42
C ALA D 244 -28.17 -50.15 3.57
N GLU D 245 -28.74 -50.61 2.47
CA GLU D 245 -27.91 -51.45 1.54
C GLU D 245 -26.65 -50.75 1.06
N ALA D 246 -26.79 -49.51 0.63
CA ALA D 246 -25.62 -48.70 0.17
C ALA D 246 -24.57 -48.54 1.26
N VAL D 247 -24.98 -48.22 2.49
CA VAL D 247 -24.03 -48.01 3.60
C VAL D 247 -23.23 -49.28 3.86
N LYS D 248 -23.94 -50.41 4.00
CA LYS D 248 -23.34 -51.77 4.10
C LYS D 248 -22.39 -52.06 2.91
N ALA D 249 -22.86 -51.94 1.68
CA ALA D 249 -21.91 -52.16 0.53
C ALA D 249 -20.69 -51.21 0.53
N ALA D 250 -20.77 -50.06 1.20
CA ALA D 250 -19.62 -49.18 1.29
C ALA D 250 -18.62 -49.57 2.34
N GLY D 251 -18.89 -50.62 3.13
CA GLY D 251 -17.96 -50.99 4.19
C GLY D 251 -18.27 -50.36 5.56
N TYR D 252 -19.38 -49.67 5.72
CA TYR D 252 -19.62 -48.85 6.93
C TYR D 252 -20.72 -49.46 7.77
N GLU D 253 -20.73 -49.11 9.05
CA GLU D 253 -21.71 -49.67 10.01
C GLU D 253 -22.84 -48.68 10.25
N LEU D 254 -24.04 -49.04 9.83
CA LEU D 254 -25.19 -48.17 9.99
C LEU D 254 -25.46 -48.08 11.50
N GLY D 255 -25.65 -46.89 12.03
CA GLY D 255 -25.75 -46.69 13.47
C GLY D 255 -24.46 -46.31 14.16
N LYS D 256 -23.32 -46.95 13.90
CA LYS D 256 -22.04 -46.52 14.51
C LYS D 256 -21.26 -45.52 13.64
N ASP D 257 -21.17 -45.78 12.33
CA ASP D 257 -20.46 -44.89 11.37
C ASP D 257 -21.36 -43.79 10.79
N ILE D 258 -22.57 -44.16 10.45
CA ILE D 258 -23.50 -43.33 9.77
C ILE D 258 -24.86 -43.45 10.45
N THR D 259 -25.48 -42.32 10.75
CA THR D 259 -26.88 -42.26 11.22
C THR D 259 -27.71 -41.62 10.13
N LEU D 260 -29.02 -41.56 10.33
CA LEU D 260 -29.92 -41.11 9.32
C LEU D 260 -30.73 -39.94 9.80
N ALA D 261 -31.16 -39.11 8.84
CA ALA D 261 -32.04 -37.99 9.13
C ALA D 261 -33.03 -37.85 8.04
N MET D 262 -34.15 -37.25 8.34
CA MET D 262 -35.19 -37.02 7.36
C MET D 262 -35.69 -35.60 7.46
N ASP D 263 -36.15 -35.11 6.31
CA ASP D 263 -37.02 -33.94 6.21
C ASP D 263 -38.33 -34.43 5.59
N CYS D 264 -39.37 -34.50 6.42
CA CYS D 264 -40.72 -34.89 5.99
C CYS D 264 -41.31 -33.83 5.09
N ALA D 265 -41.06 -32.55 5.39
CA ALA D 265 -41.69 -31.40 4.70
C ALA D 265 -43.18 -31.65 4.73
N ALA D 266 -43.71 -32.00 5.92
CA ALA D 266 -45.08 -32.54 6.06
C ALA D 266 -46.19 -31.58 5.70
N SER D 267 -45.92 -30.27 5.71
CA SER D 267 -46.82 -29.28 5.09
C SER D 267 -47.23 -29.63 3.66
N GLU D 268 -46.36 -30.28 2.90
CA GLU D 268 -46.66 -30.63 1.48
C GLU D 268 -47.68 -31.75 1.31
N PHE D 269 -47.94 -32.56 2.34
CA PHE D 269 -48.96 -33.65 2.24
C PHE D 269 -50.09 -33.56 3.29
N TYR D 270 -50.26 -32.36 3.83
CA TYR D 270 -51.32 -32.02 4.79
C TYR D 270 -52.45 -31.31 4.03
N LYS D 271 -53.60 -31.98 3.86
CA LYS D 271 -54.81 -31.30 3.33
C LYS D 271 -56.03 -31.69 4.13
N ASP D 272 -56.88 -30.70 4.41
CA ASP D 272 -58.12 -30.88 5.17
C ASP D 272 -57.88 -31.60 6.47
N GLY D 273 -56.85 -31.16 7.19
CA GLY D 273 -56.60 -31.61 8.56
C GLY D 273 -55.99 -32.98 8.75
N LYS D 274 -55.52 -33.62 7.67
CA LYS D 274 -54.87 -34.94 7.78
C LYS D 274 -53.56 -35.01 6.94
N TYR D 275 -52.68 -35.93 7.29
CA TYR D 275 -51.46 -36.17 6.53
C TYR D 275 -51.68 -37.32 5.57
N VAL D 276 -51.56 -37.05 4.28
CA VAL D 276 -51.90 -38.06 3.28
C VAL D 276 -50.63 -38.52 2.55
N LEU D 277 -50.34 -39.80 2.66
CA LEU D 277 -49.20 -40.34 1.98
C LEU D 277 -49.64 -41.11 0.69
N ALA D 278 -49.38 -40.56 -0.51
CA ALA D 278 -49.44 -41.34 -1.81
C ALA D 278 -48.77 -42.76 -1.86
N GLY D 279 -47.50 -42.87 -1.51
CA GLY D 279 -46.80 -44.17 -1.43
C GLY D 279 -47.05 -45.07 -0.22
N GLU D 280 -48.18 -44.93 0.47
CA GLU D 280 -48.65 -45.99 1.41
C GLU D 280 -50.18 -46.24 1.25
N GLY D 281 -50.70 -46.04 0.02
CA GLY D 281 -52.12 -46.28 -0.30
C GLY D 281 -53.01 -45.03 -0.31
N ASN D 282 -52.41 -43.85 -0.50
CA ASN D 282 -53.08 -42.55 -0.26
C ASN D 282 -53.69 -42.56 1.18
N LYS D 283 -53.04 -43.26 2.13
CA LYS D 283 -53.60 -43.45 3.47
C LYS D 283 -53.46 -42.17 4.29
N ALA D 284 -54.47 -41.89 5.13
CA ALA D 284 -54.64 -40.61 5.83
C ALA D 284 -54.28 -40.79 7.28
N PHE D 285 -53.60 -39.80 7.85
CA PHE D 285 -53.11 -39.88 9.21
C PHE D 285 -53.49 -38.61 9.94
N THR D 286 -53.93 -38.74 11.19
CA THR D 286 -53.96 -37.64 12.13
C THR D 286 -52.48 -37.30 12.55
N SER D 287 -52.26 -36.16 13.19
CA SER D 287 -50.88 -35.83 13.63
C SER D 287 -50.35 -36.88 14.60
N GLU D 288 -51.23 -37.35 15.47
CA GLU D 288 -50.86 -38.40 16.41
C GLU D 288 -50.42 -39.69 15.69
N GLU D 289 -51.22 -40.11 14.72
CA GLU D 289 -50.95 -41.33 13.95
C GLU D 289 -49.71 -41.22 13.08
N PHE D 290 -49.55 -40.08 12.43
CA PHE D 290 -48.28 -39.80 11.68
C PHE D 290 -47.04 -39.77 12.58
N THR D 291 -47.17 -39.23 13.80
CA THR D 291 -46.04 -39.24 14.75
C THR D 291 -45.68 -40.69 15.07
N HIS D 292 -46.71 -41.54 15.27
CA HIS D 292 -46.49 -42.97 15.55
C HIS D 292 -45.82 -43.70 14.35
N PHE D 293 -46.24 -43.38 13.12
CA PHE D 293 -45.57 -43.87 11.88
C PHE D 293 -44.06 -43.51 11.90
N LEU D 294 -43.75 -42.24 12.21
CA LEU D 294 -42.37 -41.78 12.31
C LEU D 294 -41.61 -42.53 13.37
N GLU D 295 -42.28 -42.69 14.49
CA GLU D 295 -41.70 -43.30 15.65
C GLU D 295 -41.31 -44.75 15.38
N GLU D 296 -42.18 -45.47 14.65
CA GLU D 296 -41.91 -46.83 14.26
C GLU D 296 -40.70 -46.89 13.28
N LEU D 297 -40.66 -45.96 12.32
CA LEU D 297 -39.44 -45.84 11.48
C LEU D 297 -38.17 -45.69 12.32
N THR D 298 -38.26 -44.92 13.42
CA THR D 298 -37.07 -44.67 14.26
C THR D 298 -36.65 -45.89 15.05
N LYS D 299 -37.53 -46.88 15.15
CA LYS D 299 -37.20 -48.15 15.80
C LYS D 299 -36.59 -49.11 14.81
N GLN D 300 -37.08 -49.13 13.57
CA GLN D 300 -36.44 -49.96 12.55
C GLN D 300 -35.04 -49.49 12.07
N TYR D 301 -34.79 -48.16 12.08
CA TYR D 301 -33.58 -47.59 11.45
C TYR D 301 -33.00 -46.57 12.37
N PRO D 302 -31.70 -46.38 12.34
CA PRO D 302 -31.17 -45.38 13.27
C PRO D 302 -31.33 -43.91 12.74
N ILE D 303 -32.57 -43.49 12.71
CA ILE D 303 -32.99 -42.17 12.40
C ILE D 303 -32.87 -41.36 13.67
N VAL D 304 -32.01 -40.35 13.63
CA VAL D 304 -31.70 -39.55 14.77
C VAL D 304 -32.17 -38.15 14.64
N SER D 305 -32.78 -37.82 13.52
CA SER D 305 -33.22 -36.46 13.34
C SER D 305 -34.36 -36.42 12.31
N ILE D 306 -35.41 -35.68 12.63
CA ILE D 306 -36.57 -35.53 11.80
C ILE D 306 -37.03 -34.09 11.80
N GLU D 307 -37.20 -33.57 10.61
CA GLU D 307 -37.41 -32.15 10.36
C GLU D 307 -38.81 -32.01 9.80
N ASP D 308 -39.53 -30.99 10.21
CA ASP D 308 -40.87 -30.69 9.70
C ASP D 308 -41.73 -31.97 9.60
N GLY D 309 -41.78 -32.71 10.70
CA GLY D 309 -42.62 -33.90 10.82
C GLY D 309 -44.11 -33.65 10.84
N LEU D 310 -44.50 -32.39 10.92
CA LEU D 310 -45.88 -31.98 10.81
C LEU D 310 -45.95 -30.64 10.11
N ASP D 311 -47.19 -30.16 9.88
CA ASP D 311 -47.46 -28.93 9.14
C ASP D 311 -47.04 -27.71 9.93
N GLU D 312 -46.63 -26.67 9.22
CA GLU D 312 -46.14 -25.46 9.89
C GLU D 312 -47.14 -24.86 10.87
N SER D 313 -48.44 -25.06 10.60
CA SER D 313 -49.56 -24.58 11.44
C SER D 313 -49.98 -25.55 12.59
N ASP D 314 -49.48 -26.77 12.60
CA ASP D 314 -49.95 -27.77 13.56
C ASP D 314 -49.12 -27.72 14.85
N TRP D 315 -49.26 -26.60 15.56
CA TRP D 315 -48.51 -26.39 16.81
C TRP D 315 -48.90 -27.43 17.87
N ASP D 316 -50.17 -27.83 17.92
CA ASP D 316 -50.59 -28.86 18.90
C ASP D 316 -49.89 -30.16 18.60
N GLY D 317 -49.83 -30.53 17.32
CA GLY D 317 -49.18 -31.80 16.91
C GLY D 317 -47.70 -31.78 17.28
N PHE D 318 -47.03 -30.67 16.97
CA PHE D 318 -45.57 -30.57 17.31
C PHE D 318 -45.29 -30.69 18.82
N ALA D 319 -46.16 -30.08 19.65
CA ALA D 319 -46.06 -30.20 21.11
C ALA D 319 -46.16 -31.66 21.50
N TYR D 320 -47.13 -32.37 20.89
CA TYR D 320 -47.30 -33.82 21.05
C TYR D 320 -46.03 -34.60 20.59
N GLN D 321 -45.63 -34.36 19.32
CA GLN D 321 -44.49 -35.05 18.77
C GLN D 321 -43.25 -34.79 19.60
N THR D 322 -43.11 -33.58 20.14
CA THR D 322 -41.95 -33.30 20.97
C THR D 322 -41.93 -34.01 22.34
N LYS D 323 -43.06 -34.13 23.05
CA LYS D 323 -43.02 -34.87 24.37
C LYS D 323 -42.72 -36.31 24.11
N VAL D 324 -43.35 -36.84 23.05
CA VAL D 324 -43.24 -38.26 22.69
C VAL D 324 -41.87 -38.71 22.22
N LEU D 325 -41.28 -37.92 21.33
CA LEU D 325 -40.08 -38.33 20.60
C LEU D 325 -38.85 -37.43 20.89
N GLY D 326 -39.06 -36.27 21.51
CA GLY D 326 -38.02 -35.24 21.63
C GLY D 326 -36.91 -35.57 22.59
N ASP D 327 -37.15 -36.50 23.53
CA ASP D 327 -36.10 -36.97 24.43
C ASP D 327 -35.06 -37.78 23.65
N LYS D 328 -35.52 -38.55 22.68
CA LYS D 328 -34.67 -39.48 21.96
C LYS D 328 -34.17 -38.92 20.62
N ILE D 329 -34.93 -38.04 19.98
CA ILE D 329 -34.73 -37.66 18.59
C ILE D 329 -34.61 -36.13 18.47
N GLN D 330 -33.78 -35.67 17.52
CA GLN D 330 -33.66 -34.27 17.18
C GLN D 330 -34.86 -33.91 16.35
N LEU D 331 -35.58 -32.86 16.67
CA LEU D 331 -36.80 -32.49 15.93
C LEU D 331 -36.65 -31.09 15.40
N VAL D 332 -36.57 -30.97 14.08
CA VAL D 332 -36.03 -29.81 13.45
C VAL D 332 -37.15 -28.98 12.89
N GLY D 333 -37.32 -27.76 13.40
CA GLY D 333 -38.27 -26.85 12.79
C GLY D 333 -37.62 -26.14 11.62
N ASP D 334 -38.27 -26.22 10.48
CA ASP D 334 -37.88 -25.48 9.26
C ASP D 334 -38.91 -24.40 8.84
N ASP D 335 -39.92 -24.83 8.07
CA ASP D 335 -41.09 -24.03 7.80
C ASP D 335 -41.78 -23.65 9.12
N LEU D 336 -41.62 -24.46 10.14
CA LEU D 336 -42.17 -24.18 11.47
C LEU D 336 -41.65 -22.86 12.05
N PHE D 337 -40.34 -22.61 11.95
CA PHE D 337 -39.74 -21.41 12.52
C PHE D 337 -39.27 -20.31 11.56
N VAL D 338 -39.14 -20.65 10.27
CA VAL D 338 -38.50 -19.78 9.25
C VAL D 338 -37.36 -18.84 9.71
N THR D 339 -36.43 -19.39 10.46
CA THR D 339 -35.27 -18.68 10.92
C THR D 339 -35.61 -17.32 11.55
N ASN D 340 -36.74 -17.28 12.25
CA ASN D 340 -37.34 -16.02 12.73
C ASN D 340 -37.42 -16.08 14.27
N THR D 341 -36.65 -15.25 14.96
CA THR D 341 -36.70 -15.17 16.43
C THR D 341 -38.10 -15.00 17.06
N LYS D 342 -39.04 -14.30 16.38
CA LYS D 342 -40.37 -14.12 16.91
C LYS D 342 -41.07 -15.47 17.01
N ILE D 343 -40.79 -16.34 16.05
CA ILE D 343 -41.50 -17.61 16.01
C ILE D 343 -40.81 -18.61 16.89
N LEU D 344 -39.51 -18.70 16.77
CA LEU D 344 -38.77 -19.56 17.61
C LEU D 344 -39.01 -19.30 19.13
N LYS D 345 -39.09 -18.04 19.52
CA LYS D 345 -39.34 -17.72 20.93
C LYS D 345 -40.66 -18.34 21.44
N GLU D 346 -41.75 -18.18 20.69
CA GLU D 346 -43.05 -18.81 20.97
C GLU D 346 -42.90 -20.32 21.04
N GLY D 347 -42.17 -20.90 20.09
CA GLY D 347 -41.90 -22.35 20.09
C GLY D 347 -41.18 -22.85 21.34
N ILE D 348 -40.16 -22.13 21.77
CA ILE D 348 -39.38 -22.55 22.94
C ILE D 348 -40.28 -22.55 24.19
N GLU D 349 -41.05 -21.48 24.37
CA GLU D 349 -42.04 -21.34 25.48
C GLU D 349 -43.03 -22.46 25.52
N LYS D 350 -43.48 -22.93 24.35
CA LYS D 350 -44.46 -23.99 24.25
C LYS D 350 -43.97 -25.40 24.11
N GLY D 351 -42.70 -25.68 24.39
CA GLY D 351 -42.15 -27.06 24.22
C GLY D 351 -42.23 -27.63 22.79
N ILE D 352 -42.13 -26.76 21.78
CA ILE D 352 -42.25 -27.12 20.34
C ILE D 352 -40.85 -27.37 19.74
N ALA D 353 -40.58 -28.62 19.33
CA ALA D 353 -39.33 -28.99 18.61
C ALA D 353 -38.13 -28.91 19.52
N ASN D 354 -36.95 -29.28 19.04
CA ASN D 354 -35.72 -29.03 19.81
C ASN D 354 -34.51 -28.61 18.98
N SER D 355 -34.77 -28.15 17.75
CA SER D 355 -33.68 -27.84 16.83
C SER D 355 -34.30 -26.94 15.80
N ILE D 356 -33.48 -26.11 15.14
CA ILE D 356 -33.95 -25.19 14.11
C ILE D 356 -33.06 -25.26 12.85
N LEU D 357 -33.72 -25.25 11.69
CA LEU D 357 -33.00 -25.22 10.42
C LEU D 357 -32.79 -23.74 10.06
N ILE D 358 -31.52 -23.32 9.96
CA ILE D 358 -31.10 -21.93 9.77
C ILE D 358 -30.85 -21.60 8.28
N LYS D 359 -31.77 -20.81 7.73
CA LYS D 359 -31.75 -20.37 6.36
C LYS D 359 -31.70 -18.89 6.36
N PHE D 360 -30.56 -18.30 6.03
CA PHE D 360 -30.51 -16.84 6.06
C PHE D 360 -31.52 -16.15 5.14
N ASN D 361 -31.98 -16.79 4.08
CA ASN D 361 -32.94 -16.10 3.22
C ASN D 361 -34.38 -16.26 3.67
N GLN D 362 -34.69 -17.11 4.64
CA GLN D 362 -36.03 -17.07 5.26
C GLN D 362 -36.24 -15.81 6.10
N ILE D 363 -35.16 -15.15 6.54
CA ILE D 363 -35.26 -13.96 7.42
C ILE D 363 -34.69 -12.69 6.79
N GLY D 364 -33.60 -12.82 6.04
CA GLY D 364 -33.20 -11.81 5.06
C GLY D 364 -31.96 -11.00 5.41
N SER D 365 -31.33 -11.28 6.54
CA SER D 365 -30.14 -10.60 6.96
C SER D 365 -29.21 -11.50 7.81
N LEU D 366 -27.93 -11.29 7.67
CA LEU D 366 -26.97 -11.99 8.52
C LEU D 366 -27.27 -11.73 10.01
N THR D 367 -27.46 -10.46 10.38
CA THR D 367 -27.67 -10.07 11.81
C THR D 367 -28.82 -10.84 12.44
N GLU D 368 -29.90 -10.96 11.72
CA GLU D 368 -31.08 -11.67 12.25
C GLU D 368 -30.88 -13.16 12.28
N THR D 369 -30.12 -13.67 11.31
CA THR D 369 -29.71 -15.05 11.30
C THR D 369 -28.86 -15.38 12.51
N LEU D 370 -27.91 -14.53 12.86
CA LEU D 370 -27.11 -14.79 14.06
C LEU D 370 -27.96 -14.72 15.34
N ALA D 371 -28.93 -13.84 15.39
CA ALA D 371 -29.84 -13.83 16.55
C ALA D 371 -30.67 -15.16 16.61
N ALA D 372 -31.02 -15.79 15.48
CA ALA D 372 -31.77 -17.06 15.56
C ALA D 372 -30.89 -18.19 16.10
N ILE D 373 -29.65 -18.23 15.68
CA ILE D 373 -28.72 -19.24 16.19
C ILE D 373 -28.51 -19.11 17.72
N LYS D 374 -28.35 -17.86 18.15
CA LYS D 374 -28.10 -17.58 19.53
C LYS D 374 -29.35 -17.91 20.41
N MET D 375 -30.55 -17.57 19.96
CA MET D 375 -31.79 -17.90 20.69
C MET D 375 -31.93 -19.41 20.78
N ALA D 376 -31.60 -20.12 19.71
CA ALA D 376 -31.59 -21.60 19.76
C ALA D 376 -30.59 -22.14 20.79
N LYS D 377 -29.33 -21.73 20.71
CA LYS D 377 -28.33 -22.28 21.62
C LYS D 377 -28.59 -21.99 23.10
N ASP D 378 -29.15 -20.82 23.41
CA ASP D 378 -29.47 -20.44 24.78
C ASP D 378 -30.57 -21.30 25.46
N ALA D 379 -31.56 -21.68 24.65
CA ALA D 379 -32.59 -22.63 24.99
C ALA D 379 -32.16 -24.12 24.97
N GLY D 380 -30.89 -24.42 24.66
CA GLY D 380 -30.46 -25.79 24.47
C GLY D 380 -30.90 -26.46 23.17
N TYR D 381 -31.56 -25.76 22.26
CA TYR D 381 -31.85 -26.28 20.90
C TYR D 381 -30.59 -26.33 20.06
N THR D 382 -30.56 -27.25 19.11
CA THR D 382 -29.50 -27.19 18.09
C THR D 382 -29.89 -26.36 16.88
N ALA D 383 -28.83 -25.91 16.20
CA ALA D 383 -28.93 -25.13 14.99
C ALA D 383 -28.21 -25.89 13.85
N VAL D 384 -28.92 -26.06 12.73
CA VAL D 384 -28.46 -26.77 11.56
C VAL D 384 -28.51 -25.75 10.44
N ILE D 385 -27.34 -25.35 9.97
CA ILE D 385 -27.18 -24.33 8.88
C ILE D 385 -27.54 -25.05 7.60
N SER D 386 -28.39 -24.43 6.79
CA SER D 386 -28.97 -25.06 5.63
C SER D 386 -28.84 -24.28 4.32
N HIS D 387 -28.70 -25.07 3.26
CA HIS D 387 -28.87 -24.56 1.90
C HIS D 387 -30.36 -24.37 1.63
N ARG D 388 -30.66 -23.88 0.42
CA ARG D 388 -31.97 -23.99 -0.18
C ARG D 388 -31.85 -24.94 -1.36
N SER D 389 -32.99 -25.36 -1.88
CA SER D 389 -32.96 -26.26 -3.02
C SER D 389 -32.47 -25.53 -4.31
N GLY D 390 -32.64 -24.20 -4.39
CA GLY D 390 -32.15 -23.41 -5.48
C GLY D 390 -30.95 -22.67 -4.91
N GLU D 391 -29.76 -23.06 -5.34
CA GLU D 391 -28.51 -22.58 -4.78
C GLU D 391 -27.70 -21.90 -5.85
N THR D 392 -26.56 -21.37 -5.48
CA THR D 392 -25.55 -20.89 -6.45
C THR D 392 -24.19 -21.47 -6.03
N GLU D 393 -23.15 -21.14 -6.78
CA GLU D 393 -21.70 -21.30 -6.45
C GLU D 393 -21.31 -20.71 -5.10
N ASP D 394 -22.07 -19.77 -4.57
CA ASP D 394 -21.82 -19.16 -3.24
C ASP D 394 -21.62 -20.25 -2.20
N ALA D 395 -20.57 -20.10 -1.35
CA ALA D 395 -20.38 -21.09 -0.26
C ALA D 395 -20.43 -20.47 1.17
N THR D 396 -21.08 -19.30 1.31
CA THR D 396 -21.20 -18.61 2.56
C THR D 396 -21.64 -19.49 3.77
N ILE D 397 -22.59 -20.39 3.57
CA ILE D 397 -23.08 -21.25 4.67
C ILE D 397 -22.00 -22.10 5.29
N ALA D 398 -20.96 -22.47 4.54
CA ALA D 398 -19.86 -23.22 5.13
C ALA D 398 -19.13 -22.38 6.19
N ASP D 399 -18.69 -21.17 5.79
CA ASP D 399 -18.06 -20.22 6.75
C ASP D 399 -19.03 -19.86 7.90
N LEU D 400 -20.30 -19.63 7.60
CA LEU D 400 -21.30 -19.44 8.64
C LEU D 400 -21.37 -20.60 9.65
N ALA D 401 -21.33 -21.83 9.18
CA ALA D 401 -21.42 -22.98 10.12
C ALA D 401 -20.16 -23.07 11.00
N VAL D 402 -19.02 -22.83 10.39
CA VAL D 402 -17.77 -22.88 11.16
C VAL D 402 -17.69 -21.73 12.20
N GLY D 403 -18.08 -20.54 11.75
CA GLY D 403 -17.92 -19.34 12.50
C GLY D 403 -18.91 -19.21 13.64
N THR D 404 -20.05 -19.87 13.60
CA THR D 404 -20.97 -19.94 14.73
C THR D 404 -20.87 -21.25 15.57
N ALA D 405 -19.94 -22.15 15.21
CA ALA D 405 -19.85 -23.49 15.79
C ALA D 405 -21.23 -24.11 15.87
N ALA D 406 -22.04 -23.96 14.83
CA ALA D 406 -23.39 -24.54 14.87
C ALA D 406 -23.34 -26.04 15.16
N GLY D 407 -22.43 -26.71 14.45
CA GLY D 407 -22.17 -28.11 14.65
C GLY D 407 -22.83 -29.06 13.62
N GLN D 408 -23.78 -28.56 12.87
CA GLN D 408 -24.48 -29.34 11.81
C GLN D 408 -24.72 -28.46 10.61
N ILE D 409 -24.66 -29.07 9.43
CA ILE D 409 -24.97 -28.41 8.16
C ILE D 409 -25.79 -29.37 7.28
N LYS D 410 -26.69 -28.78 6.52
CA LYS D 410 -27.46 -29.47 5.53
C LYS D 410 -27.25 -28.76 4.20
N THR D 411 -26.42 -29.33 3.35
CA THR D 411 -26.07 -28.66 2.09
C THR D 411 -25.99 -29.60 0.89
N GLY D 412 -26.74 -30.70 0.95
CA GLY D 412 -27.02 -31.52 -0.21
C GLY D 412 -26.32 -32.86 -0.27
N SER D 413 -26.75 -33.63 -1.27
CA SER D 413 -26.04 -34.83 -1.71
C SER D 413 -24.62 -34.54 -2.12
N MET D 414 -23.82 -35.60 -2.36
CA MET D 414 -22.46 -35.42 -2.77
C MET D 414 -22.37 -35.37 -4.30
N SER D 415 -23.24 -34.56 -4.91
CA SER D 415 -23.10 -34.24 -6.34
C SER D 415 -23.80 -32.91 -6.58
N ARG D 416 -23.46 -32.33 -7.73
CA ARG D 416 -23.71 -30.93 -8.15
C ARG D 416 -22.85 -29.96 -7.35
N SER D 417 -22.17 -29.03 -8.07
CA SER D 417 -21.27 -28.06 -7.38
C SER D 417 -22.08 -27.07 -6.59
N ASP D 418 -23.36 -26.93 -6.90
CA ASP D 418 -24.27 -26.19 -6.01
C ASP D 418 -24.28 -26.67 -4.56
N ARG D 419 -24.03 -27.97 -4.40
CA ARG D 419 -23.85 -28.59 -3.12
C ARG D 419 -22.37 -28.68 -2.76
N VAL D 420 -21.58 -29.26 -3.69
CA VAL D 420 -20.22 -29.70 -3.44
C VAL D 420 -19.33 -28.48 -3.23
N ALA D 421 -19.67 -27.31 -3.77
CA ALA D 421 -18.86 -26.13 -3.48
C ALA D 421 -18.87 -25.84 -1.95
N LYS D 422 -19.92 -26.20 -1.25
CA LYS D 422 -19.93 -25.95 0.18
C LYS D 422 -19.01 -26.96 0.91
N TYR D 423 -19.08 -28.22 0.53
CA TYR D 423 -18.19 -29.26 1.06
C TYR D 423 -16.75 -28.91 0.82
N ASN D 424 -16.47 -28.42 -0.40
CA ASN D 424 -15.12 -28.05 -0.69
C ASN D 424 -14.64 -26.90 0.18
N GLN D 425 -15.49 -25.89 0.40
CA GLN D 425 -15.14 -24.80 1.27
C GLN D 425 -14.93 -25.28 2.72
N LEU D 426 -15.72 -26.27 3.15
CA LEU D 426 -15.46 -26.93 4.45
C LEU D 426 -14.08 -27.60 4.50
N ILE D 427 -13.72 -28.25 3.39
CA ILE D 427 -12.38 -28.83 3.29
C ILE D 427 -11.27 -27.80 3.46
N ARG D 428 -11.38 -26.68 2.75
CA ARG D 428 -10.34 -25.62 2.82
C ARG D 428 -10.27 -25.00 4.21
N ILE D 429 -11.40 -24.84 4.88
CA ILE D 429 -11.43 -24.20 6.22
C ILE D 429 -10.78 -25.14 7.22
N GLU D 430 -11.13 -26.43 7.16
CA GLU D 430 -10.49 -27.43 8.08
C GLU D 430 -9.02 -27.55 7.87
N GLU D 431 -8.58 -27.39 6.62
CA GLU D 431 -7.18 -27.50 6.32
C GLU D 431 -6.43 -26.36 7.02
N ALA D 432 -6.98 -25.15 7.01
CA ALA D 432 -6.36 -24.00 7.70
C ALA D 432 -6.52 -24.09 9.25
N LEU D 433 -7.68 -24.50 9.75
CA LEU D 433 -7.92 -24.53 11.20
C LEU D 433 -7.45 -25.76 11.91
N GLY D 434 -7.51 -26.90 11.24
CA GLY D 434 -7.22 -28.18 11.86
C GLY D 434 -7.99 -28.39 13.13
N GLU D 435 -7.28 -28.76 14.20
CA GLU D 435 -7.86 -29.05 15.51
C GLU D 435 -8.49 -27.83 16.28
N LYS D 436 -8.24 -26.60 15.83
CA LYS D 436 -9.02 -25.46 16.29
C LYS D 436 -10.47 -25.48 15.83
N ALA D 437 -10.84 -26.35 14.85
CA ALA D 437 -12.22 -26.56 14.50
C ALA D 437 -12.49 -28.03 14.59
N PRO D 438 -12.83 -28.53 15.80
CA PRO D 438 -13.00 -29.97 15.90
C PRO D 438 -14.25 -30.45 15.20
N TYR D 439 -14.24 -31.69 14.72
CA TYR D 439 -15.44 -32.33 14.15
C TYR D 439 -15.91 -33.20 15.29
N ASN D 440 -17.06 -32.86 15.88
CA ASN D 440 -17.42 -33.43 17.19
C ASN D 440 -18.27 -34.66 17.03
N GLY D 441 -18.72 -34.98 15.83
CA GLY D 441 -19.43 -36.24 15.63
C GLY D 441 -20.83 -36.27 16.23
N ARG D 442 -21.24 -37.44 16.65
CA ARG D 442 -22.65 -37.61 16.96
C ARG D 442 -23.12 -36.78 18.11
N LYS D 443 -22.20 -36.26 18.93
CA LYS D 443 -22.59 -35.51 20.13
C LYS D 443 -23.17 -34.13 19.79
N GLU D 444 -23.08 -33.68 18.52
CA GLU D 444 -23.70 -32.41 18.13
C GLU D 444 -25.19 -32.57 17.99
N ILE D 445 -25.62 -33.80 17.72
CA ILE D 445 -27.05 -34.03 17.40
C ILE D 445 -27.92 -34.02 18.68
N LYS D 446 -29.02 -33.28 18.68
CA LYS D 446 -29.90 -33.25 19.89
C LYS D 446 -30.52 -34.64 20.26
N GLY D 447 -30.28 -35.10 21.49
CA GLY D 447 -30.64 -36.48 21.92
C GLY D 447 -29.49 -37.52 22.02
N GLN D 448 -28.29 -37.22 21.56
CA GLN D 448 -27.12 -38.12 21.69
C GLN D 448 -26.08 -37.57 22.73
N GLN E 11 -10.46 -10.44 -2.90
CA GLN E 11 -11.21 -9.57 -1.92
C GLN E 11 -10.56 -8.13 -1.68
N GLN E 12 -9.25 -7.90 -1.80
CA GLN E 12 -8.71 -6.51 -2.01
C GLN E 12 -8.23 -6.24 -3.47
N MET E 13 -8.66 -5.10 -4.01
CA MET E 13 -8.19 -4.54 -5.30
C MET E 13 -6.91 -3.70 -5.07
N GLY E 14 -5.75 -4.23 -5.53
CA GLY E 14 -4.46 -3.50 -5.61
C GLY E 14 -4.42 -2.21 -6.46
N ARG E 15 -3.39 -1.38 -6.23
CA ARG E 15 -3.30 -0.08 -6.91
C ARG E 15 -3.09 -0.29 -8.39
N GLY E 16 -2.42 -1.38 -8.77
CA GLY E 16 -2.28 -1.79 -10.15
C GLY E 16 -3.57 -1.83 -10.95
N SER E 17 -4.68 -2.12 -10.31
CA SER E 17 -5.95 -2.24 -11.04
C SER E 17 -6.58 -0.84 -11.27
N MET E 18 -6.06 0.21 -10.62
CA MET E 18 -6.59 1.57 -10.78
C MET E 18 -5.80 2.27 -11.89
N SER E 19 -6.06 1.85 -13.10
CA SER E 19 -5.30 2.26 -14.29
C SER E 19 -6.09 3.30 -15.10
N LYS E 20 -7.20 3.78 -14.54
CA LYS E 20 -7.87 4.95 -15.08
C LYS E 20 -6.98 6.18 -15.06
N ILE E 21 -6.95 6.89 -16.16
CA ILE E 21 -6.27 8.17 -16.28
C ILE E 21 -6.95 9.28 -15.41
N VAL E 22 -6.17 9.97 -14.59
CA VAL E 22 -6.69 11.05 -13.77
C VAL E 22 -6.13 12.42 -14.09
N LYS E 23 -5.00 12.53 -14.77
CA LYS E 23 -4.43 13.86 -15.10
C LYS E 23 -3.48 13.64 -16.26
N ILE E 24 -3.55 14.50 -17.26
CA ILE E 24 -2.51 14.62 -18.29
C ILE E 24 -1.93 16.03 -18.27
N ILE E 25 -0.61 16.14 -18.35
CA ILE E 25 0.13 17.37 -18.37
C ILE E 25 1.02 17.38 -19.63
N GLY E 26 0.92 18.50 -20.35
CA GLY E 26 1.68 18.82 -21.54
C GLY E 26 2.65 19.94 -21.15
N ARG E 27 3.85 19.93 -21.73
CA ARG E 27 4.74 21.06 -21.68
C ARG E 27 5.66 21.07 -22.87
N GLU E 28 6.16 22.25 -23.09
CA GLU E 28 7.18 22.58 -24.08
C GLU E 28 8.57 22.45 -23.41
N ILE E 29 9.33 21.47 -23.84
CA ILE E 29 10.72 21.29 -23.48
C ILE E 29 11.55 21.49 -24.77
N ILE E 30 12.85 21.27 -24.68
CA ILE E 30 13.82 21.57 -25.74
C ILE E 30 14.46 20.30 -26.23
N ASP E 31 14.65 20.24 -27.55
CA ASP E 31 15.26 19.10 -28.22
C ASP E 31 16.75 19.27 -28.38
N SER E 32 17.38 18.25 -28.93
CA SER E 32 18.84 18.19 -28.99
C SER E 32 19.42 19.18 -29.98
N ARG E 33 18.55 19.81 -30.75
CA ARG E 33 18.94 20.94 -31.64
C ARG E 33 18.62 22.31 -31.14
N GLY E 34 18.06 22.38 -29.95
CA GLY E 34 17.68 23.64 -29.35
C GLY E 34 16.28 24.08 -29.70
N ASN E 35 15.49 23.22 -30.36
CA ASN E 35 14.15 23.59 -30.74
C ASN E 35 13.09 22.99 -29.83
N PRO E 36 11.96 23.66 -29.68
CA PRO E 36 11.00 23.17 -28.74
C PRO E 36 10.39 21.85 -29.17
N THR E 37 9.98 21.01 -28.21
CA THR E 37 9.14 19.89 -28.52
C THR E 37 8.17 19.62 -27.40
N VAL E 38 7.26 18.66 -27.62
CA VAL E 38 6.22 18.36 -26.64
C VAL E 38 6.62 17.22 -25.72
N GLU E 39 6.45 17.45 -24.41
CA GLU E 39 6.55 16.37 -23.45
C GLU E 39 5.21 16.27 -22.74
N ALA E 40 4.80 15.03 -22.46
CA ALA E 40 3.57 14.69 -21.79
C ALA E 40 3.80 13.78 -20.57
N GLU E 41 3.00 13.96 -19.51
CA GLU E 41 2.93 13.07 -18.37
C GLU E 41 1.50 12.55 -18.27
N VAL E 42 1.31 11.23 -18.17
CA VAL E 42 0.02 10.68 -17.99
C VAL E 42 0.02 10.09 -16.57
N HIS E 43 -0.86 10.58 -15.68
CA HIS E 43 -1.03 10.12 -14.29
C HIS E 43 -2.31 9.24 -14.16
N LEU E 44 -2.19 8.06 -13.54
CA LEU E 44 -3.31 7.12 -13.35
C LEU E 44 -3.76 7.18 -11.89
N GLU E 45 -4.94 6.66 -11.63
CA GLU E 45 -5.53 6.76 -10.29
C GLU E 45 -4.71 6.08 -9.21
N GLY E 46 -4.03 5.00 -9.56
CA GLY E 46 -3.26 4.31 -8.59
C GLY E 46 -1.91 4.93 -8.27
N GLY E 47 -1.55 6.07 -8.84
CA GLY E 47 -0.24 6.74 -8.53
C GLY E 47 0.82 6.59 -9.65
N PHE E 48 0.52 5.83 -10.70
CA PHE E 48 1.47 5.57 -11.75
C PHE E 48 1.55 6.79 -12.68
N VAL E 49 2.77 7.07 -13.15
CA VAL E 49 3.11 8.16 -14.02
C VAL E 49 4.05 7.66 -15.12
N GLY E 50 3.73 7.99 -16.37
CA GLY E 50 4.62 7.85 -17.51
C GLY E 50 4.91 9.21 -18.11
N MET E 51 6.08 9.37 -18.70
CA MET E 51 6.49 10.66 -19.26
C MET E 51 7.24 10.39 -20.54
N ALA E 52 6.92 11.15 -21.58
CA ALA E 52 7.52 10.95 -22.86
C ALA E 52 7.57 12.22 -23.64
N ALA E 53 8.41 12.22 -24.69
CA ALA E 53 8.58 13.34 -25.56
C ALA E 53 8.61 12.96 -27.02
N ALA E 54 8.14 13.87 -27.86
CA ALA E 54 8.14 13.70 -29.27
C ALA E 54 9.51 14.15 -29.82
N PRO E 55 10.12 13.34 -30.64
CA PRO E 55 11.30 13.79 -31.43
C PRO E 55 10.86 14.65 -32.63
N SER E 56 11.80 15.12 -33.46
CA SER E 56 11.48 15.92 -34.61
C SER E 56 12.50 15.79 -35.74
N GLY E 57 12.04 15.52 -36.95
CA GLY E 57 12.94 15.49 -38.13
C GLY E 57 13.49 16.86 -38.51
N ALA E 58 14.71 16.90 -39.02
CA ALA E 58 15.28 18.09 -39.68
C ALA E 58 14.65 18.26 -41.02
N SER E 59 14.69 17.18 -41.78
CA SER E 59 13.92 17.08 -43.00
C SER E 59 12.85 16.01 -42.77
N THR E 60 11.65 16.31 -43.24
CA THR E 60 10.52 15.41 -43.12
C THR E 60 10.02 14.97 -44.53
N GLY E 61 9.68 13.68 -44.67
CA GLY E 61 8.85 13.20 -45.77
C GLY E 61 7.56 14.05 -45.94
N SER E 62 7.20 14.31 -47.21
CA SER E 62 6.00 15.10 -47.54
C SER E 62 4.73 14.46 -46.95
N ARG E 63 4.66 13.13 -46.85
CA ARG E 63 3.43 12.47 -46.33
C ARG E 63 3.42 12.14 -44.80
N GLU E 64 4.31 12.77 -44.02
CA GLU E 64 4.41 12.55 -42.56
C GLU E 64 3.18 13.11 -41.93
N ALA E 65 2.78 12.51 -40.83
CA ALA E 65 1.82 13.16 -39.95
C ALA E 65 2.40 14.52 -39.55
N LEU E 66 1.55 15.50 -39.39
CA LEU E 66 2.01 16.87 -39.19
C LEU E 66 2.46 17.13 -37.76
N GLU E 67 3.69 17.59 -37.57
CA GLU E 67 4.06 18.21 -36.29
C GLU E 67 3.61 19.64 -36.38
N LEU E 68 2.82 20.04 -35.39
CA LEU E 68 2.25 21.37 -35.23
C LEU E 68 3.21 22.31 -34.51
N ARG E 69 3.58 23.37 -35.19
CA ARG E 69 4.46 24.42 -34.70
C ARG E 69 3.65 25.68 -34.77
N ASP E 70 4.00 26.67 -33.96
CA ASP E 70 3.18 27.87 -33.76
C ASP E 70 3.37 28.93 -34.88
N GLY E 71 4.51 28.94 -35.59
CA GLY E 71 4.83 30.02 -36.56
C GLY E 71 4.89 31.43 -35.94
N ASP E 72 5.07 31.57 -34.62
CA ASP E 72 5.19 32.88 -33.97
C ASP E 72 6.67 33.30 -33.95
N LYS E 73 7.04 34.23 -34.84
CA LYS E 73 8.47 34.63 -35.04
C LYS E 73 9.12 35.20 -33.80
N SER E 74 8.33 35.72 -32.87
CA SER E 74 8.93 36.29 -31.68
C SER E 74 9.32 35.19 -30.66
N ARG E 75 9.01 33.91 -30.88
CA ARG E 75 9.43 32.83 -29.97
C ARG E 75 10.10 31.73 -30.77
N PHE E 76 11.36 31.46 -30.44
CA PHE E 76 12.09 30.33 -31.00
C PHE E 76 12.10 30.33 -32.56
N LEU E 77 12.23 31.50 -33.17
CA LEU E 77 12.24 31.65 -34.65
C LEU E 77 11.03 30.96 -35.30
N GLY E 78 9.89 30.97 -34.62
CA GLY E 78 8.68 30.35 -35.15
C GLY E 78 8.43 28.89 -34.85
N LYS E 79 9.30 28.27 -34.07
CA LYS E 79 9.23 26.82 -33.85
C LYS E 79 8.62 26.42 -32.47
N GLY E 80 8.04 27.36 -31.74
CA GLY E 80 7.25 27.12 -30.53
C GLY E 80 6.24 26.00 -30.74
N VAL E 81 5.89 25.30 -29.65
CA VAL E 81 4.89 24.21 -29.75
C VAL E 81 3.79 24.39 -28.69
N THR E 82 3.54 25.65 -28.31
CA THR E 82 2.43 26.01 -27.42
C THR E 82 1.04 25.53 -27.87
N LYS E 83 0.75 25.51 -29.17
CA LYS E 83 -0.53 24.95 -29.64
C LYS E 83 -0.67 23.46 -29.40
N ALA E 84 0.34 22.68 -29.84
CA ALA E 84 0.37 21.23 -29.56
C ALA E 84 0.26 20.96 -28.08
N VAL E 85 0.99 21.72 -27.28
CA VAL E 85 0.93 21.56 -25.84
C VAL E 85 -0.46 21.91 -25.22
N ALA E 86 -1.13 22.94 -25.71
CA ALA E 86 -2.43 23.27 -25.21
C ALA E 86 -3.43 22.18 -25.61
N ALA E 87 -3.21 21.52 -26.75
CA ALA E 87 -4.03 20.36 -27.08
C ALA E 87 -3.92 19.26 -26.07
N VAL E 88 -2.71 19.01 -25.56
CA VAL E 88 -2.49 17.93 -24.60
C VAL E 88 -3.18 18.31 -23.32
N ASN E 89 -2.92 19.54 -22.86
CA ASN E 89 -3.54 20.07 -21.60
C ASN E 89 -5.05 20.20 -21.62
N GLY E 90 -5.61 20.43 -22.82
CA GLY E 90 -7.00 20.75 -22.94
C GLY E 90 -7.88 19.63 -23.43
N PRO E 91 -8.20 19.63 -24.74
CA PRO E 91 -9.04 18.59 -25.25
C PRO E 91 -8.56 17.11 -25.09
N ILE E 92 -7.27 16.85 -25.26
CA ILE E 92 -6.76 15.47 -25.19
C ILE E 92 -6.94 15.00 -23.75
N ALA E 93 -6.49 15.82 -22.81
CA ALA E 93 -6.67 15.51 -21.40
C ALA E 93 -8.11 15.22 -21.08
N GLN E 94 -8.99 16.14 -21.46
CA GLN E 94 -10.42 15.97 -21.13
C GLN E 94 -11.03 14.73 -21.79
N ALA E 95 -10.63 14.39 -23.00
CA ALA E 95 -11.15 13.17 -23.61
C ALA E 95 -10.63 11.85 -22.96
N LEU E 96 -9.49 11.91 -22.24
CA LEU E 96 -8.90 10.69 -21.73
C LEU E 96 -9.05 10.48 -20.19
N ILE E 97 -9.46 11.51 -19.43
CA ILE E 97 -9.70 11.34 -17.98
C ILE E 97 -10.75 10.21 -17.89
N GLY E 98 -10.55 9.26 -16.98
CA GLY E 98 -11.50 8.17 -16.80
C GLY E 98 -11.26 6.95 -17.66
N LYS E 99 -10.35 7.02 -18.65
CA LYS E 99 -10.14 5.85 -19.53
C LYS E 99 -9.03 5.00 -19.01
N ASP E 100 -9.02 3.75 -19.40
CA ASP E 100 -8.07 2.78 -18.94
C ASP E 100 -6.76 2.85 -19.73
N ALA E 101 -5.65 3.23 -19.08
CA ALA E 101 -4.36 3.36 -19.77
C ALA E 101 -3.88 2.05 -20.38
N LYS E 102 -4.28 0.91 -19.81
CA LYS E 102 -3.85 -0.39 -20.34
C LYS E 102 -4.38 -0.73 -21.71
N ASP E 103 -5.40 0.01 -22.15
CA ASP E 103 -5.97 -0.23 -23.43
C ASP E 103 -5.37 0.73 -24.47
N GLN E 104 -4.12 0.50 -24.79
CA GLN E 104 -3.37 1.39 -25.69
C GLN E 104 -4.13 1.70 -26.98
N ALA E 105 -4.64 0.67 -27.63
CA ALA E 105 -5.43 0.88 -28.88
C ALA E 105 -6.61 1.77 -28.72
N GLY E 106 -7.36 1.57 -27.64
CA GLY E 106 -8.50 2.44 -27.31
C GLY E 106 -8.08 3.89 -27.05
N ILE E 107 -7.01 4.08 -26.31
CA ILE E 107 -6.50 5.43 -25.99
C ILE E 107 -6.08 6.13 -27.31
N ASP E 108 -5.29 5.46 -28.14
CA ASP E 108 -4.86 6.03 -29.40
C ASP E 108 -6.07 6.31 -30.33
N LYS E 109 -7.05 5.43 -30.39
CA LYS E 109 -8.28 5.67 -31.13
C LYS E 109 -9.05 6.91 -30.65
N ILE E 110 -9.23 7.06 -29.34
CA ILE E 110 -9.84 8.25 -28.82
C ILE E 110 -9.13 9.49 -29.38
N MET E 111 -7.80 9.53 -29.37
CA MET E 111 -7.11 10.77 -29.83
C MET E 111 -7.20 10.98 -31.35
N ILE E 112 -7.13 9.90 -32.10
CA ILE E 112 -7.15 9.94 -33.57
C ILE E 112 -8.55 10.41 -34.02
N ASP E 113 -9.62 9.91 -33.37
CA ASP E 113 -11.03 10.27 -33.70
C ASP E 113 -11.32 11.69 -33.33
N LEU E 114 -10.89 12.11 -32.14
CA LEU E 114 -11.05 13.47 -31.70
C LEU E 114 -10.38 14.46 -32.63
N ASP E 115 -9.13 14.20 -33.00
CA ASP E 115 -8.41 15.09 -33.89
C ASP E 115 -9.14 15.16 -35.22
N GLY E 116 -9.63 14.05 -35.72
CA GLY E 116 -10.54 13.99 -36.86
C GLY E 116 -9.86 14.13 -38.22
N THR E 117 -8.55 14.36 -38.31
CA THR E 117 -7.87 14.50 -39.62
C THR E 117 -7.00 13.31 -39.95
N GLU E 118 -6.71 13.16 -41.22
CA GLU E 118 -5.90 12.06 -41.74
C GLU E 118 -4.42 12.15 -41.24
N ASN E 119 -3.90 13.36 -41.12
N ASN E 119 -3.90 13.39 -41.16
CA ASN E 119 -2.51 13.54 -40.77
CA ASN E 119 -2.51 13.67 -40.80
C ASN E 119 -2.31 14.24 -39.39
C ASN E 119 -2.31 14.22 -39.37
N LYS E 120 -3.30 14.10 -38.49
CA LYS E 120 -3.21 14.62 -37.17
C LYS E 120 -2.89 16.13 -37.08
N SER E 121 -3.45 16.90 -38.03
CA SER E 121 -3.14 18.32 -38.17
C SER E 121 -3.93 19.28 -37.26
N LYS E 122 -4.93 18.80 -36.54
CA LYS E 122 -5.59 19.68 -35.59
C LYS E 122 -4.82 19.79 -34.27
N PHE E 123 -4.47 18.66 -33.64
CA PHE E 123 -3.68 18.67 -32.39
C PHE E 123 -2.19 18.60 -32.63
N GLY E 124 -1.78 18.05 -33.75
CA GLY E 124 -0.37 17.77 -34.02
C GLY E 124 -0.06 16.31 -33.67
N ALA E 125 0.75 15.72 -34.52
CA ALA E 125 1.22 14.39 -34.27
C ALA E 125 2.14 14.40 -33.08
N ASN E 126 2.87 15.50 -32.89
CA ASN E 126 3.73 15.64 -31.76
C ASN E 126 2.94 15.57 -30.47
N ALA E 127 1.78 16.22 -30.42
CA ALA E 127 0.94 16.15 -29.20
C ALA E 127 0.42 14.75 -28.97
N ILE E 128 -0.18 14.16 -29.98
CA ILE E 128 -0.79 12.81 -29.85
C ILE E 128 0.26 11.74 -29.50
N LEU E 129 1.39 11.76 -30.22
CA LEU E 129 2.48 10.83 -29.96
C LEU E 129 2.99 10.92 -28.52
N ALA E 130 3.25 12.13 -28.00
CA ALA E 130 3.78 12.27 -26.64
C ALA E 130 2.82 11.66 -25.58
N VAL E 131 1.53 11.89 -25.76
CA VAL E 131 0.54 11.31 -24.88
C VAL E 131 0.50 9.79 -25.09
N SER E 132 0.56 9.33 -26.34
CA SER E 132 0.44 7.90 -26.68
C SER E 132 1.59 7.15 -25.94
N LEU E 133 2.79 7.72 -25.96
CA LEU E 133 3.98 7.08 -25.39
C LEU E 133 4.00 7.18 -23.86
N ALA E 134 3.67 8.34 -23.36
CA ALA E 134 3.47 8.53 -21.93
C ALA E 134 2.40 7.60 -21.33
N ASN E 135 1.28 7.43 -22.04
CA ASN E 135 0.26 6.47 -21.63
C ASN E 135 0.82 5.07 -21.51
N ALA E 136 1.60 4.62 -22.49
CA ALA E 136 2.11 3.27 -22.48
C ALA E 136 3.10 3.06 -21.31
N LYS E 137 3.94 4.07 -21.01
CA LYS E 137 4.80 3.96 -19.88
C LYS E 137 4.00 3.89 -18.54
N ALA E 138 2.92 4.66 -18.44
CA ALA E 138 2.13 4.63 -17.18
C ALA E 138 1.50 3.27 -17.00
N ALA E 139 1.00 2.76 -18.10
CA ALA E 139 0.38 1.45 -18.11
C ALA E 139 1.37 0.31 -17.77
N ALA E 140 2.61 0.38 -18.29
CA ALA E 140 3.63 -0.59 -17.96
C ALA E 140 3.82 -0.57 -16.43
N ALA E 141 4.00 0.61 -15.86
CA ALA E 141 4.11 0.73 -14.43
C ALA E 141 2.91 0.17 -13.70
N ALA E 142 1.68 0.47 -14.14
CA ALA E 142 0.49 -0.15 -13.49
C ALA E 142 0.41 -1.70 -13.53
N LYS E 143 0.96 -2.27 -14.57
CA LYS E 143 0.95 -3.73 -14.75
C LYS E 143 2.18 -4.35 -14.08
N GLY E 144 3.09 -3.49 -13.55
CA GLY E 144 4.23 -3.93 -12.76
C GLY E 144 5.38 -4.51 -13.60
N MET E 145 5.64 -3.92 -14.77
CA MET E 145 6.60 -4.46 -15.66
C MET E 145 7.34 -3.35 -16.40
N PRO E 146 8.52 -3.67 -16.95
CA PRO E 146 9.24 -2.73 -17.79
C PRO E 146 8.51 -2.47 -19.06
N LEU E 147 8.80 -1.33 -19.65
CA LEU E 147 8.19 -0.91 -20.88
C LEU E 147 8.33 -1.94 -22.00
N TYR E 148 9.54 -2.47 -22.21
CA TYR E 148 9.74 -3.47 -23.31
C TYR E 148 8.81 -4.69 -23.14
N GLU E 149 8.49 -5.04 -21.91
CA GLU E 149 7.68 -6.19 -21.67
C GLU E 149 6.22 -5.88 -21.95
N HIS E 150 5.78 -4.69 -21.55
CA HIS E 150 4.44 -4.20 -21.88
C HIS E 150 4.26 -4.05 -23.41
N ILE E 151 5.24 -3.43 -24.04
CA ILE E 151 5.26 -3.32 -25.53
C ILE E 151 5.07 -4.68 -26.23
N ALA E 152 5.85 -5.68 -25.84
CA ALA E 152 5.69 -7.04 -26.34
C ALA E 152 4.26 -7.58 -26.20
N GLU E 153 3.60 -7.26 -25.08
CA GLU E 153 2.20 -7.65 -24.89
C GLU E 153 1.24 -6.89 -25.76
N LEU E 154 1.47 -5.60 -25.87
CA LEU E 154 0.75 -4.78 -26.81
C LEU E 154 0.94 -5.20 -28.23
N ASN E 155 2.11 -5.71 -28.55
CA ASN E 155 2.44 -6.08 -29.95
C ASN E 155 1.88 -7.47 -30.41
N GLY E 156 1.29 -8.25 -29.50
CA GLY E 156 0.80 -9.61 -29.79
C GLY E 156 1.91 -10.68 -29.76
N THR E 157 3.07 -10.37 -29.19
CA THR E 157 4.18 -11.31 -29.10
C THR E 157 4.74 -11.36 -27.67
N PRO E 158 3.92 -11.71 -26.68
CA PRO E 158 4.41 -11.67 -25.32
C PRO E 158 5.67 -12.53 -25.09
N GLY E 159 6.66 -11.96 -24.41
CA GLY E 159 7.85 -12.74 -24.00
C GLY E 159 8.90 -12.89 -25.09
N LYS E 160 8.68 -12.30 -26.26
CA LYS E 160 9.57 -12.45 -27.40
C LYS E 160 10.39 -11.20 -27.53
N TYR E 161 11.66 -11.31 -27.24
CA TYR E 161 12.58 -10.20 -27.27
C TYR E 161 13.79 -10.48 -28.17
N SER E 162 14.44 -9.40 -28.59
CA SER E 162 15.78 -9.47 -29.19
C SER E 162 16.47 -8.14 -28.96
N MET E 163 17.79 -8.16 -28.96
CA MET E 163 18.56 -6.91 -28.88
C MET E 163 18.89 -6.51 -30.29
N PRO E 164 18.64 -5.25 -30.66
CA PRO E 164 18.83 -4.93 -32.08
C PRO E 164 20.25 -4.65 -32.53
N VAL E 165 20.51 -4.92 -33.80
CA VAL E 165 21.77 -4.67 -34.48
C VAL E 165 21.72 -3.21 -34.85
N PRO E 166 22.61 -2.42 -34.25
CA PRO E 166 22.60 -1.00 -34.55
C PRO E 166 23.34 -0.67 -35.80
N MET E 167 22.83 0.34 -36.51
CA MET E 167 23.55 1.04 -37.55
C MET E 167 23.84 2.47 -37.08
N MET E 168 25.13 2.76 -36.99
CA MET E 168 25.68 3.96 -36.35
C MET E 168 26.30 4.92 -37.31
N ASN E 169 25.69 6.09 -37.39
CA ASN E 169 25.98 7.14 -38.32
C ASN E 169 27.20 7.96 -37.88
N ILE E 170 28.39 7.57 -38.36
CA ILE E 170 29.68 8.18 -37.90
C ILE E 170 30.33 9.18 -38.86
N ILE E 171 29.93 9.17 -40.12
CA ILE E 171 30.18 10.27 -41.07
C ILE E 171 28.83 10.85 -41.58
N ASN E 172 28.50 12.05 -41.11
CA ASN E 172 27.26 12.80 -41.41
C ASN E 172 27.56 13.57 -42.71
N GLY E 173 26.60 13.65 -43.61
CA GLY E 173 26.84 14.21 -44.96
C GLY E 173 25.66 14.90 -45.67
N GLY E 174 24.60 15.27 -44.94
CA GLY E 174 23.36 15.66 -45.63
C GLY E 174 23.31 16.92 -46.52
N GLU E 175 22.09 17.41 -46.71
CA GLU E 175 21.86 18.85 -46.89
C GLU E 175 22.07 19.49 -45.47
N HIS E 176 22.13 18.63 -44.42
CA HIS E 176 22.74 18.97 -43.11
C HIS E 176 24.18 18.43 -42.96
N ASP E 178 26.86 20.62 -42.29
CA ASP E 178 27.59 21.75 -42.87
C ASP E 178 28.84 21.23 -43.61
N ASN E 179 28.68 20.76 -44.86
CA ASN E 179 29.81 20.18 -45.63
C ASN E 179 29.39 19.88 -47.05
N ASN E 180 30.26 19.24 -47.85
CA ASN E 180 30.06 18.99 -49.32
C ASN E 180 29.73 17.55 -49.90
N VAL E 181 29.43 16.58 -49.03
CA VAL E 181 29.20 15.18 -49.47
C VAL E 181 27.70 14.93 -49.49
N ASP E 182 27.25 14.19 -50.48
CA ASP E 182 25.79 14.22 -50.78
C ASP E 182 24.99 13.22 -49.94
N ILE E 183 25.52 12.00 -49.83
CA ILE E 183 24.87 10.97 -49.08
C ILE E 183 24.80 11.48 -47.69
N GLN E 184 23.68 11.25 -47.03
CA GLN E 184 23.36 11.85 -45.76
C GLN E 184 23.97 11.08 -44.55
N GLU E 185 24.00 9.74 -44.63
CA GLU E 185 24.45 8.95 -43.49
C GLU E 185 25.29 7.80 -44.01
N PHE E 186 26.48 7.67 -43.42
CA PHE E 186 27.31 6.49 -43.55
C PHE E 186 27.50 5.90 -42.20
N MET E 187 27.18 4.63 -42.10
CA MET E 187 26.93 3.96 -40.86
C MET E 187 27.71 2.66 -40.84
N ILE E 188 28.14 2.29 -39.64
CA ILE E 188 28.66 0.97 -39.35
C ILE E 188 27.65 0.13 -38.60
N GLN E 189 27.69 -1.18 -38.83
CA GLN E 189 26.92 -2.15 -38.10
C GLN E 189 27.87 -3.18 -37.51
N PRO E 190 27.88 -3.34 -36.18
CA PRO E 190 28.77 -4.35 -35.58
C PRO E 190 28.15 -5.72 -35.54
N VAL E 191 27.99 -6.31 -36.71
CA VAL E 191 27.32 -7.61 -36.82
C VAL E 191 28.08 -8.79 -36.17
N GLY E 192 29.39 -8.63 -35.97
CA GLY E 192 30.22 -9.64 -35.31
C GLY E 192 30.09 -9.73 -33.79
N ALA E 193 29.57 -8.68 -33.15
CA ALA E 193 29.40 -8.70 -31.69
C ALA E 193 28.49 -9.82 -31.24
N LYS E 194 28.71 -10.33 -30.05
CA LYS E 194 27.81 -11.36 -29.48
C LYS E 194 26.66 -10.83 -28.66
N THR E 195 26.80 -9.58 -28.22
CA THR E 195 25.81 -8.91 -27.41
C THR E 195 25.73 -7.48 -27.88
N VAL E 196 24.63 -6.79 -27.53
CA VAL E 196 24.52 -5.37 -27.86
C VAL E 196 25.55 -4.54 -27.08
N LYS E 197 25.85 -4.97 -25.88
CA LYS E 197 26.90 -4.32 -25.06
C LYS E 197 28.22 -4.34 -25.79
N GLU E 198 28.58 -5.49 -26.35
CA GLU E 198 29.84 -5.56 -27.17
C GLU E 198 29.74 -4.71 -28.42
N ALA E 199 28.59 -4.76 -29.09
CA ALA E 199 28.35 -3.94 -30.32
C ALA E 199 28.56 -2.47 -30.13
N ILE E 200 28.05 -2.00 -29.02
CA ILE E 200 28.22 -0.61 -28.64
C ILE E 200 29.68 -0.24 -28.36
N ARG E 201 30.41 -1.10 -27.65
CA ARG E 201 31.87 -0.87 -27.43
C ARG E 201 32.61 -0.81 -28.79
N MET E 202 32.30 -1.77 -29.66
CA MET E 202 32.92 -1.79 -30.99
C MET E 202 32.68 -0.49 -31.67
N GLY E 203 31.43 -0.02 -31.58
CA GLY E 203 31.10 1.23 -32.21
C GLY E 203 31.89 2.41 -31.67
N SER E 204 32.01 2.45 -30.34
CA SER E 204 32.77 3.50 -29.67
C SER E 204 34.24 3.49 -30.11
N GLU E 205 34.87 2.33 -30.06
CA GLU E 205 36.26 2.20 -30.50
C GLU E 205 36.46 2.67 -31.96
N VAL E 206 35.57 2.26 -32.85
CA VAL E 206 35.73 2.68 -34.30
C VAL E 206 35.54 4.17 -34.48
N PHE E 207 34.58 4.72 -33.74
CA PHE E 207 34.32 6.15 -33.78
C PHE E 207 35.55 6.91 -33.25
N HIS E 208 36.14 6.46 -32.13
CA HIS E 208 37.37 7.16 -31.61
C HIS E 208 38.55 7.04 -32.65
N HIS E 209 38.74 5.87 -33.26
CA HIS E 209 39.80 5.72 -34.27
C HIS E 209 39.48 6.58 -35.49
N LEU E 210 38.20 6.75 -35.86
CA LEU E 210 37.88 7.66 -36.98
C LEU E 210 38.31 9.11 -36.76
N ALA E 211 38.24 9.54 -35.52
CA ALA E 211 38.63 10.87 -35.12
C ALA E 211 40.13 11.08 -35.39
N LYS E 212 40.93 10.07 -35.03
CA LYS E 212 42.40 10.07 -35.24
C LYS E 212 42.67 10.02 -36.73
N VAL E 213 42.01 9.12 -37.46
CA VAL E 213 42.12 9.12 -38.92
C VAL E 213 41.87 10.50 -39.51
N LEU E 214 40.83 11.19 -39.06
CA LEU E 214 40.47 12.49 -39.64
C LEU E 214 41.46 13.62 -39.23
N LYS E 215 41.94 13.59 -37.99
CA LYS E 215 43.00 14.57 -37.56
C LYS E 215 44.28 14.41 -38.42
N ALA E 216 44.70 13.17 -38.68
CA ALA E 216 45.87 12.87 -39.59
C ALA E 216 45.73 13.42 -41.02
N LYS E 217 44.50 13.59 -41.52
CA LYS E 217 44.23 14.25 -42.79
C LYS E 217 43.91 15.73 -42.69
N GLY E 218 44.07 16.34 -41.50
CA GLY E 218 43.70 17.77 -41.32
C GLY E 218 42.20 18.12 -41.43
N MET E 219 41.33 17.13 -41.28
CA MET E 219 39.89 17.35 -41.39
C MET E 219 39.24 17.59 -40.03
N ASN E 220 38.10 18.24 -40.06
CA ASN E 220 37.36 18.65 -38.88
C ASN E 220 36.70 17.45 -38.17
N THR E 221 36.77 17.48 -36.82
CA THR E 221 36.22 16.46 -35.95
C THR E 221 35.08 16.97 -35.07
N ALA E 222 34.57 18.17 -35.33
CA ALA E 222 33.31 18.58 -34.72
C ALA E 222 32.17 17.67 -35.27
N VAL E 223 31.05 17.56 -34.55
CA VAL E 223 29.98 16.61 -34.89
C VAL E 223 28.76 17.34 -35.40
N GLY E 224 27.99 16.64 -36.22
CA GLY E 224 26.65 17.07 -36.57
C GLY E 224 25.55 16.68 -35.59
N ASP E 225 24.32 16.77 -36.10
CA ASP E 225 23.11 16.53 -35.35
C ASP E 225 23.11 15.15 -34.66
N GLU E 226 23.76 14.17 -35.30
CA GLU E 226 23.64 12.76 -34.94
C GLU E 226 24.88 12.22 -34.30
N GLY E 227 25.80 13.13 -33.99
CA GLY E 227 27.03 12.77 -33.28
C GLY E 227 28.16 12.25 -34.16
N GLY E 228 27.92 12.27 -35.47
CA GLY E 228 28.87 11.77 -36.43
C GLY E 228 29.72 12.91 -36.87
N TYR E 229 30.89 12.60 -37.49
CA TYR E 229 31.75 13.67 -38.04
C TYR E 229 31.25 14.19 -39.40
N ALA E 230 31.58 15.44 -39.63
CA ALA E 230 31.15 16.19 -40.80
C ALA E 230 32.37 16.79 -41.58
N PRO E 231 33.38 15.98 -41.91
CA PRO E 231 34.53 16.54 -42.62
C PRO E 231 34.19 16.94 -44.10
N ASN E 232 35.03 17.78 -44.73
CA ASN E 232 34.92 18.07 -46.16
C ASN E 232 35.77 17.10 -46.93
N LEU E 233 35.12 16.07 -47.45
CA LEU E 233 35.75 15.02 -48.23
C LEU E 233 35.67 15.30 -49.74
N GLY E 234 36.44 14.57 -50.53
CA GLY E 234 36.57 14.84 -51.96
C GLY E 234 35.45 14.23 -52.79
N SER E 235 34.93 13.11 -52.31
CA SER E 235 33.84 12.41 -52.95
C SER E 235 33.06 11.60 -51.93
N ASN E 236 31.84 11.23 -52.32
CA ASN E 236 30.96 10.43 -51.49
C ASN E 236 31.65 9.14 -51.05
N ALA E 237 32.30 8.48 -51.98
CA ALA E 237 33.03 7.27 -51.67
C ALA E 237 34.15 7.44 -50.60
N GLU E 238 34.77 8.62 -50.52
CA GLU E 238 35.84 8.82 -49.54
C GLU E 238 35.26 8.65 -48.09
N ALA E 239 33.98 8.94 -47.89
CA ALA E 239 33.36 8.70 -46.59
C ALA E 239 33.53 7.25 -46.23
N LEU E 240 33.27 6.36 -47.20
CA LEU E 240 33.46 4.93 -46.99
C LEU E 240 34.90 4.58 -46.76
N ALA E 241 35.80 5.19 -47.52
CA ALA E 241 37.23 4.93 -47.35
C ALA E 241 37.72 5.24 -45.93
N VAL E 242 37.38 6.41 -45.40
CA VAL E 242 37.85 6.78 -44.04
C VAL E 242 37.31 5.85 -42.97
N ILE E 243 36.09 5.39 -43.15
CA ILE E 243 35.47 4.48 -42.23
C ILE E 243 36.20 3.17 -42.27
N ALA E 244 36.55 2.71 -43.47
CA ALA E 244 37.30 1.45 -43.63
C ALA E 244 38.68 1.53 -42.90
N GLU E 245 39.40 2.62 -43.14
CA GLU E 245 40.65 2.92 -42.39
C GLU E 245 40.42 2.84 -40.83
N ALA E 246 39.35 3.48 -40.33
CA ALA E 246 39.05 3.52 -38.88
C ALA E 246 38.79 2.14 -38.34
N VAL E 247 38.03 1.35 -39.07
CA VAL E 247 37.78 -0.04 -38.70
C VAL E 247 39.07 -0.89 -38.53
N LYS E 248 39.92 -0.80 -39.55
CA LYS E 248 41.20 -1.48 -39.58
C LYS E 248 42.07 -0.99 -38.43
N ALA E 249 42.16 0.33 -38.23
CA ALA E 249 42.92 0.88 -37.08
C ALA E 249 42.34 0.46 -35.70
N ALA E 250 41.02 0.20 -35.61
CA ALA E 250 40.45 -0.33 -34.35
C ALA E 250 40.69 -1.84 -34.18
N GLY E 251 41.29 -2.47 -35.19
CA GLY E 251 41.57 -3.92 -35.11
C GLY E 251 40.40 -4.84 -35.46
N TYR E 252 39.45 -4.34 -36.24
CA TYR E 252 38.29 -5.17 -36.65
C TYR E 252 38.37 -5.44 -38.13
N GLU E 253 37.73 -6.51 -38.58
CA GLU E 253 37.73 -6.85 -40.00
C GLU E 253 36.43 -6.41 -40.67
N LEU E 254 36.57 -5.43 -41.58
CA LEU E 254 35.51 -4.99 -42.51
C LEU E 254 34.90 -6.18 -43.23
N GLY E 255 33.58 -6.32 -43.22
CA GLY E 255 32.91 -7.45 -43.83
C GLY E 255 32.50 -8.51 -42.83
N LYS E 256 33.32 -8.80 -41.83
CA LYS E 256 33.06 -9.91 -40.90
C LYS E 256 32.66 -9.39 -39.51
N ASP E 257 33.38 -8.41 -39.00
CA ASP E 257 33.01 -7.77 -37.72
C ASP E 257 32.02 -6.59 -37.92
N ILE E 258 32.22 -5.85 -38.99
CA ILE E 258 31.53 -4.63 -39.20
C ILE E 258 31.08 -4.55 -40.62
N THR E 259 29.77 -4.35 -40.83
CA THR E 259 29.24 -4.06 -42.17
C THR E 259 28.88 -2.58 -42.26
N LEU E 260 28.62 -2.13 -43.47
CA LEU E 260 28.31 -0.74 -43.70
C LEU E 260 26.88 -0.61 -44.17
N ALA E 261 26.35 0.60 -43.93
CA ALA E 261 25.01 1.00 -44.34
C ALA E 261 24.98 2.45 -44.69
N MET E 262 24.00 2.86 -45.48
CA MET E 262 23.92 4.23 -45.93
C MET E 262 22.47 4.66 -45.91
N ASP E 263 22.29 5.98 -45.81
CA ASP E 263 20.98 6.61 -46.01
C ASP E 263 21.33 7.67 -46.98
N CYS E 264 20.91 7.53 -48.22
CA CYS E 264 21.20 8.54 -49.23
C CYS E 264 20.33 9.79 -49.02
N ALA E 265 19.15 9.61 -48.43
CA ALA E 265 18.06 10.61 -48.48
C ALA E 265 18.02 11.33 -49.82
N ALA E 266 17.87 10.53 -50.89
CA ALA E 266 18.08 11.04 -52.25
C ALA E 266 17.00 12.03 -52.69
N SER E 267 15.88 12.09 -51.97
CA SER E 267 14.85 13.13 -52.17
C SER E 267 15.47 14.55 -52.13
N GLU E 268 16.51 14.69 -51.31
CA GLU E 268 17.21 15.97 -51.13
C GLU E 268 18.13 16.35 -52.29
N PHE E 269 18.46 15.47 -53.23
CA PHE E 269 19.22 15.92 -54.44
C PHE E 269 18.64 15.46 -55.76
N TYR E 270 17.30 15.39 -55.76
CA TYR E 270 16.49 15.10 -56.92
C TYR E 270 15.90 16.41 -57.38
N LYS E 271 16.25 16.86 -58.58
CA LYS E 271 15.58 18.01 -59.21
C LYS E 271 15.34 17.69 -60.71
N ASP E 272 14.15 18.09 -61.23
CA ASP E 272 13.76 17.91 -62.66
C ASP E 272 14.08 16.53 -63.25
N GLY E 273 13.75 15.48 -62.50
CA GLY E 273 13.89 14.11 -62.98
C GLY E 273 15.29 13.50 -62.94
N LYS E 274 16.27 14.18 -62.36
CA LYS E 274 17.67 13.64 -62.29
C LYS E 274 18.27 13.78 -60.87
N TYR E 275 19.25 12.94 -60.59
CA TYR E 275 19.87 12.92 -59.27
C TYR E 275 21.20 13.68 -59.36
N VAL E 276 21.32 14.80 -58.64
CA VAL E 276 22.49 15.70 -58.81
C VAL E 276 23.43 15.68 -57.60
N LEU E 277 24.62 15.16 -57.82
CA LEU E 277 25.60 15.05 -56.77
C LEU E 277 26.57 16.21 -56.87
N ALA E 278 26.37 17.28 -56.06
CA ALA E 278 27.41 18.32 -55.80
C ALA E 278 28.91 17.80 -55.71
N GLY E 279 29.15 16.82 -54.83
CA GLY E 279 30.43 16.12 -54.71
C GLY E 279 30.87 15.46 -56.00
N GLU E 280 30.53 14.18 -56.20
CA GLU E 280 31.02 13.31 -57.35
C GLU E 280 31.00 13.82 -58.86
N GLY E 281 31.46 15.07 -59.11
CA GLY E 281 31.53 15.73 -60.44
C GLY E 281 30.52 16.83 -60.73
N ASN E 282 29.78 17.26 -59.71
CA ASN E 282 28.43 17.87 -59.86
C ASN E 282 27.48 17.12 -60.84
N LYS E 283 27.72 15.80 -61.01
CA LYS E 283 27.16 15.03 -62.14
C LYS E 283 25.70 14.63 -61.88
N ALA E 284 24.98 14.52 -62.98
CA ALA E 284 23.57 14.18 -62.97
C ALA E 284 23.50 12.71 -63.38
N PHE E 285 22.64 11.96 -62.67
CA PHE E 285 22.30 10.60 -63.01
C PHE E 285 20.78 10.52 -63.28
N THR E 286 20.42 9.62 -64.18
CA THR E 286 19.06 9.12 -64.23
C THR E 286 18.81 8.28 -62.98
N SER E 287 17.54 8.00 -62.70
CA SER E 287 17.15 7.03 -61.68
C SER E 287 17.98 5.73 -61.78
N GLU E 288 18.03 5.14 -62.96
CA GLU E 288 18.74 3.88 -63.17
C GLU E 288 20.29 4.02 -63.08
N GLU E 289 20.80 5.11 -63.59
CA GLU E 289 22.24 5.40 -63.43
C GLU E 289 22.58 5.51 -61.94
N PHE E 290 21.66 6.04 -61.14
CA PHE E 290 21.99 6.24 -59.72
C PHE E 290 22.03 4.90 -59.02
N THR E 291 21.02 4.09 -59.30
CA THR E 291 21.10 2.68 -58.99
C THR E 291 22.41 2.05 -59.37
N HIS E 292 22.97 2.30 -60.56
CA HIS E 292 24.30 1.64 -60.88
C HIS E 292 25.49 2.18 -60.03
N PHE E 293 25.48 3.48 -59.80
CA PHE E 293 26.48 4.12 -58.96
C PHE E 293 26.41 3.45 -57.57
N LEU E 294 25.20 3.26 -57.01
CA LEU E 294 25.12 2.62 -55.67
C LEU E 294 25.58 1.19 -55.73
N GLU E 295 25.24 0.52 -56.80
CA GLU E 295 25.61 -0.87 -56.95
C GLU E 295 27.12 -1.01 -56.96
N GLU E 296 27.79 -0.13 -57.70
CA GLU E 296 29.28 -0.08 -57.75
C GLU E 296 29.84 0.12 -56.33
N LEU E 297 29.26 1.02 -55.56
CA LEU E 297 29.71 1.14 -54.14
C LEU E 297 29.62 -0.18 -53.40
N THR E 298 28.56 -0.96 -53.68
CA THR E 298 28.33 -2.24 -53.02
C THR E 298 29.38 -3.29 -53.39
N LYS E 299 30.03 -3.15 -54.57
CA LYS E 299 31.14 -4.05 -54.98
C LYS E 299 32.50 -3.63 -54.37
N GLN E 300 32.71 -2.33 -54.20
CA GLN E 300 33.95 -1.81 -53.53
C GLN E 300 33.95 -1.97 -51.99
N TYR E 301 32.78 -1.86 -51.32
CA TYR E 301 32.70 -1.91 -49.83
C TYR E 301 31.57 -2.84 -49.41
N PRO E 302 31.66 -3.47 -48.21
CA PRO E 302 30.56 -4.35 -47.80
C PRO E 302 29.32 -3.57 -47.28
N ILE E 303 28.67 -2.83 -48.16
CA ILE E 303 27.48 -2.07 -47.87
C ILE E 303 26.34 -3.04 -48.08
N VAL E 304 25.62 -3.32 -46.99
CA VAL E 304 24.55 -4.30 -46.97
C VAL E 304 23.16 -3.69 -46.82
N SER E 305 23.08 -2.36 -46.71
CA SER E 305 21.82 -1.69 -46.46
C SER E 305 21.88 -0.33 -47.02
N ILE E 306 20.86 0.02 -47.81
CA ILE E 306 20.78 1.35 -48.36
C ILE E 306 19.36 1.84 -48.24
N GLU E 307 19.25 3.06 -47.71
CA GLU E 307 18.01 3.66 -47.30
C GLU E 307 17.74 4.82 -48.22
N ASP E 308 16.50 4.89 -48.71
CA ASP E 308 16.02 6.04 -49.49
C ASP E 308 17.01 6.32 -50.60
N GLY E 309 17.36 5.26 -51.31
CA GLY E 309 18.33 5.36 -52.41
C GLY E 309 17.84 6.15 -53.60
N LEU E 310 16.55 6.52 -53.58
CA LEU E 310 15.90 7.36 -54.60
C LEU E 310 14.81 8.19 -53.96
N ASP E 311 14.24 9.09 -54.75
CA ASP E 311 13.21 10.05 -54.28
C ASP E 311 11.93 9.36 -53.82
N GLU E 312 11.26 9.97 -52.87
CA GLU E 312 10.03 9.41 -52.36
C GLU E 312 8.90 9.24 -53.38
N SER E 313 8.95 9.96 -54.50
CA SER E 313 7.96 9.88 -55.59
C SER E 313 8.40 8.96 -56.77
N ASP E 314 9.64 8.48 -56.75
CA ASP E 314 10.19 7.70 -57.85
C ASP E 314 9.95 6.18 -57.61
N TRP E 315 8.67 5.83 -57.69
CA TRP E 315 8.27 4.43 -57.54
C TRP E 315 8.77 3.53 -58.66
N ASP E 316 8.86 4.04 -59.86
CA ASP E 316 9.39 3.24 -60.99
C ASP E 316 10.89 2.94 -60.87
N GLY E 317 11.63 3.97 -60.46
CA GLY E 317 13.04 3.79 -60.14
C GLY E 317 13.24 2.85 -58.98
N PHE E 318 12.35 2.89 -57.95
CA PHE E 318 12.51 1.97 -56.79
C PHE E 318 12.24 0.55 -57.19
N ALA E 319 11.28 0.38 -58.09
CA ALA E 319 11.00 -0.95 -58.64
C ALA E 319 12.24 -1.48 -59.34
N TYR E 320 12.89 -0.65 -60.15
CA TYR E 320 14.14 -1.04 -60.79
C TYR E 320 15.26 -1.34 -59.74
N GLN E 321 15.45 -0.44 -58.78
CA GLN E 321 16.52 -0.62 -57.75
C GLN E 321 16.30 -1.92 -56.94
N THR E 322 15.06 -2.25 -56.66
CA THR E 322 14.73 -3.52 -55.94
C THR E 322 15.06 -4.78 -56.75
N LYS E 323 14.75 -4.75 -58.02
CA LYS E 323 15.25 -5.78 -58.95
C LYS E 323 16.77 -5.95 -58.98
N VAL E 324 17.48 -4.85 -59.12
CA VAL E 324 18.92 -4.90 -59.28
C VAL E 324 19.67 -5.31 -58.00
N LEU E 325 19.25 -4.72 -56.89
CA LEU E 325 19.97 -4.77 -55.64
C LEU E 325 19.23 -5.59 -54.55
N GLY E 326 17.92 -5.76 -54.65
CA GLY E 326 17.12 -6.23 -53.51
C GLY E 326 17.35 -7.65 -53.05
N ASP E 327 17.96 -8.44 -53.92
CA ASP E 327 18.29 -9.84 -53.61
C ASP E 327 19.43 -9.95 -52.57
N LYS E 328 20.32 -8.97 -52.58
CA LYS E 328 21.54 -8.98 -51.82
C LYS E 328 21.69 -7.83 -50.83
N ILE E 329 20.84 -6.81 -50.92
CA ILE E 329 21.01 -5.55 -50.22
C ILE E 329 19.66 -5.25 -49.56
N GLN E 330 19.69 -4.81 -48.31
CA GLN E 330 18.48 -4.36 -47.66
C GLN E 330 18.20 -2.95 -48.20
N LEU E 331 17.00 -2.73 -48.72
CA LEU E 331 16.59 -1.42 -49.29
C LEU E 331 15.45 -0.87 -48.40
N VAL E 332 15.76 0.20 -47.67
CA VAL E 332 14.95 0.69 -46.56
C VAL E 332 14.25 1.92 -47.06
N GLY E 333 12.93 1.91 -47.02
CA GLY E 333 12.17 3.12 -47.34
C GLY E 333 11.92 3.86 -46.02
N ASP E 334 12.23 5.14 -46.00
CA ASP E 334 12.01 6.00 -44.91
C ASP E 334 10.98 7.03 -45.37
N ASP E 335 11.44 8.08 -46.06
CA ASP E 335 10.54 9.02 -46.71
C ASP E 335 9.54 8.27 -47.62
N LEU E 336 9.97 7.16 -48.23
CA LEU E 336 9.15 6.38 -49.11
C LEU E 336 7.84 5.87 -48.46
N PHE E 337 7.91 5.48 -47.18
CA PHE E 337 6.80 4.85 -46.48
C PHE E 337 6.21 5.65 -45.30
N VAL E 338 6.98 6.61 -44.79
CA VAL E 338 6.71 7.36 -43.57
C VAL E 338 5.94 6.62 -42.48
N THR E 339 6.36 5.41 -42.20
CA THR E 339 5.75 4.59 -41.16
C THR E 339 4.19 4.44 -41.22
N ASN E 340 3.70 4.36 -42.46
CA ASN E 340 2.26 4.46 -42.80
C ASN E 340 1.82 3.16 -43.54
N THR E 341 1.05 2.32 -42.85
CA THR E 341 0.58 1.08 -43.35
C THR E 341 -0.05 1.23 -44.73
N LYS E 342 -0.76 2.34 -44.98
CA LYS E 342 -1.43 2.59 -46.27
C LYS E 342 -0.45 2.72 -47.42
N ILE E 343 0.72 3.30 -47.19
CA ILE E 343 1.75 3.41 -48.23
C ILE E 343 2.65 2.17 -48.33
N LEU E 344 3.02 1.61 -47.17
CA LEU E 344 3.82 0.40 -47.13
C LEU E 344 3.07 -0.73 -47.82
N LYS E 345 1.76 -0.81 -47.64
CA LYS E 345 0.92 -1.86 -48.30
C LYS E 345 1.07 -1.87 -49.82
N GLU E 346 1.11 -0.67 -50.39
CA GLU E 346 1.20 -0.48 -51.81
C GLU E 346 2.62 -0.81 -52.28
N GLY E 347 3.64 -0.38 -51.54
CA GLY E 347 5.01 -0.80 -51.81
C GLY E 347 5.15 -2.31 -51.86
N ILE E 348 4.61 -2.95 -50.84
CA ILE E 348 4.64 -4.38 -50.84
C ILE E 348 3.92 -4.98 -52.08
N GLU E 349 2.73 -4.49 -52.46
CA GLU E 349 2.03 -4.96 -53.69
C GLU E 349 2.89 -4.75 -54.96
N LYS E 350 3.66 -3.67 -55.04
CA LYS E 350 4.45 -3.41 -56.23
C LYS E 350 5.91 -3.93 -56.25
N GLY E 351 6.34 -4.78 -55.34
CA GLY E 351 7.76 -5.21 -55.26
C GLY E 351 8.75 -4.10 -54.86
N ILE E 352 8.33 -3.13 -54.07
CA ILE E 352 9.15 -1.93 -53.87
C ILE E 352 9.86 -2.00 -52.54
N ALA E 353 11.19 -1.93 -52.60
CA ALA E 353 12.09 -2.03 -51.44
C ALA E 353 11.95 -3.36 -50.72
N ASN E 354 12.62 -3.52 -49.57
CA ASN E 354 12.40 -4.72 -48.74
C ASN E 354 12.54 -4.50 -47.22
N SER E 355 12.44 -3.26 -46.76
CA SER E 355 12.68 -2.92 -45.40
C SER E 355 12.01 -1.58 -45.16
N ILE E 356 11.64 -1.30 -43.92
CA ILE E 356 11.02 -0.04 -43.61
C ILE E 356 11.70 0.60 -42.40
N LEU E 357 11.99 1.89 -42.48
CA LEU E 357 12.45 2.64 -41.32
C LEU E 357 11.26 3.14 -40.44
N ILE E 358 11.26 2.77 -39.16
CA ILE E 358 10.11 2.99 -38.28
C ILE E 358 10.33 4.19 -37.37
N LYS E 359 9.58 5.26 -37.63
CA LYS E 359 9.61 6.47 -36.83
C LYS E 359 8.23 6.74 -36.26
N PHE E 360 8.06 6.51 -34.95
CA PHE E 360 6.73 6.64 -34.41
C PHE E 360 6.12 8.04 -34.62
N ASN E 361 6.95 9.09 -34.70
CA ASN E 361 6.41 10.42 -34.91
C ASN E 361 6.02 10.74 -36.41
N GLN E 362 6.44 9.90 -37.33
CA GLN E 362 5.92 9.98 -38.71
C GLN E 362 4.44 9.59 -38.86
N ILE E 363 3.95 8.77 -37.96
CA ILE E 363 2.54 8.34 -38.02
C ILE E 363 1.74 8.82 -36.79
N GLY E 364 2.35 8.85 -35.63
CA GLY E 364 1.85 9.65 -34.53
C GLY E 364 1.25 8.90 -33.36
N SER E 365 1.20 7.57 -33.39
CA SER E 365 0.65 6.85 -32.24
C SER E 365 1.39 5.57 -32.13
N LEU E 366 1.47 5.03 -30.90
CA LEU E 366 2.18 3.78 -30.72
C LEU E 366 1.42 2.67 -31.47
N THR E 367 0.11 2.60 -31.28
CA THR E 367 -0.67 1.51 -31.94
C THR E 367 -0.47 1.46 -33.48
N GLU E 368 -0.41 2.62 -34.15
CA GLU E 368 -0.17 2.59 -35.59
C GLU E 368 1.28 2.24 -35.94
N THR E 369 2.20 2.62 -35.07
CA THR E 369 3.56 2.18 -35.21
C THR E 369 3.68 0.66 -35.12
N LEU E 370 3.04 0.02 -34.15
CA LEU E 370 3.08 -1.44 -34.12
C LEU E 370 2.43 -2.06 -35.35
N ALA E 371 1.42 -1.42 -35.93
CA ALA E 371 0.76 -1.99 -37.11
C ALA E 371 1.69 -1.93 -38.37
N ALA E 372 2.55 -0.92 -38.42
CA ALA E 372 3.53 -0.84 -39.51
C ALA E 372 4.54 -1.96 -39.41
N ILE E 373 4.98 -2.25 -38.19
CA ILE E 373 6.01 -3.23 -37.99
C ILE E 373 5.43 -4.63 -38.32
N LYS E 374 4.22 -4.91 -37.85
CA LYS E 374 3.49 -6.14 -38.17
C LYS E 374 3.29 -6.32 -39.71
N MET E 375 2.91 -5.24 -40.40
CA MET E 375 2.74 -5.32 -41.84
C MET E 375 4.10 -5.64 -42.51
N ALA E 376 5.20 -5.08 -42.01
CA ALA E 376 6.50 -5.36 -42.61
C ALA E 376 6.87 -6.80 -42.41
N LYS E 377 6.80 -7.23 -41.17
CA LYS E 377 7.18 -8.56 -40.85
C LYS E 377 6.32 -9.60 -41.57
N ASP E 378 5.00 -9.42 -41.68
CA ASP E 378 4.11 -10.35 -42.42
C ASP E 378 4.55 -10.49 -43.87
N ALA E 379 5.06 -9.41 -44.48
CA ALA E 379 5.55 -9.44 -45.86
C ALA E 379 7.01 -9.80 -46.06
N GLY E 380 7.73 -10.20 -44.99
CA GLY E 380 9.16 -10.54 -45.06
C GLY E 380 10.10 -9.34 -45.15
N TYR E 381 9.56 -8.13 -45.08
CA TYR E 381 10.37 -6.91 -44.96
C TYR E 381 10.96 -6.84 -43.55
N THR E 382 12.16 -6.26 -43.42
CA THR E 382 12.66 -5.99 -42.09
C THR E 382 12.14 -4.65 -41.54
N ALA E 383 12.17 -4.51 -40.22
CA ALA E 383 11.87 -3.22 -39.59
C ALA E 383 13.05 -2.64 -38.81
N VAL E 384 13.39 -1.37 -39.09
CA VAL E 384 14.50 -0.73 -38.46
C VAL E 384 13.93 0.37 -37.62
N ILE E 385 14.01 0.24 -36.28
CA ILE E 385 13.47 1.26 -35.41
C ILE E 385 14.41 2.46 -35.43
N SER E 386 13.89 3.66 -35.64
CA SER E 386 14.72 4.82 -35.82
C SER E 386 14.40 6.00 -34.95
N HIS E 387 15.45 6.79 -34.73
CA HIS E 387 15.38 8.12 -34.19
C HIS E 387 15.00 9.13 -35.27
N ARG E 388 14.84 10.38 -34.86
CA ARG E 388 14.84 11.51 -35.72
C ARG E 388 16.13 12.27 -35.37
N SER E 389 16.44 13.29 -36.16
CA SER E 389 17.64 14.06 -36.03
C SER E 389 17.53 15.08 -34.93
N GLY E 390 16.31 15.51 -34.65
CA GLY E 390 15.98 16.18 -33.37
C GLY E 390 15.52 15.17 -32.31
N GLU E 391 16.35 14.88 -31.32
CA GLU E 391 16.00 13.92 -30.28
C GLU E 391 15.95 14.54 -28.88
N THR E 392 15.58 13.73 -27.93
CA THR E 392 15.58 14.14 -26.54
C THR E 392 16.35 13.11 -25.75
N GLU E 393 16.46 13.38 -24.44
CA GLU E 393 16.79 12.43 -23.35
C GLU E 393 15.96 11.13 -23.46
N ASP E 394 14.76 11.19 -24.00
CA ASP E 394 13.86 10.01 -24.06
C ASP E 394 14.60 8.87 -24.77
N ALA E 395 14.47 7.66 -24.24
CA ALA E 395 15.04 6.45 -24.85
C ALA E 395 14.01 5.37 -25.21
N THR E 396 12.76 5.78 -25.48
CA THR E 396 11.68 4.84 -25.74
C THR E 396 11.97 3.93 -26.94
N ILE E 397 12.62 4.45 -28.01
CA ILE E 397 12.94 3.57 -29.10
C ILE E 397 13.78 2.33 -28.71
N ALA E 398 14.57 2.42 -27.64
CA ALA E 398 15.32 1.24 -27.20
C ALA E 398 14.36 0.13 -26.80
N ASP E 399 13.41 0.46 -25.89
CA ASP E 399 12.44 -0.48 -25.41
C ASP E 399 11.52 -0.94 -26.54
N LEU E 400 11.18 -0.03 -27.47
CA LEU E 400 10.34 -0.41 -28.63
C LEU E 400 10.99 -1.54 -29.51
N ALA E 401 12.27 -1.37 -29.82
CA ALA E 401 13.01 -2.35 -30.64
C ALA E 401 13.11 -3.67 -29.93
N VAL E 402 13.29 -3.61 -28.62
CA VAL E 402 13.41 -4.86 -27.88
C VAL E 402 12.07 -5.57 -27.81
N GLY E 403 11.03 -4.82 -27.47
CA GLY E 403 9.70 -5.36 -27.26
C GLY E 403 9.00 -5.84 -28.51
N THR E 404 9.41 -5.31 -29.67
CA THR E 404 8.92 -5.80 -30.96
C THR E 404 9.85 -6.81 -31.61
N ALA E 405 10.99 -7.11 -30.98
CA ALA E 405 12.05 -7.91 -31.57
C ALA E 405 12.29 -7.44 -33.02
N ALA E 406 12.44 -6.13 -33.23
CA ALA E 406 12.45 -5.58 -34.57
C ALA E 406 13.73 -6.04 -35.26
N GLY E 407 14.81 -6.12 -34.49
CA GLY E 407 16.03 -6.69 -34.93
C GLY E 407 17.09 -5.67 -35.28
N GLN E 408 16.70 -4.45 -35.64
CA GLN E 408 17.65 -3.42 -36.05
C GLN E 408 17.25 -2.10 -35.43
N ILE E 409 18.22 -1.22 -35.18
CA ILE E 409 17.97 0.09 -34.66
C ILE E 409 18.89 1.07 -35.34
N LYS E 410 18.40 2.29 -35.53
CA LYS E 410 19.19 3.36 -36.08
C LYS E 410 19.08 4.49 -35.12
N THR E 411 20.12 4.73 -34.32
CA THR E 411 20.00 5.75 -33.25
C THR E 411 21.16 6.60 -32.97
N GLY E 412 22.00 6.70 -34.00
CA GLY E 412 23.05 7.71 -34.01
C GLY E 412 24.46 7.20 -33.95
N SER E 413 25.38 8.14 -34.06
CA SER E 413 26.76 7.89 -33.76
C SER E 413 26.92 7.60 -32.28
N MET E 414 28.15 7.36 -31.87
CA MET E 414 28.41 7.04 -30.49
C MET E 414 28.85 8.30 -29.79
N SER E 415 28.17 9.41 -30.05
CA SER E 415 28.41 10.60 -29.29
C SER E 415 27.11 11.35 -29.20
N ARG E 416 27.05 12.23 -28.19
CA ARG E 416 25.84 12.99 -27.82
C ARG E 416 24.82 12.12 -27.10
N SER E 417 24.42 12.56 -25.91
CA SER E 417 23.49 11.81 -25.10
C SER E 417 22.06 11.66 -25.70
N ASP E 418 21.71 12.51 -26.66
CA ASP E 418 20.53 12.26 -27.51
C ASP E 418 20.58 10.98 -28.28
N ARG E 419 21.80 10.51 -28.60
CA ARG E 419 21.95 9.22 -29.18
C ARG E 419 22.26 8.15 -28.13
N VAL E 420 23.25 8.46 -27.33
CA VAL E 420 23.87 7.50 -26.40
C VAL E 420 22.94 7.07 -25.29
N ALA E 421 21.98 7.88 -24.94
CA ALA E 421 20.98 7.41 -23.93
C ALA E 421 20.19 6.21 -24.43
N LYS E 422 20.03 6.10 -25.76
CA LYS E 422 19.36 4.91 -26.31
C LYS E 422 20.28 3.69 -26.13
N TYR E 423 21.60 3.88 -26.39
CA TYR E 423 22.59 2.81 -26.26
C TYR E 423 22.69 2.33 -24.79
N ASN E 424 22.69 3.28 -23.88
CA ASN E 424 22.63 2.99 -22.44
C ASN E 424 21.40 2.21 -22.03
N GLN E 425 20.25 2.60 -22.52
CA GLN E 425 19.04 1.87 -22.27
C GLN E 425 19.09 0.45 -22.82
N LEU E 426 19.63 0.28 -24.01
CA LEU E 426 19.87 -1.06 -24.54
C LEU E 426 20.79 -1.93 -23.65
N ILE E 427 21.86 -1.34 -23.13
CA ILE E 427 22.74 -2.05 -22.21
C ILE E 427 21.96 -2.51 -20.95
N ARG E 428 21.17 -1.60 -20.35
CA ARG E 428 20.37 -1.93 -19.16
C ARG E 428 19.38 -3.05 -19.47
N ILE E 429 18.73 -3.02 -20.64
CA ILE E 429 17.74 -4.01 -20.97
C ILE E 429 18.44 -5.34 -21.16
N GLU E 430 19.52 -5.37 -21.94
CA GLU E 430 20.29 -6.63 -22.11
C GLU E 430 20.81 -7.23 -20.77
N GLU E 431 21.26 -6.36 -19.90
CA GLU E 431 21.62 -6.75 -18.51
C GLU E 431 20.53 -7.55 -17.84
N ALA E 432 19.29 -7.10 -17.96
CA ALA E 432 18.17 -7.75 -17.30
C ALA E 432 17.74 -9.02 -17.99
N LEU E 433 17.79 -9.02 -19.31
CA LEU E 433 17.21 -10.12 -20.06
C LEU E 433 18.20 -11.21 -20.46
N GLY E 434 19.44 -10.84 -20.69
CA GLY E 434 20.48 -11.74 -21.18
C GLY E 434 20.08 -12.40 -22.50
N GLU E 435 20.19 -13.72 -22.49
CA GLU E 435 19.90 -14.61 -23.62
C GLU E 435 18.39 -14.73 -23.89
N LYS E 436 17.53 -14.20 -23.02
CA LYS E 436 16.10 -14.03 -23.42
C LYS E 436 15.94 -12.96 -24.54
N ALA E 437 16.93 -12.08 -24.71
CA ALA E 437 16.95 -11.15 -25.81
C ALA E 437 18.23 -11.40 -26.62
N PRO E 438 18.22 -12.41 -27.47
CA PRO E 438 19.49 -12.66 -28.27
C PRO E 438 19.87 -11.48 -29.17
N TYR E 439 21.15 -11.26 -29.35
CA TYR E 439 21.67 -10.38 -30.38
C TYR E 439 22.00 -11.27 -31.53
N ASN E 440 21.24 -11.16 -32.61
CA ASN E 440 21.33 -12.10 -33.69
C ASN E 440 22.28 -11.73 -34.82
N GLY E 441 22.81 -10.52 -34.90
CA GLY E 441 23.87 -10.20 -35.85
C GLY E 441 23.41 -10.09 -37.31
N ARG E 442 24.29 -10.44 -38.25
CA ARG E 442 24.10 -10.11 -39.67
C ARG E 442 22.82 -10.73 -40.21
N LYS E 443 22.36 -11.80 -39.60
CA LYS E 443 21.13 -12.46 -40.04
C LYS E 443 19.83 -11.68 -39.80
N GLU E 444 19.86 -10.53 -39.11
CA GLU E 444 18.71 -9.63 -39.06
C GLU E 444 18.56 -8.85 -40.37
N ILE E 445 19.66 -8.67 -41.07
CA ILE E 445 19.72 -7.74 -42.20
C ILE E 445 19.13 -8.48 -43.43
N LYS E 446 18.08 -7.92 -44.05
CA LYS E 446 17.47 -8.46 -45.25
C LYS E 446 18.54 -8.67 -46.37
N GLY E 447 18.51 -9.84 -47.03
CA GLY E 447 19.46 -10.18 -48.12
C GLY E 447 20.72 -10.90 -47.70
N GLN E 448 20.89 -11.21 -46.40
CA GLN E 448 21.99 -12.10 -45.93
C GLN E 448 21.52 -13.58 -45.81
N ALA E 449 22.44 -14.49 -45.43
CA ALA E 449 22.15 -15.95 -45.29
C ALA E 449 22.22 -16.44 -43.83
N GLN F 11 0.82 3.23 14.62
CA GLN F 11 0.16 1.87 14.58
C GLN F 11 0.41 1.17 13.16
N GLN F 12 0.20 1.72 11.97
CA GLN F 12 1.02 1.23 10.76
C GLN F 12 2.30 2.07 10.42
N MET F 13 3.41 1.38 10.14
CA MET F 13 4.65 2.00 9.60
C MET F 13 4.62 1.88 8.07
N GLY F 14 4.60 3.03 7.39
CA GLY F 14 4.74 3.10 5.94
C GLY F 14 6.02 2.51 5.34
N ARG F 15 5.94 2.10 4.07
CA ARG F 15 7.13 1.71 3.31
C ARG F 15 8.27 2.77 3.25
N GLY F 16 7.92 4.05 3.27
CA GLY F 16 8.87 5.16 3.36
C GLY F 16 9.85 5.06 4.53
N SER F 17 9.39 4.52 5.66
CA SER F 17 10.27 4.24 6.83
C SER F 17 11.33 3.17 6.56
N MET F 18 11.12 2.33 5.54
CA MET F 18 12.02 1.23 5.26
C MET F 18 13.09 1.66 4.30
N SER F 19 13.95 2.56 4.78
CA SER F 19 14.97 3.17 3.91
C SER F 19 16.40 2.56 4.03
N LYS F 20 16.52 1.40 4.65
CA LYS F 20 17.76 0.62 4.55
C LYS F 20 18.05 0.18 3.13
N ILE F 21 19.32 0.30 2.75
CA ILE F 21 19.82 -0.19 1.47
C ILE F 21 19.83 -1.74 1.48
N VAL F 22 19.16 -2.36 0.51
CA VAL F 22 19.19 -3.82 0.37
C VAL F 22 20.07 -4.28 -0.81
N LYS F 23 20.41 -3.40 -1.75
CA LYS F 23 21.18 -3.76 -2.95
C LYS F 23 21.70 -2.54 -3.72
N ILE F 24 22.92 -2.65 -4.18
CA ILE F 24 23.53 -1.67 -5.00
C ILE F 24 24.12 -2.37 -6.23
N ILE F 25 23.75 -1.91 -7.43
CA ILE F 25 24.20 -2.39 -8.71
C ILE F 25 24.98 -1.27 -9.38
N GLY F 26 26.12 -1.65 -9.94
CA GLY F 26 26.98 -0.70 -10.64
C GLY F 26 27.08 -1.26 -12.05
N ARG F 27 27.13 -0.40 -13.04
CA ARG F 27 27.31 -0.86 -14.41
C ARG F 27 28.07 0.18 -15.18
N GLU F 28 28.72 -0.26 -16.26
CA GLU F 28 29.42 0.54 -17.26
C GLU F 28 28.41 0.99 -18.33
N ILE F 29 28.23 2.30 -18.45
CA ILE F 29 27.43 2.93 -19.52
C ILE F 29 28.34 3.87 -20.27
N ILE F 30 27.80 4.63 -21.23
CA ILE F 30 28.59 5.46 -22.14
C ILE F 30 28.16 6.92 -21.97
N ASP F 31 29.16 7.77 -21.96
CA ASP F 31 29.02 9.20 -21.85
C ASP F 31 28.91 9.87 -23.23
N SER F 32 28.87 11.19 -23.23
CA SER F 32 28.44 11.93 -24.37
C SER F 32 29.53 12.09 -25.42
N ARG F 33 30.74 11.63 -25.08
CA ARG F 33 31.91 11.56 -26.00
C ARG F 33 32.16 10.15 -26.40
N GLY F 34 31.27 9.24 -26.03
CA GLY F 34 31.48 7.87 -26.33
C GLY F 34 32.38 7.09 -25.40
N ASN F 35 32.74 7.65 -24.25
CA ASN F 35 33.60 6.92 -23.31
C ASN F 35 32.81 6.28 -22.17
N PRO F 36 33.34 5.20 -21.61
CA PRO F 36 32.68 4.60 -20.47
C PRO F 36 32.59 5.46 -19.22
N THR F 37 31.54 5.24 -18.42
CA THR F 37 31.41 5.89 -17.09
C THR F 37 30.58 4.98 -16.26
N VAL F 38 30.56 5.28 -14.99
CA VAL F 38 29.89 4.43 -14.03
C VAL F 38 28.46 4.90 -13.78
N GLU F 39 27.53 3.94 -13.71
CA GLU F 39 26.18 4.16 -13.23
C GLU F 39 25.90 3.23 -12.06
N ALA F 40 25.20 3.73 -11.05
CA ALA F 40 24.85 2.98 -9.87
C ALA F 40 23.35 3.03 -9.63
N GLU F 41 22.80 1.94 -9.13
CA GLU F 41 21.45 1.89 -8.68
C GLU F 41 21.49 1.56 -7.20
N VAL F 42 20.77 2.29 -6.36
CA VAL F 42 20.65 1.95 -4.94
C VAL F 42 19.21 1.64 -4.72
N HIS F 43 18.94 0.43 -4.20
CA HIS F 43 17.58 -0.05 -3.93
C HIS F 43 17.43 -0.12 -2.38
N LEU F 44 16.26 0.29 -1.87
CA LEU F 44 15.94 0.26 -0.44
C LEU F 44 14.90 -0.79 -0.12
N GLU F 45 14.85 -1.21 1.14
CA GLU F 45 13.95 -2.27 1.59
C GLU F 45 12.51 -1.99 1.24
N GLY F 46 12.12 -0.73 1.40
CA GLY F 46 10.78 -0.34 1.03
C GLY F 46 10.40 -0.38 -0.44
N GLY F 47 11.32 -0.65 -1.36
CA GLY F 47 10.99 -0.68 -2.78
C GLY F 47 11.63 0.44 -3.57
N PHE F 48 12.23 1.43 -2.90
CA PHE F 48 12.69 2.66 -3.56
C PHE F 48 14.00 2.43 -4.30
N VAL F 49 14.16 3.07 -5.46
CA VAL F 49 15.36 2.95 -6.28
C VAL F 49 15.84 4.31 -6.69
N GLY F 50 17.12 4.59 -6.53
CA GLY F 50 17.70 5.78 -7.12
C GLY F 50 18.73 5.28 -8.16
N MET F 51 18.95 6.04 -9.23
CA MET F 51 19.96 5.69 -10.24
C MET F 51 20.66 6.94 -10.75
N ALA F 52 21.97 6.91 -10.76
CA ALA F 52 22.76 8.06 -11.19
C ALA F 52 24.06 7.62 -11.87
N ALA F 53 24.64 8.53 -12.62
CA ALA F 53 25.91 8.32 -13.23
C ALA F 53 26.90 9.48 -12.99
N ALA F 54 28.18 9.13 -12.98
CA ALA F 54 29.27 10.09 -12.86
C ALA F 54 29.54 10.68 -14.21
N PRO F 55 29.70 12.00 -14.30
CA PRO F 55 30.28 12.58 -15.50
C PRO F 55 31.81 12.36 -15.50
N SER F 56 32.51 12.98 -16.46
CA SER F 56 33.97 12.98 -16.56
C SER F 56 34.52 14.12 -17.44
N GLY F 57 35.56 14.82 -16.97
CA GLY F 57 36.23 15.93 -17.77
C GLY F 57 37.29 15.58 -18.88
N ALA F 58 37.60 16.55 -19.76
CA ALA F 58 38.70 16.49 -20.78
C ALA F 58 39.97 17.19 -20.25
N SER F 59 39.91 18.52 -20.07
CA SER F 59 40.69 19.21 -19.01
C SER F 59 40.33 18.50 -17.68
N THR F 60 41.34 18.14 -16.89
CA THR F 60 41.17 17.99 -15.43
C THR F 60 42.24 18.90 -14.74
N GLY F 61 42.00 19.22 -13.47
CA GLY F 61 43.03 19.81 -12.60
C GLY F 61 43.87 18.72 -11.91
N SER F 62 45.15 19.04 -11.60
CA SER F 62 46.15 18.11 -10.97
C SER F 62 45.74 17.46 -9.60
N ARG F 63 44.82 18.15 -8.91
CA ARG F 63 44.47 17.91 -7.51
C ARG F 63 43.01 17.35 -7.35
N GLU F 64 42.32 17.06 -8.47
CA GLU F 64 40.98 16.46 -8.48
C GLU F 64 41.02 15.11 -7.72
N ALA F 65 39.91 14.73 -7.10
CA ALA F 65 39.68 13.32 -6.82
C ALA F 65 39.76 12.54 -8.14
N LEU F 66 40.17 11.28 -8.12
CA LEU F 66 40.53 10.67 -9.36
C LEU F 66 39.50 9.66 -9.83
N GLU F 67 39.19 9.77 -11.10
CA GLU F 67 38.34 8.75 -11.73
C GLU F 67 39.25 7.58 -12.05
N LEU F 68 38.83 6.38 -11.66
CA LEU F 68 39.54 5.17 -11.91
C LEU F 68 39.16 4.60 -13.26
N ARG F 69 40.13 4.57 -14.16
CA ARG F 69 40.03 3.92 -15.48
C ARG F 69 40.85 2.63 -15.54
N ASP F 70 40.50 1.73 -16.45
CA ASP F 70 41.09 0.40 -16.51
C ASP F 70 42.53 0.34 -17.10
N GLY F 71 42.83 1.19 -18.07
CA GLY F 71 44.06 1.09 -18.88
C GLY F 71 44.19 -0.18 -19.70
N ASP F 72 43.11 -0.98 -19.85
CA ASP F 72 43.10 -2.13 -20.79
C ASP F 72 42.89 -1.68 -22.26
N LYS F 73 44.00 -1.64 -23.02
CA LYS F 73 44.04 -1.09 -24.41
C LYS F 73 43.20 -1.84 -25.45
N SER F 74 42.75 -3.03 -25.11
CA SER F 74 41.82 -3.77 -25.95
C SER F 74 40.31 -3.42 -25.70
N ARG F 75 39.99 -2.53 -24.74
CA ARG F 75 38.59 -2.14 -24.52
C ARG F 75 38.60 -0.67 -24.42
N PHE F 76 37.93 -0.01 -25.37
CA PHE F 76 37.65 1.40 -25.27
C PHE F 76 38.91 2.23 -25.21
N LEU F 77 39.96 1.79 -25.92
CA LEU F 77 41.24 2.51 -25.98
C LEU F 77 41.85 2.81 -24.60
N GLY F 78 41.58 1.93 -23.64
CA GLY F 78 42.08 2.10 -22.28
C GLY F 78 41.18 2.77 -21.27
N LYS F 79 39.95 3.13 -21.70
CA LYS F 79 39.07 3.94 -20.91
C LYS F 79 37.93 3.20 -20.22
N GLY F 80 37.96 1.87 -20.21
CA GLY F 80 36.96 1.10 -19.52
C GLY F 80 36.91 1.48 -18.05
N VAL F 81 35.78 1.19 -17.41
CA VAL F 81 35.61 1.43 -15.98
C VAL F 81 35.11 0.22 -15.22
N THR F 82 35.48 -0.96 -15.73
CA THR F 82 35.10 -2.20 -15.08
C THR F 82 35.61 -2.32 -13.61
N LYS F 83 36.74 -1.69 -13.28
CA LYS F 83 37.26 -1.75 -11.91
C LYS F 83 36.47 -0.88 -10.95
N ALA F 84 36.20 0.36 -11.34
CA ALA F 84 35.25 1.19 -10.61
C ALA F 84 33.89 0.53 -10.44
N VAL F 85 33.39 -0.12 -11.50
CA VAL F 85 32.11 -0.85 -11.41
C VAL F 85 32.16 -2.02 -10.43
N ALA F 86 33.30 -2.73 -10.47
CA ALA F 86 33.53 -3.84 -9.51
C ALA F 86 33.58 -3.33 -8.06
N ALA F 87 34.18 -2.17 -7.86
CA ALA F 87 34.16 -1.50 -6.55
C ALA F 87 32.74 -1.23 -6.05
N VAL F 88 31.87 -0.70 -6.92
CA VAL F 88 30.46 -0.49 -6.58
C VAL F 88 29.76 -1.76 -6.17
N ASN F 89 29.93 -2.79 -7.00
CA ASN F 89 29.21 -4.06 -6.85
C ASN F 89 29.74 -4.94 -5.72
N GLY F 90 31.03 -4.81 -5.37
CA GLY F 90 31.62 -5.66 -4.33
C GLY F 90 31.73 -4.88 -3.03
N PRO F 91 32.88 -4.22 -2.78
CA PRO F 91 33.14 -3.63 -1.46
C PRO F 91 32.19 -2.48 -1.06
N ILE F 92 31.83 -1.58 -1.99
CA ILE F 92 30.90 -0.45 -1.61
C ILE F 92 29.54 -0.99 -1.22
N ALA F 93 28.98 -1.83 -2.06
CA ALA F 93 27.73 -2.52 -1.73
C ALA F 93 27.79 -3.20 -0.36
N GLN F 94 28.82 -4.02 -0.09
CA GLN F 94 28.83 -4.79 1.13
C GLN F 94 28.88 -3.87 2.34
N ALA F 95 29.57 -2.74 2.22
CA ALA F 95 29.70 -1.78 3.33
C ALA F 95 28.40 -0.95 3.60
N LEU F 96 27.55 -0.84 2.57
CA LEU F 96 26.35 0.00 2.64
C LEU F 96 25.08 -0.74 2.86
N ILE F 97 25.05 -2.05 2.61
CA ILE F 97 23.83 -2.84 2.82
C ILE F 97 23.46 -2.69 4.29
N GLY F 98 22.20 -2.46 4.60
CA GLY F 98 21.75 -2.28 6.01
C GLY F 98 21.85 -0.85 6.58
N LYS F 99 22.50 0.07 5.86
CA LYS F 99 22.56 1.49 6.26
C LYS F 99 21.38 2.31 5.72
N ASP F 100 21.06 3.38 6.45
CA ASP F 100 19.89 4.21 6.22
C ASP F 100 20.22 5.24 5.15
N ALA F 101 19.63 5.08 3.97
CA ALA F 101 19.92 5.99 2.82
C ALA F 101 19.65 7.46 3.09
N LYS F 102 18.69 7.76 3.99
CA LYS F 102 18.35 9.16 4.32
C LYS F 102 19.52 9.90 4.99
N ASP F 103 20.41 9.18 5.62
CA ASP F 103 21.56 9.81 6.31
C ASP F 103 22.68 9.90 5.27
N GLN F 104 22.56 10.87 4.36
CA GLN F 104 23.53 11.02 3.23
C GLN F 104 24.95 11.14 3.75
N ALA F 105 25.15 12.02 4.72
CA ALA F 105 26.51 12.23 5.29
C ALA F 105 27.11 10.91 5.85
N GLY F 106 26.33 10.10 6.54
CA GLY F 106 26.81 8.80 7.04
C GLY F 106 27.20 7.87 5.90
N ILE F 107 26.36 7.84 4.84
CA ILE F 107 26.61 6.93 3.69
C ILE F 107 27.93 7.33 3.00
N ASP F 108 28.13 8.63 2.80
CA ASP F 108 29.32 9.10 2.09
C ASP F 108 30.57 8.86 2.95
N LYS F 109 30.42 9.07 4.26
CA LYS F 109 31.52 8.81 5.19
C LYS F 109 31.95 7.34 5.15
N ILE F 110 31.02 6.43 5.11
CA ILE F 110 31.39 5.02 4.99
C ILE F 110 32.26 4.85 3.74
N MET F 111 31.81 5.39 2.61
CA MET F 111 32.56 5.15 1.39
C MET F 111 33.92 5.86 1.45
N ILE F 112 33.98 7.07 2.01
CA ILE F 112 35.24 7.81 2.02
C ILE F 112 36.30 7.08 2.91
N ASP F 113 35.88 6.60 4.06
CA ASP F 113 36.72 5.86 4.99
C ASP F 113 37.13 4.48 4.44
N LEU F 114 36.23 3.80 3.72
CA LEU F 114 36.51 2.47 3.20
C LEU F 114 37.52 2.54 2.07
N ASP F 115 37.44 3.54 1.23
CA ASP F 115 38.44 3.75 0.18
C ASP F 115 39.81 4.12 0.85
N GLY F 116 39.72 4.92 1.90
CA GLY F 116 40.88 5.27 2.71
C GLY F 116 41.97 6.14 2.11
N THR F 117 41.81 6.64 0.90
CA THR F 117 42.78 7.52 0.30
C THR F 117 42.28 8.94 0.37
N GLU F 118 43.20 9.91 0.25
CA GLU F 118 42.88 11.35 0.08
C GLU F 118 42.04 11.75 -1.17
N ASN F 119 42.32 11.13 -2.32
CA ASN F 119 41.80 11.55 -3.62
C ASN F 119 40.82 10.49 -4.21
N LYS F 120 40.28 9.62 -3.36
CA LYS F 120 39.43 8.52 -3.76
C LYS F 120 40.03 7.57 -4.80
N SER F 121 41.35 7.34 -4.75
CA SER F 121 42.02 6.57 -5.82
C SER F 121 41.97 5.05 -5.69
N LYS F 122 41.43 4.50 -4.60
CA LYS F 122 41.25 3.08 -4.54
C LYS F 122 39.99 2.64 -5.32
N PHE F 123 38.80 3.07 -4.90
CA PHE F 123 37.59 2.73 -5.62
C PHE F 123 37.35 3.58 -6.86
N GLY F 124 37.91 4.78 -6.91
CA GLY F 124 37.51 5.77 -7.93
C GLY F 124 36.46 6.77 -7.44
N ALA F 125 36.71 8.04 -7.69
CA ALA F 125 35.70 9.07 -7.47
C ALA F 125 34.43 8.85 -8.30
N ASN F 126 34.61 8.34 -9.51
CA ASN F 126 33.50 7.90 -10.36
C ASN F 126 32.63 6.77 -9.75
N ALA F 127 33.19 5.80 -9.05
CA ALA F 127 32.37 4.81 -8.35
C ALA F 127 31.63 5.42 -7.15
N ILE F 128 32.38 6.19 -6.38
CA ILE F 128 31.85 6.75 -5.14
C ILE F 128 30.80 7.84 -5.43
N LEU F 129 31.04 8.72 -6.40
CA LEU F 129 30.02 9.73 -6.76
C LEU F 129 28.71 9.05 -7.24
N ALA F 130 28.82 8.06 -8.11
CA ALA F 130 27.63 7.43 -8.70
C ALA F 130 26.75 6.90 -7.61
N VAL F 131 27.36 6.23 -6.63
CA VAL F 131 26.60 5.70 -5.49
C VAL F 131 26.04 6.80 -4.61
N SER F 132 26.85 7.81 -4.35
CA SER F 132 26.49 8.91 -3.53
C SER F 132 25.20 9.56 -4.05
N LEU F 133 25.16 9.83 -5.36
CA LEU F 133 24.01 10.48 -5.99
C LEU F 133 22.82 9.53 -6.14
N ALA F 134 23.06 8.28 -6.49
CA ALA F 134 21.98 7.30 -6.53
C ALA F 134 21.35 7.08 -5.15
N ASN F 135 22.15 7.05 -4.10
CA ASN F 135 21.63 7.00 -2.75
C ASN F 135 20.69 8.19 -2.44
N ALA F 136 21.10 9.41 -2.82
CA ALA F 136 20.32 10.63 -2.55
C ALA F 136 18.94 10.54 -3.20
N LYS F 137 18.94 10.11 -4.47
CA LYS F 137 17.70 9.87 -5.21
C LYS F 137 16.76 8.85 -4.58
N ALA F 138 17.32 7.74 -4.09
CA ALA F 138 16.57 6.68 -3.50
C ALA F 138 15.98 7.18 -2.21
N ALA F 139 16.79 7.93 -1.45
CA ALA F 139 16.31 8.56 -0.20
C ALA F 139 15.21 9.58 -0.44
N ALA F 140 15.30 10.33 -1.53
CA ALA F 140 14.30 11.31 -1.80
C ALA F 140 12.97 10.59 -2.05
N ALA F 141 13.04 9.49 -2.81
CA ALA F 141 11.83 8.69 -3.15
C ALA F 141 11.24 8.14 -1.86
N ALA F 142 12.10 7.72 -0.94
CA ALA F 142 11.64 7.18 0.35
C ALA F 142 10.96 8.24 1.23
N LYS F 143 11.43 9.47 1.13
CA LYS F 143 10.83 10.59 1.79
C LYS F 143 9.63 11.21 1.07
N GLY F 144 9.27 10.68 -0.08
CA GLY F 144 8.11 11.18 -0.82
C GLY F 144 8.33 12.56 -1.42
N MET F 145 9.54 12.86 -1.86
CA MET F 145 9.81 14.19 -2.40
C MET F 145 10.71 14.20 -3.64
N PRO F 146 10.62 15.27 -4.42
CA PRO F 146 11.57 15.47 -5.51
C PRO F 146 12.99 15.66 -4.96
N LEU F 147 13.94 15.40 -5.82
CA LEU F 147 15.31 15.44 -5.45
C LEU F 147 15.72 16.82 -4.94
N TYR F 148 15.28 17.90 -5.63
CA TYR F 148 15.71 19.28 -5.21
C TYR F 148 15.21 19.55 -3.78
N GLU F 149 14.03 19.08 -3.41
CA GLU F 149 13.50 19.28 -2.04
C GLU F 149 14.40 18.53 -1.02
N HIS F 150 14.82 17.31 -1.37
CA HIS F 150 15.63 16.50 -0.50
C HIS F 150 17.02 17.09 -0.34
N ILE F 151 17.58 17.62 -1.41
CA ILE F 151 18.84 18.34 -1.35
C ILE F 151 18.80 19.58 -0.49
N ALA F 152 17.75 20.36 -0.59
CA ALA F 152 17.58 21.49 0.29
C ALA F 152 17.61 21.08 1.78
N GLU F 153 16.94 19.98 2.10
CA GLU F 153 17.05 19.43 3.45
C GLU F 153 18.45 18.94 3.81
N LEU F 154 19.13 18.26 2.88
CA LEU F 154 20.49 17.79 3.20
C LEU F 154 21.45 18.98 3.29
N ASN F 155 21.17 20.05 2.55
CA ASN F 155 22.01 21.25 2.50
C ASN F 155 21.85 22.14 3.74
N GLY F 156 20.83 21.89 4.55
CA GLY F 156 20.60 22.75 5.73
C GLY F 156 19.79 23.98 5.41
N THR F 157 19.09 24.00 4.26
CA THR F 157 18.31 25.18 3.86
C THR F 157 16.92 24.74 3.42
N PRO F 158 16.18 24.10 4.33
CA PRO F 158 14.92 23.50 3.92
C PRO F 158 13.95 24.48 3.28
N GLY F 159 13.39 24.13 2.15
CA GLY F 159 12.39 24.99 1.52
C GLY F 159 12.91 26.20 0.78
N LYS F 160 14.22 26.33 0.60
CA LYS F 160 14.80 27.57 0.06
C LYS F 160 15.31 27.25 -1.35
N TYR F 161 14.73 27.85 -2.38
CA TYR F 161 15.12 27.53 -3.72
C TYR F 161 15.38 28.75 -4.55
N SER F 162 16.10 28.56 -5.64
CA SER F 162 16.11 29.54 -6.73
C SER F 162 16.39 28.81 -8.04
N MET F 163 15.96 29.41 -9.12
CA MET F 163 16.29 28.91 -10.44
C MET F 163 17.59 29.64 -10.81
N PRO F 164 18.65 28.90 -11.19
CA PRO F 164 19.97 29.44 -11.50
C PRO F 164 20.05 30.20 -12.82
N VAL F 165 20.81 31.28 -12.82
CA VAL F 165 21.11 32.02 -14.04
C VAL F 165 22.11 31.23 -14.89
N PRO F 166 21.73 30.76 -16.07
CA PRO F 166 22.66 29.93 -16.84
C PRO F 166 23.73 30.74 -17.58
N MET F 167 24.96 30.25 -17.62
CA MET F 167 25.99 30.80 -18.52
C MET F 167 26.25 29.78 -19.65
N MET F 168 25.98 30.16 -20.89
CA MET F 168 25.81 29.18 -21.96
C MET F 168 26.91 29.30 -22.98
N ASN F 169 27.65 28.21 -23.13
CA ASN F 169 28.83 28.06 -23.93
C ASN F 169 28.60 27.95 -25.42
N ILE F 170 28.42 29.08 -26.08
CA ILE F 170 28.11 29.04 -27.52
C ILE F 170 29.27 29.25 -28.54
N ILE F 171 30.43 29.71 -28.09
CA ILE F 171 31.65 29.69 -28.89
C ILE F 171 32.84 29.06 -28.11
N ASN F 172 33.37 27.94 -28.62
CA ASN F 172 34.37 27.05 -27.93
C ASN F 172 35.85 27.35 -28.37
N GLY F 173 36.79 26.78 -27.61
CA GLY F 173 38.26 26.88 -27.89
C GLY F 173 39.15 25.78 -27.30
N GLY F 174 38.63 24.54 -27.18
CA GLY F 174 39.36 23.35 -26.71
C GLY F 174 40.67 23.10 -27.45
N ASP F 178 39.93 24.79 -30.96
CA ASP F 178 40.99 24.54 -31.94
C ASP F 178 40.90 25.42 -33.23
N ASN F 179 41.59 26.58 -33.25
CA ASN F 179 41.77 27.46 -34.46
C ASN F 179 42.62 28.71 -34.15
N VAL F 181 42.09 29.22 -31.46
CA VAL F 181 41.20 29.79 -30.42
C VAL F 181 41.66 29.53 -28.93
N ASP F 182 42.55 30.44 -28.50
CA ASP F 182 42.88 30.87 -27.10
C ASP F 182 41.93 30.42 -25.93
N ILE F 183 40.80 31.14 -25.79
CA ILE F 183 39.90 30.99 -24.66
C ILE F 183 39.06 29.72 -24.89
N GLN F 184 38.93 28.88 -23.87
CA GLN F 184 38.19 27.62 -23.97
C GLN F 184 36.68 27.87 -24.21
N GLU F 185 36.05 28.83 -23.49
CA GLU F 185 34.58 29.03 -23.49
C GLU F 185 34.21 30.52 -23.56
N PHE F 186 33.32 30.86 -24.47
CA PHE F 186 32.63 32.16 -24.47
C PHE F 186 31.12 31.90 -24.27
N MET F 187 30.54 32.60 -23.29
CA MET F 187 29.23 32.24 -22.77
C MET F 187 28.32 33.42 -22.78
N ILE F 188 27.01 33.19 -23.02
CA ILE F 188 25.99 34.22 -22.80
C ILE F 188 25.23 33.89 -21.51
N GLN F 189 24.65 34.94 -20.92
CA GLN F 189 23.89 34.83 -19.68
C GLN F 189 22.62 35.65 -19.87
N PRO F 190 21.43 35.00 -19.98
CA PRO F 190 20.14 35.72 -20.09
C PRO F 190 19.67 36.31 -18.77
N VAL F 191 20.41 37.31 -18.32
CA VAL F 191 20.12 37.97 -17.08
C VAL F 191 18.82 38.73 -17.10
N GLY F 192 18.39 39.23 -18.23
CA GLY F 192 17.10 39.96 -18.25
C GLY F 192 15.82 39.13 -18.27
N ALA F 193 15.96 37.80 -18.37
CA ALA F 193 14.83 36.88 -18.26
C ALA F 193 14.12 37.02 -16.89
N LYS F 194 12.82 36.77 -16.83
CA LYS F 194 12.09 36.81 -15.56
C LYS F 194 11.94 35.39 -15.03
N THR F 195 12.19 34.39 -15.88
CA THR F 195 12.14 32.99 -15.48
C THR F 195 13.24 32.19 -16.16
N VAL F 196 13.51 31.01 -15.59
CA VAL F 196 14.51 30.20 -16.20
C VAL F 196 14.02 29.71 -17.58
N LYS F 197 12.70 29.50 -17.72
CA LYS F 197 12.11 29.08 -18.98
C LYS F 197 12.38 30.09 -20.13
N GLU F 198 12.12 31.35 -19.84
CA GLU F 198 12.40 32.42 -20.75
C GLU F 198 13.90 32.51 -20.98
N ALA F 199 14.69 32.32 -19.95
CA ALA F 199 16.17 32.36 -20.14
C ALA F 199 16.63 31.29 -21.15
N ILE F 200 16.07 30.09 -21.01
CA ILE F 200 16.38 29.01 -21.90
C ILE F 200 15.97 29.38 -23.33
N ARG F 201 14.79 29.99 -23.47
CA ARG F 201 14.33 30.42 -24.82
C ARG F 201 15.29 31.48 -25.46
N MET F 202 15.60 32.49 -24.68
CA MET F 202 16.54 33.53 -25.10
C MET F 202 17.82 32.92 -25.60
N GLY F 203 18.34 31.97 -24.81
CA GLY F 203 19.53 31.22 -25.24
C GLY F 203 19.40 30.49 -26.55
N SER F 204 18.33 29.72 -26.69
CA SER F 204 18.06 29.00 -27.94
C SER F 204 18.08 29.95 -29.14
N GLU F 205 17.33 31.03 -28.98
CA GLU F 205 17.22 32.04 -30.05
C GLU F 205 18.57 32.66 -30.46
N VAL F 206 19.38 33.01 -29.45
CA VAL F 206 20.71 33.56 -29.74
C VAL F 206 21.60 32.58 -30.45
N PHE F 207 21.58 31.36 -29.95
CA PHE F 207 22.30 30.24 -30.57
C PHE F 207 21.89 29.93 -32.02
N HIS F 208 20.60 29.97 -32.36
CA HIS F 208 20.21 29.78 -33.77
C HIS F 208 20.66 30.98 -34.63
N HIS F 209 20.50 32.18 -34.08
CA HIS F 209 20.96 33.39 -34.78
C HIS F 209 22.47 33.35 -34.99
N LEU F 210 23.22 32.88 -34.01
CA LEU F 210 24.66 32.76 -34.20
C LEU F 210 25.02 31.80 -35.34
N ALA F 211 24.24 30.73 -35.56
CA ALA F 211 24.49 29.79 -36.68
C ALA F 211 24.39 30.55 -38.00
N LYS F 212 23.35 31.34 -38.16
CA LYS F 212 23.17 32.09 -39.39
C LYS F 212 24.34 33.04 -39.60
N VAL F 213 24.74 33.76 -38.54
CA VAL F 213 25.80 34.74 -38.60
C VAL F 213 27.07 34.05 -39.05
N LEU F 214 27.33 32.85 -38.51
CA LEU F 214 28.52 32.10 -38.90
C LEU F 214 28.50 31.55 -40.33
N LYS F 215 27.34 31.06 -40.78
CA LYS F 215 27.15 30.56 -42.18
C LYS F 215 27.48 31.67 -43.19
N ALA F 216 26.87 32.83 -42.95
CA ALA F 216 27.05 34.06 -43.75
C ALA F 216 28.51 34.49 -43.86
N LYS F 217 29.25 34.37 -42.75
CA LYS F 217 30.71 34.59 -42.74
C LYS F 217 31.53 33.45 -43.40
N GLY F 218 30.85 32.41 -43.89
CA GLY F 218 31.52 31.24 -44.44
C GLY F 218 32.15 30.30 -43.44
N MET F 219 31.71 30.30 -42.16
CA MET F 219 32.36 29.45 -41.16
C MET F 219 31.54 28.19 -40.85
N ASN F 220 32.23 27.23 -40.25
CA ASN F 220 31.67 25.92 -39.88
C ASN F 220 30.72 26.04 -38.64
N THR F 221 29.57 25.35 -38.70
CA THR F 221 28.55 25.34 -37.64
C THR F 221 28.29 23.94 -37.02
N ALA F 222 29.19 23.00 -37.28
CA ALA F 222 29.23 21.78 -36.48
C ALA F 222 29.55 22.11 -34.97
N VAL F 223 29.31 21.18 -34.02
CA VAL F 223 29.42 21.51 -32.62
C VAL F 223 30.49 20.72 -31.87
N GLY F 224 31.09 21.38 -30.88
CA GLY F 224 32.00 20.69 -29.96
C GLY F 224 31.30 19.88 -28.86
N ASP F 225 32.08 19.52 -27.85
CA ASP F 225 31.61 18.64 -26.81
C ASP F 225 30.45 19.16 -25.96
N GLU F 226 30.37 20.46 -25.85
CA GLU F 226 29.37 21.18 -25.03
C GLU F 226 28.27 21.77 -25.88
N GLY F 227 28.28 21.47 -27.19
CA GLY F 227 27.17 21.86 -28.11
C GLY F 227 27.18 23.28 -28.65
N GLY F 228 28.34 23.94 -28.42
CA GLY F 228 28.69 25.23 -28.95
C GLY F 228 29.45 25.05 -30.24
N TYR F 229 29.60 26.12 -30.99
CA TYR F 229 30.34 26.11 -32.29
C TYR F 229 31.87 26.31 -32.05
N ALA F 230 32.69 25.67 -32.88
CA ALA F 230 34.15 25.96 -32.90
C ALA F 230 34.56 26.43 -34.28
N PRO F 231 34.07 27.59 -34.67
CA PRO F 231 34.43 28.14 -35.94
C PRO F 231 35.90 28.53 -35.97
N ASN F 232 36.24 29.05 -37.14
CA ASN F 232 37.59 29.22 -37.62
C ASN F 232 37.84 30.74 -37.53
N LEU F 233 38.15 31.20 -36.31
CA LEU F 233 38.25 32.64 -35.99
C LEU F 233 39.70 33.15 -35.90
N GLY F 234 39.87 34.41 -36.31
CA GLY F 234 41.19 34.96 -36.54
C GLY F 234 41.78 35.66 -35.34
N SER F 235 41.12 35.57 -34.18
CA SER F 235 41.52 36.38 -33.04
C SER F 235 41.05 35.88 -31.66
N ASN F 236 41.17 36.80 -30.70
CA ASN F 236 40.84 36.57 -29.30
C ASN F 236 39.42 37.07 -29.21
N ALA F 237 39.32 38.38 -29.40
CA ALA F 237 38.08 39.11 -29.39
C ALA F 237 37.07 38.62 -30.37
N GLU F 238 37.43 38.09 -31.55
CA GLU F 238 36.41 37.99 -32.67
C GLU F 238 35.20 37.07 -32.30
N ALA F 239 35.43 36.13 -31.38
CA ALA F 239 34.38 35.41 -30.69
C ALA F 239 33.32 36.37 -30.15
N LEU F 240 33.76 37.35 -29.36
CA LEU F 240 32.86 38.35 -28.76
C LEU F 240 32.12 39.14 -29.83
N ALA F 241 32.81 39.46 -30.92
CA ALA F 241 32.19 40.15 -32.06
C ALA F 241 30.97 39.38 -32.67
N VAL F 242 31.15 38.09 -32.99
CA VAL F 242 30.04 37.30 -33.57
C VAL F 242 28.90 37.07 -32.56
N ILE F 243 29.26 36.84 -31.31
CA ILE F 243 28.25 36.76 -30.20
C ILE F 243 27.44 38.02 -30.16
N ALA F 244 28.09 39.17 -30.24
CA ALA F 244 27.39 40.44 -30.20
C ALA F 244 26.46 40.54 -31.36
N GLU F 245 26.96 40.21 -32.55
CA GLU F 245 26.08 40.25 -33.72
C GLU F 245 24.83 39.30 -33.60
N ALA F 246 25.02 38.07 -33.11
CA ALA F 246 23.93 37.10 -32.90
C ALA F 246 22.92 37.65 -31.90
N VAL F 247 23.43 38.25 -30.82
CA VAL F 247 22.58 38.75 -29.76
C VAL F 247 21.71 39.86 -30.33
N LYS F 248 22.34 40.77 -31.06
CA LYS F 248 21.59 41.86 -31.72
C LYS F 248 20.66 41.30 -32.78
N ALA F 249 21.14 40.36 -33.59
CA ALA F 249 20.24 39.74 -34.57
C ALA F 249 18.96 39.12 -33.91
N ALA F 250 19.11 38.53 -32.73
CA ALA F 250 18.00 37.92 -32.02
C ALA F 250 17.08 38.96 -31.34
N GLY F 251 17.43 40.24 -31.41
CA GLY F 251 16.52 41.30 -30.93
C GLY F 251 16.72 41.56 -29.45
N TYR F 252 17.91 41.22 -28.96
CA TYR F 252 18.26 41.43 -27.58
C TYR F 252 19.38 42.46 -27.52
N GLU F 253 19.50 43.08 -26.36
CA GLU F 253 20.40 44.20 -26.12
C GLU F 253 21.52 43.68 -25.22
N LEU F 254 22.68 43.49 -25.80
CA LEU F 254 23.90 43.23 -25.05
C LEU F 254 24.02 44.25 -23.86
N GLY F 255 24.51 43.76 -22.71
CA GLY F 255 24.52 44.51 -21.44
C GLY F 255 23.25 44.38 -20.61
N LYS F 256 22.12 44.75 -21.18
CA LYS F 256 20.88 44.72 -20.47
C LYS F 256 20.22 43.34 -20.47
N ASP F 257 19.98 42.73 -21.62
CA ASP F 257 19.21 41.44 -21.67
C ASP F 257 20.15 40.26 -21.44
N ILE F 258 21.36 40.40 -21.96
CA ILE F 258 22.33 39.34 -22.00
C ILE F 258 23.73 39.90 -21.64
N THR F 259 24.42 39.24 -20.73
CA THR F 259 25.82 39.56 -20.40
C THR F 259 26.64 38.39 -20.82
N LEU F 260 27.96 38.57 -20.74
CA LEU F 260 28.95 37.58 -21.23
C LEU F 260 29.84 37.05 -20.12
N ALA F 261 30.22 35.78 -20.27
CA ALA F 261 31.17 35.15 -19.36
C ALA F 261 32.17 34.37 -20.17
N MET F 262 33.36 34.15 -19.62
CA MET F 262 34.45 33.44 -20.29
C MET F 262 35.06 32.44 -19.33
N ASP F 263 35.61 31.35 -19.87
CA ASP F 263 36.43 30.40 -19.11
C ASP F 263 37.68 30.35 -19.93
N CYS F 264 38.73 31.00 -19.44
CA CYS F 264 40.02 31.04 -20.12
C CYS F 264 40.70 29.67 -20.11
N ALA F 265 40.54 28.94 -19.02
CA ALA F 265 41.20 27.62 -18.78
C ALA F 265 42.69 27.75 -19.02
N ALA F 266 43.28 28.84 -18.50
CA ALA F 266 44.64 29.27 -18.81
C ALA F 266 45.78 28.27 -18.36
N SER F 267 45.49 27.34 -17.43
CA SER F 267 46.35 26.14 -17.21
C SER F 267 46.66 25.34 -18.51
N GLU F 268 45.73 25.32 -19.48
CA GLU F 268 45.93 24.66 -20.81
C GLU F 268 46.90 25.40 -21.73
N PHE F 269 47.16 26.71 -21.48
CA PHE F 269 48.21 27.44 -22.21
C PHE F 269 49.30 28.11 -21.34
N TYR F 270 49.51 27.64 -20.10
CA TYR F 270 50.68 28.05 -19.28
C TYR F 270 51.89 27.11 -19.56
N LYS F 271 52.97 27.65 -20.12
CA LYS F 271 54.27 26.92 -20.29
C LYS F 271 55.46 27.84 -19.95
N ASP F 272 56.21 27.48 -18.90
CA ASP F 272 57.42 28.19 -18.44
C ASP F 272 57.19 29.68 -18.14
N GLY F 273 56.45 29.96 -17.05
CA GLY F 273 56.17 31.34 -16.57
C GLY F 273 55.33 32.25 -17.47
N LYS F 274 54.65 31.61 -18.44
CA LYS F 274 54.24 32.24 -19.71
C LYS F 274 52.88 31.75 -20.23
N TYR F 275 52.06 32.72 -20.65
CA TYR F 275 50.68 32.46 -21.04
C TYR F 275 50.43 32.12 -22.53
N VAL F 276 51.13 32.70 -23.49
CA VAL F 276 51.19 32.07 -24.87
C VAL F 276 49.84 32.04 -25.65
N LEU F 277 49.57 33.11 -26.40
CA LEU F 277 48.37 33.22 -27.26
C LEU F 277 48.73 33.23 -28.76
N ALA F 284 52.11 35.49 -25.81
CA ALA F 284 52.79 36.81 -25.78
C ALA F 284 52.77 37.52 -24.38
N PHE F 285 52.56 36.74 -23.29
CA PHE F 285 51.90 37.26 -22.04
C PHE F 285 52.36 36.73 -20.61
N THR F 286 52.65 37.70 -19.72
CA THR F 286 52.86 37.45 -18.25
C THR F 286 51.56 37.60 -17.45
N SER F 287 51.60 37.07 -16.22
CA SER F 287 50.58 37.26 -15.17
C SER F 287 50.03 38.65 -15.12
N GLU F 288 50.92 39.64 -15.04
CA GLU F 288 50.52 41.00 -14.68
C GLU F 288 49.79 41.67 -15.84
N GLU F 289 50.10 41.23 -17.05
CA GLU F 289 49.61 41.95 -18.23
C GLU F 289 48.47 41.18 -18.94
N PHE F 290 48.48 39.82 -18.91
CA PHE F 290 47.30 38.99 -19.26
C PHE F 290 46.07 39.29 -18.41
N THR F 291 46.28 39.77 -17.18
CA THR F 291 45.22 40.37 -16.37
C THR F 291 44.75 41.67 -17.01
N HIS F 292 45.71 42.51 -17.38
CA HIS F 292 45.38 43.83 -17.93
C HIS F 292 44.65 43.68 -19.30
N PHE F 293 45.07 42.70 -20.10
CA PHE F 293 44.40 42.38 -21.37
C PHE F 293 42.99 41.91 -21.09
N LEU F 294 42.83 40.91 -20.21
CA LEU F 294 41.49 40.50 -19.72
C LEU F 294 40.66 41.68 -19.25
N GLU F 295 41.28 42.62 -18.53
CA GLU F 295 40.54 43.83 -18.14
C GLU F 295 40.11 44.59 -19.38
N GLU F 296 40.99 44.67 -20.39
CA GLU F 296 40.68 45.39 -21.64
C GLU F 296 39.36 44.86 -22.24
N LEU F 297 39.26 43.53 -22.33
CA LEU F 297 38.03 42.89 -22.82
C LEU F 297 36.80 43.31 -22.01
N THR F 298 36.89 43.41 -20.67
CA THR F 298 35.73 43.88 -19.88
C THR F 298 35.33 45.33 -20.10
N LYS F 299 36.22 46.13 -20.72
CA LYS F 299 35.92 47.51 -21.14
C LYS F 299 35.14 47.62 -22.47
N GLN F 300 35.55 46.85 -23.47
CA GLN F 300 34.88 46.80 -24.79
C GLN F 300 33.49 46.09 -24.73
N TYR F 301 33.40 45.03 -23.93
CA TYR F 301 32.28 44.11 -23.96
C TYR F 301 31.73 43.87 -22.58
N PRO F 302 30.42 43.61 -22.43
CA PRO F 302 29.91 43.38 -21.07
C PRO F 302 30.18 41.98 -20.47
N ILE F 303 31.46 41.66 -20.27
CA ILE F 303 31.94 40.46 -19.66
C ILE F 303 31.89 40.72 -18.17
N VAL F 304 31.10 39.92 -17.46
CA VAL F 304 30.87 40.09 -16.00
C VAL F 304 31.44 38.95 -15.19
N SER F 305 32.03 37.96 -15.88
CA SER F 305 32.55 36.78 -15.22
C SER F 305 33.68 36.21 -16.04
N ILE F 306 34.77 35.83 -15.37
CA ILE F 306 35.95 35.25 -16.01
C ILE F 306 36.43 34.14 -15.13
N GLU F 307 36.44 32.93 -15.70
CA GLU F 307 36.84 31.72 -15.05
C GLU F 307 38.27 31.39 -15.39
N ASP F 308 38.99 30.82 -14.40
CA ASP F 308 40.44 30.44 -14.56
C ASP F 308 41.21 31.36 -15.50
N GLY F 309 41.19 32.63 -15.18
CA GLY F 309 41.97 33.59 -15.91
C GLY F 309 43.48 33.57 -15.68
N LEU F 310 44.01 32.61 -14.91
CA LEU F 310 45.46 32.39 -14.79
C LEU F 310 45.65 30.91 -14.46
N ASP F 311 46.89 30.43 -14.25
CA ASP F 311 47.17 28.97 -14.10
C ASP F 311 46.79 28.50 -12.68
N GLU F 312 46.45 27.22 -12.49
CA GLU F 312 46.02 26.70 -11.18
C GLU F 312 47.03 26.94 -10.06
N SER F 313 48.31 27.16 -10.40
CA SER F 313 49.31 27.51 -9.37
C SER F 313 49.90 28.94 -9.43
N ASP F 314 49.29 29.84 -10.18
CA ASP F 314 49.68 31.25 -10.17
C ASP F 314 48.87 32.06 -9.15
N TRP F 315 49.02 31.73 -7.86
CA TRP F 315 48.27 32.46 -6.77
C TRP F 315 48.70 33.91 -6.59
N ASP F 316 49.97 34.20 -6.86
CA ASP F 316 50.47 35.56 -6.77
C ASP F 316 49.69 36.44 -7.73
N GLY F 317 49.57 36.00 -8.98
CA GLY F 317 48.85 36.76 -10.01
C GLY F 317 47.33 36.79 -9.86
N PHE F 318 46.80 35.68 -9.37
CA PHE F 318 45.37 35.65 -8.95
C PHE F 318 45.04 36.71 -7.88
N ALA F 319 45.96 36.88 -6.91
CA ALA F 319 45.80 37.96 -5.91
C ALA F 319 45.77 39.32 -6.56
N TYR F 320 46.62 39.50 -7.56
CA TYR F 320 46.63 40.73 -8.35
C TYR F 320 45.33 40.91 -9.16
N GLN F 321 45.01 39.88 -9.95
CA GLN F 321 43.74 39.88 -10.74
C GLN F 321 42.53 40.14 -9.86
N THR F 322 42.49 39.50 -8.69
CA THR F 322 41.34 39.74 -7.74
C THR F 322 41.23 41.17 -7.22
N LYS F 323 42.39 41.76 -6.93
CA LYS F 323 42.46 43.18 -6.55
C LYS F 323 42.08 44.13 -7.69
N VAL F 324 42.54 43.89 -8.94
CA VAL F 324 42.16 44.77 -10.08
C VAL F 324 40.72 44.52 -10.59
N LEU F 325 40.34 43.27 -10.76
CA LEU F 325 38.98 42.92 -11.28
C LEU F 325 37.83 42.61 -10.29
N GLY F 326 38.17 42.16 -9.07
CA GLY F 326 37.20 41.50 -8.13
C GLY F 326 36.03 42.34 -7.68
N ASP F 327 36.21 43.66 -7.61
CA ASP F 327 35.10 44.58 -7.27
C ASP F 327 34.03 44.61 -8.36
N LYS F 328 34.45 44.44 -9.61
CA LYS F 328 33.55 44.66 -10.74
C LYS F 328 33.12 43.35 -11.47
N ILE F 329 33.91 42.30 -11.37
CA ILE F 329 33.81 41.15 -12.21
C ILE F 329 33.87 39.89 -11.37
N GLN F 330 32.98 38.96 -11.66
CA GLN F 330 33.03 37.65 -11.05
C GLN F 330 34.29 36.94 -11.49
N LEU F 331 35.02 36.31 -10.56
CA LEU F 331 36.26 35.64 -10.89
C LEU F 331 36.21 34.22 -10.40
N VAL F 332 36.14 33.26 -11.32
CA VAL F 332 35.73 31.93 -10.98
C VAL F 332 36.88 30.98 -11.04
N GLY F 333 37.03 30.24 -9.96
CA GLY F 333 38.05 29.24 -9.84
C GLY F 333 37.50 27.85 -10.13
N ASP F 334 38.07 27.24 -11.15
CA ASP F 334 37.77 25.86 -11.50
C ASP F 334 38.97 24.94 -11.22
N ASP F 335 39.96 24.94 -12.11
CA ASP F 335 41.25 24.27 -11.90
C ASP F 335 41.89 24.75 -10.57
N LEU F 336 41.72 26.06 -10.31
CA LEU F 336 42.19 26.74 -9.09
C LEU F 336 41.74 26.07 -7.80
N PHE F 337 40.49 25.59 -7.72
CA PHE F 337 40.00 24.99 -6.48
C PHE F 337 39.56 23.51 -6.49
N VAL F 338 39.32 22.97 -7.68
CA VAL F 338 38.71 21.62 -7.83
C VAL F 338 37.70 21.19 -6.78
N THR F 339 36.74 22.05 -6.57
CA THR F 339 35.68 21.73 -5.65
C THR F 339 36.18 21.07 -4.35
N ASN F 340 37.33 21.54 -3.87
CA ASN F 340 37.97 21.04 -2.65
C ASN F 340 37.95 22.12 -1.53
N THR F 341 37.24 21.88 -0.43
CA THR F 341 37.27 22.79 0.70
C THR F 341 38.70 23.14 1.23
N LYS F 342 39.63 22.18 1.27
CA LYS F 342 40.99 22.47 1.78
C LYS F 342 41.69 23.55 0.96
N ILE F 343 41.47 23.57 -0.34
CA ILE F 343 42.15 24.56 -1.22
C ILE F 343 41.40 25.87 -1.28
N LEU F 344 40.06 25.80 -1.25
CA LEU F 344 39.21 27.01 -1.31
C LEU F 344 39.41 27.79 -0.03
N LYS F 345 39.55 27.08 1.09
CA LYS F 345 39.74 27.77 2.39
C LYS F 345 40.98 28.64 2.31
N GLU F 346 42.06 28.08 1.76
CA GLU F 346 43.31 28.82 1.55
C GLU F 346 43.10 30.07 0.69
N GLY F 347 42.26 29.94 -0.34
CA GLY F 347 42.04 31.04 -1.29
C GLY F 347 41.25 32.19 -0.73
N ILE F 348 40.21 31.86 0.00
CA ILE F 348 39.45 32.83 0.78
C ILE F 348 40.39 33.61 1.71
N GLU F 349 41.23 32.92 2.47
CA GLU F 349 42.23 33.57 3.37
C GLU F 349 43.12 34.57 2.62
N LYS F 350 43.63 34.19 1.45
CA LYS F 350 44.53 35.07 0.64
C LYS F 350 43.88 36.08 -0.36
N GLY F 351 42.56 36.18 -0.38
CA GLY F 351 41.85 37.09 -1.28
C GLY F 351 42.01 36.72 -2.76
N ILE F 352 41.90 35.44 -3.04
CA ILE F 352 42.07 34.83 -4.35
C ILE F 352 40.70 34.53 -4.94
N ALA F 353 40.37 35.16 -6.06
CA ALA F 353 39.09 35.00 -6.77
C ALA F 353 37.88 35.41 -5.93
N ASN F 354 36.68 35.23 -6.45
CA ASN F 354 35.50 35.44 -5.62
C ASN F 354 34.34 34.52 -5.94
N SER F 355 34.63 33.36 -6.51
CA SER F 355 33.62 32.42 -7.06
C SER F 355 34.33 31.13 -7.36
N ILE F 356 33.58 30.03 -7.28
CA ILE F 356 34.13 28.71 -7.47
C ILE F 356 33.15 27.89 -8.34
N LEU F 357 33.73 27.16 -9.28
CA LEU F 357 32.97 26.25 -10.10
C LEU F 357 32.82 24.93 -9.36
N ILE F 358 31.60 24.44 -9.23
CA ILE F 358 31.30 23.28 -8.43
C ILE F 358 31.02 22.05 -9.29
N LYS F 359 31.97 21.14 -9.23
CA LYS F 359 31.91 19.93 -9.98
C LYS F 359 31.92 18.80 -9.03
N PHE F 360 30.75 18.16 -8.83
CA PHE F 360 30.69 17.12 -7.83
C PHE F 360 31.63 15.92 -8.01
N ASN F 361 32.06 15.63 -9.22
CA ASN F 361 32.98 14.50 -9.42
C ASN F 361 34.45 14.89 -9.22
N GLN F 362 34.74 16.19 -9.17
CA GLN F 362 36.05 16.72 -8.71
C GLN F 362 36.37 16.41 -7.24
N ILE F 363 35.34 16.24 -6.42
CA ILE F 363 35.56 15.92 -5.00
C ILE F 363 35.03 14.51 -4.73
N GLY F 364 33.90 14.14 -5.35
CA GLY F 364 33.48 12.74 -5.42
C GLY F 364 32.34 12.33 -4.48
N SER F 365 31.76 13.26 -3.73
CA SER F 365 30.59 12.89 -2.89
C SER F 365 29.58 14.00 -2.82
N LEU F 366 28.31 13.65 -2.65
CA LEU F 366 27.35 14.72 -2.50
C LEU F 366 27.65 15.55 -1.22
N THR F 367 27.93 14.90 -0.12
CA THR F 367 28.15 15.65 1.15
C THR F 367 29.33 16.67 1.05
N GLU F 368 30.42 16.29 0.40
CA GLU F 368 31.59 17.23 0.23
C GLU F 368 31.30 18.38 -0.72
N THR F 369 30.45 18.11 -1.72
CA THR F 369 29.98 19.14 -2.66
C THR F 369 29.16 20.15 -1.88
N LEU F 370 28.23 19.66 -1.04
CA LEU F 370 27.46 20.61 -0.20
C LEU F 370 28.36 21.46 0.72
N ALA F 371 29.39 20.84 1.30
CA ALA F 371 30.39 21.58 2.10
C ALA F 371 31.13 22.63 1.29
N ALA F 372 31.49 22.34 0.04
CA ALA F 372 32.19 23.35 -0.76
C ALA F 372 31.31 24.53 -1.03
N ILE F 373 30.03 24.27 -1.34
CA ILE F 373 29.07 25.35 -1.62
C ILE F 373 28.84 26.21 -0.37
N LYS F 374 28.76 25.55 0.78
CA LYS F 374 28.55 26.26 2.02
C LYS F 374 29.75 27.21 2.31
N MET F 375 30.97 26.67 2.29
CA MET F 375 32.20 27.48 2.50
C MET F 375 32.29 28.71 1.56
N ALA F 376 32.00 28.52 0.27
CA ALA F 376 31.94 29.64 -0.67
C ALA F 376 30.89 30.71 -0.27
N LYS F 377 29.64 30.29 -0.03
CA LYS F 377 28.61 31.24 0.35
C LYS F 377 28.88 31.91 1.69
N ASP F 378 29.41 31.22 2.70
CA ASP F 378 29.76 31.88 3.98
C ASP F 378 30.84 32.95 3.79
N ALA F 379 31.75 32.75 2.82
CA ALA F 379 32.81 33.73 2.52
C ALA F 379 32.33 34.76 1.55
N GLY F 380 31.04 34.75 1.17
CA GLY F 380 30.48 35.71 0.22
C GLY F 380 30.90 35.45 -1.23
N TYR F 381 31.60 34.35 -1.50
CA TYR F 381 31.84 33.86 -2.86
C TYR F 381 30.56 33.23 -3.45
N THR F 382 30.36 33.39 -4.74
CA THR F 382 29.36 32.59 -5.46
C THR F 382 29.83 31.21 -5.91
N ALA F 383 28.85 30.32 -6.11
CA ALA F 383 29.07 28.95 -6.51
C ALA F 383 28.34 28.69 -7.82
N VAL F 384 29.02 28.15 -8.82
CA VAL F 384 28.42 27.96 -10.11
C VAL F 384 28.39 26.49 -10.30
N ILE F 385 27.19 25.90 -10.34
CA ILE F 385 27.09 24.44 -10.49
C ILE F 385 27.48 24.08 -11.94
N SER F 386 28.40 23.12 -12.11
CA SER F 386 28.96 22.83 -13.44
C SER F 386 28.81 21.37 -13.85
N HIS F 387 28.66 21.24 -15.16
CA HIS F 387 28.84 20.00 -15.85
C HIS F 387 30.30 19.72 -16.08
N ARG F 388 30.53 18.57 -16.68
CA ARG F 388 31.81 18.22 -17.28
C ARG F 388 31.66 18.12 -18.80
N SER F 389 32.79 18.09 -19.47
CA SER F 389 32.75 17.95 -20.94
C SER F 389 32.21 16.60 -21.36
N GLY F 390 32.44 15.54 -20.59
CA GLY F 390 31.83 14.23 -20.80
C GLY F 390 30.64 14.09 -19.84
N GLU F 391 29.41 14.20 -20.35
CA GLU F 391 28.17 14.18 -19.58
C GLU F 391 27.37 12.98 -19.87
N THR F 392 26.24 12.86 -19.16
CA THR F 392 25.19 11.94 -19.55
C THR F 392 23.83 12.57 -19.61
N GLU F 393 22.82 11.76 -20.00
CA GLU F 393 21.39 12.01 -19.80
C GLU F 393 21.08 12.49 -18.35
N ASP F 394 21.90 12.13 -17.37
CA ASP F 394 21.64 12.47 -15.96
C ASP F 394 21.53 13.99 -15.84
N ALA F 395 20.54 14.49 -15.08
CA ALA F 395 20.27 15.92 -14.92
C ALA F 395 20.30 16.37 -13.44
N THR F 396 21.02 15.61 -12.64
CA THR F 396 21.18 15.84 -11.25
C THR F 396 21.64 17.26 -10.94
N ILE F 397 22.49 17.86 -11.79
CA ILE F 397 23.02 19.22 -11.46
C ILE F 397 21.92 20.30 -11.43
N ALA F 398 20.86 20.07 -12.20
CA ALA F 398 19.71 20.95 -12.20
C ALA F 398 19.06 20.93 -10.80
N ASP F 399 18.75 19.75 -10.28
CA ASP F 399 18.20 19.66 -8.89
C ASP F 399 19.17 20.28 -7.84
N LEU F 400 20.45 20.00 -8.00
CA LEU F 400 21.47 20.49 -7.08
C LEU F 400 21.49 22.00 -7.06
N ALA F 401 21.45 22.59 -8.24
CA ALA F 401 21.45 24.06 -8.33
C ALA F 401 20.27 24.69 -7.63
N VAL F 402 19.08 24.11 -7.81
CA VAL F 402 17.87 24.63 -7.32
C VAL F 402 17.83 24.44 -5.80
N GLY F 403 18.18 23.24 -5.31
CA GLY F 403 18.01 22.95 -3.88
C GLY F 403 19.13 23.51 -3.03
N THR F 404 20.21 23.91 -3.66
CA THR F 404 21.24 24.69 -2.94
C THR F 404 21.08 26.21 -3.08
N ALA F 405 20.06 26.64 -3.83
CA ALA F 405 19.91 28.00 -4.32
C ALA F 405 21.27 28.60 -4.76
N ALA F 406 22.06 27.84 -5.50
CA ALA F 406 23.43 28.26 -5.88
C ALA F 406 23.34 29.56 -6.63
N GLY F 407 22.32 29.68 -7.50
CA GLY F 407 22.06 30.92 -8.22
C GLY F 407 22.64 31.00 -9.63
N GLN F 408 23.50 30.07 -9.99
CA GLN F 408 24.13 30.03 -11.31
C GLN F 408 24.43 28.61 -11.71
N ILE F 409 24.41 28.37 -13.03
CA ILE F 409 24.74 27.07 -13.52
C ILE F 409 25.47 27.25 -14.84
N LYS F 410 26.34 26.31 -15.13
CA LYS F 410 27.09 26.28 -16.40
C LYS F 410 26.95 24.87 -16.92
N THR F 411 26.03 24.65 -17.87
CA THR F 411 25.71 23.28 -18.29
C THR F 411 25.54 23.14 -19.79
N GLY F 412 26.12 24.07 -20.51
CA GLY F 412 26.27 23.88 -21.97
C GLY F 412 25.61 24.93 -22.85
N SER F 413 25.95 24.86 -24.13
CA SER F 413 25.13 25.47 -25.16
C SER F 413 23.71 24.85 -25.19
N MET F 414 22.90 25.37 -26.12
CA MET F 414 21.53 24.94 -26.28
C MET F 414 21.43 23.93 -27.42
N SER F 415 22.33 22.96 -27.40
CA SER F 415 22.19 21.77 -28.21
C SER F 415 22.93 20.65 -27.51
N ARG F 416 22.54 19.42 -27.87
CA ARG F 416 23.03 18.15 -27.35
C ARG F 416 22.27 17.89 -26.04
N SER F 417 21.64 16.73 -25.99
CA SER F 417 20.80 16.40 -24.87
C SER F 417 21.63 16.20 -23.60
N ASP F 418 22.92 15.90 -23.75
CA ASP F 418 23.87 15.90 -22.61
C ASP F 418 23.86 17.22 -21.88
N ARG F 419 23.60 18.29 -22.64
CA ARG F 419 23.37 19.64 -22.09
C ARG F 419 21.86 19.97 -21.86
N VAL F 420 21.05 19.74 -22.89
CA VAL F 420 19.69 20.23 -22.90
C VAL F 420 18.82 19.53 -21.86
N ALA F 421 19.18 18.32 -21.48
CA ALA F 421 18.44 17.62 -20.47
C ALA F 421 18.37 18.33 -19.11
N LYS F 422 19.43 19.11 -18.82
CA LYS F 422 19.51 19.84 -17.60
C LYS F 422 18.64 21.05 -17.74
N TYR F 423 18.70 21.73 -18.90
CA TYR F 423 17.71 22.77 -19.17
C TYR F 423 16.28 22.30 -19.04
N ASN F 424 15.97 21.15 -19.62
CA ASN F 424 14.60 20.66 -19.51
C ASN F 424 14.18 20.40 -18.08
N GLN F 425 15.10 19.92 -17.26
CA GLN F 425 14.80 19.58 -15.91
C GLN F 425 14.60 20.86 -15.12
N LEU F 426 15.37 21.90 -15.42
CA LEU F 426 15.15 23.22 -14.86
C LEU F 426 13.71 23.75 -15.20
N ILE F 427 13.31 23.58 -16.45
CA ILE F 427 11.95 23.92 -16.85
C ILE F 427 10.97 23.16 -15.96
N ARG F 428 11.17 21.85 -15.78
CA ARG F 428 10.15 21.02 -15.01
C ARG F 428 10.09 21.41 -13.56
N ILE F 429 11.25 21.77 -13.00
CA ILE F 429 11.34 22.23 -11.65
C ILE F 429 10.59 23.54 -11.46
N GLU F 430 10.82 24.48 -12.38
CA GLU F 430 10.24 25.80 -12.23
C GLU F 430 8.70 25.78 -12.42
N GLU F 431 8.21 24.86 -13.25
CA GLU F 431 6.80 24.67 -13.43
C GLU F 431 6.23 24.27 -12.09
N ALA F 432 6.88 23.36 -11.38
CA ALA F 432 6.33 22.87 -10.14
C ALA F 432 6.53 23.94 -9.06
N LEU F 433 7.69 24.59 -8.95
CA LEU F 433 7.84 25.60 -7.87
C LEU F 433 7.35 27.04 -8.15
N GLY F 434 7.29 27.51 -9.42
CA GLY F 434 6.91 28.89 -9.71
C GLY F 434 7.75 29.91 -8.87
N GLU F 435 7.05 30.77 -8.19
CA GLU F 435 7.62 31.88 -7.44
C GLU F 435 8.34 31.40 -6.15
N LYS F 436 8.20 30.14 -5.73
CA LYS F 436 9.00 29.63 -4.62
C LYS F 436 10.47 29.47 -5.02
N ALA F 437 10.75 29.47 -6.32
CA ALA F 437 12.09 29.37 -6.87
C ALA F 437 12.28 30.61 -7.76
N PRO F 438 12.58 31.77 -7.14
CA PRO F 438 12.78 32.97 -7.97
C PRO F 438 13.97 32.86 -8.93
N TYR F 439 13.83 33.41 -10.14
CA TYR F 439 15.01 33.65 -11.06
C TYR F 439 15.43 35.09 -10.83
N ASN F 440 16.55 35.25 -10.17
CA ASN F 440 17.01 36.54 -9.63
C ASN F 440 17.85 37.34 -10.60
N GLY F 441 18.27 36.78 -11.73
CA GLY F 441 18.93 37.56 -12.77
C GLY F 441 20.34 38.01 -12.37
N ARG F 442 20.71 39.23 -12.76
CA ARG F 442 22.11 39.64 -12.63
C ARG F 442 22.64 39.73 -11.24
N LYS F 443 21.77 39.97 -10.26
CA LYS F 443 22.24 40.08 -8.89
C LYS F 443 22.83 38.78 -8.31
N GLU F 444 22.63 37.62 -8.94
CA GLU F 444 23.36 36.41 -8.52
C GLU F 444 24.85 36.51 -8.86
N ILE F 445 25.22 37.36 -9.82
CA ILE F 445 26.56 37.37 -10.37
C ILE F 445 27.40 38.24 -9.42
N LYS F 446 28.47 37.67 -8.91
CA LYS F 446 29.39 38.42 -8.08
C LYS F 446 29.86 39.72 -8.79
N GLY F 447 29.59 40.83 -8.12
CA GLY F 447 30.07 42.14 -8.57
C GLY F 447 29.04 43.02 -9.22
N GLN F 448 27.80 42.54 -9.38
CA GLN F 448 26.68 43.31 -9.93
C GLN F 448 25.62 43.83 -8.88
N ALA F 449 25.55 43.21 -7.69
CA ALA F 449 24.45 43.50 -6.70
C ALA F 449 24.63 44.87 -6.03
MG MG G . -8.29 -0.69 48.94
S SO4 H . -1.69 0.40 44.45
O1 SO4 H . -1.33 0.55 43.01
O2 SO4 H . -0.98 -0.75 45.05
O3 SO4 H . -1.11 1.39 45.33
O4 SO4 H . -3.24 0.40 44.50
S SO4 I . -1.49 -11.60 50.85
O1 SO4 I . -2.18 -10.90 49.75
O2 SO4 I . -0.28 -12.29 50.46
O3 SO4 I . -1.15 -10.70 51.94
O4 SO4 I . -2.44 -12.57 51.34
S SO4 J . -19.91 20.29 28.17
O1 SO4 J . -20.11 21.69 27.72
O2 SO4 J . -20.05 19.40 27.03
O3 SO4 J . -20.92 19.95 29.21
O4 SO4 J . -18.48 20.27 28.74
S SO4 K . 21.90 2.70 33.55
O1 SO4 K . 21.79 2.55 32.09
O2 SO4 K . 23.13 3.48 33.93
O3 SO4 K . 20.66 3.40 34.11
O4 SO4 K . 22.00 1.31 34.16
MG MG L . 11.17 32.21 36.17
S SO4 M . 3.83 41.85 30.75
O1 SO4 M . 4.09 40.48 30.26
O2 SO4 M . 5.10 42.59 30.69
O3 SO4 M . 2.68 42.41 30.04
O4 SO4 M . 3.31 41.99 32.11
S SO4 N . 4.11 28.75 33.66
O1 SO4 N . 4.25 27.56 32.77
O2 SO4 N . 5.58 28.88 33.93
O3 SO4 N . 3.46 29.95 33.05
O4 SO4 N . 3.08 28.58 34.67
C1 GOL O . 3.95 3.45 -0.31
O1 GOL O . 3.05 3.70 -1.34
C2 GOL O . 2.88 2.96 0.61
O2 GOL O . 2.79 1.58 0.30
C3 GOL O . 3.18 3.32 2.06
O3 GOL O . 2.45 2.46 2.89
MG MG P . -17.44 -34.82 -27.03
C1 PEP Q . -17.37 -35.21 -23.98
O1 PEP Q . -17.39 -34.91 -25.19
O2' PEP Q . -17.12 -36.37 -23.59
C2 PEP Q . -17.64 -34.12 -23.03
C3 PEP Q . -18.54 -33.22 -23.30
O2 PEP Q . -16.98 -33.99 -21.78
P PEP Q . -16.28 -35.30 -21.25
O1P PEP Q . -15.49 -35.64 -22.53
O2P PEP Q . -15.47 -34.70 -20.14
O3P PEP Q . -17.33 -36.26 -20.66
C1 2PG R . -17.70 -34.55 -24.32
C2 2PG R . -17.50 -34.16 -22.85
C3 2PG R . -18.22 -32.92 -22.28
P 2PG R . -16.66 -35.82 -21.06
O1 2PG R . -17.54 -33.65 -25.17
O2 2PG R . -17.99 -35.74 -24.71
O3 2PG R . -19.53 -32.53 -22.78
O1P 2PG R . -17.84 -35.24 -21.99
O2P 2PG R . -15.73 -36.02 -22.29
O3P 2PG R . -17.22 -36.97 -20.28
O4P 2PG R . -16.21 -34.72 -20.12
S SO4 S . -32.43 -9.61 -21.21
O1 SO4 S . -32.77 -9.83 -22.67
O2 SO4 S . -31.29 -8.64 -21.15
O3 SO4 S . -32.06 -10.87 -20.45
O4 SO4 S . -33.64 -9.04 -20.56
S SO4 T . -18.99 -41.74 -10.88
O1 SO4 T . -18.26 -41.75 -12.16
O2 SO4 T . -19.95 -42.88 -10.86
O3 SO4 T . -19.75 -40.48 -10.64
O4 SO4 T . -17.96 -41.93 -9.82
O1 MES U . -3.20 -48.61 0.78
C2 MES U . -2.79 -49.35 -0.36
C3 MES U . -4.01 -49.68 -1.21
N4 MES U . -4.89 -50.58 -0.44
C5 MES U . -5.26 -50.02 0.91
C6 MES U . -4.23 -49.14 1.60
C7 MES U . -6.02 -51.06 -1.29
C8 MES U . -7.06 -51.72 -0.39
S MES U . -8.10 -52.84 -1.08
O1S MES U . -7.67 -52.91 -2.53
O2S MES U . -8.00 -54.16 -0.40
O3S MES U . -9.50 -52.40 -0.75
C1 2PG V . -35.83 -27.68 3.08
C2 2PG V . -34.96 -27.02 1.99
C3 2PG V . -33.59 -27.62 1.60
P 2PG V . -36.33 -25.52 0.30
O1 2PG V . -37.04 -27.99 2.98
O2 2PG V . -35.27 -27.89 4.17
O3 2PG V . -33.33 -29.04 1.62
O1P 2PG V . -35.78 -26.91 0.87
O2P 2PG V . -36.89 -25.95 -1.05
O3P 2PG V . -35.24 -24.61 -0.26
O4P 2PG V . -37.02 -25.04 1.65
MG MG W . -37.25 -28.58 5.27
S SO4 X . -38.58 -24.14 -11.83
O1 SO4 X . -39.38 -24.64 -12.98
O2 SO4 X . -37.23 -23.73 -12.27
O3 SO4 X . -38.40 -25.29 -10.91
O4 SO4 X . -39.30 -22.97 -11.23
S SO4 Y . -9.35 -39.12 4.56
O1 SO4 Y . -10.17 -38.57 3.39
O2 SO4 Y . -8.30 -40.09 4.13
O3 SO4 Y . -8.67 -37.99 5.28
O4 SO4 Y . -10.29 -39.87 5.45
C1 GOL Z . -1.64 -0.49 3.41
O1 GOL Z . -2.10 -1.03 4.62
C2 GOL Z . -2.34 -1.23 2.25
O2 GOL Z . -1.67 -1.18 0.96
C3 GOL Z . -2.53 -2.71 2.49
O3 GOL Z . -2.91 -3.28 1.27
C1 2PG AA . 16.38 9.91 -41.53
C2 2PG AA . 16.34 10.52 -40.12
C3 2PG AA . 17.26 9.82 -39.10
P 2PG AA . 15.32 12.92 -39.99
O1 2PG AA . 16.33 10.61 -42.60
O2 2PG AA . 16.41 8.65 -41.60
O3 2PG AA . 18.68 9.73 -39.35
O1P 2PG AA . 16.58 11.90 -40.19
O2P 2PG AA . 14.38 12.15 -41.01
O3P 2PG AA . 15.90 14.31 -40.03
O4P 2PG AA . 14.89 12.88 -38.52
MG MG BA . 16.13 8.52 -43.83
S SO4 CA . 17.60 24.41 -36.65
O1 SO4 CA . 18.47 25.42 -37.29
O2 SO4 CA . 17.51 23.19 -37.49
O3 SO4 CA . 18.24 24.05 -35.35
O4 SO4 CA . 16.26 25.05 -36.47
O1 MES DA . 1.21 36.27 -32.17
C2 MES DA . 2.13 36.92 -31.24
C3 MES DA . 3.20 37.75 -32.00
N4 MES DA . 3.78 37.14 -33.23
C5 MES DA . 2.78 36.44 -34.13
C6 MES DA . 1.75 35.60 -33.34
C7 MES DA . 4.61 38.18 -33.90
C8 MES DA . 5.35 37.72 -35.16
S MES DA . 6.44 38.89 -35.72
O1S MES DA . 7.12 38.38 -36.93
O2S MES DA . 5.74 40.13 -36.14
O3S MES DA . 7.44 39.21 -34.65
C1 2PG EA . 35.68 23.13 -17.40
C2 2PG EA . 34.77 21.93 -17.67
C3 2PG EA . 33.35 22.27 -18.17
P 2PG EA . 36.10 19.67 -18.17
O1 2PG EA . 36.92 23.12 -17.66
O2 2PG EA . 35.17 24.17 -16.86
O3 2PG EA . 33.20 23.29 -19.18
O1P 2PG EA . 35.37 21.04 -18.61
O2P 2PG EA . 36.55 19.06 -19.50
O3P 2PG EA . 35.05 18.78 -17.60
O4P 2PG EA . 36.99 20.32 -17.11
MG MG FA . 36.95 25.45 -16.31
S SO4 GA . 32.43 -6.58 -23.71
O1 SO4 GA . 32.17 -5.10 -23.81
O2 SO4 GA . 32.86 -7.12 -25.02
O3 SO4 GA . 33.51 -6.70 -22.69
O4 SO4 GA . 31.23 -7.37 -23.25
S SO4 HA . 8.36 32.47 -22.44
O1 SO4 HA . 7.26 32.73 -23.41
O2 SO4 HA . 9.34 31.45 -23.00
O3 SO4 HA . 9.07 33.77 -22.19
O4 SO4 HA . 7.83 31.89 -21.17
C1 GOL IA . 1.02 0.42 -2.96
O1 GOL IA . 1.96 1.40 -3.48
C2 GOL IA . 0.68 -0.63 -4.02
O2 GOL IA . 1.96 -0.99 -4.55
C3 GOL IA . -0.07 -1.78 -3.31
O3 GOL IA . -1.32 -2.28 -3.79
#